data_5NQD
#
_entry.id   5NQD
#
_cell.length_a   141.408
_cell.length_b   148.665
_cell.length_c   232.009
_cell.angle_alpha   90.000
_cell.angle_beta   90.000
_cell.angle_gamma   90.000
#
_symmetry.space_group_name_H-M   'P 2 21 21'
#
loop_
_entity.id
_entity.type
_entity.pdbx_description
1 polymer AroA
2 polymer 'Arsenite oxidase small subunit AioB Rieske [2Fe-2S] cluster'
3 non-polymer '2-AMINO-5,6-DIMERCAPTO-7-METHYL-3,7,8A,9-TETRAHYDRO-8-OXA-1,3,9,10-TETRAAZA-ANTHRACEN-4-ONE GUANOSINE DINUCLEOTIDE'
4 non-polymer 'OXYGEN ATOM'
5 non-polymer 'MOLYBDENUM(IV) ION'
6 non-polymer 'FE3-S4 CLUSTER'
7 non-polymer 'SULFATE ION'
8 non-polymer 'TRIETHYLENE GLYCOL'
9 non-polymer GLYCEROL
10 non-polymer 'FE2/S2 (INORGANIC) CLUSTER'
11 non-polymer 1,2-ETHANEDIOL
12 non-polymer DI(HYDROXYETHYL)ETHER
13 non-polymer 3,6,9,12,15,18-HEXAOXAICOSANE-1,20-DIOL
14 water water
#
loop_
_entity_poly.entity_id
_entity_poly.type
_entity_poly.pdbx_seq_one_letter_code
_entity_poly.pdbx_strand_id
1 'polypeptide(L)'
;AFKRHIDRLPIIPADAKKHNVTCHFCIVGCGYHAYTWPINKQGGTDPQNNIFGVDLSEQQQAESDAWYSPSMYNVVKQDG
RDVHVVIKPDHECVVNSGLGSVRGARMAETSFSEARNTQQQRLTDPLVWRYGQMQPTSWDDALDLVARVTAKIVKEKGED
ALIVSAFDHGGAGGGYENTWGTGKLYFEAMKVKNIRIHNRPAYNSEVHGTRDMGVGELNNCYEDAELADTIVAVGTNALE
TQTNYFLNHWIPNLRGESLGKKKELMPEEPHEAGRIIIVDPRRTVTVNACEQTAGADNVLHLAINSGTDLALFNALFTYI
ADKGWVDRDFIDKSTLREGTARPPLYPARGVSEANPGHLSSFEDAVEGCRMSIEEAAEITGLDAAQIIKAAEWIGMPKEG
GKRRRVMFGYEKGLIWGNDNYRTNGALVNLALATGNIGRPGGGVVRLGGHQEGYVRPSDAHVGRPAAYVDQLLIGGQGGV
HHIWGCDHYKTTLNAHEFKRVYKKRTDMVKDAMSAAPYGDREAMVNAIVDAINQGGLFAVNVDIIPTKIGEACHVILPAA
TSGEMNLTSMNGERRMRLTERYMDPPGQSMPDCLIAARLANTMERVLTEMGDVGYAAQFKGFDWQTEEDAFMDGYNKNAH
GGEFVTYERLSAMGTNGFQEPATGFTDGKIEGTQRLYTDGVFSTDDGKARFMDAPWRGLQAPGKQQQKDSHKYLINNGRA
NVVWQSAYLDQENDFVMDRFPYPFIEMNPEDMAEAGLKEGDLVEIYNDAGATQAMAYPTPTARRGETFMLFGFPTGVQGN
VTSAGTNELIIPNYKQTWGNIRKISDAPRNVAHLSFKSKEYQS
;
A,C,E,G
2 'polypeptide(L)'
;AAGVEYPANRLANISELTLNEPLDVAYPDEDAAGVLLKLGTRVEGGVGPDGDIVGFSTICPHKGAPLSYSADNKTFNCPG
HFSVFDPEKGGQQVWGQATQNLPQYVLRVADNGDIFAEGVDELIYGRLSNVL
;
B,D,F,H
#
# COMPACT_ATOMS: atom_id res chain seq x y z
N ALA A 1 -6.77 -31.27 34.80
CA ALA A 1 -6.56 -30.03 35.59
C ALA A 1 -5.07 -29.82 35.80
N PHE A 2 -4.64 -28.57 35.79
CA PHE A 2 -3.25 -28.22 36.08
C PHE A 2 -2.84 -28.47 37.55
N LYS A 3 -1.70 -29.14 37.71
CA LYS A 3 -1.13 -29.55 38.99
C LYS A 3 0.34 -29.31 38.91
N ARG A 4 0.89 -28.59 39.88
CA ARG A 4 2.32 -28.27 39.87
C ARG A 4 3.27 -29.43 40.20
N HIS A 5 2.80 -30.50 40.84
CA HIS A 5 3.67 -31.57 41.38
C HIS A 5 4.90 -31.05 42.20
N ILE A 6 4.67 -29.94 42.96
CA ILE A 6 5.56 -29.39 43.95
C ILE A 6 5.10 -29.91 45.33
N ASP A 7 5.87 -30.86 45.81
CA ASP A 7 5.58 -31.74 46.92
C ASP A 7 5.99 -31.05 48.22
N ARG A 8 6.92 -30.10 48.12
CA ARG A 8 7.43 -29.39 49.27
C ARG A 8 8.14 -28.13 48.88
N LEU A 9 8.26 -27.20 49.86
CA LEU A 9 8.80 -25.89 49.60
C LEU A 9 9.91 -25.57 50.56
N PRO A 10 10.93 -24.83 50.10
CA PRO A 10 11.94 -24.38 51.01
C PRO A 10 11.32 -23.51 52.11
N ILE A 11 11.81 -23.71 53.32
CA ILE A 11 11.27 -23.07 54.53
C ILE A 11 11.93 -21.72 54.66
N ILE A 12 11.19 -20.67 54.99
CA ILE A 12 11.81 -19.37 55.21
C ILE A 12 12.60 -19.49 56.54
N PRO A 13 13.91 -19.21 56.53
CA PRO A 13 14.68 -19.28 57.75
C PRO A 13 14.48 -18.07 58.67
N ALA A 14 14.75 -18.28 59.96
CA ALA A 14 14.61 -17.24 60.96
C ALA A 14 15.26 -15.91 60.57
N ASP A 15 16.39 -15.94 59.88
CA ASP A 15 17.13 -14.69 59.51
C ASP A 15 16.84 -14.12 58.09
N ALA A 16 15.70 -14.47 57.47
CA ALA A 16 15.39 -13.93 56.14
C ALA A 16 15.17 -12.43 56.19
N LYS A 17 15.54 -11.77 55.11
CA LYS A 17 15.27 -10.37 54.92
C LYS A 17 13.78 -10.15 54.54
N LYS A 18 13.14 -9.30 55.33
CA LYS A 18 11.71 -9.03 55.30
C LYS A 18 11.48 -7.74 54.52
N HIS A 19 10.55 -7.76 53.56
CA HIS A 19 10.16 -6.55 52.77
C HIS A 19 8.65 -6.30 52.77
N ASN A 20 8.28 -5.02 52.95
CA ASN A 20 6.88 -4.64 52.91
C ASN A 20 6.43 -4.61 51.45
N VAL A 21 5.38 -5.37 51.15
CA VAL A 21 4.88 -5.50 49.81
C VAL A 21 3.37 -5.28 49.75
N THR A 22 2.96 -4.24 49.04
CA THR A 22 1.58 -4.05 48.66
C THR A 22 1.30 -4.92 47.42
N CYS A 23 0.17 -5.61 47.40
CA CYS A 23 -0.20 -6.39 46.21
C CYS A 23 -0.02 -5.53 44.96
N HIS A 24 0.58 -6.14 43.93
CA HIS A 24 0.74 -5.52 42.62
C HIS A 24 -0.53 -5.11 41.95
N PHE A 25 -1.62 -5.78 42.30
CA PHE A 25 -2.76 -5.78 41.40
C PHE A 25 -3.90 -4.84 41.80
N CYS A 26 -4.97 -5.35 42.37
CA CYS A 26 -6.22 -4.56 42.42
C CYS A 26 -6.24 -3.44 43.50
N ILE A 27 -7.29 -2.64 43.37
CA ILE A 27 -7.60 -1.50 44.25
C ILE A 27 -7.44 -1.76 45.74
N VAL A 28 -7.79 -2.94 46.22
CA VAL A 28 -7.87 -3.25 47.64
C VAL A 28 -6.51 -3.04 48.31
N GLY A 29 -5.42 -3.30 47.61
CA GLY A 29 -4.09 -3.12 48.10
C GLY A 29 -3.71 -3.97 49.32
N CYS A 30 -4.09 -5.25 49.32
CA CYS A 30 -3.72 -6.20 50.38
C CYS A 30 -2.22 -6.11 50.71
N GLY A 31 -1.90 -6.18 51.99
CA GLY A 31 -0.52 -6.11 52.43
C GLY A 31 0.10 -7.49 52.45
N TYR A 32 1.38 -7.56 52.05
CA TYR A 32 2.12 -8.80 52.00
C TYR A 32 3.50 -8.55 52.54
N HIS A 33 4.24 -9.65 52.78
CA HIS A 33 5.67 -9.59 52.95
C HIS A 33 6.42 -10.47 51.98
N ALA A 34 7.54 -9.94 51.49
CA ALA A 34 8.53 -10.69 50.73
C ALA A 34 9.78 -10.99 51.59
N TYR A 35 9.98 -12.29 51.84
CA TYR A 35 11.11 -12.84 52.56
C TYR A 35 12.09 -13.43 51.57
N THR A 36 13.32 -12.91 51.60
CA THR A 36 14.36 -13.43 50.73
C THR A 36 15.53 -13.94 51.59
N TRP A 37 16.23 -14.94 51.08
CA TRP A 37 17.40 -15.47 51.71
C TRP A 37 18.20 -16.20 50.68
N PRO A 38 19.47 -16.48 51.01
CA PRO A 38 20.34 -16.94 49.93
C PRO A 38 20.02 -18.34 49.37
N ILE A 39 20.23 -18.54 48.06
CA ILE A 39 20.09 -19.85 47.40
C ILE A 39 21.11 -20.68 48.18
N ASN A 40 20.90 -21.95 48.39
CA ASN A 40 21.95 -22.66 49.25
C ASN A 40 21.83 -22.40 50.79
N LYS A 41 20.84 -21.65 51.27
CA LYS A 41 20.47 -21.70 52.69
C LYS A 41 19.00 -21.96 52.77
N GLN A 42 18.56 -22.36 53.93
CA GLN A 42 17.17 -22.72 54.13
C GLN A 42 16.87 -22.77 55.61
N GLY A 43 15.59 -22.64 55.93
CA GLY A 43 15.11 -22.88 57.25
C GLY A 43 14.94 -24.37 57.49
N GLY A 44 14.54 -24.67 58.73
CA GLY A 44 14.18 -26.03 59.16
C GLY A 44 12.89 -26.00 59.93
N THR A 45 12.43 -27.19 60.29
CA THR A 45 11.13 -27.35 60.93
C THR A 45 11.09 -26.91 62.41
N ASP A 46 12.22 -26.89 63.12
CA ASP A 46 12.23 -26.44 64.54
C ASP A 46 12.00 -24.94 64.64
N PRO A 47 11.23 -24.47 65.68
CA PRO A 47 10.90 -23.05 65.84
C PRO A 47 12.05 -22.09 65.69
N GLN A 48 13.22 -22.43 66.20
CA GLN A 48 14.37 -21.52 66.12
C GLN A 48 14.96 -21.42 64.71
N ASN A 49 14.65 -22.39 63.86
CA ASN A 49 15.16 -22.40 62.49
C ASN A 49 14.17 -21.88 61.41
N ASN A 50 12.98 -21.42 61.79
CA ASN A 50 12.09 -20.75 60.81
C ASN A 50 11.57 -19.41 61.32
N ILE A 51 11.10 -18.61 60.37
CA ILE A 51 10.66 -17.20 60.58
C ILE A 51 9.40 -17.12 61.44
N PHE A 52 8.65 -18.22 61.53
CA PHE A 52 7.38 -18.30 62.28
C PHE A 52 7.48 -18.68 63.76
N GLY A 53 8.60 -19.30 64.15
CA GLY A 53 8.81 -19.75 65.52
C GLY A 53 7.79 -20.82 65.86
N VAL A 54 7.56 -21.74 64.92
CA VAL A 54 6.57 -22.80 65.06
C VAL A 54 7.23 -24.10 64.61
N ASP A 55 6.69 -25.22 65.09
CA ASP A 55 7.22 -26.51 64.74
C ASP A 55 6.46 -26.87 63.45
N LEU A 56 7.14 -26.71 62.30
CA LEU A 56 6.56 -27.04 60.97
C LEU A 56 6.57 -28.52 60.62
N SER A 57 7.05 -29.41 61.52
CA SER A 57 6.83 -30.87 61.38
C SER A 57 5.38 -31.32 61.68
N GLU A 58 4.54 -30.36 62.13
CA GLU A 58 3.13 -30.60 62.42
C GLU A 58 2.21 -29.86 61.45
N GLN A 59 1.17 -30.55 61.04
CA GLN A 59 0.09 -29.97 60.28
C GLN A 59 -0.36 -28.66 60.92
N GLN A 60 -0.50 -27.61 60.13
CA GLN A 60 -1.06 -26.35 60.63
C GLN A 60 -2.58 -26.30 60.50
N GLN A 61 -3.20 -25.48 61.34
CA GLN A 61 -4.66 -25.41 61.37
C GLN A 61 -5.12 -24.37 60.40
N ALA A 62 -6.45 -24.29 60.19
CA ALA A 62 -7.01 -23.30 59.28
C ALA A 62 -6.44 -21.92 59.57
N GLU A 63 -6.24 -21.15 58.51
CA GLU A 63 -5.79 -19.74 58.58
C GLU A 63 -4.40 -19.56 59.22
N SER A 64 -3.55 -20.59 59.15
CA SER A 64 -2.20 -20.48 59.70
C SER A 64 -1.38 -19.44 58.94
N ASP A 65 -0.65 -18.63 59.69
CA ASP A 65 0.35 -17.76 59.12
C ASP A 65 1.56 -18.56 58.64
N ALA A 66 1.80 -19.73 59.22
CA ALA A 66 2.99 -20.54 58.92
C ALA A 66 2.76 -21.52 57.77
N TRP A 67 2.25 -20.98 56.68
CA TRP A 67 2.07 -21.77 55.48
C TRP A 67 2.07 -20.81 54.32
N TYR A 68 2.48 -21.34 53.19
CA TYR A 68 2.37 -20.61 51.95
C TYR A 68 2.18 -21.57 50.76
N SER A 69 1.42 -21.12 49.74
CA SER A 69 1.14 -21.97 48.61
C SER A 69 2.32 -21.96 47.65
N PRO A 70 2.40 -22.96 46.76
CA PRO A 70 3.50 -22.95 45.78
C PRO A 70 3.66 -21.67 44.93
N SER A 71 2.54 -21.03 44.64
CA SER A 71 2.50 -19.77 43.90
C SER A 71 3.11 -18.60 44.64
N MET A 72 3.37 -18.74 45.93
CA MET A 72 3.99 -17.68 46.72
C MET A 72 5.50 -17.88 46.82
N TYR A 73 6.03 -18.93 46.18
CA TYR A 73 7.46 -19.22 46.18
C TYR A 73 8.10 -19.08 44.81
N ASN A 74 9.29 -18.52 44.83
CA ASN A 74 10.13 -18.51 43.64
C ASN A 74 11.56 -18.26 44.03
N VAL A 75 12.42 -18.22 43.03
CA VAL A 75 13.83 -17.78 43.18
C VAL A 75 14.03 -16.64 42.21
N VAL A 76 14.60 -15.54 42.68
CA VAL A 76 14.74 -14.32 41.87
C VAL A 76 16.14 -13.72 42.01
N LYS A 77 16.53 -12.89 41.05
CA LYS A 77 17.78 -12.14 41.25
C LYS A 77 17.55 -10.99 42.25
N GLN A 78 18.52 -10.77 43.13
CA GLN A 78 18.53 -9.64 44.08
C GLN A 78 19.96 -9.24 44.30
N ASP A 79 20.30 -8.02 43.90
CA ASP A 79 21.67 -7.51 43.82
C ASP A 79 22.58 -8.49 43.09
N GLY A 80 22.08 -9.06 42.02
CA GLY A 80 22.90 -9.93 41.17
C GLY A 80 23.02 -11.36 41.64
N ARG A 81 22.41 -11.73 42.76
CA ARG A 81 22.49 -13.08 43.26
C ARG A 81 21.12 -13.72 43.27
N ASP A 82 21.09 -15.00 43.00
CA ASP A 82 19.90 -15.79 43.15
C ASP A 82 19.54 -15.95 44.63
N VAL A 83 18.29 -15.64 44.97
CA VAL A 83 17.72 -15.82 46.32
C VAL A 83 16.37 -16.50 46.25
N HIS A 84 16.06 -17.33 47.24
CA HIS A 84 14.69 -17.75 47.44
C HIS A 84 13.82 -16.51 47.80
N VAL A 85 12.57 -16.50 47.39
CA VAL A 85 11.60 -15.51 47.83
C VAL A 85 10.29 -16.16 48.15
N VAL A 86 9.67 -15.70 49.23
CA VAL A 86 8.28 -16.00 49.50
C VAL A 86 7.56 -14.69 49.63
N ILE A 87 6.46 -14.55 48.91
CA ILE A 87 5.65 -13.36 48.96
C ILE A 87 4.28 -13.77 49.48
N LYS A 88 4.00 -13.41 50.73
CA LYS A 88 2.86 -13.97 51.45
C LYS A 88 2.10 -12.89 52.18
N PRO A 89 0.79 -13.09 52.33
CA PRO A 89 -0.05 -12.02 52.86
C PRO A 89 0.17 -11.76 54.35
N ASP A 90 0.00 -10.52 54.75
CA ASP A 90 0.22 -10.04 56.12
C ASP A 90 -1.04 -10.15 56.97
N HIS A 91 -0.96 -11.03 57.96
CA HIS A 91 -2.00 -11.22 58.99
C HIS A 91 -2.36 -9.91 59.71
N GLU A 92 -1.36 -9.05 59.93
CA GLU A 92 -1.48 -7.79 60.68
C GLU A 92 -1.97 -6.62 59.85
N CYS A 93 -2.17 -6.79 58.54
CA CYS A 93 -2.62 -5.66 57.69
C CYS A 93 -4.08 -5.59 57.83
N VAL A 94 -4.57 -4.42 58.24
CA VAL A 94 -5.99 -4.28 58.52
C VAL A 94 -6.82 -4.38 57.22
N VAL A 95 -6.17 -4.21 56.08
CA VAL A 95 -6.89 -4.26 54.82
C VAL A 95 -7.36 -5.65 54.51
N ASN A 96 -6.48 -6.64 54.63
CA ASN A 96 -6.79 -8.05 54.27
C ASN A 96 -6.74 -9.07 55.42
N SER A 97 -6.13 -8.71 56.53
CA SER A 97 -6.08 -9.62 57.72
C SER A 97 -5.64 -11.04 57.31
N GLY A 98 -4.55 -11.10 56.53
CA GLY A 98 -3.98 -12.35 56.05
C GLY A 98 -4.55 -12.93 54.76
N LEU A 99 -5.68 -12.44 54.26
CA LEU A 99 -6.20 -12.92 52.98
C LEU A 99 -5.29 -12.56 51.81
N GLY A 100 -5.09 -13.54 50.93
CA GLY A 100 -4.40 -13.36 49.62
C GLY A 100 -5.40 -13.87 48.59
N SER A 101 -5.88 -13.01 47.69
CA SER A 101 -6.71 -13.43 46.56
C SER A 101 -5.92 -14.36 45.65
N VAL A 102 -6.66 -14.98 44.75
CA VAL A 102 -6.09 -15.81 43.67
C VAL A 102 -5.06 -15.11 42.78
N ARG A 103 -5.12 -13.79 42.70
CA ARG A 103 -4.17 -13.00 41.95
C ARG A 103 -2.98 -12.58 42.81
N GLY A 104 -3.23 -11.88 43.93
CA GLY A 104 -2.16 -11.54 44.87
C GLY A 104 -1.25 -12.71 45.24
N ALA A 105 -1.86 -13.85 45.48
CA ALA A 105 -1.11 -14.98 46.00
C ALA A 105 -0.21 -15.63 44.94
N ARG A 106 -0.27 -15.15 43.70
CA ARG A 106 0.64 -15.70 42.69
C ARG A 106 1.66 -14.66 42.24
N MET A 107 1.91 -13.65 43.08
CA MET A 107 2.88 -12.65 42.75
C MET A 107 4.25 -13.29 42.55
N ALA A 108 4.59 -14.28 43.38
CA ALA A 108 5.90 -14.81 43.32
C ALA A 108 6.11 -15.64 42.02
N GLU A 109 5.11 -16.43 41.70
CA GLU A 109 5.11 -17.33 40.54
C GLU A 109 4.98 -16.56 39.21
N THR A 110 4.40 -15.36 39.26
CA THR A 110 4.39 -14.48 38.08
C THR A 110 5.54 -13.47 38.11
N SER A 111 6.56 -13.68 38.95
CA SER A 111 7.74 -12.88 38.92
C SER A 111 8.70 -13.55 37.94
N PHE A 112 9.66 -12.79 37.45
CA PHE A 112 10.72 -13.34 36.58
C PHE A 112 11.76 -14.19 37.34
N SER A 113 11.94 -15.43 36.93
CA SER A 113 12.96 -16.31 37.47
C SER A 113 13.71 -17.05 36.35
N GLU A 114 14.99 -16.72 36.16
CA GLU A 114 15.88 -17.51 35.31
C GLU A 114 16.04 -18.89 35.89
N ALA A 115 16.25 -19.03 37.21
CA ALA A 115 16.44 -20.37 37.79
C ALA A 115 15.22 -21.30 37.76
N ARG A 116 13.98 -20.80 37.84
CA ARG A 116 12.80 -21.68 37.78
C ARG A 116 11.94 -21.42 36.53
N ASN A 117 12.47 -20.67 35.60
CA ASN A 117 11.81 -20.45 34.29
C ASN A 117 10.38 -19.89 34.33
N THR A 118 10.10 -18.97 35.25
CA THR A 118 8.83 -18.27 35.24
C THR A 118 8.99 -16.98 34.49
N GLN A 119 7.96 -16.65 33.73
CA GLN A 119 7.86 -15.37 33.06
C GLN A 119 9.06 -15.06 32.19
N GLN A 120 9.46 -16.07 31.42
CA GLN A 120 10.49 -15.94 30.38
C GLN A 120 10.09 -15.01 29.27
N GLN A 121 8.79 -14.71 29.12
CA GLN A 121 8.36 -13.63 28.19
C GLN A 121 8.84 -12.22 28.59
N ARG A 122 9.30 -11.98 29.82
CA ARG A 122 9.65 -10.61 30.19
C ARG A 122 10.70 -9.98 29.29
N LEU A 123 10.46 -8.72 28.96
CA LEU A 123 11.43 -7.94 28.17
C LEU A 123 12.73 -7.71 28.97
N THR A 124 13.86 -7.84 28.28
CA THR A 124 15.16 -7.71 28.87
C THR A 124 15.95 -6.59 28.21
N ASP A 125 15.69 -6.37 26.92
CA ASP A 125 16.47 -5.47 26.09
C ASP A 125 15.61 -4.58 25.23
N PRO A 126 16.08 -3.35 25.00
CA PRO A 126 15.43 -2.54 23.96
C PRO A 126 15.41 -3.29 22.64
N LEU A 127 14.37 -3.10 21.83
CA LEU A 127 14.25 -3.76 20.53
C LEU A 127 13.92 -2.72 19.52
N VAL A 128 14.48 -2.83 18.33
CA VAL A 128 14.19 -1.90 17.26
C VAL A 128 13.86 -2.73 16.02
N TRP A 129 12.91 -2.21 15.24
CA TRP A 129 12.55 -2.79 13.97
C TRP A 129 13.64 -2.41 12.96
N ARG A 130 14.46 -3.39 12.55
CA ARG A 130 15.51 -3.15 11.55
C ARG A 130 15.93 -4.46 10.91
N TYR A 131 16.30 -4.44 9.62
CA TYR A 131 16.79 -5.69 8.92
C TYR A 131 15.71 -6.79 8.76
N GLY A 132 14.44 -6.38 8.75
CA GLY A 132 13.29 -7.28 8.54
C GLY A 132 12.51 -7.79 9.72
N GLN A 133 12.97 -7.50 10.94
CA GLN A 133 12.44 -8.08 12.17
C GLN A 133 12.78 -7.17 13.32
N MET A 134 12.19 -7.41 14.48
CA MET A 134 12.67 -6.82 15.72
C MET A 134 14.06 -7.36 16.07
N GLN A 135 14.96 -6.45 16.44
CA GLN A 135 16.28 -6.82 16.85
C GLN A 135 16.67 -6.18 18.19
N PRO A 136 17.35 -6.93 19.06
CA PRO A 136 17.73 -6.29 20.33
C PRO A 136 18.84 -5.27 20.16
N THR A 137 18.95 -4.34 21.08
CA THR A 137 20.00 -3.32 20.92
C THR A 137 20.25 -2.66 22.24
N SER A 138 21.05 -1.59 22.23
CA SER A 138 21.39 -0.86 23.45
C SER A 138 20.34 0.23 23.75
N TRP A 139 20.23 0.57 25.03
CA TRP A 139 19.48 1.77 25.42
C TRP A 139 19.90 3.00 24.66
N ASP A 140 21.20 3.30 24.57
CA ASP A 140 21.66 4.56 23.98
C ASP A 140 21.19 4.62 22.54
N ASP A 141 21.33 3.51 21.81
CA ASP A 141 20.81 3.43 20.41
C ASP A 141 19.28 3.67 20.35
N ALA A 142 18.54 2.86 21.09
CA ALA A 142 17.07 2.88 21.01
C ALA A 142 16.54 4.27 21.45
N LEU A 143 17.06 4.80 22.55
CA LEU A 143 16.61 6.12 22.99
C LEU A 143 16.96 7.19 21.96
N ASP A 144 18.14 7.11 21.37
CA ASP A 144 18.53 8.08 20.36
C ASP A 144 17.56 8.05 19.19
N LEU A 145 17.17 6.86 18.76
CA LEU A 145 16.21 6.72 17.65
C LEU A 145 14.85 7.32 18.00
N VAL A 146 14.36 6.97 19.18
CA VAL A 146 13.06 7.51 19.64
C VAL A 146 13.10 9.03 19.66
N ALA A 147 14.15 9.58 20.27
CA ALA A 147 14.19 11.05 20.45
C ALA A 147 14.35 11.79 19.13
N ARG A 148 15.06 11.22 18.17
CA ARG A 148 15.26 11.90 16.91
C ARG A 148 14.00 11.96 16.07
N VAL A 149 13.30 10.83 16.03
CA VAL A 149 12.03 10.80 15.35
C VAL A 149 11.06 11.72 16.06
N THR A 150 11.00 11.66 17.40
CA THR A 150 9.99 12.37 18.15
C THR A 150 10.29 13.86 17.94
N ALA A 151 11.54 14.23 18.19
CA ALA A 151 11.96 15.63 18.04
C ALA A 151 11.76 16.21 16.62
N LYS A 152 12.05 15.42 15.59
CA LYS A 152 11.90 15.93 14.22
C LYS A 152 10.44 16.16 13.92
N ILE A 153 9.59 15.23 14.33
CA ILE A 153 8.15 15.37 14.11
C ILE A 153 7.50 16.54 14.85
N VAL A 154 7.78 16.64 16.13
CA VAL A 154 7.28 17.75 16.93
C VAL A 154 7.78 19.12 16.39
N LYS A 155 9.02 19.22 15.91
CA LYS A 155 9.56 20.47 15.39
C LYS A 155 8.81 20.86 14.09
N GLU A 156 8.56 19.88 13.20
CA GLU A 156 7.95 20.13 11.86
C GLU A 156 6.42 20.30 11.95
N LYS A 157 5.79 19.60 12.88
CA LYS A 157 4.36 19.42 12.91
C LYS A 157 3.71 20.02 14.18
N GLY A 158 4.48 20.30 15.23
CA GLY A 158 3.97 20.67 16.56
C GLY A 158 3.89 19.49 17.52
N GLU A 159 3.75 19.82 18.80
CA GLU A 159 3.45 18.84 19.81
C GLU A 159 2.18 17.97 19.52
N ASP A 160 1.23 18.49 18.73
CA ASP A 160 0.01 17.76 18.47
C ASP A 160 0.24 16.50 17.63
N ALA A 161 1.36 16.43 16.92
CA ALA A 161 1.70 15.18 16.22
C ALA A 161 2.27 14.08 17.15
N LEU A 162 2.62 14.40 18.39
CA LEU A 162 2.94 13.36 19.32
C LEU A 162 1.67 12.89 19.99
N ILE A 163 1.34 11.58 19.85
CA ILE A 163 0.22 10.94 20.49
C ILE A 163 0.75 10.11 21.64
N VAL A 164 0.08 10.14 22.78
CA VAL A 164 0.52 9.36 23.91
C VAL A 164 -0.61 8.56 24.49
N SER A 165 -0.33 7.29 24.80
CA SER A 165 -1.21 6.48 25.66
C SER A 165 -0.44 6.05 26.91
N ALA A 166 -0.96 6.33 28.12
CA ALA A 166 -0.32 5.93 29.36
C ALA A 166 -1.27 5.61 30.42
N PHE A 167 -0.86 4.64 31.24
CA PHE A 167 -1.37 4.50 32.56
C PHE A 167 -1.55 5.84 33.26
N ASP A 168 -2.61 5.95 34.06
CA ASP A 168 -2.68 7.00 35.10
C ASP A 168 -2.86 6.43 36.51
N HIS A 169 -2.70 5.14 36.67
CA HIS A 169 -3.16 4.46 37.86
C HIS A 169 -1.96 4.17 38.76
N GLY A 170 -2.23 3.48 39.86
CA GLY A 170 -1.23 3.06 40.84
C GLY A 170 -0.91 1.59 40.72
N GLY A 171 -0.13 1.09 41.69
CA GLY A 171 0.34 -0.30 41.73
C GLY A 171 1.31 -0.61 40.61
N ALA A 172 1.53 -1.89 40.35
CA ALA A 172 2.45 -2.28 39.31
C ALA A 172 1.97 -1.72 37.98
N GLY A 173 2.92 -1.12 37.25
CA GLY A 173 2.60 -0.41 36.05
C GLY A 173 2.00 0.96 36.24
N GLY A 174 2.16 1.49 37.44
CA GLY A 174 1.78 2.83 37.74
C GLY A 174 2.51 3.32 38.98
N GLY A 175 1.82 4.17 39.73
CA GLY A 175 2.27 4.63 41.03
C GLY A 175 2.83 6.01 40.97
N TYR A 176 3.12 6.55 42.15
CA TYR A 176 3.43 8.01 42.23
C TYR A 176 4.71 8.32 41.51
N GLU A 177 5.65 7.42 41.53
CA GLU A 177 6.92 7.72 40.85
C GLU A 177 6.71 7.71 39.34
N ASN A 178 5.98 6.71 38.86
CA ASN A 178 5.84 6.51 37.44
C ASN A 178 4.90 7.52 36.78
N THR A 179 3.78 7.85 37.45
CA THR A 179 2.90 8.87 36.92
C THR A 179 3.55 10.22 36.89
N TRP A 180 4.42 10.48 37.85
CA TRP A 180 5.12 11.76 37.86
C TRP A 180 6.10 11.83 36.71
N GLY A 181 6.89 10.76 36.50
CA GLY A 181 7.93 10.84 35.47
C GLY A 181 7.31 11.09 34.12
N THR A 182 6.31 10.26 33.78
CA THR A 182 5.60 10.39 32.51
C THR A 182 4.88 11.74 32.43
N GLY A 183 4.15 12.12 33.47
CA GLY A 183 3.46 13.43 33.51
C GLY A 183 4.37 14.64 33.38
N LYS A 184 5.50 14.60 34.07
CA LYS A 184 6.50 15.67 33.89
C LYS A 184 7.00 15.68 32.47
N LEU A 185 7.28 14.53 31.91
CA LEU A 185 7.75 14.57 30.52
C LEU A 185 6.70 15.20 29.59
N TYR A 186 5.44 14.79 29.69
CA TYR A 186 4.47 15.18 28.65
C TYR A 186 3.69 16.48 29.00
N PHE A 187 3.63 16.86 30.27
CA PHE A 187 2.88 18.02 30.75
C PHE A 187 3.74 19.16 31.27
N GLU A 188 4.96 18.88 31.72
CA GLU A 188 5.89 19.97 32.12
C GLU A 188 6.81 20.37 30.99
N ALA A 189 7.70 19.44 30.61
CA ALA A 189 8.59 19.63 29.46
C ALA A 189 7.82 19.95 28.22
N MET A 190 6.71 19.25 28.02
CA MET A 190 5.84 19.44 26.85
C MET A 190 4.46 19.85 27.31
N LYS A 191 3.59 20.23 26.38
CA LYS A 191 2.12 20.42 26.56
C LYS A 191 1.34 19.48 25.57
N VAL A 192 1.50 18.17 25.80
CA VAL A 192 0.83 17.15 24.98
C VAL A 192 -0.70 17.16 25.18
N LYS A 193 -1.46 17.45 24.14
CA LYS A 193 -2.92 17.45 24.25
C LYS A 193 -3.51 16.06 23.91
N ASN A 194 -2.89 15.41 22.93
CA ASN A 194 -3.40 14.17 22.36
C ASN A 194 -2.82 13.00 23.10
N ILE A 195 -3.22 12.93 24.36
CA ILE A 195 -2.82 11.89 25.30
C ILE A 195 -4.11 11.24 25.78
N ARG A 196 -4.14 9.89 25.79
CA ARG A 196 -5.22 9.12 26.43
C ARG A 196 -4.69 8.26 27.56
N ILE A 197 -5.61 7.65 28.28
CA ILE A 197 -5.30 6.96 29.50
C ILE A 197 -5.45 5.47 29.19
N HIS A 198 -5.00 4.60 30.08
CA HIS A 198 -4.99 3.16 29.76
C HIS A 198 -6.35 2.50 29.47
N ASN A 199 -7.43 3.04 30.07
CA ASN A 199 -8.78 2.45 30.01
C ASN A 199 -9.83 3.28 29.27
N ARG A 200 -9.44 4.42 28.75
CA ARG A 200 -10.38 5.36 28.17
C ARG A 200 -9.63 6.24 27.22
N PRO A 201 -10.27 6.63 26.10
CA PRO A 201 -9.53 7.12 24.93
C PRO A 201 -9.34 8.64 24.85
N ALA A 202 -9.39 9.31 26.01
CA ALA A 202 -9.08 10.72 26.12
C ALA A 202 -8.57 11.02 27.52
N TYR A 203 -8.04 12.21 27.73
CA TYR A 203 -7.50 12.55 29.04
C TYR A 203 -8.62 13.19 29.87
N ASN A 204 -9.52 12.32 30.36
CA ASN A 204 -10.68 12.72 31.18
C ASN A 204 -10.61 12.03 32.56
N SER A 205 -11.51 12.40 33.46
CA SER A 205 -11.81 11.63 34.61
C SER A 205 -12.92 10.64 34.30
N GLU A 206 -12.82 9.52 34.99
CA GLU A 206 -13.85 8.54 34.98
C GLU A 206 -15.13 9.08 35.60
N VAL A 207 -14.97 9.98 36.56
CA VAL A 207 -16.10 10.39 37.42
C VAL A 207 -16.20 11.91 37.52
N HIS A 208 -16.27 12.60 36.37
CA HIS A 208 -16.46 14.04 36.41
C HIS A 208 -17.73 14.47 37.20
N GLY A 209 -18.78 13.66 37.15
CA GLY A 209 -19.98 13.93 37.86
C GLY A 209 -19.83 14.18 39.35
N THR A 210 -19.30 13.21 40.08
CA THR A 210 -19.11 13.30 41.52
C THR A 210 -18.10 14.41 41.85
N ARG A 211 -17.06 14.56 41.01
CA ARG A 211 -16.04 15.59 41.26
C ARG A 211 -16.61 17.02 41.07
N ASP A 212 -17.38 17.22 40.01
CA ASP A 212 -18.08 18.49 39.79
C ASP A 212 -19.01 18.80 40.96
N MET A 213 -19.58 17.76 41.57
CA MET A 213 -20.47 17.96 42.70
C MET A 213 -19.74 18.30 44.01
N GLY A 214 -18.41 18.23 43.98
CA GLY A 214 -17.57 18.49 45.14
C GLY A 214 -17.26 17.27 45.96
N VAL A 215 -17.59 16.06 45.43
CA VAL A 215 -17.41 14.82 46.19
C VAL A 215 -16.35 13.93 45.51
N GLY A 216 -15.12 14.00 46.01
CA GLY A 216 -14.02 13.19 45.49
C GLY A 216 -14.46 11.76 45.72
N GLU A 217 -14.13 10.90 44.75
CA GLU A 217 -14.75 9.55 44.67
C GLU A 217 -14.19 8.55 45.67
N LEU A 218 -13.16 8.90 46.41
CA LEU A 218 -12.65 8.01 47.44
C LEU A 218 -12.67 8.72 48.76
N ASN A 219 -13.88 8.79 49.33
CA ASN A 219 -14.16 9.69 50.46
C ASN A 219 -14.43 8.98 51.77
N ASN A 220 -14.37 7.64 51.81
CA ASN A 220 -14.73 6.91 53.02
C ASN A 220 -13.61 6.04 53.48
N CYS A 221 -13.88 5.07 54.31
CA CYS A 221 -12.84 4.10 54.68
C CYS A 221 -13.45 2.74 54.60
N TYR A 222 -12.64 1.70 54.65
CA TYR A 222 -13.12 0.34 54.47
C TYR A 222 -13.96 -0.18 55.64
N GLU A 223 -13.71 0.42 56.79
CA GLU A 223 -14.46 0.12 58.00
C GLU A 223 -15.90 0.49 57.82
N ASP A 224 -16.12 1.53 57.03
CA ASP A 224 -17.48 1.94 56.77
C ASP A 224 -18.39 0.85 56.17
N ALA A 225 -17.79 -0.09 55.42
CA ALA A 225 -18.53 -1.24 54.90
C ALA A 225 -18.92 -2.18 56.01
N GLU A 226 -18.11 -2.22 57.06
CA GLU A 226 -18.44 -3.02 58.25
C GLU A 226 -19.54 -2.40 59.08
N LEU A 227 -19.66 -1.08 59.02
CA LEU A 227 -20.52 -0.31 59.90
C LEU A 227 -21.89 0.09 59.34
N ALA A 228 -22.11 -0.05 58.02
CA ALA A 228 -23.37 0.43 57.42
C ALA A 228 -24.55 -0.42 57.82
N ASP A 229 -25.73 0.18 57.76
CA ASP A 229 -26.96 -0.60 57.83
C ASP A 229 -27.24 -1.23 56.46
N THR A 230 -27.04 -0.46 55.41
CA THR A 230 -27.28 -0.94 54.08
C THR A 230 -26.04 -0.66 53.22
N ILE A 231 -25.59 -1.66 52.46
CA ILE A 231 -24.64 -1.38 51.38
C ILE A 231 -25.43 -1.34 50.07
N VAL A 232 -25.23 -0.28 49.30
CA VAL A 232 -25.71 -0.27 47.91
C VAL A 232 -24.54 -0.41 46.91
N ALA A 233 -24.44 -1.59 46.30
CA ALA A 233 -23.33 -1.93 45.43
C ALA A 233 -23.84 -1.89 44.00
N VAL A 234 -23.38 -0.89 43.25
CA VAL A 234 -23.85 -0.60 41.90
C VAL A 234 -22.76 -0.91 40.86
N GLY A 235 -23.07 -1.79 39.92
CA GLY A 235 -22.12 -2.09 38.87
C GLY A 235 -20.78 -2.55 39.40
N THR A 236 -20.84 -3.40 40.39
CA THR A 236 -19.65 -4.03 40.93
C THR A 236 -19.91 -5.50 41.16
N ASN A 237 -18.85 -6.27 40.99
CA ASN A 237 -18.85 -7.71 41.21
C ASN A 237 -17.76 -8.01 42.20
N ALA A 238 -17.88 -7.30 43.31
CA ALA A 238 -16.84 -7.21 44.31
C ALA A 238 -16.23 -8.54 44.79
N LEU A 239 -17.00 -9.60 44.88
CA LEU A 239 -16.36 -10.86 45.30
C LEU A 239 -15.20 -11.22 44.33
N GLU A 240 -15.42 -10.98 43.02
CA GLU A 240 -14.40 -11.29 41.99
C GLU A 240 -13.45 -10.12 41.82
N THR A 241 -13.93 -8.89 41.97
CA THR A 241 -13.21 -7.70 41.52
C THR A 241 -12.66 -6.75 42.60
N GLN A 242 -13.20 -6.83 43.82
CA GLN A 242 -12.62 -6.14 44.98
C GLN A 242 -12.58 -7.11 46.14
N THR A 243 -12.02 -8.27 45.84
CA THR A 243 -12.24 -9.51 46.58
C THR A 243 -12.04 -9.40 48.08
N ASN A 244 -10.88 -8.89 48.49
CA ASN A 244 -10.56 -8.93 49.90
C ASN A 244 -11.23 -7.83 50.69
N TYR A 245 -11.67 -6.77 50.02
CA TYR A 245 -12.42 -5.75 50.69
C TYR A 245 -13.75 -6.35 50.98
N PHE A 246 -14.30 -7.05 50.00
CA PHE A 246 -15.61 -7.68 50.15
C PHE A 246 -15.52 -8.70 51.29
N LEU A 247 -14.49 -9.55 51.29
CA LEU A 247 -14.45 -10.66 52.23
C LEU A 247 -14.03 -10.20 53.63
N ASN A 248 -13.09 -9.26 53.74
CA ASN A 248 -12.59 -8.82 55.04
C ASN A 248 -13.40 -7.70 55.70
N HIS A 249 -14.26 -7.01 54.96
CA HIS A 249 -15.05 -5.92 55.48
C HIS A 249 -16.56 -6.00 55.21
N TRP A 250 -17.02 -6.43 54.01
CA TRP A 250 -18.46 -6.47 53.74
C TRP A 250 -19.06 -7.67 54.42
N ILE A 251 -18.48 -8.83 54.14
CA ILE A 251 -18.99 -10.11 54.72
C ILE A 251 -19.26 -9.98 56.29
N PRO A 252 -18.30 -9.48 57.08
CA PRO A 252 -18.58 -9.38 58.56
C PRO A 252 -19.82 -8.56 58.91
N ASN A 253 -20.15 -7.56 58.09
CA ASN A 253 -21.37 -6.79 58.26
C ASN A 253 -22.58 -7.64 57.97
N LEU A 254 -22.55 -8.30 56.84
CA LEU A 254 -23.68 -9.10 56.39
C LEU A 254 -23.91 -10.30 57.30
N ARG A 255 -22.84 -10.79 57.88
CA ARG A 255 -22.90 -11.94 58.78
C ARG A 255 -23.31 -11.51 60.24
N GLY A 256 -23.34 -10.23 60.51
CA GLY A 256 -23.61 -9.75 61.84
C GLY A 256 -22.42 -9.74 62.76
N GLU A 257 -21.25 -10.21 62.32
CA GLU A 257 -20.03 -10.15 63.14
C GLU A 257 -19.61 -8.77 63.59
N SER A 258 -19.92 -7.72 62.81
CA SER A 258 -19.56 -6.34 63.15
C SER A 258 -20.55 -5.63 64.13
N LEU A 259 -21.66 -6.29 64.54
CA LEU A 259 -22.68 -5.70 65.47
C LEU A 259 -22.05 -5.14 66.74
N GLY A 260 -21.15 -5.91 67.34
CA GLY A 260 -20.44 -5.52 68.55
C GLY A 260 -19.83 -4.15 68.37
N LYS A 261 -18.95 -4.04 67.36
CA LYS A 261 -18.27 -2.80 66.97
C LYS A 261 -19.29 -1.72 66.57
N LYS A 262 -20.35 -2.06 65.85
CA LYS A 262 -21.36 -1.06 65.48
C LYS A 262 -21.93 -0.42 66.74
N LYS A 263 -22.41 -1.27 67.65
CA LYS A 263 -23.07 -0.80 68.87
C LYS A 263 -22.06 -0.09 69.82
N GLU A 264 -20.78 -0.46 69.72
CA GLU A 264 -19.66 0.21 70.38
C GLU A 264 -19.46 1.65 69.91
N LEU A 265 -19.26 1.82 68.60
CA LEU A 265 -18.95 3.13 68.01
C LEU A 265 -20.15 4.03 67.78
N MET A 266 -21.35 3.46 67.73
CA MET A 266 -22.58 4.25 67.50
C MET A 266 -23.67 3.71 68.44
N PRO A 267 -23.48 3.87 69.77
CA PRO A 267 -24.59 3.51 70.65
C PRO A 267 -25.53 4.68 70.44
N GLU A 268 -26.72 4.62 71.00
CA GLU A 268 -27.70 5.69 70.74
C GLU A 268 -28.37 5.52 69.39
N GLU A 269 -28.23 4.34 68.78
CA GLU A 269 -29.11 3.92 67.69
C GLU A 269 -29.11 2.40 67.59
N PRO A 270 -30.18 1.85 67.02
CA PRO A 270 -30.21 0.42 66.72
C PRO A 270 -29.30 0.01 65.52
N HIS A 271 -28.78 -1.21 65.63
CA HIS A 271 -28.02 -1.89 64.64
C HIS A 271 -28.53 -3.30 64.41
N GLU A 272 -28.62 -3.66 63.14
CA GLU A 272 -28.92 -5.00 62.71
C GLU A 272 -27.81 -5.41 61.73
N ALA A 273 -27.76 -6.72 61.39
CA ALA A 273 -26.87 -7.21 60.35
C ALA A 273 -27.16 -6.43 59.08
N GLY A 274 -26.09 -6.04 58.40
CA GLY A 274 -26.21 -5.23 57.19
C GLY A 274 -26.99 -5.96 56.12
N ARG A 275 -27.70 -5.16 55.34
CA ARG A 275 -28.42 -5.60 54.19
C ARG A 275 -27.73 -5.02 52.97
N ILE A 276 -27.96 -5.62 51.81
CA ILE A 276 -27.25 -5.20 50.66
C ILE A 276 -28.16 -5.20 49.45
N ILE A 277 -28.18 -4.04 48.79
CA ILE A 277 -28.75 -3.89 47.47
C ILE A 277 -27.65 -3.99 46.40
N ILE A 278 -27.87 -4.83 45.39
CA ILE A 278 -26.89 -5.02 44.32
C ILE A 278 -27.57 -4.65 43.03
N VAL A 279 -27.08 -3.60 42.42
CA VAL A 279 -27.62 -3.16 41.16
C VAL A 279 -26.72 -3.68 40.03
N ASP A 280 -27.21 -4.69 39.30
CA ASP A 280 -26.44 -5.42 38.30
C ASP A 280 -27.42 -6.24 37.44
N PRO A 281 -27.49 -5.98 36.12
CA PRO A 281 -28.33 -6.82 35.27
C PRO A 281 -28.05 -8.32 35.38
N ARG A 282 -26.85 -8.69 35.83
CA ARG A 282 -26.41 -10.09 35.94
C ARG A 282 -26.36 -10.55 37.39
N ARG A 283 -26.77 -11.80 37.62
CA ARG A 283 -26.60 -12.43 38.90
C ARG A 283 -25.24 -13.05 38.91
N THR A 284 -24.39 -12.51 39.76
CA THR A 284 -23.02 -12.88 39.90
C THR A 284 -22.74 -13.74 41.13
N VAL A 285 -21.52 -14.26 41.19
CA VAL A 285 -21.08 -14.99 42.37
C VAL A 285 -21.13 -14.06 43.58
N THR A 286 -20.99 -12.73 43.34
CA THR A 286 -21.21 -11.74 44.40
C THR A 286 -22.64 -11.77 45.06
N VAL A 287 -23.65 -11.75 44.22
CA VAL A 287 -25.03 -11.89 44.67
C VAL A 287 -25.20 -13.22 45.44
N ASN A 288 -24.79 -14.31 44.82
CA ASN A 288 -24.84 -15.61 45.47
C ASN A 288 -24.18 -15.62 46.84
N ALA A 289 -22.97 -15.12 46.95
CA ALA A 289 -22.27 -15.10 48.22
C ALA A 289 -22.96 -14.28 49.28
N CYS A 290 -23.49 -13.14 48.88
CA CYS A 290 -24.21 -12.30 49.81
C CYS A 290 -25.40 -13.08 50.42
N GLU A 291 -26.22 -13.72 49.56
CA GLU A 291 -27.39 -14.55 50.00
C GLU A 291 -26.96 -15.63 50.98
N GLN A 292 -25.80 -16.23 50.73
CA GLN A 292 -25.38 -17.38 51.49
C GLN A 292 -24.89 -16.98 52.90
N THR A 293 -24.49 -15.73 53.07
CA THR A 293 -23.90 -15.20 54.30
C THR A 293 -24.90 -14.46 55.14
N ALA A 294 -25.73 -13.63 54.49
CA ALA A 294 -26.73 -12.85 55.17
C ALA A 294 -28.13 -13.44 55.14
N GLY A 295 -28.42 -14.40 54.26
CA GLY A 295 -29.81 -14.87 53.99
C GLY A 295 -30.41 -14.08 52.85
N ALA A 296 -31.14 -14.76 51.96
CA ALA A 296 -31.74 -14.12 50.77
C ALA A 296 -32.67 -12.91 51.05
N ASP A 297 -33.33 -12.90 52.22
CA ASP A 297 -34.26 -11.81 52.60
C ASP A 297 -33.52 -10.50 52.90
N ASN A 298 -32.21 -10.56 53.12
CA ASN A 298 -31.34 -9.38 53.35
C ASN A 298 -30.49 -8.98 52.16
N VAL A 299 -30.82 -9.54 51.00
CA VAL A 299 -30.13 -9.18 49.78
C VAL A 299 -31.16 -8.79 48.76
N LEU A 300 -31.10 -7.59 48.26
CA LEU A 300 -32.00 -7.22 47.17
C LEU A 300 -31.17 -7.00 45.88
N HIS A 301 -31.25 -7.98 44.97
CA HIS A 301 -30.64 -7.96 43.65
C HIS A 301 -31.57 -7.29 42.69
N LEU A 302 -31.32 -6.04 42.36
CA LEU A 302 -32.04 -5.35 41.33
C LEU A 302 -31.41 -5.66 39.96
N ALA A 303 -31.95 -6.66 39.28
CA ALA A 303 -31.49 -7.13 37.98
C ALA A 303 -32.06 -6.26 36.87
N ILE A 304 -31.57 -5.03 36.83
CA ILE A 304 -32.05 -4.01 35.92
C ILE A 304 -31.72 -4.37 34.49
N ASN A 305 -32.47 -3.79 33.59
CA ASN A 305 -32.10 -3.80 32.19
C ASN A 305 -30.77 -3.06 32.02
N SER A 306 -29.92 -3.60 31.16
CA SER A 306 -28.64 -3.00 30.92
C SER A 306 -28.76 -1.50 30.64
N GLY A 307 -27.98 -0.71 31.34
CA GLY A 307 -27.91 0.72 31.04
C GLY A 307 -29.05 1.55 31.56
N THR A 308 -29.88 1.03 32.49
CA THR A 308 -31.05 1.78 33.01
C THR A 308 -30.87 2.26 34.49
N ASP A 309 -29.63 2.21 35.00
CA ASP A 309 -29.32 2.70 36.33
C ASP A 309 -29.87 4.10 36.65
N LEU A 310 -29.79 5.01 35.70
CA LEU A 310 -30.18 6.37 35.93
C LEU A 310 -31.70 6.47 36.28
N ALA A 311 -32.53 5.72 35.58
CA ALA A 311 -33.95 5.76 35.83
C ALA A 311 -34.23 5.21 37.24
N LEU A 312 -33.61 4.08 37.61
CA LEU A 312 -33.71 3.59 38.97
C LEU A 312 -33.31 4.65 40.00
N PHE A 313 -32.18 5.32 39.81
CA PHE A 313 -31.70 6.21 40.85
C PHE A 313 -32.56 7.45 40.94
N ASN A 314 -32.95 7.98 39.79
CA ASN A 314 -33.85 9.08 39.82
C ASN A 314 -35.20 8.71 40.49
N ALA A 315 -35.68 7.46 40.35
CA ALA A 315 -36.91 7.05 41.03
C ALA A 315 -36.71 6.98 42.55
N LEU A 316 -35.58 6.40 42.96
CA LEU A 316 -35.25 6.29 44.33
C LEU A 316 -35.13 7.68 44.96
N PHE A 317 -34.52 8.61 44.26
CA PHE A 317 -34.28 9.98 44.72
C PHE A 317 -35.62 10.66 44.92
N THR A 318 -36.47 10.59 43.90
CA THR A 318 -37.83 11.10 43.99
C THR A 318 -38.65 10.55 45.19
N TYR A 319 -38.71 9.23 45.29
CA TYR A 319 -39.48 8.58 46.33
C TYR A 319 -38.99 9.00 47.71
N ILE A 320 -37.67 9.01 47.88
CA ILE A 320 -37.00 9.30 49.17
C ILE A 320 -37.21 10.77 49.61
N ALA A 321 -37.10 11.70 48.63
CA ALA A 321 -37.35 13.10 48.85
C ALA A 321 -38.79 13.31 49.17
N ASP A 322 -39.70 12.70 48.43
CA ASP A 322 -41.13 12.86 48.73
C ASP A 322 -41.58 12.39 50.12
N LYS A 323 -41.03 11.26 50.56
CA LYS A 323 -41.28 10.75 51.87
C LYS A 323 -40.55 11.56 52.97
N GLY A 324 -39.57 12.41 52.61
CA GLY A 324 -38.76 13.16 53.58
C GLY A 324 -37.75 12.33 54.35
N TRP A 325 -37.36 11.16 53.79
CA TRP A 325 -36.27 10.33 54.33
C TRP A 325 -34.89 10.92 54.01
N VAL A 326 -34.72 12.18 54.39
CA VAL A 326 -33.55 12.95 54.02
C VAL A 326 -32.99 13.61 55.25
N ASP A 327 -31.72 14.00 55.14
CA ASP A 327 -30.99 14.59 56.23
C ASP A 327 -31.04 16.09 56.05
N ARG A 328 -32.04 16.70 56.65
CA ARG A 328 -32.37 18.09 56.33
C ARG A 328 -31.27 19.05 56.73
N ASP A 329 -30.67 18.77 57.89
CA ASP A 329 -29.63 19.59 58.44
C ASP A 329 -28.37 19.52 57.55
N PHE A 330 -27.97 18.33 57.12
CA PHE A 330 -26.83 18.20 56.21
C PHE A 330 -27.11 18.96 54.92
N ILE A 331 -28.33 18.85 54.39
CA ILE A 331 -28.70 19.54 53.13
C ILE A 331 -28.65 21.05 53.29
N ASP A 332 -29.21 21.58 54.40
CA ASP A 332 -29.26 23.07 54.58
C ASP A 332 -27.85 23.65 54.75
N LYS A 333 -27.00 22.92 55.48
CA LYS A 333 -25.68 23.42 55.91
C LYS A 333 -24.56 23.19 54.89
N SER A 334 -24.59 22.04 54.21
CA SER A 334 -23.44 21.60 53.42
C SER A 334 -23.68 21.52 51.91
N THR A 335 -24.89 21.86 51.41
CA THR A 335 -25.17 21.78 49.96
C THR A 335 -25.68 23.09 49.35
N LEU A 336 -25.48 23.23 48.04
CA LEU A 336 -25.86 24.42 47.31
C LEU A 336 -27.30 24.79 47.56
N ARG A 337 -27.51 25.99 48.07
CA ARG A 337 -28.88 26.52 48.27
C ARG A 337 -29.30 27.42 47.16
N GLU A 338 -28.34 27.82 46.34
CA GLU A 338 -28.56 28.72 45.21
C GLU A 338 -29.59 28.23 44.22
N GLY A 339 -30.56 29.09 43.90
CA GLY A 339 -31.45 28.81 42.78
C GLY A 339 -30.61 28.85 41.51
N THR A 340 -31.00 28.07 40.51
CA THR A 340 -30.38 28.21 39.19
C THR A 340 -31.31 27.93 38.02
N ALA A 341 -30.83 28.20 36.82
CA ALA A 341 -31.64 28.07 35.61
C ALA A 341 -31.13 26.90 34.78
N ARG A 342 -32.04 25.99 34.43
CA ARG A 342 -31.74 24.93 33.50
C ARG A 342 -31.25 25.53 32.19
N PRO A 343 -30.23 24.90 31.56
CA PRO A 343 -29.72 25.44 30.27
C PRO A 343 -30.72 25.30 29.11
N PRO A 344 -30.55 26.09 28.03
CA PRO A 344 -31.54 26.11 26.94
C PRO A 344 -31.94 24.76 26.35
N LEU A 345 -31.02 23.77 26.30
CA LEU A 345 -31.25 22.49 25.61
C LEU A 345 -31.54 21.37 26.54
N TYR A 346 -31.76 21.69 27.81
CA TYR A 346 -32.34 20.75 28.76
C TYR A 346 -33.76 20.39 28.33
N PRO A 347 -34.16 19.14 28.52
CA PRO A 347 -33.37 18.09 29.20
C PRO A 347 -32.47 17.19 28.34
N ALA A 348 -32.56 17.27 27.01
CA ALA A 348 -31.82 16.36 26.14
C ALA A 348 -30.30 16.56 26.26
N ARG A 349 -29.85 17.81 26.39
CA ARG A 349 -28.46 18.15 26.29
C ARG A 349 -28.10 19.18 27.36
N GLY A 350 -26.90 19.07 27.90
CA GLY A 350 -26.40 20.01 28.89
C GLY A 350 -26.12 21.34 28.23
N VAL A 351 -25.57 22.25 29.03
CA VAL A 351 -25.16 23.58 28.56
C VAL A 351 -24.10 23.50 27.47
N SER A 352 -23.19 22.55 27.56
CA SER A 352 -22.31 22.18 26.45
C SER A 352 -21.88 20.72 26.61
N GLU A 353 -21.05 20.27 25.70
CA GLU A 353 -20.43 18.96 25.78
C GLU A 353 -19.57 18.84 27.03
N ALA A 354 -19.01 19.96 27.52
CA ALA A 354 -18.22 19.92 28.78
C ALA A 354 -19.02 19.54 30.03
N ASN A 355 -20.32 19.82 30.02
CA ASN A 355 -21.22 19.71 31.19
C ASN A 355 -22.53 18.97 30.84
N PRO A 356 -22.52 17.64 30.84
CA PRO A 356 -23.75 16.95 30.38
C PRO A 356 -24.95 17.06 31.31
N GLY A 357 -24.71 17.43 32.55
CA GLY A 357 -25.75 17.61 33.52
C GLY A 357 -25.69 18.99 34.16
N HIS A 358 -26.71 19.26 34.95
CA HIS A 358 -26.99 20.53 35.50
C HIS A 358 -26.94 20.44 37.02
N LEU A 359 -26.02 21.21 37.59
CA LEU A 359 -25.75 21.20 39.02
C LEU A 359 -26.74 22.13 39.70
N SER A 360 -27.35 21.68 40.78
CA SER A 360 -28.41 22.46 41.39
C SER A 360 -28.56 22.18 42.88
N SER A 361 -29.53 22.86 43.47
CA SER A 361 -29.93 22.61 44.84
C SER A 361 -30.65 21.27 44.89
N PHE A 362 -30.80 20.74 46.10
CA PHE A 362 -31.62 19.57 46.43
C PHE A 362 -32.98 19.65 45.75
N GLU A 363 -33.68 20.76 45.98
CA GLU A 363 -35.06 20.88 45.53
C GLU A 363 -35.17 20.97 44.00
N ASP A 364 -34.27 21.70 43.34
CA ASP A 364 -34.32 21.73 41.86
C ASP A 364 -33.90 20.36 41.23
N ALA A 365 -32.93 19.68 41.86
CA ALA A 365 -32.52 18.37 41.40
C ALA A 365 -33.71 17.36 41.51
N VAL A 366 -34.42 17.37 42.63
CA VAL A 366 -35.57 16.49 42.83
C VAL A 366 -36.59 16.68 41.73
N GLU A 367 -36.92 17.93 41.41
CA GLU A 367 -37.89 18.25 40.36
C GLU A 367 -37.41 17.96 38.92
N GLY A 368 -36.14 18.25 38.66
CA GLY A 368 -35.55 17.85 37.40
C GLY A 368 -35.43 16.33 37.21
N CYS A 369 -35.02 15.62 38.24
CA CYS A 369 -34.85 14.18 38.17
C CYS A 369 -36.18 13.42 38.27
N ARG A 370 -37.25 14.11 38.69
CA ARG A 370 -38.50 13.45 39.09
C ARG A 370 -38.95 12.34 38.15
N MET A 371 -39.10 11.13 38.72
CA MET A 371 -39.60 10.00 37.99
C MET A 371 -40.38 9.10 38.93
N SER A 372 -41.54 8.69 38.46
CA SER A 372 -42.40 7.85 39.23
C SER A 372 -41.82 6.47 39.33
N ILE A 373 -42.28 5.75 40.32
CA ILE A 373 -42.02 4.31 40.44
C ILE A 373 -42.45 3.50 39.19
N GLU A 374 -43.58 3.87 38.61
CA GLU A 374 -44.18 3.10 37.54
C GLU A 374 -43.33 3.26 36.32
N GLU A 375 -42.86 4.50 36.11
CA GLU A 375 -42.06 4.82 34.91
C GLU A 375 -40.69 4.15 34.98
N ALA A 376 -40.08 4.18 36.18
CA ALA A 376 -38.82 3.47 36.38
C ALA A 376 -38.97 1.93 36.30
N ALA A 377 -40.11 1.40 36.72
CA ALA A 377 -40.34 -0.05 36.61
C ALA A 377 -40.44 -0.43 35.12
N GLU A 378 -41.14 0.40 34.34
CA GLU A 378 -41.23 0.27 32.89
C GLU A 378 -39.83 0.25 32.25
N ILE A 379 -39.01 1.25 32.56
CA ILE A 379 -37.65 1.39 31.99
C ILE A 379 -36.65 0.31 32.43
N THR A 380 -36.55 0.08 33.73
CA THR A 380 -35.60 -0.85 34.30
C THR A 380 -36.01 -2.29 34.16
N GLY A 381 -37.30 -2.54 33.92
CA GLY A 381 -37.83 -3.92 33.97
C GLY A 381 -38.02 -4.46 35.36
N LEU A 382 -37.78 -3.66 36.38
CA LEU A 382 -37.93 -4.11 37.76
C LEU A 382 -39.41 -4.05 38.18
N ASP A 383 -39.80 -4.80 39.21
CA ASP A 383 -41.12 -4.62 39.75
C ASP A 383 -41.20 -3.33 40.56
N ALA A 384 -42.35 -2.66 40.54
CA ALA A 384 -42.60 -1.55 41.48
C ALA A 384 -42.21 -1.87 42.93
N ALA A 385 -42.64 -3.02 43.42
CA ALA A 385 -42.30 -3.47 44.81
C ALA A 385 -40.81 -3.51 45.09
N GLN A 386 -40.00 -3.85 44.08
CA GLN A 386 -38.54 -3.93 44.28
C GLN A 386 -37.94 -2.54 44.49
N ILE A 387 -38.39 -1.58 43.69
CA ILE A 387 -37.86 -0.21 43.73
C ILE A 387 -38.26 0.46 45.06
N ILE A 388 -39.53 0.33 45.43
CA ILE A 388 -40.06 0.80 46.74
C ILE A 388 -39.25 0.15 47.88
N LYS A 389 -39.04 -1.17 47.79
CA LYS A 389 -38.24 -1.84 48.84
C LYS A 389 -36.81 -1.22 48.95
N ALA A 390 -36.13 -1.05 47.82
CA ALA A 390 -34.80 -0.41 47.82
C ALA A 390 -34.83 0.99 48.45
N ALA A 391 -35.79 1.80 48.06
CA ALA A 391 -35.94 3.13 48.67
C ALA A 391 -36.09 3.04 50.21
N GLU A 392 -36.81 2.04 50.71
CA GLU A 392 -36.90 1.82 52.17
C GLU A 392 -35.61 1.37 52.76
N TRP A 393 -34.94 0.44 52.09
CA TRP A 393 -33.66 -0.03 52.58
C TRP A 393 -32.58 1.05 52.64
N ILE A 394 -32.71 2.07 51.81
CA ILE A 394 -31.80 3.23 51.79
C ILE A 394 -32.23 4.36 52.74
N GLY A 395 -33.52 4.71 52.75
CA GLY A 395 -34.03 5.92 53.45
C GLY A 395 -34.86 5.79 54.72
N MET A 396 -35.53 4.65 54.91
CA MET A 396 -36.44 4.44 56.07
C MET A 396 -35.69 4.63 57.37
N PRO A 397 -36.08 5.64 58.22
CA PRO A 397 -35.44 5.80 59.51
C PRO A 397 -35.44 4.52 60.36
N LYS A 398 -34.40 4.32 61.13
CA LYS A 398 -34.39 3.14 62.01
C LYS A 398 -35.33 3.41 63.20
N GLU A 399 -35.58 2.37 64.00
CA GLU A 399 -36.42 2.40 65.22
C GLU A 399 -36.43 3.72 66.04
N GLY A 400 -35.29 4.30 66.37
CA GLY A 400 -35.41 5.55 67.18
C GLY A 400 -35.94 6.85 66.51
N GLY A 401 -36.47 6.76 65.28
CA GLY A 401 -36.36 7.85 64.30
C GLY A 401 -34.92 8.17 63.79
N LYS A 402 -33.95 7.25 63.93
CA LYS A 402 -32.54 7.54 63.65
C LYS A 402 -32.18 7.31 62.15
N ARG A 403 -31.27 8.13 61.64
CA ARG A 403 -30.92 8.15 60.21
C ARG A 403 -30.28 6.78 59.80
N ARG A 404 -30.79 6.20 58.72
CA ARG A 404 -30.27 4.92 58.25
C ARG A 404 -28.92 5.15 57.57
N ARG A 405 -27.90 4.45 58.02
CA ARG A 405 -26.52 4.63 57.47
C ARG A 405 -26.30 3.75 56.25
N VAL A 406 -25.82 4.36 55.17
CA VAL A 406 -25.76 3.66 53.87
C VAL A 406 -24.44 3.94 53.18
N MET A 407 -23.74 2.86 52.80
CA MET A 407 -22.52 2.94 51.95
C MET A 407 -22.92 2.64 50.49
N PHE A 408 -22.79 3.64 49.64
CA PHE A 408 -23.01 3.50 48.20
C PHE A 408 -21.64 3.27 47.55
N GLY A 409 -21.47 2.11 46.92
CA GLY A 409 -20.23 1.77 46.26
C GLY A 409 -20.58 1.44 44.83
N TYR A 410 -19.78 1.95 43.90
CA TYR A 410 -20.02 1.73 42.48
C TYR A 410 -18.72 1.56 41.75
N GLU A 411 -18.79 0.87 40.62
CA GLU A 411 -17.63 0.68 39.78
C GLU A 411 -18.02 0.64 38.31
N LYS A 412 -17.50 -0.33 37.54
CA LYS A 412 -17.50 -0.17 36.08
C LYS A 412 -18.81 -0.43 35.42
N GLY A 413 -19.72 -1.09 36.12
CA GLY A 413 -21.08 -1.25 35.63
C GLY A 413 -21.75 0.09 35.50
N LEU A 414 -21.41 1.01 36.38
CA LEU A 414 -21.91 2.36 36.27
C LEU A 414 -21.03 3.19 35.35
N ILE A 415 -19.74 3.15 35.59
CA ILE A 415 -18.77 4.07 34.93
C ILE A 415 -18.66 3.79 33.43
N TRP A 416 -18.56 2.51 33.05
CA TRP A 416 -18.65 2.19 31.62
C TRP A 416 -20.10 1.94 31.17
N GLY A 417 -21.03 2.21 32.07
CA GLY A 417 -22.45 2.14 31.78
C GLY A 417 -22.97 3.37 31.08
N ASN A 418 -24.28 3.41 30.90
CA ASN A 418 -25.01 4.46 30.17
C ASN A 418 -24.93 5.79 30.91
N ASP A 419 -24.70 6.85 30.14
CA ASP A 419 -24.84 8.24 30.51
C ASP A 419 -24.05 8.46 31.78
N ASN A 420 -22.73 8.20 31.69
CA ASN A 420 -21.82 8.21 32.84
C ASN A 420 -22.02 9.45 33.74
N TYR A 421 -22.08 10.64 33.15
CA TYR A 421 -22.10 11.86 33.91
C TYR A 421 -23.39 11.92 34.72
N ARG A 422 -24.54 11.72 34.07
CA ARG A 422 -25.82 11.81 34.78
C ARG A 422 -26.04 10.67 35.73
N THR A 423 -25.63 9.48 35.32
CA THR A 423 -25.83 8.33 36.19
C THR A 423 -24.99 8.46 37.45
N ASN A 424 -23.76 8.98 37.32
CA ASN A 424 -22.85 9.18 38.48
C ASN A 424 -23.48 10.19 39.43
N GLY A 425 -23.96 11.29 38.89
CA GLY A 425 -24.57 12.33 39.70
C GLY A 425 -25.84 11.87 40.38
N ALA A 426 -26.68 11.10 39.66
CA ALA A 426 -27.93 10.59 40.23
C ALA A 426 -27.72 9.67 41.43
N LEU A 427 -26.61 8.92 41.40
CA LEU A 427 -26.28 8.05 42.54
C LEU A 427 -25.75 8.94 43.67
N VAL A 428 -24.92 9.90 43.34
CA VAL A 428 -24.45 10.82 44.37
C VAL A 428 -25.60 11.59 45.05
N ASN A 429 -26.64 11.97 44.30
CA ASN A 429 -27.84 12.59 44.85
C ASN A 429 -28.37 11.84 46.04
N LEU A 430 -28.38 10.52 45.97
CA LEU A 430 -28.91 9.69 47.04
C LEU A 430 -28.08 9.77 48.29
N ALA A 431 -26.78 9.75 48.12
CA ALA A 431 -25.87 9.80 49.25
C ALA A 431 -25.88 11.21 49.82
N LEU A 432 -26.04 12.22 48.96
CA LEU A 432 -26.20 13.61 49.45
C LEU A 432 -27.50 13.80 50.22
N ALA A 433 -28.59 13.31 49.64
CA ALA A 433 -29.87 13.50 50.26
C ALA A 433 -29.95 12.82 51.61
N THR A 434 -29.29 11.65 51.77
CA THR A 434 -29.34 10.90 53.03
C THR A 434 -28.19 11.22 54.03
N GLY A 435 -27.41 12.26 53.77
CA GLY A 435 -26.27 12.66 54.58
C GLY A 435 -25.30 11.54 54.80
N ASN A 436 -25.14 10.66 53.80
CA ASN A 436 -24.26 9.54 53.94
C ASN A 436 -22.88 9.81 53.29
N ILE A 437 -22.30 10.94 53.60
CA ILE A 437 -20.93 11.25 53.21
C ILE A 437 -20.24 11.90 54.42
N GLY A 438 -19.05 11.42 54.75
CA GLY A 438 -18.23 12.00 55.77
C GLY A 438 -18.51 11.45 57.13
N ARG A 439 -19.29 10.39 57.22
CA ARG A 439 -19.83 9.89 58.48
C ARG A 439 -19.60 8.39 58.53
N PRO A 440 -19.49 7.82 59.75
CA PRO A 440 -19.32 6.40 59.87
C PRO A 440 -20.45 5.64 59.20
N GLY A 441 -20.11 4.49 58.62
CA GLY A 441 -21.06 3.68 57.87
C GLY A 441 -21.57 4.28 56.60
N GLY A 442 -20.99 5.38 56.13
CA GLY A 442 -21.47 6.05 54.91
C GLY A 442 -20.47 6.04 53.76
N GLY A 443 -20.69 6.91 52.79
CA GLY A 443 -19.80 7.04 51.66
C GLY A 443 -20.50 6.85 50.34
N VAL A 444 -20.08 7.58 49.33
CA VAL A 444 -20.47 7.33 47.95
C VAL A 444 -19.18 7.29 47.13
N VAL A 445 -18.72 6.06 46.86
CA VAL A 445 -17.36 5.86 46.44
C VAL A 445 -17.21 4.96 45.25
N ARG A 446 -16.13 5.16 44.50
CA ARG A 446 -15.68 4.12 43.59
C ARG A 446 -15.21 2.98 44.45
N LEU A 447 -15.54 1.75 44.07
CA LEU A 447 -14.91 0.58 44.63
C LEU A 447 -13.49 0.32 44.04
N GLY A 448 -13.25 0.92 42.86
CA GLY A 448 -11.94 1.02 42.21
C GLY A 448 -11.53 -0.15 41.34
N GLY A 449 -10.40 0.05 40.65
CA GLY A 449 -9.87 -0.95 39.73
C GLY A 449 -8.46 -1.34 40.12
N HIS A 450 -7.54 -0.55 39.59
CA HIS A 450 -6.17 -0.51 40.04
C HIS A 450 -6.09 0.25 41.38
N GLN A 451 -4.97 0.12 42.08
CA GLN A 451 -4.64 1.10 43.11
C GLN A 451 -4.49 2.49 42.48
N GLU A 452 -4.37 3.49 43.34
CA GLU A 452 -4.23 4.89 42.89
C GLU A 452 -2.81 5.40 43.14
N GLY A 453 -2.24 6.12 42.19
CA GLY A 453 -0.94 6.72 42.41
C GLY A 453 -0.57 7.80 41.42
N TYR A 454 -1.47 8.79 41.34
CA TYR A 454 -1.42 9.86 40.38
C TYR A 454 -0.78 11.09 41.04
N VAL A 455 0.30 11.58 40.48
CA VAL A 455 0.73 12.95 40.73
C VAL A 455 1.38 13.44 39.43
N ARG A 456 0.85 14.54 38.90
CA ARG A 456 1.27 15.09 37.64
C ARG A 456 1.11 16.62 37.58
N PRO A 457 1.85 17.24 36.69
CA PRO A 457 1.60 18.62 36.42
C PRO A 457 0.20 18.81 35.92
N SER A 458 -0.22 20.07 35.94
CA SER A 458 -1.50 20.49 35.41
C SER A 458 -1.74 19.84 34.03
N ASP A 459 -2.98 19.42 33.84
CA ASP A 459 -3.42 18.88 32.57
C ASP A 459 -4.29 19.97 31.91
N ALA A 460 -4.25 21.22 32.38
CA ALA A 460 -5.20 22.24 31.86
C ALA A 460 -5.24 22.44 30.33
N HIS A 461 -4.10 22.30 29.67
CA HIS A 461 -3.98 22.41 28.21
C HIS A 461 -4.74 21.33 27.41
N VAL A 462 -5.11 20.25 28.08
CA VAL A 462 -5.74 19.10 27.46
C VAL A 462 -7.18 19.42 27.00
N GLY A 463 -7.84 20.31 27.77
CA GLY A 463 -9.19 20.73 27.47
C GLY A 463 -10.29 19.79 28.00
N ARG A 464 -11.51 20.29 27.93
CA ARG A 464 -12.66 19.51 28.39
C ARG A 464 -13.84 19.90 27.54
N PRO A 465 -14.35 19.01 26.72
CA PRO A 465 -13.83 17.64 26.55
C PRO A 465 -12.42 17.58 25.87
N ALA A 466 -11.66 16.54 26.18
CA ALA A 466 -10.33 16.31 25.64
C ALA A 466 -10.40 15.55 24.33
N ALA A 467 -9.29 15.52 23.62
CA ALA A 467 -9.28 14.87 22.33
C ALA A 467 -9.52 13.35 22.39
N TYR A 468 -10.30 12.85 21.43
CA TYR A 468 -10.67 11.42 21.31
C TYR A 468 -9.56 10.73 20.53
N VAL A 469 -8.57 10.22 21.25
CA VAL A 469 -7.30 9.83 20.61
C VAL A 469 -7.46 8.68 19.59
N ASP A 470 -8.19 7.62 19.94
CA ASP A 470 -8.40 6.49 19.03
C ASP A 470 -8.96 7.00 17.71
N GLN A 471 -9.81 8.03 17.75
CA GLN A 471 -10.46 8.55 16.53
C GLN A 471 -9.48 9.36 15.70
N LEU A 472 -8.59 10.13 16.35
CA LEU A 472 -7.49 10.73 15.63
C LEU A 472 -6.66 9.64 14.93
N LEU A 473 -6.27 8.61 15.69
CA LEU A 473 -5.43 7.55 15.11
C LEU A 473 -6.14 6.83 14.00
N ILE A 474 -7.40 6.48 14.18
CA ILE A 474 -8.14 5.73 13.16
C ILE A 474 -8.35 6.61 11.93
N GLY A 475 -8.53 7.91 12.15
CA GLY A 475 -8.66 8.83 11.02
C GLY A 475 -7.38 9.26 10.32
N GLY A 476 -6.20 8.73 10.68
CA GLY A 476 -4.94 8.99 9.90
C GLY A 476 -4.07 10.14 10.40
N GLN A 477 -4.38 10.63 11.60
CA GLN A 477 -3.71 11.76 12.19
C GLN A 477 -2.73 11.30 13.28
N GLY A 478 -1.81 12.21 13.62
CA GLY A 478 -0.73 11.93 14.53
C GLY A 478 0.43 11.38 13.72
N GLY A 479 1.62 11.50 14.30
CA GLY A 479 2.84 11.09 13.69
C GLY A 479 3.62 10.07 14.49
N VAL A 480 3.79 10.33 15.78
CA VAL A 480 4.54 9.39 16.68
C VAL A 480 3.61 9.04 17.85
N HIS A 481 3.63 7.77 18.25
CA HIS A 481 2.85 7.29 19.34
C HIS A 481 3.78 6.70 20.37
N HIS A 482 3.76 7.24 21.59
CA HIS A 482 4.37 6.63 22.81
C HIS A 482 3.30 5.95 23.65
N ILE A 483 3.46 4.66 23.84
CA ILE A 483 2.50 3.83 24.52
C ILE A 483 3.19 3.30 25.79
N TRP A 484 2.66 3.62 26.97
CA TRP A 484 3.23 3.17 28.23
C TRP A 484 2.19 2.31 29.03
N GLY A 485 2.48 1.03 29.25
CA GLY A 485 1.74 0.25 30.20
C GLY A 485 0.26 0.03 29.94
N CYS A 486 -0.12 -0.07 28.65
CA CYS A 486 -1.47 -0.40 28.27
C CYS A 486 -1.47 -1.03 26.88
N ASP A 487 -2.51 -1.78 26.54
CA ASP A 487 -2.46 -2.60 25.28
C ASP A 487 -3.82 -2.55 24.58
N HIS A 488 -4.02 -1.47 23.82
CA HIS A 488 -5.32 -1.16 23.20
C HIS A 488 -5.85 -2.28 22.34
N TYR A 489 -4.96 -3.06 21.76
CA TYR A 489 -5.30 -4.27 20.99
C TYR A 489 -6.24 -5.21 21.75
N LYS A 490 -6.09 -5.24 23.06
CA LYS A 490 -6.92 -6.09 23.90
C LYS A 490 -8.04 -5.37 24.63
N THR A 491 -7.87 -4.07 24.91
CA THR A 491 -8.70 -3.36 25.85
C THR A 491 -9.36 -2.03 25.40
N THR A 492 -9.09 -1.51 24.21
CA THR A 492 -9.80 -0.30 23.81
C THR A 492 -11.17 -0.63 23.23
N LEU A 493 -11.97 0.40 23.00
CA LEU A 493 -13.27 0.21 22.43
C LEU A 493 -13.10 0.18 20.93
N ASN A 494 -14.06 -0.37 20.19
CA ASN A 494 -14.00 -0.36 18.74
C ASN A 494 -12.64 -0.90 18.30
N ALA A 495 -12.25 -1.98 18.97
CA ALA A 495 -10.93 -2.44 18.90
C ALA A 495 -10.64 -3.12 17.59
N HIS A 496 -11.66 -3.62 16.88
CA HIS A 496 -11.39 -4.30 15.60
C HIS A 496 -10.95 -3.29 14.57
N GLU A 497 -11.75 -2.23 14.41
CA GLU A 497 -11.35 -1.12 13.54
C GLU A 497 -10.01 -0.54 13.99
N PHE A 498 -9.83 -0.31 15.29
CA PHE A 498 -8.56 0.24 15.77
C PHE A 498 -7.33 -0.56 15.25
N LYS A 499 -7.39 -1.87 15.41
CA LYS A 499 -6.37 -2.78 14.99
C LYS A 499 -6.12 -2.77 13.44
N ARG A 500 -7.17 -2.74 12.63
CA ARG A 500 -6.99 -2.70 11.17
C ARG A 500 -6.17 -1.49 10.74
N VAL A 501 -6.53 -0.33 11.28
CA VAL A 501 -5.90 0.92 10.88
C VAL A 501 -4.51 1.04 11.47
N TYR A 502 -4.40 0.69 12.75
CA TYR A 502 -3.14 0.76 13.45
C TYR A 502 -2.08 -0.10 12.71
N LYS A 503 -2.48 -1.28 12.26
CA LYS A 503 -1.55 -2.17 11.60
C LYS A 503 -1.06 -1.54 10.29
N LYS A 504 -2.03 -1.12 9.48
CA LYS A 504 -1.77 -0.42 8.21
C LYS A 504 -0.81 0.76 8.40
N ARG A 505 -1.11 1.66 9.37
CA ARG A 505 -0.23 2.87 9.51
C ARG A 505 1.20 2.55 9.99
N THR A 506 1.33 1.59 10.92
CA THR A 506 2.61 1.17 11.40
C THR A 506 3.39 0.35 10.32
N ASP A 507 2.67 -0.42 9.50
CA ASP A 507 3.28 -1.14 8.40
C ASP A 507 3.99 -0.23 7.44
N MET A 508 3.43 0.98 7.25
CA MET A 508 4.04 1.93 6.33
C MET A 508 5.42 2.30 6.84
N VAL A 509 5.50 2.64 8.12
CA VAL A 509 6.79 2.96 8.74
C VAL A 509 7.74 1.74 8.75
N LYS A 510 7.20 0.56 8.96
CA LYS A 510 8.02 -0.65 8.98
C LYS A 510 8.64 -0.89 7.62
N ASP A 511 7.80 -0.76 6.57
CA ASP A 511 8.28 -0.98 5.20
C ASP A 511 9.37 0.04 4.85
N ALA A 512 9.26 1.25 5.37
CA ALA A 512 10.30 2.27 5.09
C ALA A 512 11.59 1.96 5.85
N MET A 513 11.44 1.52 7.09
CA MET A 513 12.58 1.13 7.90
C MET A 513 13.35 0.00 7.32
N SER A 514 12.66 -1.03 6.85
CA SER A 514 13.32 -2.22 6.34
C SER A 514 14.11 -1.93 5.06
N ALA A 515 13.76 -0.85 4.33
CA ALA A 515 14.43 -0.50 3.07
C ALA A 515 15.50 0.55 3.16
N ALA A 516 15.72 1.13 4.35
CA ALA A 516 16.68 2.18 4.56
C ALA A 516 17.84 1.67 5.36
N PRO A 517 18.99 2.35 5.30
CA PRO A 517 20.11 1.77 6.00
C PRO A 517 20.12 2.23 7.47
N TYR A 518 20.23 1.30 8.41
CA TYR A 518 20.18 1.69 9.82
C TYR A 518 21.47 2.39 10.31
N GLY A 519 22.59 1.97 9.77
CA GLY A 519 23.88 2.48 10.19
C GLY A 519 24.13 3.90 9.79
N ASP A 520 23.31 4.41 8.86
CA ASP A 520 23.23 5.83 8.52
C ASP A 520 21.93 6.29 9.16
N ARG A 521 22.04 6.73 10.41
CA ARG A 521 20.88 6.94 11.24
C ARG A 521 20.05 8.10 10.72
N GLU A 522 20.71 9.12 10.18
CA GLU A 522 20.00 10.27 9.67
C GLU A 522 19.16 9.82 8.49
N ALA A 523 19.62 8.82 7.73
CA ALA A 523 18.84 8.34 6.61
C ALA A 523 17.62 7.54 7.11
N MET A 524 17.83 6.74 8.14
CA MET A 524 16.77 6.02 8.83
C MET A 524 15.65 6.95 9.34
N VAL A 525 16.04 7.98 10.07
CA VAL A 525 15.13 8.99 10.62
C VAL A 525 14.33 9.67 9.52
N ASN A 526 14.99 10.06 8.44
CA ASN A 526 14.34 10.70 7.29
C ASN A 526 13.33 9.79 6.61
N ALA A 527 13.64 8.50 6.51
CA ALA A 527 12.73 7.50 5.90
C ALA A 527 11.50 7.31 6.75
N ILE A 528 11.74 7.32 8.06
CA ILE A 528 10.66 7.24 9.02
C ILE A 528 9.78 8.48 8.92
N VAL A 529 10.39 9.66 8.93
CA VAL A 529 9.59 10.88 8.89
C VAL A 529 8.78 11.01 7.57
N ASP A 530 9.38 10.60 6.45
CA ASP A 530 8.70 10.66 5.14
C ASP A 530 7.47 9.72 5.17
N ALA A 531 7.66 8.54 5.76
CA ALA A 531 6.59 7.57 5.87
C ALA A 531 5.45 8.09 6.75
N ILE A 532 5.79 8.79 7.83
CA ILE A 532 4.81 9.47 8.66
C ILE A 532 4.06 10.55 7.85
N ASN A 533 4.80 11.35 7.07
CA ASN A 533 4.13 12.41 6.29
C ASN A 533 3.16 11.82 5.28
N GLN A 534 3.40 10.59 4.81
CA GLN A 534 2.47 9.91 3.89
C GLN A 534 1.22 9.30 4.56
N GLY A 535 1.17 9.34 5.88
CA GLY A 535 0.05 8.79 6.65
C GLY A 535 0.48 7.71 7.63
N GLY A 536 1.79 7.43 7.75
CA GLY A 536 2.22 6.36 8.65
C GLY A 536 2.16 6.79 10.10
N LEU A 537 2.53 5.85 10.99
CA LEU A 537 2.70 6.16 12.40
C LEU A 537 3.88 5.39 12.92
N PHE A 538 4.79 6.07 13.62
CA PHE A 538 5.94 5.48 14.30
C PHE A 538 5.56 5.34 15.75
N ALA A 539 5.77 4.16 16.32
CA ALA A 539 5.12 3.74 17.53
C ALA A 539 6.14 3.11 18.46
N VAL A 540 6.17 3.56 19.70
CA VAL A 540 7.18 3.12 20.66
C VAL A 540 6.40 2.53 21.83
N ASN A 541 6.81 1.33 22.27
CA ASN A 541 6.12 0.67 23.38
C ASN A 541 7.00 0.59 24.65
N VAL A 542 6.52 1.09 25.79
CA VAL A 542 7.16 0.83 27.08
C VAL A 542 6.34 -0.20 27.86
N ASP A 543 6.96 -1.37 28.16
CA ASP A 543 6.24 -2.44 28.72
C ASP A 543 7.19 -3.44 29.37
N ILE A 544 6.59 -4.45 29.97
CA ILE A 544 7.33 -5.53 30.58
C ILE A 544 7.29 -6.85 29.81
N ILE A 545 6.44 -6.97 28.80
CA ILE A 545 6.30 -8.21 27.99
C ILE A 545 6.13 -7.82 26.54
N PRO A 546 6.26 -8.79 25.58
CA PRO A 546 5.83 -8.45 24.22
C PRO A 546 4.31 -8.32 24.18
N THR A 547 3.79 -7.13 23.93
CA THR A 547 2.37 -6.88 23.92
C THR A 547 1.78 -7.14 22.55
N LYS A 548 0.44 -7.12 22.49
CA LYS A 548 -0.29 -7.23 21.21
C LYS A 548 -0.12 -5.98 20.34
N ILE A 549 -0.34 -4.80 20.90
CA ILE A 549 -0.06 -3.58 20.14
C ILE A 549 1.45 -3.50 19.82
N GLY A 550 2.28 -4.05 20.69
CA GLY A 550 3.71 -4.10 20.51
C GLY A 550 4.13 -4.74 19.24
N GLU A 551 3.35 -5.70 18.73
CA GLU A 551 3.62 -6.32 17.45
C GLU A 551 3.50 -5.36 16.28
N ALA A 552 2.92 -4.17 16.50
CA ALA A 552 2.85 -3.14 15.48
C ALA A 552 3.92 -2.11 15.70
N CYS A 553 4.66 -2.17 16.80
CA CYS A 553 5.56 -1.07 17.15
C CYS A 553 6.96 -1.23 16.56
N HIS A 554 7.67 -0.12 16.53
CA HIS A 554 8.96 -0.01 15.88
C HIS A 554 10.12 0.07 16.88
N VAL A 555 9.85 0.48 18.10
CA VAL A 555 10.82 0.38 19.16
C VAL A 555 10.12 -0.11 20.38
N ILE A 556 10.78 -0.99 21.12
CA ILE A 556 10.23 -1.47 22.40
C ILE A 556 11.24 -1.21 23.53
N LEU A 557 10.80 -0.64 24.64
CA LEU A 557 11.68 -0.31 25.74
C LEU A 557 11.25 -1.14 26.97
N PRO A 558 12.18 -1.88 27.60
CA PRO A 558 11.84 -2.75 28.68
C PRO A 558 11.77 -2.09 30.04
N ALA A 559 10.63 -2.25 30.66
CA ALA A 559 10.35 -1.62 31.94
C ALA A 559 10.51 -2.66 33.05
N ALA A 560 10.84 -2.15 34.22
CA ALA A 560 10.88 -2.90 35.46
C ALA A 560 9.63 -2.51 36.25
N THR A 561 8.95 -3.46 36.86
CA THR A 561 7.69 -3.19 37.59
C THR A 561 7.81 -3.33 39.15
N SER A 562 6.71 -3.15 39.90
CA SER A 562 6.75 -3.12 41.36
C SER A 562 7.43 -4.36 41.89
N GLY A 563 8.26 -4.16 42.91
CA GLY A 563 9.01 -5.27 43.52
C GLY A 563 10.44 -5.31 42.96
N GLU A 564 10.57 -4.97 41.69
CA GLU A 564 11.87 -4.80 41.02
C GLU A 564 12.35 -3.38 41.18
N MET A 565 11.47 -2.55 41.75
CA MET A 565 11.73 -1.16 42.09
C MET A 565 10.95 -0.90 43.36
N ASN A 566 11.22 0.23 43.99
CA ASN A 566 10.38 0.71 45.07
C ASN A 566 9.22 1.44 44.40
N LEU A 567 8.06 1.38 45.05
CA LEU A 567 6.82 1.92 44.49
C LEU A 567 5.79 2.34 45.57
N THR A 568 5.16 3.49 45.36
CA THR A 568 4.17 4.04 46.28
C THR A 568 2.83 4.18 45.56
N SER A 569 1.76 3.90 46.29
CA SER A 569 0.36 4.04 45.81
C SER A 569 -0.54 3.93 47.03
N MET A 570 -1.81 4.24 46.81
CA MET A 570 -2.85 4.11 47.82
C MET A 570 -3.98 3.19 47.31
N ASN A 571 -4.77 2.65 48.24
CA ASN A 571 -5.90 1.77 47.93
C ASN A 571 -7.21 2.55 47.92
N GLY A 572 -8.33 1.85 47.93
CA GLY A 572 -9.62 2.53 47.75
C GLY A 572 -10.16 3.24 48.99
N GLU A 573 -9.32 3.29 49.98
CA GLU A 573 -9.50 3.89 51.28
C GLU A 573 -8.44 5.02 51.49
N ARG A 574 -7.70 5.32 50.39
CA ARG A 574 -6.54 6.23 50.38
C ARG A 574 -5.35 5.78 51.26
N ARG A 575 -5.20 4.48 51.43
CA ARG A 575 -4.13 3.96 52.27
C ARG A 575 -2.85 3.84 51.44
N MET A 576 -1.95 4.79 51.65
CA MET A 576 -0.65 4.88 51.00
C MET A 576 0.37 3.97 51.72
N ARG A 577 0.98 3.05 50.93
CA ARG A 577 2.07 2.17 51.38
C ARG A 577 3.21 2.27 50.40
N LEU A 578 4.39 1.87 50.87
CA LEU A 578 5.60 1.76 50.07
C LEU A 578 5.83 0.29 49.85
N THR A 579 5.98 -0.08 48.59
CA THR A 579 6.36 -1.45 48.29
C THR A 579 7.91 -1.39 48.22
N GLU A 580 8.60 -2.15 49.08
CA GLU A 580 10.07 -2.11 49.14
C GLU A 580 10.67 -3.10 48.13
N ARG A 581 11.55 -2.58 47.31
CA ARG A 581 12.18 -3.42 46.32
C ARG A 581 12.83 -4.67 46.93
N TYR A 582 12.52 -5.84 46.38
CA TYR A 582 13.08 -7.14 46.82
C TYR A 582 13.85 -7.95 45.77
N MET A 583 13.88 -7.47 44.53
CA MET A 583 14.51 -8.15 43.41
C MET A 583 14.99 -7.20 42.36
N ASP A 584 15.76 -7.74 41.42
CA ASP A 584 16.33 -6.96 40.31
C ASP A 584 15.41 -6.93 39.08
N PRO A 585 15.44 -5.83 38.32
CA PRO A 585 14.78 -5.77 37.05
C PRO A 585 15.37 -6.83 36.12
N PRO A 586 14.54 -7.55 35.33
CA PRO A 586 15.12 -8.50 34.38
C PRO A 586 16.03 -7.83 33.37
N GLY A 587 17.17 -8.45 33.05
CA GLY A 587 18.12 -7.89 32.09
C GLY A 587 18.40 -6.40 32.25
N GLN A 588 18.17 -5.63 31.19
CA GLN A 588 18.39 -4.16 31.26
C GLN A 588 17.15 -3.31 31.46
N SER A 589 16.08 -3.95 31.93
CA SER A 589 14.84 -3.26 32.09
C SER A 589 14.99 -2.16 33.20
N MET A 590 14.23 -1.09 33.06
CA MET A 590 14.37 0.02 33.96
C MET A 590 13.00 0.59 34.37
N PRO A 591 12.90 1.19 35.58
CA PRO A 591 11.55 1.63 36.01
C PRO A 591 11.01 2.68 35.06
N ASP A 592 9.69 2.79 34.91
CA ASP A 592 9.10 3.75 33.96
C ASP A 592 9.53 5.19 34.22
N CYS A 593 9.58 5.62 35.48
CA CYS A 593 10.03 7.01 35.80
C CYS A 593 11.44 7.30 35.29
N LEU A 594 12.31 6.29 35.27
CA LEU A 594 13.66 6.52 34.82
C LEU A 594 13.78 6.43 33.33
N ILE A 595 12.96 5.60 32.70
CA ILE A 595 12.82 5.62 31.26
C ILE A 595 12.37 6.99 30.76
N ALA A 596 11.32 7.52 31.39
CA ALA A 596 10.89 8.89 31.10
C ALA A 596 11.99 9.92 31.26
N ALA A 597 12.71 9.88 32.38
CA ALA A 597 13.85 10.76 32.58
C ALA A 597 14.97 10.58 31.53
N ARG A 598 15.32 9.35 31.19
CA ARG A 598 16.35 9.17 30.15
C ARG A 598 15.87 9.60 28.83
N LEU A 599 14.58 9.43 28.61
CA LEU A 599 13.99 9.95 27.39
C LEU A 599 14.02 11.46 27.42
N ALA A 600 13.64 12.08 28.54
CA ALA A 600 13.81 13.53 28.66
C ALA A 600 15.28 13.98 28.34
N ASN A 601 16.28 13.31 28.90
CA ASN A 601 17.70 13.70 28.72
C ASN A 601 18.10 13.59 27.26
N THR A 602 17.58 12.55 26.60
CA THR A 602 17.90 12.30 25.20
C THR A 602 17.23 13.35 24.37
N MET A 603 16.05 13.79 24.73
CA MET A 603 15.36 14.85 23.96
C MET A 603 16.16 16.16 24.10
N GLU A 604 16.67 16.45 25.31
CA GLU A 604 17.46 17.66 25.54
C GLU A 604 18.67 17.62 24.67
N ARG A 605 19.40 16.51 24.69
CA ARG A 605 20.57 16.36 23.84
C ARG A 605 20.24 16.50 22.37
N VAL A 606 19.17 15.86 21.90
CA VAL A 606 18.89 15.78 20.47
C VAL A 606 18.43 17.13 20.01
N LEU A 607 17.57 17.78 20.79
CA LEU A 607 17.10 19.10 20.38
C LEU A 607 18.24 20.12 20.39
N THR A 608 19.17 19.97 21.34
CA THR A 608 20.33 20.86 21.45
C THR A 608 21.12 20.74 20.15
N GLU A 609 21.40 19.49 19.75
CA GLU A 609 22.17 19.21 18.53
C GLU A 609 21.48 19.80 17.29
N MET A 610 20.15 19.82 17.28
CA MET A 610 19.35 20.40 16.17
C MET A 610 19.35 21.92 16.14
N GLY A 611 19.80 22.53 17.21
CA GLY A 611 19.81 23.98 17.30
C GLY A 611 18.61 24.59 18.00
N ASP A 612 17.68 23.78 18.48
CA ASP A 612 16.54 24.33 19.20
C ASP A 612 16.81 24.33 20.71
N VAL A 613 17.74 25.21 21.12
CA VAL A 613 18.22 25.23 22.51
C VAL A 613 17.21 25.66 23.56
N GLY A 614 16.32 26.60 23.22
CA GLY A 614 15.24 27.04 24.15
C GLY A 614 14.22 25.93 24.43
N TYR A 615 13.87 25.19 23.38
CA TYR A 615 13.00 24.04 23.50
C TYR A 615 13.69 22.91 24.28
N ALA A 616 14.94 22.64 23.94
CA ALA A 616 15.74 21.66 24.67
C ALA A 616 15.74 21.89 26.16
N ALA A 617 15.79 23.15 26.60
CA ALA A 617 15.90 23.45 28.04
C ALA A 617 14.64 23.12 28.84
N GLN A 618 13.50 23.06 28.15
CA GLN A 618 12.28 22.62 28.77
C GLN A 618 12.37 21.17 29.28
N PHE A 619 13.28 20.36 28.73
CA PHE A 619 13.50 18.95 29.14
C PHE A 619 14.51 18.73 30.28
N LYS A 620 15.00 19.80 30.91
CA LYS A 620 15.78 19.67 32.15
C LYS A 620 14.86 19.26 33.29
N GLY A 621 15.44 19.00 34.46
CA GLY A 621 14.66 18.58 35.65
C GLY A 621 14.42 17.08 35.73
N PHE A 622 15.26 16.32 35.03
CA PHE A 622 15.20 14.90 35.03
C PHE A 622 16.55 14.26 35.29
N ASP A 623 17.32 14.77 36.26
CA ASP A 623 18.59 14.15 36.64
C ASP A 623 18.40 12.91 37.53
N TRP A 624 17.25 12.24 37.53
CA TRP A 624 16.98 11.11 38.50
C TRP A 624 17.84 9.86 38.27
N GLN A 625 18.31 9.21 39.33
CA GLN A 625 19.12 7.96 39.24
C GLN A 625 18.42 6.74 39.80
N THR A 626 17.41 6.97 40.61
CA THR A 626 16.68 5.93 41.29
C THR A 626 15.27 6.47 41.40
N GLU A 627 14.31 5.57 41.57
CA GLU A 627 12.90 5.95 41.61
C GLU A 627 12.54 6.86 42.77
N GLU A 628 13.22 6.72 43.90
CA GLU A 628 13.00 7.66 45.00
C GLU A 628 13.19 9.14 44.57
N ASP A 629 14.08 9.41 43.63
CA ASP A 629 14.22 10.75 43.14
C ASP A 629 12.94 11.28 42.46
N ALA A 630 12.20 10.42 41.73
CA ALA A 630 10.89 10.79 41.15
C ALA A 630 9.78 10.93 42.24
N PHE A 631 9.85 10.08 43.26
CA PHE A 631 8.98 10.26 44.43
C PHE A 631 9.14 11.63 45.03
N MET A 632 10.40 12.08 45.21
CA MET A 632 10.68 13.31 45.92
C MET A 632 10.38 14.52 45.10
N ASP A 633 10.65 14.45 43.80
CA ASP A 633 10.29 15.55 42.90
C ASP A 633 8.79 15.65 42.65
N GLY A 634 8.08 14.51 42.76
CA GLY A 634 6.66 14.47 42.46
C GLY A 634 5.84 14.52 43.73
N TYR A 635 5.51 13.38 44.30
CA TYR A 635 4.60 13.32 45.44
C TYR A 635 4.97 14.34 46.57
N ASN A 636 6.23 14.28 47.00
CA ASN A 636 6.70 15.00 48.16
C ASN A 636 6.57 16.52 47.98
N LYS A 637 6.87 17.03 46.80
CA LYS A 637 6.75 18.46 46.51
C LYS A 637 5.35 18.85 46.11
N ASN A 638 4.49 17.93 45.65
CA ASN A 638 3.18 18.34 45.05
C ASN A 638 1.92 17.80 45.69
N ALA A 639 1.94 16.67 46.40
CA ALA A 639 0.70 16.14 46.95
C ALA A 639 0.40 16.94 48.20
N HIS A 640 -0.89 17.06 48.56
CA HIS A 640 -1.32 17.71 49.82
C HIS A 640 -0.83 16.82 50.94
N GLY A 641 -0.05 17.42 51.85
CA GLY A 641 0.62 16.68 52.89
C GLY A 641 1.90 16.00 52.46
N GLY A 642 2.34 16.18 51.21
CA GLY A 642 3.54 15.53 50.72
C GLY A 642 4.78 15.71 51.59
N GLU A 643 4.94 16.93 52.11
CA GLU A 643 6.12 17.28 52.88
C GLU A 643 6.31 16.33 54.05
N PHE A 644 5.27 15.63 54.51
CA PHE A 644 5.35 14.71 55.65
C PHE A 644 5.78 13.32 55.31
N VAL A 645 5.83 12.98 54.03
CA VAL A 645 6.02 11.58 53.59
C VAL A 645 7.37 11.35 52.92
N THR A 646 8.09 10.33 53.34
CA THR A 646 9.36 9.95 52.71
C THR A 646 9.38 8.44 52.69
N TYR A 647 10.26 7.83 51.88
CA TYR A 647 10.40 6.35 51.90
C TYR A 647 10.68 5.80 53.28
N GLU A 648 11.63 6.39 53.97
CA GLU A 648 11.99 5.91 55.33
C GLU A 648 10.82 5.93 56.34
N ARG A 649 10.07 7.02 56.33
CA ARG A 649 8.87 7.15 57.14
C ARG A 649 7.73 6.18 56.74
N LEU A 650 7.45 6.08 55.43
CA LEU A 650 6.51 5.06 54.97
C LEU A 650 6.90 3.64 55.38
N SER A 651 8.14 3.26 55.12
CA SER A 651 8.64 1.95 55.49
C SER A 651 8.36 1.55 56.96
N ALA A 652 8.50 2.52 57.87
CA ALA A 652 8.27 2.26 59.28
C ALA A 652 6.78 2.02 59.60
N MET A 653 5.86 2.61 58.81
CA MET A 653 4.45 2.38 58.99
C MET A 653 4.03 0.96 58.55
N GLY A 654 4.86 0.29 57.75
CA GLY A 654 4.58 -1.11 57.32
C GLY A 654 3.43 -1.13 56.32
N THR A 655 2.80 -2.31 56.20
CA THR A 655 1.66 -2.54 55.24
C THR A 655 0.38 -1.79 55.60
N ASN A 656 0.29 -1.29 56.83
CA ASN A 656 -0.79 -0.47 57.25
C ASN A 656 -0.65 0.99 56.80
N GLY A 657 0.55 1.41 56.49
CA GLY A 657 0.77 2.77 55.97
C GLY A 657 -0.01 3.85 56.72
N PHE A 658 -0.50 4.81 55.98
CA PHE A 658 -1.43 5.80 56.52
C PHE A 658 -2.44 6.15 55.43
N GLN A 659 -3.53 6.84 55.80
CA GLN A 659 -4.56 7.24 54.86
C GLN A 659 -4.38 8.69 54.46
N GLU A 660 -4.35 8.96 53.15
CA GLU A 660 -4.08 10.29 52.62
C GLU A 660 -5.28 11.20 52.79
N PRO A 661 -5.08 12.54 52.88
CA PRO A 661 -3.73 13.19 52.90
C PRO A 661 -3.04 13.08 54.26
N ALA A 662 -1.71 13.07 54.26
CA ALA A 662 -0.97 13.24 55.55
C ALA A 662 -1.27 14.63 56.10
N THR A 663 -1.49 14.73 57.41
CA THR A 663 -1.69 16.00 58.08
C THR A 663 -0.45 16.33 58.91
N GLY A 664 0.41 15.34 59.17
CA GLY A 664 1.55 15.60 59.96
C GLY A 664 2.31 14.35 60.28
N PHE A 665 3.37 14.56 61.08
CA PHE A 665 4.31 13.51 61.46
C PHE A 665 4.75 13.65 62.94
N THR A 666 4.47 12.67 63.80
CA THR A 666 4.80 12.75 65.22
C THR A 666 5.23 11.40 65.74
N ASP A 667 6.34 11.36 66.48
CA ASP A 667 6.68 10.20 67.28
C ASP A 667 6.78 8.98 66.32
N GLY A 668 7.54 9.18 65.24
CA GLY A 668 7.68 8.18 64.15
C GLY A 668 6.46 7.72 63.32
N LYS A 669 5.36 8.47 63.33
CA LYS A 669 4.10 8.09 62.63
C LYS A 669 3.57 9.21 61.75
N ILE A 670 3.42 8.91 60.46
CA ILE A 670 2.71 9.79 59.54
C ILE A 670 1.24 9.70 59.94
N GLU A 671 0.69 10.86 60.28
CA GLU A 671 -0.67 11.03 60.68
C GLU A 671 -1.49 11.29 59.46
N GLY A 672 -2.68 10.68 59.44
CA GLY A 672 -3.59 10.74 58.25
C GLY A 672 -5.08 11.00 58.47
N THR A 673 -5.85 10.75 57.41
CA THR A 673 -7.23 11.15 57.31
C THR A 673 -8.10 9.94 57.06
N GLN A 674 -8.96 9.62 58.02
CA GLN A 674 -9.71 8.37 58.00
C GLN A 674 -10.84 8.45 56.95
N ARG A 675 -11.55 9.57 56.96
CA ARG A 675 -12.63 9.88 56.02
C ARG A 675 -12.48 11.32 55.54
N LEU A 676 -12.96 11.57 54.34
CA LEU A 676 -13.04 12.94 53.84
C LEU A 676 -14.36 13.53 54.23
N TYR A 677 -14.38 14.86 54.21
CA TYR A 677 -15.61 15.64 54.35
C TYR A 677 -16.32 15.51 55.72
N THR A 678 -15.59 15.19 56.81
CA THR A 678 -16.22 15.00 58.11
C THR A 678 -16.76 16.33 58.67
N ASP A 679 -16.21 17.43 58.24
CA ASP A 679 -16.71 18.78 58.58
C ASP A 679 -17.82 19.31 57.64
N GLY A 680 -18.28 18.50 56.68
CA GLY A 680 -19.27 18.98 55.71
C GLY A 680 -18.79 20.00 54.68
N VAL A 681 -17.47 20.18 54.54
CA VAL A 681 -16.88 21.16 53.62
C VAL A 681 -16.33 20.43 52.39
N PHE A 682 -17.01 20.62 51.26
CA PHE A 682 -16.79 19.82 50.06
C PHE A 682 -15.76 20.50 49.14
N SER A 683 -15.32 19.78 48.10
CA SER A 683 -14.22 20.17 47.21
C SER A 683 -14.73 21.06 46.07
N THR A 684 -15.37 22.18 46.45
CA THR A 684 -15.77 23.26 45.54
C THR A 684 -15.28 24.61 46.12
N ASP A 685 -15.38 25.68 45.35
CA ASP A 685 -14.92 26.99 45.86
C ASP A 685 -15.69 27.43 47.13
N ASP A 686 -17.02 27.27 47.13
CA ASP A 686 -17.84 27.70 48.27
C ASP A 686 -17.96 26.63 49.40
N GLY A 687 -17.25 25.51 49.32
CA GLY A 687 -17.42 24.41 50.28
C GLY A 687 -18.74 23.62 50.24
N LYS A 688 -19.70 23.98 49.39
CA LYS A 688 -20.99 23.30 49.35
C LYS A 688 -21.02 22.23 48.23
N ALA A 689 -21.59 21.05 48.55
CA ALA A 689 -21.80 20.00 47.54
C ALA A 689 -22.96 20.42 46.67
N ARG A 690 -22.92 20.13 45.38
CA ARG A 690 -24.09 20.34 44.51
C ARG A 690 -24.75 18.98 44.30
N PHE A 691 -26.07 19.00 44.22
CA PHE A 691 -26.87 17.92 43.68
C PHE A 691 -26.83 18.05 42.13
N MET A 692 -27.38 17.04 41.46
CA MET A 692 -27.45 17.05 39.99
C MET A 692 -28.87 16.77 39.51
N ASP A 693 -29.42 17.81 38.87
CA ASP A 693 -30.58 17.71 38.00
C ASP A 693 -30.19 16.93 36.74
N ALA A 694 -30.62 15.68 36.67
CA ALA A 694 -29.99 14.66 35.85
C ALA A 694 -31.05 13.75 35.19
N PRO A 695 -31.90 14.30 34.34
CA PRO A 695 -33.01 13.50 33.84
C PRO A 695 -32.62 12.37 32.89
N TRP A 696 -33.31 11.25 33.06
CA TRP A 696 -33.27 10.17 32.11
C TRP A 696 -33.51 10.66 30.65
N ARG A 697 -32.66 10.22 29.72
CA ARG A 697 -32.80 10.56 28.27
C ARG A 697 -32.43 9.35 27.38
N GLY A 698 -32.68 8.14 27.86
CA GLY A 698 -32.44 6.92 27.11
C GLY A 698 -30.96 6.50 27.07
N LEU A 699 -30.64 5.68 26.05
CA LEU A 699 -29.26 5.32 25.80
C LEU A 699 -28.61 6.54 25.18
N GLN A 700 -27.66 7.15 25.88
CA GLN A 700 -27.10 8.46 25.47
C GLN A 700 -26.07 8.39 24.35
N ALA A 701 -25.23 7.36 24.34
CA ALA A 701 -24.12 7.33 23.38
C ALA A 701 -24.60 7.00 21.97
N PRO A 702 -24.01 7.67 20.94
CA PRO A 702 -24.43 7.50 19.53
C PRO A 702 -24.44 6.03 19.10
N GLY A 703 -25.49 5.62 18.40
CA GLY A 703 -25.55 4.27 17.88
C GLY A 703 -26.01 3.18 18.85
N LYS A 704 -26.08 3.46 20.14
CA LYS A 704 -26.35 2.41 21.07
C LYS A 704 -27.75 1.82 20.94
N GLN A 705 -28.76 2.69 20.80
CA GLN A 705 -30.15 2.20 20.61
C GLN A 705 -30.28 1.34 19.31
N GLN A 706 -29.70 1.81 18.22
CA GLN A 706 -29.64 1.07 16.97
C GLN A 706 -28.88 -0.27 17.13
N GLN A 707 -27.80 -0.29 17.87
CA GLN A 707 -27.08 -1.56 18.04
C GLN A 707 -27.95 -2.59 18.75
N LYS A 708 -28.59 -2.13 19.81
CA LYS A 708 -29.49 -2.94 20.60
C LYS A 708 -30.70 -3.48 19.81
N ASP A 709 -31.34 -2.60 19.04
CA ASP A 709 -32.48 -2.95 18.20
C ASP A 709 -32.18 -3.93 17.08
N SER A 710 -30.95 -4.00 16.59
CA SER A 710 -30.71 -4.71 15.35
C SER A 710 -29.82 -5.96 15.54
N HIS A 711 -29.65 -6.40 16.80
CA HIS A 711 -28.78 -7.55 17.17
C HIS A 711 -29.51 -8.33 18.26
N LYS A 712 -29.23 -9.61 18.34
CA LYS A 712 -30.03 -10.50 19.15
C LYS A 712 -29.70 -10.47 20.64
N TYR A 713 -28.41 -10.52 21.01
CA TYR A 713 -28.00 -10.64 22.41
C TYR A 713 -27.28 -9.40 22.99
N LEU A 714 -27.49 -9.12 24.28
CA LEU A 714 -26.58 -8.24 25.02
C LEU A 714 -25.23 -8.93 25.18
N ILE A 715 -24.16 -8.21 24.89
CA ILE A 715 -22.81 -8.70 25.17
C ILE A 715 -22.22 -7.91 26.33
N ASN A 716 -22.74 -8.24 27.51
CA ASN A 716 -22.19 -7.72 28.75
C ASN A 716 -20.74 -8.24 28.82
N ASN A 717 -19.89 -7.53 29.58
CA ASN A 717 -18.49 -7.77 29.57
C ASN A 717 -17.83 -7.28 30.83
N GLY A 718 -16.69 -7.89 31.12
CA GLY A 718 -16.09 -7.64 32.43
C GLY A 718 -15.16 -8.74 32.86
N ARG A 719 -14.94 -8.80 34.16
CA ARG A 719 -13.86 -9.57 34.74
C ARG A 719 -14.23 -10.95 35.08
N ALA A 720 -13.17 -11.74 35.25
CA ALA A 720 -13.22 -13.00 35.92
C ALA A 720 -12.30 -12.94 37.13
N ASN A 721 -12.70 -13.59 38.20
CA ASN A 721 -11.86 -13.71 39.41
C ASN A 721 -10.43 -14.22 39.20
N VAL A 722 -10.29 -15.28 38.41
CA VAL A 722 -9.01 -15.92 38.21
C VAL A 722 -8.07 -15.12 37.32
N VAL A 723 -8.63 -14.31 36.42
CA VAL A 723 -7.85 -13.56 35.45
C VAL A 723 -7.53 -12.13 35.92
N TRP A 724 -6.25 -11.72 35.74
CA TRP A 724 -5.82 -10.34 35.98
C TRP A 724 -5.70 -9.55 34.68
N GLN A 725 -6.64 -8.64 34.49
CA GLN A 725 -6.56 -7.68 33.42
C GLN A 725 -6.46 -8.35 32.03
N SER A 726 -5.60 -7.88 31.16
CA SER A 726 -5.48 -8.46 29.82
C SER A 726 -4.59 -9.71 29.76
N ALA A 727 -4.38 -10.33 30.91
CA ALA A 727 -3.63 -11.56 31.06
C ALA A 727 -2.22 -11.42 30.55
N TYR A 728 -1.67 -10.22 30.69
CA TYR A 728 -0.29 -10.01 30.32
C TYR A 728 0.66 -10.98 31.03
N LEU A 729 0.55 -11.12 32.36
CA LEU A 729 1.32 -12.15 33.07
C LEU A 729 0.65 -13.50 32.98
N ASP A 730 -0.68 -13.46 33.01
CA ASP A 730 -1.43 -14.71 33.08
C ASP A 730 -1.24 -15.67 31.92
N GLN A 731 -0.94 -15.12 30.75
CA GLN A 731 -0.76 -15.98 29.56
C GLN A 731 0.45 -16.96 29.65
N GLU A 732 1.42 -16.70 30.54
CA GLU A 732 2.49 -17.63 30.84
C GLU A 732 2.31 -18.15 32.29
N ASN A 733 1.06 -18.24 32.73
CA ASN A 733 0.70 -18.86 33.97
C ASN A 733 -0.27 -19.98 33.66
N ASP A 734 0.16 -21.22 33.88
CA ASP A 734 -0.60 -22.38 33.47
C ASP A 734 -1.80 -22.62 34.33
N PHE A 735 -1.74 -22.24 35.59
CA PHE A 735 -2.94 -22.33 36.43
C PHE A 735 -4.09 -21.51 35.85
N VAL A 736 -3.83 -20.26 35.45
CA VAL A 736 -4.85 -19.44 34.79
C VAL A 736 -5.25 -19.99 33.41
N MET A 737 -4.31 -20.27 32.51
CA MET A 737 -4.65 -20.61 31.10
C MET A 737 -5.25 -22.01 30.91
N ASP A 738 -4.84 -22.95 31.75
CA ASP A 738 -5.49 -24.26 31.84
C ASP A 738 -6.98 -24.17 32.25
N ARG A 739 -7.34 -23.18 33.04
CA ARG A 739 -8.73 -22.95 33.38
C ARG A 739 -9.52 -22.34 32.23
N PHE A 740 -8.95 -21.35 31.53
CA PHE A 740 -9.68 -20.66 30.43
C PHE A 740 -8.70 -20.35 29.29
N PRO A 741 -8.45 -21.31 28.40
CA PRO A 741 -7.61 -21.06 27.24
C PRO A 741 -8.27 -20.10 26.28
N TYR A 742 -9.60 -20.06 26.24
CA TYR A 742 -10.33 -19.02 25.51
C TYR A 742 -11.09 -18.18 26.52
N PRO A 743 -11.44 -16.92 26.15
CA PRO A 743 -12.28 -16.19 27.04
C PRO A 743 -13.64 -16.87 27.06
N PHE A 744 -14.28 -16.95 28.22
CA PHE A 744 -15.63 -17.49 28.29
C PHE A 744 -16.65 -16.47 27.82
N ILE A 745 -17.73 -16.92 27.25
CA ILE A 745 -18.93 -16.16 27.17
C ILE A 745 -20.05 -16.94 27.86
N GLU A 746 -20.59 -16.36 28.94
CA GLU A 746 -21.61 -16.98 29.75
C GLU A 746 -22.85 -16.91 28.95
N MET A 747 -23.58 -18.02 28.86
CA MET A 747 -24.82 -18.07 28.09
C MET A 747 -25.83 -18.93 28.80
N ASN A 748 -27.04 -18.41 28.83
CA ASN A 748 -28.20 -19.13 29.31
C ASN A 748 -28.34 -20.46 28.54
N PRO A 749 -28.60 -21.59 29.24
CA PRO A 749 -28.54 -22.91 28.50
C PRO A 749 -29.57 -23.08 27.39
N GLU A 750 -30.72 -22.46 27.58
CA GLU A 750 -31.81 -22.45 26.58
C GLU A 750 -31.36 -21.62 25.41
N ASP A 751 -30.70 -20.47 25.69
CA ASP A 751 -30.11 -19.65 24.64
C ASP A 751 -29.11 -20.49 23.82
N MET A 752 -28.31 -21.27 24.50
CA MET A 752 -27.41 -22.21 23.84
C MET A 752 -28.13 -23.23 22.94
N ALA A 753 -29.18 -23.84 23.48
CA ALA A 753 -29.92 -24.91 22.79
C ALA A 753 -30.55 -24.36 21.51
N GLU A 754 -31.14 -23.19 21.61
CA GLU A 754 -31.81 -22.53 20.48
C GLU A 754 -30.86 -22.05 19.39
N ALA A 755 -29.60 -21.88 19.73
CA ALA A 755 -28.57 -21.50 18.79
C ALA A 755 -27.67 -22.71 18.44
N GLY A 756 -28.03 -23.88 18.93
CA GLY A 756 -27.37 -25.15 18.57
C GLY A 756 -25.96 -25.25 19.07
N LEU A 757 -25.72 -24.77 20.29
CA LEU A 757 -24.37 -24.68 20.83
C LEU A 757 -24.29 -25.57 22.03
N LYS A 758 -23.11 -26.05 22.29
CA LYS A 758 -22.81 -26.95 23.40
C LYS A 758 -21.73 -26.27 24.17
N GLU A 759 -21.60 -26.65 25.42
CA GLU A 759 -20.47 -26.26 26.22
C GLU A 759 -19.09 -26.43 25.53
N GLY A 760 -18.26 -25.39 25.63
CA GLY A 760 -16.94 -25.36 24.99
C GLY A 760 -16.91 -24.92 23.54
N ASP A 761 -18.05 -24.85 22.86
CA ASP A 761 -18.04 -24.45 21.46
C ASP A 761 -17.41 -23.08 21.28
N LEU A 762 -16.62 -22.96 20.22
CA LEU A 762 -15.96 -21.72 19.90
C LEU A 762 -16.92 -20.90 19.04
N VAL A 763 -17.32 -19.72 19.52
CA VAL A 763 -18.37 -18.93 18.83
C VAL A 763 -17.80 -17.60 18.44
N GLU A 764 -18.36 -17.06 17.39
CA GLU A 764 -18.06 -15.74 16.88
C GLU A 764 -19.13 -14.84 17.37
N ILE A 765 -18.73 -13.66 17.81
CA ILE A 765 -19.67 -12.65 18.26
C ILE A 765 -19.45 -11.54 17.27
N TYR A 766 -20.51 -11.00 16.68
CA TYR A 766 -20.35 -10.03 15.59
C TYR A 766 -21.48 -9.00 15.55
N ASN A 767 -21.16 -7.82 15.05
CA ASN A 767 -22.09 -6.72 14.94
C ASN A 767 -21.49 -5.68 14.00
N ASP A 768 -22.07 -4.50 13.93
CA ASP A 768 -21.57 -3.40 13.10
C ASP A 768 -20.13 -2.99 13.42
N ALA A 769 -19.63 -3.22 14.63
CA ALA A 769 -18.29 -2.71 15.01
C ALA A 769 -17.17 -3.69 14.67
N GLY A 770 -17.52 -4.97 14.67
CA GLY A 770 -16.62 -5.98 14.27
C GLY A 770 -17.00 -7.35 14.77
N ALA A 771 -16.02 -8.21 14.96
CA ALA A 771 -16.26 -9.60 15.33
C ALA A 771 -15.13 -10.07 16.22
N THR A 772 -15.41 -11.11 16.97
CA THR A 772 -14.41 -11.71 17.84
C THR A 772 -14.85 -13.15 18.15
N GLN A 773 -14.06 -13.83 18.98
CA GLN A 773 -14.37 -15.22 19.36
C GLN A 773 -14.39 -15.41 20.85
N ALA A 774 -15.21 -16.34 21.31
CA ALA A 774 -15.15 -16.78 22.68
C ALA A 774 -15.62 -18.23 22.81
N MET A 775 -15.55 -18.78 24.02
CA MET A 775 -15.97 -20.15 24.31
C MET A 775 -17.26 -20.16 25.14
N ALA A 776 -18.32 -20.82 24.65
CA ALA A 776 -19.63 -20.78 25.31
C ALA A 776 -19.53 -21.51 26.63
N TYR A 777 -19.97 -20.84 27.70
CA TYR A 777 -19.94 -21.43 29.04
C TYR A 777 -21.40 -21.42 29.52
N PRO A 778 -22.03 -22.60 29.63
CA PRO A 778 -23.42 -22.61 29.98
C PRO A 778 -23.56 -22.11 31.41
N THR A 779 -24.50 -21.19 31.58
CA THR A 779 -24.61 -20.43 32.83
C THR A 779 -26.07 -20.34 33.22
N PRO A 780 -26.52 -21.24 34.10
CA PRO A 780 -27.97 -21.18 34.39
C PRO A 780 -28.51 -19.87 34.96
N THR A 781 -27.68 -19.10 35.64
CA THR A 781 -28.11 -17.85 36.22
C THR A 781 -28.24 -16.74 35.19
N ALA A 782 -27.75 -16.92 33.96
CA ALA A 782 -27.79 -15.86 32.96
C ALA A 782 -29.20 -15.69 32.48
N ARG A 783 -29.65 -14.45 32.28
CA ARG A 783 -30.99 -14.26 31.71
C ARG A 783 -31.05 -14.54 30.22
N ARG A 784 -32.21 -14.96 29.74
CA ARG A 784 -32.42 -15.20 28.31
C ARG A 784 -32.17 -13.94 27.50
N GLY A 785 -31.25 -14.01 26.56
CA GLY A 785 -30.88 -12.87 25.75
C GLY A 785 -29.67 -12.10 26.26
N GLU A 786 -29.09 -12.51 27.40
CA GLU A 786 -28.03 -11.74 28.04
C GLU A 786 -26.83 -12.65 28.30
N THR A 787 -25.72 -12.34 27.63
CA THR A 787 -24.48 -13.06 27.69
C THR A 787 -23.44 -12.18 28.36
N PHE A 788 -22.39 -12.79 28.87
CA PHE A 788 -21.32 -12.02 29.46
C PHE A 788 -20.01 -12.62 28.97
N MET A 789 -19.20 -11.80 28.30
CA MET A 789 -17.92 -12.24 27.80
C MET A 789 -16.78 -11.62 28.58
N LEU A 790 -15.86 -12.46 28.99
CA LEU A 790 -14.64 -11.99 29.61
C LEU A 790 -13.98 -10.97 28.70
N PHE A 791 -13.62 -9.83 29.28
CA PHE A 791 -13.01 -8.72 28.58
C PHE A 791 -11.48 -8.90 28.50
N GLY A 792 -10.89 -8.20 27.55
CA GLY A 792 -9.46 -7.96 27.50
C GLY A 792 -8.55 -9.15 27.21
N PHE A 793 -9.10 -10.28 26.74
CA PHE A 793 -8.39 -11.57 26.76
C PHE A 793 -7.66 -11.84 25.45
N PRO A 794 -6.37 -12.26 25.51
CA PRO A 794 -5.57 -12.35 24.28
C PRO A 794 -6.14 -13.32 23.22
N THR A 795 -6.72 -14.42 23.68
CA THR A 795 -7.27 -15.44 22.78
C THR A 795 -8.74 -15.18 22.38
N GLY A 796 -9.26 -13.98 22.65
CA GLY A 796 -10.56 -13.57 22.10
C GLY A 796 -10.97 -12.26 22.73
N VAL A 797 -10.81 -11.18 21.97
CA VAL A 797 -10.94 -9.85 22.50
C VAL A 797 -12.37 -9.32 22.38
N GLN A 798 -12.98 -9.04 23.52
CA GLN A 798 -14.35 -8.58 23.55
C GLN A 798 -14.55 -7.18 22.94
N GLY A 799 -13.54 -6.35 23.13
CA GLY A 799 -13.53 -4.95 22.64
C GLY A 799 -13.78 -4.77 21.18
N ASN A 800 -13.48 -5.82 20.42
CA ASN A 800 -13.74 -5.83 19.01
C ASN A 800 -15.17 -5.56 18.65
N VAL A 801 -16.10 -5.99 19.52
CA VAL A 801 -17.54 -5.79 19.29
C VAL A 801 -18.13 -4.60 20.05
N THR A 802 -17.31 -3.79 20.71
CA THR A 802 -17.82 -2.57 21.36
C THR A 802 -17.74 -1.50 20.29
N SER A 803 -18.75 -0.65 20.18
CA SER A 803 -18.69 0.41 19.18
C SER A 803 -17.78 1.53 19.69
N ALA A 804 -17.60 2.53 18.84
CA ALA A 804 -16.83 3.73 19.15
C ALA A 804 -17.62 4.70 20.07
N GLY A 805 -18.88 4.36 20.42
CA GLY A 805 -19.75 5.30 21.16
C GLY A 805 -19.22 5.63 22.56
N THR A 806 -19.10 6.94 22.83
CA THR A 806 -18.75 7.51 24.12
C THR A 806 -19.80 8.53 24.50
N ASN A 807 -19.76 8.96 25.76
CA ASN A 807 -20.52 10.13 26.16
C ASN A 807 -19.82 11.40 25.69
N GLU A 808 -20.35 12.54 26.10
CA GLU A 808 -19.87 13.83 25.64
C GLU A 808 -18.47 14.08 26.15
N LEU A 809 -18.13 13.60 27.33
CA LEU A 809 -16.79 13.70 27.86
C LEU A 809 -15.80 12.59 27.46
N ILE A 810 -16.19 11.78 26.46
CA ILE A 810 -15.36 10.73 25.87
C ILE A 810 -15.12 9.53 26.82
N ILE A 811 -16.11 9.24 27.64
CA ILE A 811 -16.14 8.04 28.45
C ILE A 811 -16.62 6.87 27.60
N PRO A 812 -15.83 5.82 27.51
CA PRO A 812 -16.18 4.66 26.67
C PRO A 812 -17.33 3.81 27.25
N ASN A 813 -18.42 3.68 26.51
CA ASN A 813 -19.62 2.98 27.03
C ASN A 813 -19.53 1.49 26.72
N TYR A 814 -18.57 0.84 27.34
CA TYR A 814 -18.30 -0.58 27.00
C TYR A 814 -19.45 -1.54 27.35
N LYS A 815 -20.14 -1.28 28.47
CA LYS A 815 -21.09 -2.27 29.00
C LYS A 815 -22.35 -2.42 28.16
N GLN A 816 -22.80 -1.35 27.54
CA GLN A 816 -23.91 -1.45 26.58
C GLN A 816 -23.40 -1.83 25.19
N THR A 817 -23.45 -3.14 24.94
CA THR A 817 -23.01 -3.76 23.70
C THR A 817 -23.97 -4.89 23.35
N TRP A 818 -24.47 -4.85 22.13
CA TRP A 818 -25.28 -5.95 21.62
C TRP A 818 -24.66 -6.48 20.34
N GLY A 819 -24.80 -7.79 20.14
CA GLY A 819 -24.31 -8.44 18.94
C GLY A 819 -24.94 -9.79 18.67
N ASN A 820 -24.56 -10.38 17.52
CA ASN A 820 -25.04 -11.70 17.15
C ASN A 820 -24.01 -12.74 17.50
N ILE A 821 -24.48 -13.97 17.61
CA ILE A 821 -23.62 -15.09 17.92
C ILE A 821 -23.83 -16.21 16.94
N ARG A 822 -22.72 -16.72 16.41
CA ARG A 822 -22.70 -17.92 15.56
C ARG A 822 -21.47 -18.79 15.80
N LYS A 823 -21.62 -20.06 15.52
CA LYS A 823 -20.60 -21.03 15.81
C LYS A 823 -19.45 -20.95 14.80
N ILE A 824 -18.23 -20.96 15.31
CA ILE A 824 -17.02 -21.06 14.49
C ILE A 824 -16.58 -22.54 14.42
N SER A 825 -16.61 -23.24 15.57
CA SER A 825 -16.13 -24.65 15.67
C SER A 825 -16.77 -25.36 16.82
N ASP A 826 -16.92 -26.66 16.70
CA ASP A 826 -17.27 -27.51 17.84
C ASP A 826 -16.19 -27.41 18.90
N ALA A 827 -16.59 -27.62 20.15
CA ALA A 827 -15.67 -27.55 21.24
C ALA A 827 -14.28 -28.04 20.85
N PRO A 828 -13.30 -27.17 20.92
CA PRO A 828 -12.00 -27.75 20.55
C PRO A 828 -11.46 -28.72 21.62
N ARG A 829 -10.58 -29.62 21.20
CA ARG A 829 -10.02 -30.60 22.11
C ARG A 829 -9.26 -29.94 23.23
N ASN A 830 -8.64 -28.79 22.99
CA ASN A 830 -7.93 -28.12 24.08
C ASN A 830 -8.80 -27.55 25.22
N VAL A 831 -10.14 -27.64 25.12
CA VAL A 831 -11.01 -27.42 26.27
C VAL A 831 -11.73 -28.67 26.82
N ALA A 832 -11.44 -29.89 26.31
CA ALA A 832 -12.08 -31.15 26.83
C ALA A 832 -11.93 -31.34 28.35
N HIS A 833 -10.78 -30.92 28.89
CA HIS A 833 -10.46 -31.03 30.34
C HIS A 833 -11.25 -30.04 31.30
N LEU A 834 -11.86 -29.00 30.74
CA LEU A 834 -12.49 -27.96 31.55
C LEU A 834 -13.73 -28.43 32.28
N SER A 835 -13.92 -27.91 33.49
CA SER A 835 -15.24 -27.99 34.15
C SER A 835 -16.10 -26.86 33.54
N PHE A 836 -17.32 -27.19 33.20
CA PHE A 836 -18.31 -26.18 32.85
C PHE A 836 -19.46 -26.08 33.89
N LYS A 837 -19.15 -26.45 35.12
CA LYS A 837 -20.11 -26.37 36.21
C LYS A 837 -20.29 -24.93 36.71
N SER A 838 -21.37 -24.74 37.46
CA SER A 838 -21.71 -23.44 38.03
C SER A 838 -20.58 -22.90 38.89
N LYS A 839 -20.34 -21.58 38.77
CA LYS A 839 -19.31 -20.92 39.56
C LYS A 839 -19.85 -20.61 40.96
N GLU A 840 -21.12 -20.85 41.20
CA GLU A 840 -21.78 -20.47 42.47
C GLU A 840 -21.62 -21.53 43.55
N TYR A 841 -20.93 -21.17 44.64
CA TYR A 841 -20.87 -21.99 45.87
C TYR A 841 -22.23 -22.51 46.23
N GLN A 842 -22.28 -23.79 46.57
CA GLN A 842 -23.51 -24.48 47.02
C GLN A 842 -23.30 -24.87 48.47
N SER A 843 -24.34 -24.69 49.26
CA SER A 843 -24.34 -25.04 50.66
C SER A 843 -24.72 -26.53 50.85
N ALA B 1 17.82 -37.18 49.86
CA ALA B 1 16.89 -37.62 48.74
C ALA B 1 16.20 -36.44 48.03
N ALA B 2 16.24 -36.44 46.69
CA ALA B 2 15.87 -35.26 45.86
C ALA B 2 14.37 -34.96 45.87
N GLY B 3 13.55 -36.01 45.95
CA GLY B 3 12.10 -35.85 46.08
C GLY B 3 11.52 -36.36 47.39
N VAL B 4 10.27 -36.01 47.61
CA VAL B 4 9.50 -36.51 48.76
C VAL B 4 9.29 -38.03 48.68
N GLU B 5 9.41 -38.73 49.80
CA GLU B 5 9.20 -40.18 49.83
C GLU B 5 7.80 -40.42 50.33
N TYR B 6 6.92 -40.79 49.41
CA TYR B 6 5.55 -41.05 49.76
C TYR B 6 5.45 -42.48 50.21
N PRO B 7 4.62 -42.73 51.24
CA PRO B 7 4.34 -44.08 51.65
C PRO B 7 3.18 -44.60 50.84
N ALA B 8 3.13 -45.90 50.62
CA ALA B 8 2.02 -46.50 49.89
C ALA B 8 1.06 -47.05 50.95
N ASN B 9 0.06 -46.23 51.30
CA ASN B 9 -0.89 -46.52 52.38
C ASN B 9 -2.21 -47.04 51.85
N ARG B 10 -2.70 -48.12 52.47
CA ARG B 10 -3.99 -48.68 52.16
C ARG B 10 -5.03 -47.76 52.74
N LEU B 11 -6.00 -47.37 51.95
CA LEU B 11 -7.02 -46.44 52.42
C LEU B 11 -8.30 -47.14 52.70
N ALA B 12 -8.63 -48.12 51.87
CA ALA B 12 -9.91 -48.76 51.95
C ALA B 12 -9.99 -49.82 50.87
N ASN B 13 -11.13 -50.50 50.80
CA ASN B 13 -11.39 -51.47 49.76
C ASN B 13 -12.48 -50.93 48.87
N ILE B 14 -12.32 -51.21 47.57
CA ILE B 14 -13.32 -50.86 46.55
C ILE B 14 -14.75 -51.21 47.01
N SER B 15 -14.91 -52.31 47.76
CA SER B 15 -16.23 -52.78 48.24
C SER B 15 -16.88 -51.87 49.28
N GLU B 16 -16.08 -51.06 49.96
CA GLU B 16 -16.58 -50.09 50.93
C GLU B 16 -17.28 -48.84 50.29
N LEU B 17 -17.14 -48.62 48.98
CA LEU B 17 -17.58 -47.39 48.36
C LEU B 17 -18.90 -47.54 47.70
N THR B 18 -19.80 -46.64 48.09
CA THR B 18 -21.09 -46.48 47.47
C THR B 18 -21.05 -45.29 46.48
N LEU B 19 -21.60 -45.49 45.27
CA LEU B 19 -21.65 -44.46 44.23
C LEU B 19 -22.01 -43.11 44.85
N ASN B 20 -21.16 -42.10 44.62
CA ASN B 20 -21.41 -40.69 44.98
C ASN B 20 -21.53 -40.32 46.47
N GLU B 21 -20.96 -41.16 47.33
CA GLU B 21 -20.88 -40.87 48.74
C GLU B 21 -19.42 -40.90 49.15
N PRO B 22 -18.87 -39.75 49.58
CA PRO B 22 -17.49 -39.75 49.96
C PRO B 22 -17.23 -40.62 51.19
N LEU B 23 -16.04 -41.20 51.26
CA LEU B 23 -15.58 -41.95 52.41
C LEU B 23 -14.35 -41.25 53.01
N ASP B 24 -14.45 -40.74 54.24
CA ASP B 24 -13.34 -39.98 54.85
C ASP B 24 -12.11 -40.85 55.05
N VAL B 25 -10.98 -40.40 54.50
CA VAL B 25 -9.69 -41.05 54.67
C VAL B 25 -8.72 -39.96 55.07
N ALA B 26 -7.46 -40.32 55.16
CA ALA B 26 -6.37 -39.43 55.49
C ALA B 26 -5.10 -39.92 54.81
N TYR B 27 -4.38 -38.99 54.17
CA TYR B 27 -3.18 -39.31 53.42
C TYR B 27 -2.38 -38.01 53.09
N PRO B 28 -1.05 -38.00 53.27
CA PRO B 28 -0.19 -39.17 53.59
C PRO B 28 0.04 -39.51 55.07
N ASP B 29 -0.72 -38.89 55.95
CA ASP B 29 -0.74 -39.31 57.34
C ASP B 29 -2.08 -38.93 57.89
N GLU B 30 -2.26 -39.18 59.18
CA GLU B 30 -3.54 -38.98 59.84
C GLU B 30 -4.06 -37.52 59.96
N ASP B 31 -3.18 -36.51 59.87
CA ASP B 31 -3.57 -35.09 60.03
C ASP B 31 -3.99 -34.37 58.71
N ALA B 32 -4.15 -35.12 57.62
CA ALA B 32 -4.37 -34.56 56.29
C ALA B 32 -5.61 -35.19 55.71
N ALA B 33 -6.75 -34.62 56.06
CA ALA B 33 -8.02 -35.19 55.74
C ALA B 33 -8.27 -35.18 54.24
N GLY B 34 -8.96 -36.22 53.79
CA GLY B 34 -9.32 -36.38 52.40
C GLY B 34 -10.50 -37.30 52.27
N VAL B 35 -10.87 -37.62 51.04
CA VAL B 35 -11.96 -38.57 50.79
C VAL B 35 -11.66 -39.37 49.55
N LEU B 36 -12.20 -40.59 49.51
CA LEU B 36 -12.27 -41.36 48.32
C LEU B 36 -13.68 -41.15 47.85
N LEU B 37 -13.86 -41.13 46.54
CA LEU B 37 -15.19 -40.89 45.97
C LEU B 37 -15.31 -41.67 44.67
N LYS B 38 -16.32 -42.53 44.58
CA LYS B 38 -16.71 -43.23 43.33
C LYS B 38 -17.76 -42.39 42.59
N LEU B 39 -17.48 -42.10 41.33
CA LEU B 39 -18.21 -41.05 40.59
C LEU B 39 -19.18 -41.53 39.53
N GLY B 40 -19.01 -42.77 39.05
CA GLY B 40 -19.97 -43.42 38.17
C GLY B 40 -19.75 -43.14 36.71
N THR B 41 -18.57 -42.62 36.41
CA THR B 41 -18.20 -42.25 35.04
C THR B 41 -16.69 -42.08 35.09
N ARG B 42 -16.00 -42.47 34.02
CA ARG B 42 -14.53 -42.53 33.94
C ARG B 42 -13.96 -41.11 33.96
N VAL B 43 -13.00 -40.82 34.83
CA VAL B 43 -12.50 -39.45 34.99
C VAL B 43 -11.01 -39.43 35.23
N GLU B 44 -10.45 -38.24 35.11
CA GLU B 44 -9.05 -37.98 35.35
C GLU B 44 -8.61 -38.40 36.77
N GLY B 45 -7.50 -39.16 36.83
CA GLY B 45 -6.96 -39.73 38.07
C GLY B 45 -7.82 -40.84 38.67
N GLY B 46 -8.87 -41.26 37.94
CA GLY B 46 -9.82 -42.25 38.46
C GLY B 46 -9.32 -43.68 38.25
N VAL B 47 -9.54 -44.54 39.25
CA VAL B 47 -9.09 -45.93 39.22
C VAL B 47 -10.27 -46.89 39.47
N GLY B 48 -9.97 -48.19 39.45
CA GLY B 48 -10.98 -49.19 39.62
C GLY B 48 -11.49 -49.56 38.25
N PRO B 49 -12.28 -50.65 38.17
CA PRO B 49 -12.77 -51.16 36.89
C PRO B 49 -13.49 -50.10 36.02
N ASP B 50 -14.35 -49.27 36.64
CA ASP B 50 -15.06 -48.20 35.90
C ASP B 50 -14.26 -46.89 35.73
N GLY B 51 -13.06 -46.84 36.28
CA GLY B 51 -12.14 -45.73 36.07
C GLY B 51 -12.58 -44.46 36.79
N ASP B 52 -13.34 -44.62 37.87
CA ASP B 52 -14.19 -43.56 38.43
C ASP B 52 -14.01 -43.28 39.92
N ILE B 53 -12.98 -43.87 40.51
CA ILE B 53 -12.69 -43.71 41.91
C ILE B 53 -11.53 -42.76 42.04
N VAL B 54 -11.76 -41.68 42.76
CA VAL B 54 -10.75 -40.63 42.93
C VAL B 54 -10.55 -40.37 44.40
N GLY B 55 -9.38 -39.83 44.71
CA GLY B 55 -9.01 -39.46 46.08
C GLY B 55 -8.55 -37.99 46.09
N PHE B 56 -9.10 -37.18 46.99
CA PHE B 56 -8.71 -35.75 47.13
C PHE B 56 -8.49 -35.36 48.60
N SER B 57 -7.60 -34.39 48.80
CA SER B 57 -7.63 -33.59 50.02
C SER B 57 -8.93 -32.79 50.07
N THR B 58 -9.53 -32.75 51.26
CA THR B 58 -10.78 -32.03 51.44
C THR B 58 -10.58 -30.83 52.32
N ILE B 59 -9.33 -30.34 52.35
CA ILE B 59 -8.93 -29.16 53.08
C ILE B 59 -8.60 -28.05 52.06
N CYS B 60 -9.32 -26.94 52.14
CA CYS B 60 -9.26 -25.92 51.10
C CYS B 60 -7.86 -25.39 50.94
N PRO B 61 -7.29 -25.46 49.73
CA PRO B 61 -5.94 -24.98 49.62
C PRO B 61 -5.81 -23.46 49.77
N HIS B 62 -6.92 -22.73 49.88
CA HIS B 62 -6.81 -21.26 50.16
C HIS B 62 -6.45 -20.97 51.63
N LYS B 63 -7.41 -21.15 52.53
CA LYS B 63 -7.18 -20.93 53.97
C LYS B 63 -7.58 -22.09 54.89
N GLY B 64 -7.82 -23.29 54.35
CA GLY B 64 -7.91 -24.51 55.15
C GLY B 64 -9.27 -24.92 55.71
N ALA B 65 -10.35 -24.23 55.31
CA ALA B 65 -11.69 -24.63 55.80
C ALA B 65 -11.99 -26.02 55.24
N PRO B 66 -12.71 -26.85 56.01
CA PRO B 66 -13.01 -28.17 55.45
C PRO B 66 -14.09 -28.05 54.37
N LEU B 67 -13.92 -28.78 53.28
CA LEU B 67 -14.82 -28.66 52.15
C LEU B 67 -16.05 -29.53 52.33
N SER B 68 -17.20 -29.07 51.85
CA SER B 68 -18.42 -29.86 51.87
C SER B 68 -18.60 -30.43 50.47
N TYR B 69 -19.36 -31.50 50.35
CA TYR B 69 -19.59 -32.14 49.06
C TYR B 69 -21.04 -31.96 48.69
N SER B 70 -21.30 -31.43 47.50
CA SER B 70 -22.67 -31.40 46.96
C SER B 70 -22.87 -32.62 46.08
N ALA B 71 -23.70 -33.56 46.54
CA ALA B 71 -24.03 -34.76 45.77
C ALA B 71 -24.79 -34.46 44.48
N ASP B 72 -25.66 -33.43 44.47
CA ASP B 72 -26.46 -33.05 43.27
C ASP B 72 -25.60 -32.60 42.10
N ASN B 73 -24.52 -31.89 42.41
CA ASN B 73 -23.62 -31.27 41.43
C ASN B 73 -22.27 -31.99 41.25
N LYS B 74 -21.95 -32.86 42.21
CA LYS B 74 -20.66 -33.48 42.29
C LYS B 74 -19.55 -32.42 42.35
N THR B 75 -19.62 -31.58 43.38
CA THR B 75 -18.54 -30.59 43.61
C THR B 75 -18.18 -30.53 45.08
N PHE B 76 -16.94 -30.21 45.38
CA PHE B 76 -16.52 -29.70 46.68
C PHE B 76 -16.75 -28.19 46.79
N ASN B 77 -17.17 -27.73 47.95
CA ASN B 77 -17.59 -26.36 48.13
C ASN B 77 -17.02 -25.84 49.43
N CYS B 78 -16.40 -24.66 49.40
CA CYS B 78 -15.77 -24.11 50.59
C CYS B 78 -16.62 -23.06 51.24
N PRO B 79 -16.97 -23.23 52.54
CA PRO B 79 -17.77 -22.24 53.20
C PRO B 79 -16.94 -21.03 53.65
N GLY B 80 -15.61 -21.15 53.60
CA GLY B 80 -14.73 -20.02 53.89
C GLY B 80 -14.98 -18.81 52.97
N HIS B 81 -14.59 -18.94 51.71
CA HIS B 81 -14.72 -17.84 50.73
C HIS B 81 -15.29 -18.26 49.36
N PHE B 82 -16.16 -19.27 49.37
CA PHE B 82 -17.06 -19.62 48.26
C PHE B 82 -16.44 -20.36 47.09
N SER B 83 -15.30 -20.98 47.30
CA SER B 83 -14.60 -21.76 46.27
C SER B 83 -15.39 -23.01 45.90
N VAL B 84 -15.20 -23.47 44.65
CA VAL B 84 -15.86 -24.66 44.12
C VAL B 84 -14.84 -25.43 43.30
N PHE B 85 -14.73 -26.74 43.60
CA PHE B 85 -13.79 -27.64 42.94
C PHE B 85 -14.56 -28.83 42.36
N ASP B 86 -14.16 -29.25 41.17
CA ASP B 86 -14.81 -30.29 40.42
C ASP B 86 -13.98 -31.60 40.43
N PRO B 87 -14.42 -32.57 41.21
CA PRO B 87 -13.66 -33.83 41.29
C PRO B 87 -13.87 -34.71 40.04
N GLU B 88 -14.82 -34.34 39.20
CA GLU B 88 -14.94 -34.99 37.90
C GLU B 88 -13.90 -34.48 36.88
N LYS B 89 -13.17 -33.41 37.19
CA LYS B 89 -12.17 -32.82 36.30
C LYS B 89 -10.84 -32.55 37.00
N GLY B 90 -10.34 -33.57 37.66
CA GLY B 90 -9.05 -33.49 38.34
C GLY B 90 -8.96 -32.57 39.53
N GLY B 91 -10.10 -32.21 40.10
CA GLY B 91 -10.14 -31.21 41.14
C GLY B 91 -10.12 -29.77 40.67
N GLN B 92 -10.50 -29.50 39.44
CA GLN B 92 -10.33 -28.16 38.88
C GLN B 92 -11.14 -27.15 39.69
N GLN B 93 -10.53 -26.02 40.06
CA GLN B 93 -11.24 -24.96 40.75
C GLN B 93 -12.14 -24.28 39.73
N VAL B 94 -13.42 -24.57 39.85
CA VAL B 94 -14.40 -24.06 38.94
C VAL B 94 -14.44 -22.53 39.12
N TRP B 95 -14.43 -22.08 40.37
CA TRP B 95 -14.33 -20.67 40.74
C TRP B 95 -13.78 -20.67 42.17
N GLY B 96 -12.84 -19.78 42.50
CA GLY B 96 -12.35 -19.78 43.88
C GLY B 96 -11.10 -19.01 44.15
N GLN B 97 -10.62 -19.09 45.39
CA GLN B 97 -9.60 -18.20 45.88
C GLN B 97 -8.24 -18.83 46.00
N ALA B 98 -8.16 -20.15 45.85
CA ALA B 98 -6.88 -20.89 45.88
C ALA B 98 -6.13 -20.65 44.60
N THR B 99 -4.82 -20.84 44.65
CA THR B 99 -3.93 -20.81 43.51
C THR B 99 -3.58 -22.21 43.04
N GLN B 100 -4.38 -23.18 43.49
CA GLN B 100 -4.16 -24.58 43.27
C GLN B 100 -5.49 -25.28 43.02
N ASN B 101 -5.49 -26.18 42.06
CA ASN B 101 -6.60 -27.09 41.90
C ASN B 101 -6.47 -28.15 43.07
N LEU B 102 -7.54 -28.87 43.35
CA LEU B 102 -7.58 -29.66 44.56
C LEU B 102 -6.53 -30.78 44.52
N PRO B 103 -5.68 -30.88 45.55
CA PRO B 103 -4.68 -31.94 45.61
C PRO B 103 -5.33 -33.31 45.49
N GLN B 104 -4.80 -34.10 44.59
CA GLN B 104 -5.40 -35.33 44.21
C GLN B 104 -4.41 -36.44 44.45
N TYR B 105 -4.92 -37.57 44.95
CA TYR B 105 -4.12 -38.73 45.29
C TYR B 105 -3.84 -39.57 44.03
N VAL B 106 -2.61 -40.03 43.91
CA VAL B 106 -2.25 -41.08 42.96
C VAL B 106 -2.70 -42.43 43.58
N LEU B 107 -3.70 -43.05 42.97
CA LEU B 107 -4.29 -44.26 43.49
C LEU B 107 -3.95 -45.51 42.64
N ARG B 108 -4.00 -46.67 43.30
CA ARG B 108 -3.76 -48.01 42.71
C ARG B 108 -4.70 -49.03 43.38
N VAL B 109 -5.37 -49.84 42.56
CA VAL B 109 -6.20 -50.92 43.08
C VAL B 109 -5.44 -52.25 42.90
N ALA B 110 -5.20 -52.96 44.02
CA ALA B 110 -4.57 -54.32 44.04
C ALA B 110 -5.58 -55.38 43.60
N ASP B 111 -5.13 -56.61 43.39
CA ASP B 111 -6.04 -57.66 42.87
C ASP B 111 -7.17 -58.02 43.84
N ASN B 112 -6.93 -57.88 45.15
CA ASN B 112 -8.00 -58.03 46.15
C ASN B 112 -9.02 -56.85 46.26
N GLY B 113 -8.90 -55.82 45.43
CA GLY B 113 -9.78 -54.63 45.52
C GLY B 113 -9.36 -53.55 46.52
N ASP B 114 -8.19 -53.69 47.13
CA ASP B 114 -7.72 -52.70 48.11
C ASP B 114 -7.16 -51.50 47.38
N ILE B 115 -7.47 -50.30 47.90
CA ILE B 115 -7.09 -49.02 47.29
C ILE B 115 -5.91 -48.38 48.03
N PHE B 116 -4.78 -48.22 47.33
CA PHE B 116 -3.62 -47.56 47.93
C PHE B 116 -3.45 -46.14 47.37
N ALA B 117 -2.91 -45.24 48.19
CA ALA B 117 -2.45 -43.93 47.78
C ALA B 117 -0.93 -43.88 47.80
N GLU B 118 -0.31 -43.43 46.71
CA GLU B 118 1.17 -43.40 46.62
C GLU B 118 1.67 -42.04 46.21
N GLY B 119 0.88 -40.99 46.40
CA GLY B 119 1.34 -39.64 46.03
C GLY B 119 0.21 -38.64 45.96
N VAL B 120 0.60 -37.37 45.81
CA VAL B 120 -0.33 -36.27 45.74
C VAL B 120 0.26 -35.27 44.74
N ASP B 121 -0.57 -34.70 43.88
CA ASP B 121 -0.08 -33.89 42.76
C ASP B 121 0.06 -32.36 43.01
N GLU B 122 -0.27 -31.89 44.21
CA GLU B 122 -0.20 -30.47 44.65
C GLU B 122 0.07 -30.42 46.16
N LEU B 123 0.36 -29.25 46.68
CA LEU B 123 0.81 -29.13 48.08
C LEU B 123 -0.38 -29.00 48.98
N ILE B 124 -0.43 -29.86 50.02
CA ILE B 124 -1.59 -29.99 50.88
C ILE B 124 -1.64 -28.76 51.75
N TYR B 125 -2.82 -28.21 52.00
CA TYR B 125 -2.91 -27.07 52.90
C TYR B 125 -2.28 -27.38 54.26
N GLY B 126 -1.49 -26.42 54.75
CA GLY B 126 -1.01 -26.41 56.11
C GLY B 126 0.29 -27.11 56.36
N ARG B 127 0.90 -27.61 55.29
CA ARG B 127 2.19 -28.23 55.41
C ARG B 127 3.07 -27.77 54.30
N LEU B 128 4.34 -27.55 54.64
CA LEU B 128 5.31 -27.12 53.68
C LEU B 128 6.00 -28.32 53.01
N SER B 129 5.65 -29.53 53.45
CA SER B 129 6.12 -30.75 52.80
C SER B 129 4.95 -31.72 52.90
N ASN B 130 4.57 -32.40 51.84
CA ASN B 130 3.37 -33.27 51.93
C ASN B 130 3.54 -34.45 52.89
N VAL B 131 4.80 -34.87 53.04
CA VAL B 131 5.22 -35.88 54.02
C VAL B 131 6.04 -35.13 55.08
N LEU B 132 5.44 -35.00 56.26
CA LEU B 132 6.09 -34.36 57.41
C LEU B 132 6.98 -35.35 58.15
N ALA C 1 1.04 37.38 -28.17
CA ALA C 1 -0.43 37.41 -27.85
C ALA C 1 -1.20 36.49 -28.77
N PHE C 2 -2.27 35.89 -28.26
CA PHE C 2 -3.06 34.99 -29.06
C PHE C 2 -3.94 35.78 -30.00
N LYS C 3 -3.95 35.39 -31.27
CA LYS C 3 -4.75 36.02 -32.33
C LYS C 3 -5.35 34.90 -33.19
N ARG C 4 -6.65 34.97 -33.44
CA ARG C 4 -7.35 33.91 -34.15
C ARG C 4 -7.15 33.86 -35.64
N HIS C 5 -6.69 34.95 -36.24
CA HIS C 5 -6.62 35.12 -37.70
C HIS C 5 -7.89 34.74 -38.39
N ILE C 6 -9.02 35.01 -37.73
CA ILE C 6 -10.30 34.89 -38.39
C ILE C 6 -10.67 36.27 -38.94
N ASP C 7 -10.52 36.47 -40.25
CA ASP C 7 -10.75 37.78 -40.87
C ASP C 7 -12.20 38.02 -41.19
N ARG C 8 -13.02 36.98 -41.32
CA ARG C 8 -14.44 37.22 -41.61
C ARG C 8 -15.31 36.11 -41.10
N LEU C 9 -16.54 36.46 -40.73
CA LEU C 9 -17.47 35.56 -40.22
C LEU C 9 -18.66 35.43 -41.15
N PRO C 10 -19.31 34.25 -41.14
CA PRO C 10 -20.58 34.15 -41.85
C PRO C 10 -21.59 35.13 -41.29
N ILE C 11 -22.45 35.62 -42.15
CA ILE C 11 -23.49 36.57 -41.78
C ILE C 11 -24.77 35.82 -41.45
N ILE C 12 -25.40 36.22 -40.36
CA ILE C 12 -26.63 35.53 -39.93
C ILE C 12 -27.70 35.95 -40.94
N PRO C 13 -28.30 34.97 -41.66
CA PRO C 13 -29.38 35.26 -42.62
C PRO C 13 -30.70 35.63 -41.92
N ALA C 14 -31.61 36.21 -42.70
CA ALA C 14 -32.91 36.71 -42.24
C ALA C 14 -33.84 35.66 -41.70
N ASP C 15 -33.73 34.43 -42.22
CA ASP C 15 -34.56 33.29 -41.77
C ASP C 15 -33.85 32.36 -40.71
N ALA C 16 -32.82 32.86 -40.04
CA ALA C 16 -32.13 32.08 -39.00
C ALA C 16 -33.08 31.79 -37.85
N LYS C 17 -32.95 30.61 -37.25
CA LYS C 17 -33.78 30.24 -36.10
C LYS C 17 -33.27 30.89 -34.81
N LYS C 18 -34.15 31.56 -34.07
CA LYS C 18 -33.76 32.37 -32.90
C LYS C 18 -34.08 31.60 -31.65
N HIS C 19 -33.14 31.56 -30.72
CA HIS C 19 -33.38 30.86 -29.48
C HIS C 19 -33.04 31.81 -28.35
N ASN C 20 -33.87 31.83 -27.30
CA ASN C 20 -33.54 32.66 -26.13
C ASN C 20 -32.48 31.95 -25.27
N VAL C 21 -31.43 32.68 -24.89
CA VAL C 21 -30.33 32.07 -24.17
C VAL C 21 -29.87 32.97 -23.03
N THR C 22 -29.85 32.45 -21.81
CA THR C 22 -29.31 33.18 -20.68
C THR C 22 -27.85 32.79 -20.63
N CYS C 23 -26.99 33.72 -20.26
CA CYS C 23 -25.60 33.34 -20.10
C CYS C 23 -25.45 32.04 -19.30
N HIS C 24 -24.53 31.18 -19.74
CA HIS C 24 -24.13 29.92 -19.04
C HIS C 24 -23.62 30.15 -17.62
N PHE C 25 -23.00 31.31 -17.40
CA PHE C 25 -22.06 31.51 -16.35
C PHE C 25 -22.61 32.31 -15.17
N CYS C 26 -22.20 33.56 -14.98
CA CYS C 26 -22.41 34.15 -13.64
C CYS C 26 -23.86 34.58 -13.32
N ILE C 27 -24.06 34.86 -12.04
CA ILE C 27 -25.27 35.32 -11.41
C ILE C 27 -26.03 36.39 -12.18
N VAL C 28 -25.31 37.29 -12.83
CA VAL C 28 -25.94 38.42 -13.52
C VAL C 28 -26.98 37.94 -14.51
N GLY C 29 -26.70 36.89 -15.26
CA GLY C 29 -27.73 36.25 -16.05
C GLY C 29 -28.09 37.00 -17.30
N CYS C 30 -27.10 37.60 -17.96
CA CYS C 30 -27.28 38.37 -19.16
C CYS C 30 -28.03 37.66 -20.27
N GLY C 31 -28.92 38.38 -20.95
CA GLY C 31 -29.70 37.81 -22.07
C GLY C 31 -28.91 37.76 -23.36
N TYR C 32 -29.03 36.66 -24.08
CA TYR C 32 -28.38 36.42 -25.38
C TYR C 32 -29.42 35.78 -26.28
N HIS C 33 -29.07 35.73 -27.58
CA HIS C 33 -29.78 34.89 -28.51
C HIS C 33 -28.80 34.07 -29.25
N ALA C 34 -29.22 32.84 -29.51
CA ALA C 34 -28.52 31.92 -30.42
C ALA C 34 -29.31 31.87 -31.72
N TYR C 35 -28.65 32.20 -32.82
CA TYR C 35 -29.22 32.10 -34.13
C TYR C 35 -28.52 30.97 -34.84
N THR C 36 -29.29 30.03 -35.40
CA THR C 36 -28.74 28.94 -36.12
C THR C 36 -29.27 28.88 -37.55
N TRP C 37 -28.45 28.44 -38.50
CA TRP C 37 -28.96 28.24 -39.85
C TRP C 37 -28.15 27.16 -40.53
N PRO C 38 -28.69 26.56 -41.60
CA PRO C 38 -27.94 25.43 -42.18
C PRO C 38 -26.49 25.80 -42.66
N ILE C 39 -25.52 24.86 -42.49
CA ILE C 39 -24.11 24.98 -42.96
C ILE C 39 -24.34 25.17 -44.44
N ASN C 40 -23.54 25.78 -45.24
CA ASN C 40 -24.07 25.81 -46.71
C ASN C 40 -25.15 26.89 -47.09
N LYS C 41 -25.74 27.56 -46.12
CA LYS C 41 -26.44 28.80 -46.38
C LYS C 41 -25.74 29.90 -45.57
N GLN C 42 -26.04 31.14 -45.95
CA GLN C 42 -25.55 32.33 -45.24
C GLN C 42 -26.33 33.59 -45.63
N GLY C 43 -26.18 34.59 -44.79
CA GLY C 43 -26.68 35.92 -45.07
C GLY C 43 -25.79 36.73 -45.98
N GLY C 44 -26.28 37.92 -46.32
CA GLY C 44 -25.56 38.88 -47.16
C GLY C 44 -25.52 40.25 -46.48
N THR C 45 -24.79 41.16 -47.10
CA THR C 45 -24.60 42.50 -46.56
C THR C 45 -25.83 43.42 -46.72
N ASP C 46 -26.66 43.19 -47.75
CA ASP C 46 -27.87 44.02 -47.91
C ASP C 46 -28.89 43.72 -46.79
N PRO C 47 -29.53 44.76 -46.22
CA PRO C 47 -30.54 44.63 -45.13
C PRO C 47 -31.58 43.49 -45.23
N GLN C 48 -32.07 43.17 -46.43
CA GLN C 48 -33.07 42.10 -46.68
C GLN C 48 -32.47 40.72 -46.45
N ASN C 49 -31.15 40.59 -46.56
CA ASN C 49 -30.47 39.26 -46.48
C ASN C 49 -29.74 39.00 -45.15
N ASN C 50 -30.07 39.74 -44.11
CA ASN C 50 -29.53 39.44 -42.80
C ASN C 50 -30.53 39.75 -41.71
N ILE C 51 -30.27 39.15 -40.56
CA ILE C 51 -31.17 39.22 -39.42
C ILE C 51 -31.27 40.62 -38.84
N PHE C 52 -30.29 41.48 -39.08
CA PHE C 52 -30.32 42.79 -38.44
C PHE C 52 -31.16 43.79 -39.24
N GLY C 53 -31.40 43.48 -40.52
CA GLY C 53 -31.91 44.46 -41.47
C GLY C 53 -30.98 45.66 -41.61
N VAL C 54 -29.66 45.42 -41.59
CA VAL C 54 -28.64 46.47 -41.61
C VAL C 54 -27.82 46.28 -42.88
N ASP C 55 -27.30 47.36 -43.43
CA ASP C 55 -26.34 47.28 -44.53
C ASP C 55 -24.93 47.00 -43.92
N LEU C 56 -24.49 45.74 -44.04
CA LEU C 56 -23.25 45.27 -43.40
C LEU C 56 -22.01 45.53 -44.26
N SER C 57 -22.19 46.14 -45.45
CA SER C 57 -21.10 46.64 -46.28
C SER C 57 -20.51 47.92 -45.70
N GLU C 58 -21.12 48.46 -44.65
CA GLU C 58 -20.51 49.59 -43.96
C GLU C 58 -20.13 49.42 -42.52
N GLN C 59 -19.00 50.00 -42.16
CA GLN C 59 -18.50 50.02 -40.78
C GLN C 59 -19.60 50.37 -39.80
N GLN C 60 -19.83 49.51 -38.83
CA GLN C 60 -20.80 49.84 -37.78
C GLN C 60 -20.15 50.70 -36.73
N GLN C 61 -21.01 51.38 -35.96
CA GLN C 61 -20.54 52.29 -34.97
C GLN C 61 -20.58 51.62 -33.60
N ALA C 62 -20.00 52.28 -32.60
CA ALA C 62 -19.97 51.77 -31.22
C ALA C 62 -21.34 51.27 -30.74
N GLU C 63 -21.35 50.14 -30.02
CA GLU C 63 -22.51 49.51 -29.44
C GLU C 63 -23.51 49.04 -30.48
N SER C 64 -23.04 48.65 -31.66
CA SER C 64 -23.92 48.13 -32.71
C SER C 64 -24.37 46.73 -32.42
N ASP C 65 -25.67 46.55 -32.54
CA ASP C 65 -26.28 45.26 -32.50
C ASP C 65 -25.78 44.40 -33.65
N ALA C 66 -25.29 45.01 -34.74
CA ALA C 66 -25.05 44.29 -36.01
C ALA C 66 -23.59 43.89 -36.18
N TRP C 67 -23.09 43.23 -35.15
CA TRP C 67 -21.73 42.78 -35.09
C TRP C 67 -21.65 41.71 -34.00
N TYR C 68 -20.69 40.82 -34.18
CA TYR C 68 -20.39 39.79 -33.22
C TYR C 68 -18.94 39.38 -33.42
N SER C 69 -18.30 39.07 -32.30
CA SER C 69 -16.90 38.74 -32.27
C SER C 69 -16.77 37.27 -32.68
N PRO C 70 -15.59 36.90 -33.15
CA PRO C 70 -15.35 35.49 -33.48
C PRO C 70 -15.72 34.52 -32.38
N SER C 71 -15.49 34.90 -31.12
CA SER C 71 -15.78 34.01 -29.97
C SER C 71 -17.28 33.70 -29.82
N MET C 72 -18.09 34.54 -30.47
CA MET C 72 -19.53 34.36 -30.57
C MET C 72 -20.01 33.51 -31.74
N TYR C 73 -19.09 33.03 -32.61
CA TYR C 73 -19.46 32.22 -33.79
C TYR C 73 -18.88 30.82 -33.68
N ASN C 74 -19.64 29.83 -34.15
CA ASN C 74 -19.17 28.43 -34.19
C ASN C 74 -20.08 27.61 -35.14
N VAL C 75 -19.71 26.34 -35.39
CA VAL C 75 -20.58 25.36 -36.04
C VAL C 75 -20.85 24.20 -35.08
N VAL C 76 -22.11 23.83 -34.92
CA VAL C 76 -22.50 22.83 -33.95
C VAL C 76 -23.51 21.96 -34.56
N LYS C 77 -23.67 20.80 -33.97
CA LYS C 77 -24.68 19.87 -34.42
C LYS C 77 -26.04 20.31 -33.79
N GLN C 78 -27.10 20.25 -34.59
CA GLN C 78 -28.47 20.55 -34.16
C GLN C 78 -29.42 19.55 -34.87
N ASP C 79 -30.19 18.77 -34.10
CA ASP C 79 -30.97 17.63 -34.62
C ASP C 79 -30.18 16.78 -35.64
N GLY C 80 -28.94 16.47 -35.28
CA GLY C 80 -28.08 15.63 -36.08
C GLY C 80 -27.41 16.26 -37.29
N ARG C 81 -27.71 17.50 -37.64
CA ARG C 81 -27.10 18.18 -38.81
C ARG C 81 -26.16 19.29 -38.29
N ASP C 82 -25.05 19.55 -38.98
CA ASP C 82 -24.19 20.70 -38.62
C ASP C 82 -24.88 22.03 -39.03
N VAL C 83 -24.92 23.00 -38.11
CA VAL C 83 -25.47 24.32 -38.37
C VAL C 83 -24.51 25.36 -37.87
N HIS C 84 -24.54 26.55 -38.49
CA HIS C 84 -23.82 27.73 -38.02
C HIS C 84 -24.55 28.21 -36.76
N VAL C 85 -23.85 28.79 -35.82
CA VAL C 85 -24.55 29.38 -34.66
C VAL C 85 -23.84 30.68 -34.33
N VAL C 86 -24.61 31.68 -33.93
CA VAL C 86 -23.99 32.83 -33.32
C VAL C 86 -24.72 33.05 -31.99
N ILE C 87 -23.96 33.27 -30.92
CA ILE C 87 -24.59 33.46 -29.61
C ILE C 87 -24.13 34.84 -29.23
N LYS C 88 -25.03 35.81 -29.36
CA LYS C 88 -24.70 37.26 -29.13
C LYS C 88 -25.60 37.90 -28.10
N PRO C 89 -25.11 38.94 -27.38
CA PRO C 89 -25.94 39.51 -26.32
C PRO C 89 -27.21 40.21 -26.86
N ASP C 90 -28.24 40.28 -26.00
CA ASP C 90 -29.53 40.86 -26.35
C ASP C 90 -29.58 42.30 -25.93
N HIS C 91 -29.71 43.21 -26.90
CA HIS C 91 -29.88 44.68 -26.63
C HIS C 91 -31.09 45.03 -25.76
N GLU C 92 -32.14 44.26 -25.90
CA GLU C 92 -33.43 44.47 -25.26
C GLU C 92 -33.53 43.90 -23.86
N CYS C 93 -32.58 43.08 -23.47
CA CYS C 93 -32.66 42.46 -22.18
C CYS C 93 -32.29 43.51 -21.16
N VAL C 94 -33.17 43.75 -20.19
CA VAL C 94 -32.93 44.85 -19.20
C VAL C 94 -31.74 44.58 -18.28
N VAL C 95 -31.32 43.31 -18.17
CA VAL C 95 -30.18 42.99 -17.32
C VAL C 95 -28.90 43.60 -17.88
N ASN C 96 -28.61 43.33 -19.13
CA ASN C 96 -27.31 43.67 -19.69
C ASN C 96 -27.34 44.71 -20.77
N SER C 97 -28.52 44.97 -21.38
CA SER C 97 -28.68 46.02 -22.42
C SER C 97 -27.65 45.82 -23.49
N GLY C 98 -27.52 44.56 -23.91
CA GLY C 98 -26.60 44.15 -24.95
C GLY C 98 -25.15 43.97 -24.59
N LEU C 99 -24.75 44.27 -23.36
CA LEU C 99 -23.38 43.94 -22.95
C LEU C 99 -23.18 42.42 -22.89
N GLY C 100 -22.02 41.95 -23.32
CA GLY C 100 -21.57 40.56 -23.08
C GLY C 100 -20.19 40.58 -22.49
N SER C 101 -20.01 40.01 -21.30
CA SER C 101 -18.69 39.90 -20.67
C SER C 101 -17.71 39.05 -21.51
N VAL C 102 -16.43 39.17 -21.17
CA VAL C 102 -15.38 38.32 -21.69
C VAL C 102 -15.69 36.82 -21.55
N ARG C 103 -16.50 36.46 -20.56
CA ARG C 103 -16.96 35.07 -20.41
C ARG C 103 -18.14 34.74 -21.31
N GLY C 104 -19.25 35.43 -21.18
CA GLY C 104 -20.44 35.09 -21.97
C GLY C 104 -20.26 35.21 -23.48
N ALA C 105 -19.46 36.19 -23.90
CA ALA C 105 -19.24 36.40 -25.34
C ALA C 105 -18.46 35.27 -26.00
N ARG C 106 -17.90 34.37 -25.17
CA ARG C 106 -17.23 33.18 -25.69
C ARG C 106 -18.02 31.90 -25.43
N MET C 107 -19.31 31.99 -25.18
CA MET C 107 -20.14 30.75 -25.18
C MET C 107 -20.08 29.93 -26.49
N ALA C 108 -20.06 30.58 -27.65
CA ALA C 108 -20.10 29.84 -28.87
C ALA C 108 -18.77 29.12 -29.08
N GLU C 109 -17.68 29.82 -28.81
CA GLU C 109 -16.33 29.27 -28.98
C GLU C 109 -15.94 28.18 -27.95
N THR C 110 -16.58 28.18 -26.79
CA THR C 110 -16.46 27.10 -25.81
C THR C 110 -17.57 26.05 -25.92
N SER C 111 -18.39 26.11 -26.98
CA SER C 111 -19.33 25.06 -27.30
C SER C 111 -18.55 23.97 -28.03
N PHE C 112 -19.15 22.78 -28.12
CA PHE C 112 -18.52 21.63 -28.73
C PHE C 112 -18.79 21.70 -30.20
N SER C 113 -17.69 21.69 -30.99
CA SER C 113 -17.72 21.64 -32.43
C SER C 113 -16.82 20.59 -33.04
N GLU C 114 -17.39 19.57 -33.69
CA GLU C 114 -16.57 18.68 -34.51
C GLU C 114 -16.01 19.37 -35.76
N ALA C 115 -16.82 20.20 -36.41
CA ALA C 115 -16.40 20.86 -37.64
C ALA C 115 -15.29 21.85 -37.36
N ARG C 116 -15.34 22.61 -36.28
CA ARG C 116 -14.28 23.59 -36.04
C ARG C 116 -13.29 23.25 -34.91
N ASN C 117 -13.41 22.03 -34.36
CA ASN C 117 -12.48 21.47 -33.37
C ASN C 117 -12.42 22.26 -32.06
N THR C 118 -13.58 22.71 -31.55
CA THR C 118 -13.54 23.39 -30.27
C THR C 118 -14.02 22.38 -29.22
N GLN C 119 -13.45 22.50 -28.02
CA GLN C 119 -13.81 21.66 -26.86
C GLN C 119 -13.83 20.14 -27.17
N GLN C 120 -12.77 19.67 -27.85
CA GLN C 120 -12.57 18.26 -28.17
C GLN C 120 -12.37 17.44 -26.89
N GLN C 121 -11.95 18.08 -25.79
CA GLN C 121 -11.99 17.43 -24.48
C GLN C 121 -13.38 16.96 -24.01
N ARG C 122 -14.49 17.40 -24.60
CA ARG C 122 -15.82 17.12 -24.01
C ARG C 122 -16.09 15.63 -23.93
N LEU C 123 -16.69 15.19 -22.85
CA LEU C 123 -17.05 13.77 -22.72
C LEU C 123 -18.15 13.44 -23.71
N THR C 124 -18.04 12.26 -24.33
CA THR C 124 -18.98 11.73 -25.32
C THR C 124 -19.56 10.34 -24.90
N ASP C 125 -18.84 9.58 -24.06
CA ASP C 125 -19.22 8.19 -23.71
C ASP C 125 -18.97 7.95 -22.26
N PRO C 126 -19.80 7.11 -21.60
CA PRO C 126 -19.44 6.56 -20.29
C PRO C 126 -18.07 5.92 -20.32
N LEU C 127 -17.29 6.18 -19.27
CA LEU C 127 -16.01 5.52 -19.15
C LEU C 127 -16.04 4.66 -17.88
N VAL C 128 -15.38 3.50 -17.94
CA VAL C 128 -15.21 2.61 -16.80
C VAL C 128 -13.73 2.19 -16.69
N TRP C 129 -13.20 2.25 -15.48
CA TRP C 129 -11.90 1.70 -15.18
C TRP C 129 -11.91 0.16 -15.29
N ARG C 130 -11.26 -0.38 -16.36
CA ARG C 130 -11.09 -1.83 -16.54
C ARG C 130 -9.96 -2.14 -17.51
N TYR C 131 -9.35 -3.30 -17.33
CA TYR C 131 -8.27 -3.78 -18.16
C TYR C 131 -7.00 -2.87 -18.05
N GLY C 132 -6.89 -2.15 -16.96
CA GLY C 132 -5.71 -1.34 -16.67
C GLY C 132 -5.80 0.15 -16.93
N GLN C 133 -6.93 0.59 -17.45
CA GLN C 133 -7.15 2.00 -17.80
C GLN C 133 -8.64 2.30 -17.95
N MET C 134 -8.96 3.57 -18.20
CA MET C 134 -10.33 3.97 -18.46
C MET C 134 -10.69 3.51 -19.86
N GLN C 135 -11.87 2.94 -20.01
CA GLN C 135 -12.32 2.38 -21.28
C GLN C 135 -13.75 2.89 -21.55
N PRO C 136 -14.04 3.31 -22.79
CA PRO C 136 -15.41 3.66 -23.16
C PRO C 136 -16.36 2.44 -23.21
N THR C 137 -17.62 2.71 -22.92
CA THR C 137 -18.63 1.66 -22.91
C THR C 137 -20.02 2.22 -23.07
N SER C 138 -20.99 1.34 -23.01
CA SER C 138 -22.39 1.74 -23.12
C SER C 138 -22.93 2.31 -21.81
N TRP C 139 -24.03 3.07 -21.94
CA TRP C 139 -24.78 3.51 -20.73
C TRP C 139 -25.30 2.34 -19.88
N ASP C 140 -25.82 1.31 -20.55
CA ASP C 140 -26.36 0.14 -19.87
C ASP C 140 -25.30 -0.51 -18.98
N ASP C 141 -24.11 -0.68 -19.54
CA ASP C 141 -22.99 -1.29 -18.86
C ASP C 141 -22.58 -0.39 -17.73
N ALA C 142 -22.38 0.90 -17.98
CA ALA C 142 -21.85 1.73 -16.89
C ALA C 142 -22.81 1.95 -15.74
N LEU C 143 -24.08 2.20 -16.06
CA LEU C 143 -25.14 2.40 -15.01
C LEU C 143 -25.40 1.12 -14.20
N ASP C 144 -25.38 0.00 -14.89
CA ASP C 144 -25.45 -1.29 -14.26
C ASP C 144 -24.35 -1.47 -13.21
N LEU C 145 -23.10 -1.17 -13.53
CA LEU C 145 -22.05 -1.23 -12.55
C LEU C 145 -22.24 -0.27 -11.38
N VAL C 146 -22.56 1.00 -11.70
CA VAL C 146 -22.76 2.02 -10.66
C VAL C 146 -23.87 1.57 -9.70
N ALA C 147 -24.98 1.15 -10.25
CA ALA C 147 -26.12 0.74 -9.42
C ALA C 147 -25.82 -0.49 -8.55
N ARG C 148 -25.14 -1.46 -9.12
CA ARG C 148 -24.87 -2.68 -8.39
C ARG C 148 -23.93 -2.45 -7.24
N VAL C 149 -22.85 -1.69 -7.45
CA VAL C 149 -21.94 -1.39 -6.32
C VAL C 149 -22.65 -0.48 -5.30
N THR C 150 -23.36 0.54 -5.78
CA THR C 150 -24.08 1.46 -4.91
C THR C 150 -25.17 0.73 -4.10
N ALA C 151 -25.95 -0.07 -4.81
CA ALA C 151 -26.97 -0.88 -4.12
C ALA C 151 -26.37 -1.82 -3.05
N LYS C 152 -25.34 -2.55 -3.42
CA LYS C 152 -24.72 -3.50 -2.49
C LYS C 152 -24.14 -2.83 -1.24
N ILE C 153 -23.52 -1.69 -1.42
CA ILE C 153 -22.93 -0.97 -0.33
C ILE C 153 -24.00 -0.45 0.62
N VAL C 154 -25.06 0.07 0.03
CA VAL C 154 -26.14 0.67 0.83
C VAL C 154 -26.90 -0.43 1.63
N LYS C 155 -27.17 -1.58 0.99
CA LYS C 155 -27.71 -2.74 1.67
C LYS C 155 -26.82 -3.20 2.83
N GLU C 156 -25.51 -3.30 2.63
CA GLU C 156 -24.62 -3.91 3.64
C GLU C 156 -24.27 -2.97 4.79
N LYS C 157 -24.27 -1.66 4.51
CA LYS C 157 -23.74 -0.62 5.42
C LYS C 157 -24.65 0.57 5.71
N GLY C 158 -25.81 0.60 5.04
CA GLY C 158 -26.73 1.73 5.09
C GLY C 158 -26.42 2.85 4.10
N GLU C 159 -27.39 3.72 3.93
CA GLU C 159 -27.30 4.91 3.08
C GLU C 159 -26.22 5.89 3.54
N ASP C 160 -25.77 5.78 4.79
CA ASP C 160 -24.68 6.63 5.23
C ASP C 160 -23.33 6.34 4.53
N ALA C 161 -23.16 5.11 3.99
CA ALA C 161 -21.96 4.73 3.21
C ALA C 161 -21.88 5.38 1.79
N LEU C 162 -23.00 5.91 1.29
CA LEU C 162 -23.04 6.75 0.07
C LEU C 162 -22.78 8.23 0.39
N ILE C 163 -21.69 8.74 -0.17
CA ILE C 163 -21.28 10.14 -0.09
C ILE C 163 -21.64 10.80 -1.44
N VAL C 164 -22.10 12.04 -1.42
CA VAL C 164 -22.50 12.74 -2.66
C VAL C 164 -21.93 14.12 -2.63
N SER C 165 -21.34 14.52 -3.74
CA SER C 165 -20.99 15.90 -3.98
C SER C 165 -21.77 16.35 -5.19
N ALA C 166 -22.46 17.47 -5.08
CA ALA C 166 -23.24 17.94 -6.23
C ALA C 166 -23.42 19.42 -6.19
N PHE C 167 -23.46 20.02 -7.38
CA PHE C 167 -24.00 21.38 -7.57
C PHE C 167 -25.30 21.56 -6.80
N ASP C 168 -25.53 22.74 -6.25
CA ASP C 168 -26.93 23.15 -5.88
C ASP C 168 -27.31 24.41 -6.61
N HIS C 169 -26.50 24.81 -7.60
CA HIS C 169 -26.62 26.14 -8.20
C HIS C 169 -27.47 26.12 -9.49
N GLY C 170 -27.66 27.31 -10.06
CA GLY C 170 -28.35 27.48 -11.38
C GLY C 170 -27.39 27.62 -12.57
N GLY C 171 -27.98 27.92 -13.75
CA GLY C 171 -27.21 28.06 -14.97
C GLY C 171 -26.59 26.72 -15.42
N ALA C 172 -25.60 26.79 -16.31
CA ALA C 172 -24.93 25.56 -16.84
C ALA C 172 -24.31 24.76 -15.67
N GLY C 173 -24.60 23.47 -15.59
CA GLY C 173 -24.10 22.68 -14.46
C GLY C 173 -25.03 22.72 -13.26
N GLY C 174 -26.21 23.27 -13.50
CA GLY C 174 -27.19 23.47 -12.46
C GLY C 174 -28.58 23.61 -13.04
N GLY C 175 -29.40 24.31 -12.28
CA GLY C 175 -30.72 24.70 -12.71
C GLY C 175 -31.83 23.86 -12.12
N TYR C 176 -33.06 24.34 -12.34
CA TYR C 176 -34.25 23.76 -11.71
C TYR C 176 -34.48 22.29 -12.15
N GLU C 177 -34.23 21.96 -13.41
CA GLU C 177 -34.40 20.58 -13.85
C GLU C 177 -33.39 19.61 -13.17
N ASN C 178 -32.12 20.06 -13.08
CA ASN C 178 -31.01 19.26 -12.62
C ASN C 178 -30.90 19.20 -11.13
N THR C 179 -31.11 20.32 -10.45
CA THR C 179 -31.13 20.24 -8.96
C THR C 179 -32.30 19.38 -8.47
N TRP C 180 -33.41 19.40 -9.22
CA TRP C 180 -34.51 18.53 -8.91
C TRP C 180 -34.20 17.07 -9.13
N GLY C 181 -33.65 16.72 -10.28
CA GLY C 181 -33.36 15.32 -10.59
C GLY C 181 -32.41 14.72 -9.56
N THR C 182 -31.34 15.42 -9.25
CA THR C 182 -30.37 14.99 -8.22
C THR C 182 -30.96 14.92 -6.84
N GLY C 183 -31.70 15.97 -6.50
CA GLY C 183 -32.50 16.09 -5.26
C GLY C 183 -33.50 14.97 -5.06
N LYS C 184 -34.26 14.67 -6.09
CA LYS C 184 -35.20 13.62 -6.00
C LYS C 184 -34.53 12.26 -5.75
N LEU C 185 -33.39 12.03 -6.36
CA LEU C 185 -32.71 10.76 -6.20
C LEU C 185 -32.19 10.61 -4.76
N TYR C 186 -31.54 11.64 -4.22
CA TYR C 186 -30.80 11.45 -2.97
C TYR C 186 -31.56 11.81 -1.72
N PHE C 187 -32.59 12.66 -1.87
CA PHE C 187 -33.49 13.07 -0.77
C PHE C 187 -34.95 12.54 -0.82
N GLU C 188 -35.45 12.11 -1.98
CA GLU C 188 -36.77 11.50 -2.04
C GLU C 188 -36.62 10.01 -2.05
N ALA C 189 -35.93 9.44 -3.04
CA ALA C 189 -35.78 7.98 -3.14
C ALA C 189 -34.93 7.46 -2.01
N MET C 190 -33.91 8.24 -1.62
CA MET C 190 -33.00 7.95 -0.50
C MET C 190 -33.08 9.09 0.47
N LYS C 191 -32.33 8.98 1.56
CA LYS C 191 -32.20 10.01 2.59
C LYS C 191 -30.71 10.15 2.81
N VAL C 192 -30.00 10.61 1.79
CA VAL C 192 -28.56 10.72 1.92
C VAL C 192 -28.21 11.88 2.85
N LYS C 193 -27.52 11.61 3.96
CA LYS C 193 -27.06 12.62 4.94
C LYS C 193 -25.68 13.21 4.57
N ASN C 194 -24.82 12.36 4.01
CA ASN C 194 -23.43 12.75 3.80
C ASN C 194 -23.29 13.31 2.39
N ILE C 195 -23.91 14.44 2.20
CA ILE C 195 -23.94 15.14 0.89
C ILE C 195 -23.31 16.52 1.14
N ARG C 196 -22.45 16.94 0.20
CA ARG C 196 -21.90 18.28 0.23
C ARG C 196 -22.22 18.97 -1.05
N ILE C 197 -21.95 20.26 -1.05
CA ILE C 197 -22.31 21.11 -2.16
C ILE C 197 -21.02 21.42 -2.98
N HIS C 198 -21.21 21.93 -4.20
CA HIS C 198 -20.08 22.23 -5.08
C HIS C 198 -19.03 23.10 -4.44
N ASN C 199 -19.42 24.02 -3.53
CA ASN C 199 -18.49 25.05 -3.06
C ASN C 199 -18.15 25.00 -1.59
N ARG C 200 -18.77 24.07 -0.91
CA ARG C 200 -18.72 24.04 0.56
C ARG C 200 -18.90 22.60 1.00
N PRO C 201 -18.16 22.17 2.01
CA PRO C 201 -18.04 20.74 2.33
C PRO C 201 -19.13 20.10 3.21
N ALA C 202 -20.28 20.76 3.26
CA ALA C 202 -21.44 20.24 3.97
C ALA C 202 -22.72 20.73 3.33
N TYR C 203 -23.86 20.11 3.70
CA TYR C 203 -25.15 20.51 3.15
C TYR C 203 -25.79 21.61 4.01
N ASN C 204 -25.23 22.80 3.85
CA ASN C 204 -25.61 24.00 4.60
C ASN C 204 -25.99 25.17 3.61
N SER C 205 -26.39 26.31 4.17
CA SER C 205 -26.58 27.53 3.40
C SER C 205 -25.35 28.39 3.67
N GLU C 206 -24.97 29.16 2.65
CA GLU C 206 -23.95 30.19 2.73
C GLU C 206 -24.28 31.25 3.76
N VAL C 207 -25.56 31.44 4.00
CA VAL C 207 -26.02 32.68 4.63
C VAL C 207 -27.13 32.39 5.63
N HIS C 208 -26.91 31.42 6.49
CA HIS C 208 -27.83 31.14 7.55
C HIS C 208 -28.14 32.39 8.40
N GLY C 209 -27.19 33.28 8.59
CA GLY C 209 -27.42 34.48 9.39
C GLY C 209 -28.61 35.30 8.91
N THR C 210 -28.57 35.72 7.66
CA THR C 210 -29.64 36.53 7.11
C THR C 210 -30.96 35.74 7.09
N ARG C 211 -30.95 34.46 6.70
CA ARG C 211 -32.20 33.74 6.67
C ARG C 211 -32.80 33.52 8.04
N ASP C 212 -31.99 33.21 9.03
CA ASP C 212 -32.49 33.04 10.37
C ASP C 212 -33.07 34.39 10.79
N MET C 213 -32.45 35.49 10.37
CA MET C 213 -33.01 36.82 10.67
C MET C 213 -34.35 37.12 9.99
N GLY C 214 -34.78 36.29 9.04
CA GLY C 214 -36.01 36.52 8.29
C GLY C 214 -35.83 37.20 6.95
N VAL C 215 -34.57 37.43 6.56
CA VAL C 215 -34.23 38.18 5.34
C VAL C 215 -33.54 37.27 4.29
N GLY C 216 -34.34 36.77 3.34
CA GLY C 216 -33.81 36.06 2.22
C GLY C 216 -32.82 36.98 1.53
N GLU C 217 -31.74 36.39 1.04
CA GLU C 217 -30.58 37.13 0.57
C GLU C 217 -30.71 37.75 -0.85
N LEU C 218 -31.77 37.41 -1.60
CA LEU C 218 -31.96 38.01 -2.91
C LEU C 218 -33.31 38.72 -2.80
N ASN C 219 -33.28 39.90 -2.16
CA ASN C 219 -34.49 40.58 -1.76
C ASN C 219 -34.81 41.87 -2.55
N ASN C 220 -33.92 42.34 -3.43
CA ASN C 220 -34.13 43.61 -4.16
C ASN C 220 -34.18 43.39 -5.69
N CYS C 221 -34.07 44.43 -6.48
CA CYS C 221 -33.96 44.27 -7.94
C CYS C 221 -32.70 45.08 -8.36
N TYR C 222 -32.23 44.80 -9.58
CA TYR C 222 -31.04 45.44 -10.09
C TYR C 222 -31.22 46.98 -10.28
N GLU C 223 -32.46 47.43 -10.50
CA GLU C 223 -32.76 48.85 -10.58
C GLU C 223 -32.40 49.51 -9.26
N ASP C 224 -32.50 48.81 -8.13
CA ASP C 224 -32.07 49.42 -6.85
C ASP C 224 -30.63 49.94 -6.81
N ALA C 225 -29.75 49.30 -7.57
CA ALA C 225 -28.39 49.73 -7.63
C ALA C 225 -28.28 51.05 -8.35
N GLU C 226 -29.22 51.32 -9.25
CA GLU C 226 -29.37 52.62 -9.93
C GLU C 226 -29.94 53.72 -9.03
N LEU C 227 -30.84 53.35 -8.12
CA LEU C 227 -31.67 54.29 -7.38
C LEU C 227 -31.13 54.74 -6.04
N ALA C 228 -30.16 54.03 -5.47
CA ALA C 228 -29.69 54.32 -4.10
C ALA C 228 -28.83 55.57 -4.05
N ASP C 229 -28.78 56.24 -2.89
CA ASP C 229 -27.84 57.37 -2.69
C ASP C 229 -26.43 56.80 -2.38
N THR C 230 -26.39 55.65 -1.69
CA THR C 230 -25.14 54.95 -1.34
C THR C 230 -25.23 53.40 -1.61
N ILE C 231 -24.24 52.86 -2.31
CA ILE C 231 -24.04 51.38 -2.40
C ILE C 231 -22.91 51.00 -1.41
N VAL C 232 -23.15 49.99 -0.58
CA VAL C 232 -22.12 49.45 0.28
C VAL C 232 -21.86 48.06 -0.30
N ALA C 233 -20.64 47.89 -0.80
CA ALA C 233 -20.16 46.72 -1.57
C ALA C 233 -19.13 46.00 -0.73
N VAL C 234 -19.53 44.90 -0.10
CA VAL C 234 -18.68 44.23 0.88
C VAL C 234 -18.22 42.88 0.29
N GLY C 235 -16.90 42.72 0.18
CA GLY C 235 -16.32 41.48 -0.25
C GLY C 235 -16.74 41.11 -1.65
N THR C 236 -16.73 42.10 -2.54
CA THR C 236 -17.08 41.91 -3.94
C THR C 236 -16.13 42.66 -4.84
N ASN C 237 -15.80 42.03 -5.97
CA ASN C 237 -14.95 42.65 -6.99
C ASN C 237 -15.76 42.71 -8.28
N ALA C 238 -16.94 43.34 -8.13
CA ALA C 238 -18.06 43.28 -9.07
C ALA C 238 -17.77 43.57 -10.51
N LEU C 239 -16.78 44.43 -10.79
CA LEU C 239 -16.41 44.66 -12.19
C LEU C 239 -15.89 43.35 -12.83
N GLU C 240 -15.12 42.58 -12.05
CA GLU C 240 -14.58 41.30 -12.49
C GLU C 240 -15.61 40.17 -12.32
N THR C 241 -16.39 40.20 -11.22
CA THR C 241 -17.25 39.06 -10.79
C THR C 241 -18.72 39.19 -10.96
N GLN C 242 -19.24 40.39 -11.14
CA GLN C 242 -20.63 40.60 -11.43
C GLN C 242 -20.72 41.64 -12.51
N THR C 243 -19.96 41.38 -13.55
CA THR C 243 -19.54 42.41 -14.46
C THR C 243 -20.64 43.32 -15.04
N ASN C 244 -21.68 42.74 -15.63
CA ASN C 244 -22.66 43.54 -16.32
C ASN C 244 -23.75 44.08 -15.38
N TYR C 245 -23.84 43.59 -14.16
CA TYR C 245 -24.70 44.21 -13.18
C TYR C 245 -24.01 45.53 -12.78
N PHE C 246 -22.74 45.40 -12.39
CA PHE C 246 -21.87 46.51 -12.20
C PHE C 246 -22.02 47.54 -13.30
N LEU C 247 -21.84 47.13 -14.54
CA LEU C 247 -21.69 48.11 -15.62
C LEU C 247 -23.00 48.73 -16.08
N ASN C 248 -24.06 47.93 -16.19
CA ASN C 248 -25.32 48.38 -16.71
C ASN C 248 -26.26 48.99 -15.62
N HIS C 249 -25.92 48.86 -14.32
CA HIS C 249 -26.76 49.40 -13.23
C HIS C 249 -26.05 50.22 -12.14
N TRP C 250 -24.89 49.79 -11.67
CA TRP C 250 -24.16 50.53 -10.64
C TRP C 250 -23.54 51.79 -11.26
N ILE C 251 -22.90 51.61 -12.42
CA ILE C 251 -22.18 52.64 -13.09
C ILE C 251 -23.07 53.87 -13.44
N PRO C 252 -24.29 53.66 -13.98
CA PRO C 252 -25.17 54.81 -14.23
C PRO C 252 -25.50 55.62 -13.01
N ASN C 253 -25.71 54.94 -11.87
CA ASN C 253 -25.88 55.62 -10.58
C ASN C 253 -24.66 56.50 -10.23
N LEU C 254 -23.46 55.91 -10.24
CA LEU C 254 -22.22 56.62 -9.93
C LEU C 254 -21.93 57.77 -10.94
N ARG C 255 -22.29 57.58 -12.21
CA ARG C 255 -22.11 58.59 -13.26
C ARG C 255 -23.12 59.74 -13.09
N GLY C 256 -24.20 59.50 -12.36
CA GLY C 256 -25.32 60.42 -12.26
C GLY C 256 -26.34 60.31 -13.39
N GLU C 257 -26.17 59.37 -14.33
CA GLU C 257 -27.13 59.26 -15.42
C GLU C 257 -28.48 58.64 -14.98
N SER C 258 -28.55 58.13 -13.75
CA SER C 258 -29.82 57.67 -13.17
C SER C 258 -30.66 58.77 -12.45
N LEU C 259 -30.17 60.02 -12.42
CA LEU C 259 -30.81 61.10 -11.67
C LEU C 259 -32.23 61.41 -12.12
N GLY C 260 -32.45 61.40 -13.43
CA GLY C 260 -33.80 61.51 -13.98
C GLY C 260 -34.76 60.44 -13.45
N LYS C 261 -34.33 59.19 -13.51
CA LYS C 261 -35.14 58.11 -12.92
C LYS C 261 -35.39 58.26 -11.40
N LYS C 262 -34.36 58.66 -10.66
CA LYS C 262 -34.52 58.85 -9.20
C LYS C 262 -35.60 59.90 -8.85
N LYS C 263 -35.62 61.01 -9.62
CA LYS C 263 -36.52 62.15 -9.36
C LYS C 263 -37.95 61.80 -9.69
N GLU C 264 -38.13 61.01 -10.72
CA GLU C 264 -39.45 60.50 -11.07
C GLU C 264 -39.96 59.42 -10.08
N LEU C 265 -39.14 58.46 -9.66
CA LEU C 265 -39.69 57.37 -8.82
C LEU C 265 -39.83 57.78 -7.37
N MET C 266 -39.04 58.77 -6.97
CA MET C 266 -39.04 59.29 -5.62
C MET C 266 -38.83 60.82 -5.64
N PRO C 267 -39.83 61.62 -6.11
CA PRO C 267 -39.76 63.06 -5.82
C PRO C 267 -40.13 63.20 -4.33
N GLU C 268 -40.17 64.40 -3.81
CA GLU C 268 -40.25 64.61 -2.34
C GLU C 268 -38.90 64.36 -1.63
N GLU C 269 -37.81 64.04 -2.35
CA GLU C 269 -36.51 63.93 -1.71
C GLU C 269 -35.35 64.37 -2.60
N PRO C 270 -34.27 64.83 -1.97
CA PRO C 270 -33.08 65.13 -2.76
C PRO C 270 -32.33 63.85 -3.31
N HIS C 271 -31.50 64.07 -4.33
CA HIS C 271 -30.74 63.03 -5.02
C HIS C 271 -29.50 63.63 -5.67
N GLU C 272 -28.35 63.14 -5.24
CA GLU C 272 -27.12 63.33 -5.97
C GLU C 272 -26.74 62.01 -6.67
N ALA C 273 -25.76 62.10 -7.54
CA ALA C 273 -25.12 60.90 -8.06
C ALA C 273 -24.72 60.00 -6.85
N GLY C 274 -24.91 58.70 -7.05
CA GLY C 274 -24.57 57.68 -6.05
C GLY C 274 -23.13 57.69 -5.64
N ARG C 275 -22.91 57.45 -4.37
CA ARG C 275 -21.59 57.27 -3.80
C ARG C 275 -21.49 55.79 -3.41
N ILE C 276 -20.26 55.30 -3.17
CA ILE C 276 -20.02 53.87 -2.93
C ILE C 276 -18.91 53.67 -1.92
N ILE C 277 -19.19 52.78 -0.98
CA ILE C 277 -18.23 52.28 0.01
C ILE C 277 -17.86 50.86 -0.41
N ILE C 278 -16.57 50.61 -0.59
CA ILE C 278 -16.05 49.27 -0.96
C ILE C 278 -15.26 48.72 0.23
N VAL C 279 -15.73 47.63 0.80
CA VAL C 279 -15.04 46.98 1.93
C VAL C 279 -14.32 45.77 1.36
N ASP C 280 -13.02 45.93 1.19
CA ASP C 280 -12.17 44.94 0.54
C ASP C 280 -10.72 45.24 0.94
N PRO C 281 -10.03 44.28 1.56
CA PRO C 281 -8.63 44.52 1.90
C PRO C 281 -7.76 44.94 0.73
N ARG C 282 -8.15 44.56 -0.48
CA ARG C 282 -7.34 44.72 -1.65
C ARG C 282 -7.97 45.82 -2.49
N ARG C 283 -7.10 46.65 -3.06
CA ARG C 283 -7.51 47.59 -4.05
C ARG C 283 -7.69 46.87 -5.38
N THR C 284 -8.91 46.76 -5.84
CA THR C 284 -9.23 46.01 -7.05
C THR C 284 -9.49 46.91 -8.20
N VAL C 285 -9.56 46.30 -9.39
CA VAL C 285 -10.02 47.08 -10.53
C VAL C 285 -11.41 47.68 -10.34
N THR C 286 -12.26 47.05 -9.48
CA THR C 286 -13.57 47.60 -9.17
C THR C 286 -13.40 48.98 -8.47
N VAL C 287 -12.52 49.06 -7.47
CA VAL C 287 -12.23 50.34 -6.81
C VAL C 287 -11.80 51.38 -7.82
N ASN C 288 -10.90 50.99 -8.69
CA ASN C 288 -10.35 51.88 -9.67
C ASN C 288 -11.42 52.45 -10.55
N ALA C 289 -12.25 51.58 -11.12
CA ALA C 289 -13.28 52.00 -12.04
C ALA C 289 -14.30 52.93 -11.37
N CYS C 290 -14.61 52.64 -10.11
CA CYS C 290 -15.50 53.50 -9.33
C CYS C 290 -14.90 54.90 -9.21
N GLU C 291 -13.62 54.99 -8.86
CA GLU C 291 -12.95 56.29 -8.77
C GLU C 291 -12.99 56.99 -10.13
N GLN C 292 -12.79 56.22 -11.19
CA GLN C 292 -12.74 56.81 -12.51
C GLN C 292 -14.10 57.36 -12.99
N THR C 293 -15.17 56.81 -12.44
CA THR C 293 -16.50 57.03 -12.88
C THR C 293 -17.21 58.02 -11.94
N ALA C 294 -17.12 57.85 -10.62
CA ALA C 294 -17.76 58.79 -9.65
C ALA C 294 -16.89 60.00 -9.19
N GLY C 295 -15.59 59.94 -9.46
CA GLY C 295 -14.57 60.78 -8.86
C GLY C 295 -14.14 60.16 -7.54
N ALA C 296 -12.88 60.36 -7.17
CA ALA C 296 -12.31 59.88 -5.88
C ALA C 296 -13.11 60.28 -4.61
N ASP C 297 -13.72 61.46 -4.65
CA ASP C 297 -14.39 61.99 -3.47
C ASP C 297 -15.66 61.25 -3.18
N ASN C 298 -16.21 60.57 -4.17
CA ASN C 298 -17.40 59.72 -3.95
C ASN C 298 -17.15 58.23 -3.77
N VAL C 299 -15.90 57.84 -3.60
CA VAL C 299 -15.58 56.42 -3.42
C VAL C 299 -14.88 56.33 -2.11
N LEU C 300 -15.34 55.49 -1.21
CA LEU C 300 -14.66 55.28 0.06
C LEU C 300 -14.19 53.81 0.06
N HIS C 301 -12.91 53.62 -0.22
CA HIS C 301 -12.29 52.32 -0.16
C HIS C 301 -11.80 52.04 1.24
N LEU C 302 -12.62 51.27 1.97
CA LEU C 302 -12.22 50.79 3.26
C LEU C 302 -11.41 49.51 3.09
N ALA C 303 -10.09 49.69 2.94
CA ALA C 303 -9.10 48.62 2.88
C ALA C 303 -8.86 47.97 4.24
N ILE C 304 -9.86 47.28 4.74
CA ILE C 304 -9.77 46.64 6.04
C ILE C 304 -8.69 45.58 6.12
N ASN C 305 -8.26 45.27 7.35
CA ASN C 305 -7.45 44.09 7.60
C ASN C 305 -8.32 42.87 7.29
N SER C 306 -7.68 41.92 6.63
CA SER C 306 -8.31 40.65 6.29
C SER C 306 -9.15 40.12 7.46
N GLY C 307 -10.40 39.73 7.18
CA GLY C 307 -11.24 39.09 8.19
C GLY C 307 -11.79 39.96 9.32
N THR C 308 -11.76 41.28 9.18
CA THR C 308 -12.20 42.18 10.26
C THR C 308 -13.49 42.93 9.91
N ASP C 309 -14.26 42.39 8.96
CA ASP C 309 -15.52 43.01 8.56
C ASP C 309 -16.48 43.21 9.75
N LEU C 310 -16.59 42.22 10.63
CA LEU C 310 -17.55 42.22 11.72
C LEU C 310 -17.28 43.37 12.68
N ALA C 311 -16.05 43.85 12.75
CA ALA C 311 -15.69 44.91 13.68
C ALA C 311 -16.08 46.23 13.07
N LEU C 312 -15.83 46.41 11.78
CA LEU C 312 -16.42 47.53 11.05
C LEU C 312 -17.95 47.62 11.20
N PHE C 313 -18.65 46.56 10.86
CA PHE C 313 -20.11 46.58 10.92
C PHE C 313 -20.66 46.88 12.33
N ASN C 314 -20.00 46.37 13.35
CA ASN C 314 -20.49 46.57 14.69
C ASN C 314 -20.27 48.00 15.11
N ALA C 315 -19.13 48.59 14.73
CA ALA C 315 -18.86 49.98 14.98
C ALA C 315 -19.80 50.89 14.21
N LEU C 316 -20.02 50.64 12.92
CA LEU C 316 -21.04 51.36 12.14
C LEU C 316 -22.46 51.21 12.74
N PHE C 317 -22.82 50.03 13.23
CA PHE C 317 -24.14 49.80 13.84
C PHE C 317 -24.29 50.69 15.07
N THR C 318 -23.22 50.74 15.85
CA THR C 318 -23.19 51.40 17.16
C THR C 318 -23.38 52.90 16.93
N TYR C 319 -22.51 53.47 16.11
CA TYR C 319 -22.49 54.90 15.84
C TYR C 319 -23.82 55.38 15.24
N ILE C 320 -24.29 54.70 14.18
CA ILE C 320 -25.61 54.99 13.61
C ILE C 320 -26.77 54.92 14.63
N ALA C 321 -26.78 53.91 15.49
CA ALA C 321 -27.87 53.76 16.46
C ALA C 321 -27.81 54.87 17.51
N ASP C 322 -26.59 55.18 18.00
CA ASP C 322 -26.31 56.32 18.93
C ASP C 322 -26.65 57.71 18.43
N LYS C 323 -26.53 57.93 17.14
CA LYS C 323 -26.84 59.18 16.47
C LYS C 323 -28.35 59.28 16.13
N GLY C 324 -29.08 58.17 16.27
CA GLY C 324 -30.49 58.13 15.94
C GLY C 324 -30.77 58.02 14.45
N TRP C 325 -29.75 57.78 13.63
CA TRP C 325 -29.90 57.71 12.17
C TRP C 325 -30.63 56.41 11.65
N VAL C 326 -31.84 56.15 12.16
CA VAL C 326 -32.54 54.86 12.00
C VAL C 326 -33.99 55.07 11.55
N ASP C 327 -34.58 54.07 10.93
CA ASP C 327 -35.95 54.15 10.48
C ASP C 327 -36.79 53.61 11.63
N ARG C 328 -37.22 54.55 12.46
CA ARG C 328 -37.85 54.31 13.72
C ARG C 328 -39.13 53.49 13.49
N ASP C 329 -39.94 53.88 12.50
CA ASP C 329 -41.23 53.21 12.19
C ASP C 329 -41.04 51.79 11.64
N PHE C 330 -40.01 51.61 10.82
CA PHE C 330 -39.63 50.27 10.33
C PHE C 330 -39.29 49.35 11.51
N ILE C 331 -38.43 49.83 12.40
CA ILE C 331 -38.06 49.05 13.56
C ILE C 331 -39.27 48.62 14.34
N ASP C 332 -40.20 49.53 14.61
CA ASP C 332 -41.37 49.26 15.47
C ASP C 332 -42.35 48.33 14.78
N LYS C 333 -42.66 48.59 13.52
CA LYS C 333 -43.65 47.74 12.81
C LYS C 333 -43.13 46.38 12.37
N SER C 334 -41.85 46.29 11.99
CA SER C 334 -41.40 45.13 11.22
C SER C 334 -40.27 44.28 11.85
N THR C 335 -39.88 44.61 13.09
CA THR C 335 -38.83 43.88 13.77
C THR C 335 -39.18 43.46 15.19
N LEU C 336 -38.49 42.43 15.67
CA LEU C 336 -38.81 41.81 16.93
C LEU C 336 -38.52 42.77 18.07
N ARG C 337 -39.54 43.01 18.89
CA ARG C 337 -39.46 44.01 19.99
C ARG C 337 -39.21 43.35 21.37
N GLU C 338 -39.70 42.12 21.55
CA GLU C 338 -39.48 41.31 22.75
C GLU C 338 -38.06 40.67 22.67
N GLY C 339 -37.03 41.38 23.14
CA GLY C 339 -35.66 40.84 23.17
C GLY C 339 -35.54 39.63 24.09
N THR C 340 -34.58 38.76 23.84
CA THR C 340 -34.50 37.52 24.60
C THR C 340 -33.17 37.51 25.33
N ALA C 341 -33.08 36.68 26.35
CA ALA C 341 -31.82 36.55 27.11
C ALA C 341 -30.69 35.87 26.28
N ARG C 342 -29.48 36.43 26.34
CA ARG C 342 -28.25 35.79 25.84
C ARG C 342 -28.07 34.34 26.37
N PRO C 343 -27.52 33.44 25.52
CA PRO C 343 -27.23 32.10 26.00
C PRO C 343 -26.02 32.03 26.96
N PRO C 344 -25.93 30.97 27.78
CA PRO C 344 -24.93 31.01 28.85
C PRO C 344 -23.50 31.12 28.39
N LEU C 345 -23.17 30.60 27.20
CA LEU C 345 -21.76 30.63 26.70
C LEU C 345 -21.35 31.92 25.97
N TYR C 346 -22.32 32.82 25.75
CA TYR C 346 -22.13 34.11 25.07
C TYR C 346 -21.22 34.99 25.94
N PRO C 347 -20.39 35.87 25.36
CA PRO C 347 -20.34 36.15 23.92
C PRO C 347 -19.44 35.20 23.06
N ALA C 348 -18.62 34.36 23.66
CA ALA C 348 -17.66 33.57 22.86
C ALA C 348 -18.35 32.51 21.94
N ARG C 349 -19.41 31.86 22.41
CA ARG C 349 -20.06 30.82 21.61
C ARG C 349 -21.57 31.00 21.76
N GLY C 350 -22.32 30.60 20.76
CA GLY C 350 -23.79 30.61 20.81
C GLY C 350 -24.42 29.52 21.64
N VAL C 351 -25.73 29.38 21.54
CA VAL C 351 -26.44 28.34 22.33
C VAL C 351 -25.92 26.92 21.98
N SER C 352 -25.60 26.68 20.71
CA SER C 352 -25.02 25.43 20.26
C SER C 352 -24.25 25.75 18.98
N GLU C 353 -23.64 24.75 18.38
CA GLU C 353 -22.97 24.91 17.08
C GLU C 353 -23.95 25.32 15.94
N ALA C 354 -25.21 24.88 16.04
CA ALA C 354 -26.26 25.24 15.10
C ALA C 354 -26.58 26.71 15.10
N ASN C 355 -26.26 27.44 16.16
CA ASN C 355 -26.72 28.84 16.29
C ASN C 355 -25.61 29.76 16.82
N PRO C 356 -24.68 30.17 15.93
CA PRO C 356 -23.46 30.88 16.36
C PRO C 356 -23.71 32.24 16.94
N GLY C 357 -24.82 32.84 16.54
CA GLY C 357 -25.17 34.19 16.91
C GLY C 357 -26.49 34.21 17.63
N HIS C 358 -26.77 35.34 18.28
CA HIS C 358 -27.99 35.51 19.09
C HIS C 358 -29.02 36.47 18.45
N LEU C 359 -30.16 35.93 18.03
CA LEU C 359 -31.23 36.73 17.43
C LEU C 359 -32.04 37.47 18.55
N SER C 360 -32.14 38.80 18.43
CA SER C 360 -32.95 39.61 19.35
C SER C 360 -33.53 40.91 18.72
N SER C 361 -34.01 41.79 19.60
CA SER C 361 -34.41 43.19 19.27
C SER C 361 -33.28 44.07 18.82
N PHE C 362 -33.64 45.18 18.21
CA PHE C 362 -32.72 46.25 17.84
C PHE C 362 -31.85 46.69 18.99
N GLU C 363 -32.48 47.03 20.12
CA GLU C 363 -31.80 47.65 21.26
C GLU C 363 -30.82 46.69 21.96
N ASP C 364 -31.25 45.43 22.11
CA ASP C 364 -30.37 44.34 22.56
C ASP C 364 -29.22 44.10 21.59
N ALA C 365 -29.49 44.10 20.29
CA ALA C 365 -28.42 43.90 19.29
C ALA C 365 -27.39 44.99 19.36
N VAL C 366 -27.85 46.22 19.49
CA VAL C 366 -26.95 47.35 19.58
C VAL C 366 -26.08 47.22 20.82
N GLU C 367 -26.64 46.88 21.97
CA GLU C 367 -25.82 46.79 23.22
C GLU C 367 -24.84 45.63 23.15
N GLY C 368 -25.30 44.55 22.53
CA GLY C 368 -24.50 43.34 22.29
C GLY C 368 -23.33 43.53 21.33
N CYS C 369 -23.60 44.25 20.23
CA CYS C 369 -22.64 44.52 19.16
C CYS C 369 -21.69 45.64 19.53
N ARG C 370 -22.04 46.38 20.55
CA ARG C 370 -21.49 47.68 20.75
C ARG C 370 -20.00 47.67 20.55
N MET C 371 -19.52 48.54 19.68
CA MET C 371 -18.11 48.76 19.55
C MET C 371 -17.77 50.20 19.17
N SER C 372 -16.82 50.77 19.92
CA SER C 372 -16.38 52.13 19.67
C SER C 372 -15.64 52.21 18.36
N ILE C 373 -15.61 53.41 17.84
CA ILE C 373 -14.85 53.76 16.65
C ILE C 373 -13.33 53.48 16.81
N GLU C 374 -12.82 53.79 17.99
CA GLU C 374 -11.41 53.57 18.33
C GLU C 374 -11.06 52.06 18.31
N GLU C 375 -11.90 51.21 18.93
CA GLU C 375 -11.60 49.77 18.96
C GLU C 375 -11.62 49.15 17.56
N ALA C 376 -12.65 49.50 16.78
CA ALA C 376 -12.76 49.18 15.34
C ALA C 376 -11.57 49.68 14.54
N ALA C 377 -11.18 50.92 14.72
CA ALA C 377 -10.00 51.41 14.07
C ALA C 377 -8.70 50.61 14.44
N GLU C 378 -8.55 50.14 15.70
CA GLU C 378 -7.45 49.17 16.04
C GLU C 378 -7.64 47.83 15.27
N ILE C 379 -8.82 47.22 15.32
CA ILE C 379 -8.99 45.89 14.75
C ILE C 379 -8.84 45.95 13.23
N THR C 380 -9.55 46.86 12.60
CA THR C 380 -9.60 46.91 11.14
C THR C 380 -8.40 47.56 10.48
N GLY C 381 -7.63 48.36 11.21
CA GLY C 381 -6.50 49.13 10.59
C GLY C 381 -6.92 50.43 9.91
N LEU C 382 -8.23 50.71 9.83
CA LEU C 382 -8.70 51.96 9.24
C LEU C 382 -8.48 53.11 10.24
N ASP C 383 -8.55 54.33 9.72
CA ASP C 383 -8.59 55.51 10.55
C ASP C 383 -10.00 55.71 11.08
N ALA C 384 -10.07 56.25 12.30
CA ALA C 384 -11.34 56.70 12.88
C ALA C 384 -12.16 57.55 11.91
N ALA C 385 -11.51 58.46 11.18
CA ALA C 385 -12.23 59.33 10.26
C ALA C 385 -12.90 58.62 9.08
N GLN C 386 -12.29 57.50 8.62
CA GLN C 386 -12.88 56.66 7.57
C GLN C 386 -14.17 55.93 8.05
N ILE C 387 -14.10 55.38 9.24
CA ILE C 387 -15.26 54.66 9.81
C ILE C 387 -16.45 55.63 10.04
N ILE C 388 -16.16 56.86 10.46
CA ILE C 388 -17.21 57.88 10.66
C ILE C 388 -17.79 58.33 9.33
N LYS C 389 -16.93 58.68 8.37
CA LYS C 389 -17.42 59.04 7.05
C LYS C 389 -18.39 57.95 6.49
N ALA C 390 -18.02 56.68 6.66
CA ALA C 390 -18.82 55.55 6.22
C ALA C 390 -20.20 55.51 6.91
N ALA C 391 -20.22 55.76 8.20
CA ALA C 391 -21.47 55.89 8.96
C ALA C 391 -22.35 57.01 8.45
N GLU C 392 -21.73 58.12 8.05
CA GLU C 392 -22.49 59.23 7.47
C GLU C 392 -23.08 58.83 6.14
N TRP C 393 -22.27 58.27 5.25
CA TRP C 393 -22.72 57.81 3.90
C TRP C 393 -23.82 56.74 3.92
N ILE C 394 -23.97 56.06 5.04
CA ILE C 394 -25.01 55.06 5.24
C ILE C 394 -26.24 55.66 5.94
N GLY C 395 -26.01 56.29 7.09
CA GLY C 395 -27.10 56.73 7.97
C GLY C 395 -27.51 58.20 8.00
N MET C 396 -26.60 59.12 7.67
CA MET C 396 -26.94 60.53 7.77
C MET C 396 -28.17 60.84 6.90
N PRO C 397 -29.23 61.42 7.51
CA PRO C 397 -30.38 61.87 6.74
C PRO C 397 -29.96 62.88 5.70
N LYS C 398 -30.69 62.89 4.58
CA LYS C 398 -30.45 63.87 3.49
C LYS C 398 -30.99 65.27 3.90
N GLU C 399 -30.60 66.36 3.22
CA GLU C 399 -31.19 67.68 3.56
C GLU C 399 -32.72 67.55 3.59
N GLY C 400 -33.31 67.95 4.70
CA GLY C 400 -34.76 67.84 4.92
C GLY C 400 -35.19 66.72 5.84
N GLY C 401 -34.22 66.01 6.45
CA GLY C 401 -34.50 64.83 7.27
C GLY C 401 -34.98 63.56 6.54
N LYS C 402 -34.74 63.43 5.22
CA LYS C 402 -35.15 62.22 4.49
C LYS C 402 -34.13 61.09 4.60
N ARG C 403 -34.67 59.88 4.75
CA ARG C 403 -33.94 58.65 5.04
C ARG C 403 -32.97 58.37 3.91
N ARG C 404 -31.71 58.06 4.26
CA ARG C 404 -30.73 57.85 3.20
C ARG C 404 -30.96 56.47 2.63
N ARG C 405 -31.05 56.40 1.31
CA ARG C 405 -31.25 55.12 0.62
C ARG C 405 -29.92 54.39 0.27
N VAL C 406 -29.81 53.15 0.77
CA VAL C 406 -28.56 52.37 0.75
C VAL C 406 -28.79 50.93 0.33
N MET C 407 -28.14 50.52 -0.75
CA MET C 407 -28.10 49.13 -1.17
C MET C 407 -26.84 48.49 -0.61
N PHE C 408 -27.03 47.52 0.27
CA PHE C 408 -25.94 46.74 0.84
C PHE C 408 -25.76 45.45 0.02
N GLY C 409 -24.72 45.38 -0.80
CA GLY C 409 -24.35 44.16 -1.52
C GLY C 409 -23.07 43.51 -0.98
N TYR C 410 -23.10 42.19 -0.75
CA TYR C 410 -21.94 41.43 -0.23
C TYR C 410 -21.77 40.14 -1.01
N GLU C 411 -20.55 39.66 -1.14
CA GLU C 411 -20.37 38.32 -1.73
C GLU C 411 -19.29 37.52 -0.97
N LYS C 412 -18.26 36.99 -1.65
CA LYS C 412 -17.45 35.96 -0.98
C LYS C 412 -16.35 36.48 -0.06
N GLY C 413 -15.99 37.75 -0.17
CA GLY C 413 -15.12 38.35 0.82
C GLY C 413 -15.78 38.31 2.19
N LEU C 414 -17.11 38.38 2.21
CA LEU C 414 -17.84 38.18 3.42
C LEU C 414 -18.10 36.69 3.64
N ILE C 415 -18.76 36.04 2.69
CA ILE C 415 -19.26 34.68 2.92
C ILE C 415 -18.16 33.63 3.26
N TRP C 416 -17.03 33.72 2.58
CA TRP C 416 -15.89 32.89 2.86
C TRP C 416 -14.87 33.63 3.74
N GLY C 417 -15.23 34.83 4.21
CA GLY C 417 -14.47 35.54 5.25
C GLY C 417 -14.81 35.16 6.68
N ASN C 418 -14.28 35.94 7.61
CA ASN C 418 -14.23 35.52 9.00
C ASN C 418 -15.64 35.50 9.60
N ASP C 419 -15.91 34.48 10.41
CA ASP C 419 -17.08 34.43 11.29
C ASP C 419 -18.35 34.68 10.49
N ASN C 420 -18.58 33.81 9.50
CA ASN C 420 -19.63 33.99 8.52
C ASN C 420 -20.98 34.34 9.13
N TYR C 421 -21.38 33.62 10.17
CA TYR C 421 -22.72 33.83 10.74
C TYR C 421 -22.92 35.27 11.26
N ARG C 422 -21.99 35.68 12.13
CA ARG C 422 -21.98 36.96 12.80
C ARG C 422 -21.76 38.11 11.86
N THR C 423 -20.76 38.01 10.98
CA THR C 423 -20.47 39.05 9.99
C THR C 423 -21.70 39.33 9.09
N ASN C 424 -22.37 38.25 8.68
CA ASN C 424 -23.53 38.36 7.81
C ASN C 424 -24.57 39.15 8.60
N GLY C 425 -24.87 38.71 9.81
CA GLY C 425 -25.91 39.34 10.58
C GLY C 425 -25.63 40.80 10.91
N ALA C 426 -24.36 41.06 11.20
CA ALA C 426 -23.88 42.37 11.57
C ALA C 426 -24.12 43.36 10.49
N LEU C 427 -23.91 42.95 9.24
CA LEU C 427 -24.24 43.73 8.06
C LEU C 427 -25.73 43.83 7.84
N VAL C 428 -26.45 42.73 8.07
CA VAL C 428 -27.91 42.81 7.90
C VAL C 428 -28.52 43.80 8.94
N ASN C 429 -27.89 43.92 10.10
CA ASN C 429 -28.29 44.92 11.11
C ASN C 429 -28.32 46.33 10.53
N LEU C 430 -27.32 46.70 9.73
CA LEU C 430 -27.24 48.08 9.21
C LEU C 430 -28.43 48.40 8.30
N ALA C 431 -28.78 47.41 7.48
CA ALA C 431 -29.91 47.54 6.56
C ALA C 431 -31.25 47.54 7.27
N LEU C 432 -31.37 46.73 8.30
CA LEU C 432 -32.63 46.72 9.07
C LEU C 432 -32.75 48.01 9.87
N ALA C 433 -31.66 48.43 10.51
CA ALA C 433 -31.64 49.69 11.29
C ALA C 433 -32.09 50.88 10.45
N THR C 434 -31.58 50.95 9.21
CA THR C 434 -31.88 52.05 8.28
C THR C 434 -33.11 51.86 7.40
N GLY C 435 -33.86 50.80 7.64
CA GLY C 435 -35.06 50.47 6.84
C GLY C 435 -34.79 50.26 5.36
N ASN C 436 -33.56 49.84 5.03
CA ASN C 436 -33.18 49.71 3.62
C ASN C 436 -33.40 48.27 3.08
N ILE C 437 -34.57 47.70 3.37
CA ILE C 437 -34.99 46.40 2.83
C ILE C 437 -36.46 46.56 2.39
N GLY C 438 -36.82 45.96 1.27
CA GLY C 438 -38.17 46.08 0.70
C GLY C 438 -38.56 47.43 0.07
N ARG C 439 -37.60 48.35 -0.08
CA ARG C 439 -37.86 49.73 -0.53
C ARG C 439 -36.97 50.04 -1.73
N PRO C 440 -37.43 50.93 -2.64
CA PRO C 440 -36.56 51.40 -3.70
C PRO C 440 -35.23 51.91 -3.20
N GLY C 441 -34.19 51.61 -4.00
CA GLY C 441 -32.84 51.95 -3.67
C GLY C 441 -32.24 51.29 -2.46
N GLY C 442 -32.88 50.24 -1.93
CA GLY C 442 -32.34 49.47 -0.82
C GLY C 442 -31.95 48.03 -1.21
N GLY C 443 -31.82 47.22 -0.15
CA GLY C 443 -31.56 45.79 -0.21
C GLY C 443 -30.35 45.50 0.67
N VAL C 444 -30.34 44.33 1.31
CA VAL C 444 -29.10 43.75 1.83
C VAL C 444 -29.00 42.35 1.20
N VAL C 445 -28.20 42.30 0.15
CA VAL C 445 -28.20 41.17 -0.78
C VAL C 445 -26.82 40.53 -1.04
N ARG C 446 -26.85 39.22 -1.26
CA ARG C 446 -25.80 38.54 -2.02
C ARG C 446 -25.79 39.16 -3.40
N LEU C 447 -24.60 39.46 -3.89
CA LEU C 447 -24.41 39.84 -5.27
C LEU C 447 -24.24 38.62 -6.19
N GLY C 448 -23.88 37.49 -5.55
CA GLY C 448 -24.07 36.17 -6.05
C GLY C 448 -22.89 35.63 -6.86
N GLY C 449 -23.03 34.38 -7.30
CA GLY C 449 -21.95 33.72 -8.01
C GLY C 449 -22.40 33.07 -9.28
N HIS C 450 -22.91 31.85 -9.17
CA HIS C 450 -23.69 31.22 -10.21
C HIS C 450 -25.08 31.82 -10.09
N GLN C 451 -25.84 31.68 -11.17
CA GLN C 451 -27.29 31.82 -11.11
C GLN C 451 -27.90 30.83 -10.13
N GLU C 452 -29.17 31.03 -9.82
CA GLU C 452 -29.88 30.23 -8.83
C GLU C 452 -30.87 29.37 -9.56
N GLY C 453 -31.00 28.09 -9.18
CA GLY C 453 -32.04 27.22 -9.76
C GLY C 453 -32.27 25.99 -8.92
N TYR C 454 -32.59 26.23 -7.65
CA TYR C 454 -32.71 25.19 -6.66
C TYR C 454 -34.16 24.83 -6.44
N VAL C 455 -34.47 23.55 -6.66
CA VAL C 455 -35.68 23.01 -6.19
C VAL C 455 -35.42 21.55 -5.85
N ARG C 456 -35.64 21.22 -4.58
CA ARG C 456 -35.38 19.86 -4.07
C ARG C 456 -36.32 19.46 -2.96
N PRO C 457 -36.49 18.16 -2.77
CA PRO C 457 -37.15 17.68 -1.58
C PRO C 457 -36.53 18.17 -0.30
N SER C 458 -37.28 18.00 0.76
CA SER C 458 -36.83 18.44 2.04
C SER C 458 -35.40 17.88 2.31
N ASP C 459 -34.57 18.68 2.99
CA ASP C 459 -33.26 18.23 3.43
C ASP C 459 -33.17 18.09 4.92
N ALA C 460 -34.31 17.86 5.54
CA ALA C 460 -34.39 17.90 7.01
C ALA C 460 -33.40 16.90 7.67
N HIS C 461 -33.31 15.71 7.08
CA HIS C 461 -32.47 14.62 7.57
C HIS C 461 -30.97 14.93 7.67
N VAL C 462 -30.56 15.95 6.93
CA VAL C 462 -29.18 16.34 6.78
C VAL C 462 -28.61 16.86 8.10
N GLY C 463 -29.47 17.45 8.92
CA GLY C 463 -29.06 18.04 10.22
C GLY C 463 -28.45 19.40 10.04
N ARG C 464 -28.36 20.11 11.16
CA ARG C 464 -27.70 21.43 11.27
C ARG C 464 -26.97 21.48 12.63
N PRO C 465 -25.65 21.60 12.69
CA PRO C 465 -24.71 21.54 11.55
C PRO C 465 -24.79 20.20 10.76
N ALA C 466 -24.54 20.26 9.47
CA ALA C 466 -24.51 19.06 8.63
C ALA C 466 -23.13 18.40 8.69
N ALA C 467 -23.03 17.16 8.20
CA ALA C 467 -21.72 16.45 8.18
C ALA C 467 -20.69 17.17 7.27
N TYR C 468 -19.47 17.27 7.80
CA TYR C 468 -18.31 17.83 7.11
C TYR C 468 -17.75 16.70 6.24
N VAL C 469 -18.26 16.62 5.03
CA VAL C 469 -17.98 15.49 4.12
C VAL C 469 -16.49 15.32 3.78
N ASP C 470 -15.75 16.38 3.49
CA ASP C 470 -14.33 16.18 3.18
C ASP C 470 -13.61 15.44 4.30
N GLN C 471 -13.99 15.72 5.56
CA GLN C 471 -13.34 15.11 6.74
C GLN C 471 -13.70 13.65 6.93
N LEU C 472 -14.95 13.30 6.64
CA LEU C 472 -15.31 11.90 6.54
C LEU C 472 -14.39 11.19 5.50
N LEU C 473 -14.25 11.78 4.33
CA LEU C 473 -13.50 11.13 3.26
C LEU C 473 -12.00 11.02 3.63
N ILE C 474 -11.46 12.12 4.09
CA ILE C 474 -10.04 12.19 4.49
C ILE C 474 -9.77 11.19 5.65
N GLY C 475 -10.75 10.98 6.53
CA GLY C 475 -10.58 10.10 7.71
C GLY C 475 -10.89 8.66 7.43
N GLY C 476 -11.18 8.32 6.17
CA GLY C 476 -11.33 6.93 5.75
C GLY C 476 -12.77 6.41 5.84
N GLN C 477 -13.78 7.27 5.97
CA GLN C 477 -15.17 6.80 6.00
C GLN C 477 -15.85 6.93 4.65
N GLY C 478 -17.01 6.28 4.49
CA GLY C 478 -17.82 6.33 3.25
C GLY C 478 -17.34 5.24 2.31
N GLY C 479 -18.23 4.68 1.52
CA GLY C 479 -17.89 3.55 0.64
C GLY C 479 -17.99 3.85 -0.85
N VAL C 480 -19.01 4.59 -1.25
CA VAL C 480 -19.23 5.03 -2.62
C VAL C 480 -19.44 6.58 -2.63
N HIS C 481 -18.91 7.23 -3.66
CA HIS C 481 -19.00 8.67 -3.85
C HIS C 481 -19.51 8.97 -5.25
N HIS C 482 -20.63 9.65 -5.33
CA HIS C 482 -21.19 10.18 -6.59
C HIS C 482 -20.85 11.68 -6.59
N ILE C 483 -20.19 12.14 -7.66
CA ILE C 483 -19.76 13.50 -7.84
C ILE C 483 -20.42 14.11 -9.08
N TRP C 484 -21.17 15.18 -8.89
CA TRP C 484 -21.91 15.83 -10.00
C TRP C 484 -21.45 17.30 -10.08
N GLY C 485 -20.74 17.63 -11.17
CA GLY C 485 -20.55 18.99 -11.64
C GLY C 485 -19.79 19.83 -10.65
N CYS C 486 -18.79 19.24 -9.98
CA CYS C 486 -17.82 19.98 -9.17
C CYS C 486 -16.48 19.22 -9.09
N ASP C 487 -15.40 19.94 -8.84
CA ASP C 487 -14.06 19.36 -8.91
C ASP C 487 -13.23 19.79 -7.69
N HIS C 488 -13.48 19.08 -6.59
CA HIS C 488 -12.77 19.33 -5.34
C HIS C 488 -11.27 19.37 -5.50
N TYR C 489 -10.68 18.58 -6.41
CA TYR C 489 -9.22 18.62 -6.60
C TYR C 489 -8.72 20.04 -6.88
N LYS C 490 -9.53 20.88 -7.54
CA LYS C 490 -9.19 22.27 -7.82
C LYS C 490 -9.79 23.32 -6.86
N THR C 491 -10.85 22.97 -6.16
CA THR C 491 -11.70 23.98 -5.50
C THR C 491 -12.05 23.78 -4.05
N THR C 492 -11.75 22.63 -3.45
CA THR C 492 -12.14 22.47 -2.08
C THR C 492 -11.09 23.16 -1.25
N LEU C 493 -11.43 23.27 0.04
CA LEU C 493 -10.48 23.69 1.05
C LEU C 493 -9.63 22.51 1.46
N ASN C 494 -8.43 22.80 1.99
CA ASN C 494 -7.49 21.75 2.49
C ASN C 494 -7.25 20.72 1.35
N ALA C 495 -7.05 21.24 0.14
CA ALA C 495 -7.14 20.46 -1.08
C ALA C 495 -5.95 19.50 -1.27
N HIS C 496 -4.79 19.81 -0.72
CA HIS C 496 -3.60 18.99 -0.87
C HIS C 496 -3.77 17.67 -0.07
N GLU C 497 -4.14 17.79 1.20
CA GLU C 497 -4.51 16.59 1.96
C GLU C 497 -5.64 15.83 1.32
N PHE C 498 -6.65 16.54 0.83
CA PHE C 498 -7.83 15.89 0.21
C PHE C 498 -7.35 15.02 -0.95
N LYS C 499 -6.43 15.55 -1.77
CA LYS C 499 -5.94 14.83 -2.98
C LYS C 499 -5.08 13.61 -2.62
N ARG C 500 -4.26 13.74 -1.59
CA ARG C 500 -3.42 12.64 -1.09
C ARG C 500 -4.26 11.45 -0.72
N VAL C 501 -5.30 11.68 0.09
CA VAL C 501 -6.12 10.63 0.61
C VAL C 501 -7.07 10.14 -0.45
N TYR C 502 -7.65 11.03 -1.23
CA TYR C 502 -8.58 10.63 -2.27
C TYR C 502 -7.89 9.68 -3.22
N LYS C 503 -6.67 10.01 -3.64
CA LYS C 503 -5.94 9.14 -4.57
C LYS C 503 -5.73 7.75 -3.98
N LYS C 504 -5.27 7.71 -2.75
CA LYS C 504 -4.90 6.44 -2.11
C LYS C 504 -6.14 5.53 -1.94
N ARG C 505 -7.24 6.08 -1.48
CA ARG C 505 -8.44 5.30 -1.29
C ARG C 505 -9.06 4.81 -2.62
N THR C 506 -9.05 5.65 -3.66
CA THR C 506 -9.53 5.20 -4.96
C THR C 506 -8.55 4.24 -5.63
N ASP C 507 -7.27 4.47 -5.38
CA ASP C 507 -6.28 3.52 -5.91
C ASP C 507 -6.58 2.09 -5.46
N MET C 508 -7.05 1.94 -4.20
CA MET C 508 -7.31 0.60 -3.62
C MET C 508 -8.37 -0.05 -4.43
N VAL C 509 -9.37 0.70 -4.83
CA VAL C 509 -10.44 0.13 -5.66
C VAL C 509 -9.97 -0.14 -7.06
N LYS C 510 -9.18 0.78 -7.60
CA LYS C 510 -8.58 0.60 -8.93
C LYS C 510 -7.76 -0.65 -9.07
N ASP C 511 -6.94 -0.95 -8.07
CA ASP C 511 -6.06 -2.11 -8.10
C ASP C 511 -6.88 -3.39 -8.01
N ALA C 512 -7.92 -3.38 -7.17
CA ALA C 512 -8.86 -4.52 -7.17
C ALA C 512 -9.52 -4.73 -8.53
N MET C 513 -10.04 -3.66 -9.16
CA MET C 513 -10.73 -3.80 -10.45
C MET C 513 -9.84 -4.33 -11.58
N SER C 514 -8.57 -3.91 -11.58
CA SER C 514 -7.61 -4.35 -12.58
C SER C 514 -7.29 -5.85 -12.48
N ALA C 515 -7.44 -6.41 -11.29
CA ALA C 515 -7.09 -7.78 -11.04
C ALA C 515 -8.27 -8.70 -11.07
N ALA C 516 -9.48 -8.16 -11.27
CA ALA C 516 -10.69 -8.96 -11.26
C ALA C 516 -11.22 -9.09 -12.69
N PRO C 517 -11.99 -10.17 -12.97
CA PRO C 517 -12.65 -10.35 -14.28
C PRO C 517 -13.84 -9.40 -14.43
N TYR C 518 -13.87 -8.60 -15.50
CA TYR C 518 -14.98 -7.67 -15.75
C TYR C 518 -16.19 -8.38 -16.35
N GLY C 519 -15.93 -9.26 -17.32
CA GLY C 519 -17.01 -9.99 -17.99
C GLY C 519 -17.84 -10.87 -17.07
N ASP C 520 -17.30 -11.26 -15.93
CA ASP C 520 -18.10 -11.85 -14.83
C ASP C 520 -18.40 -10.73 -13.85
N ARG C 521 -19.53 -10.05 -14.09
CA ARG C 521 -19.80 -8.80 -13.37
C ARG C 521 -19.98 -9.01 -11.87
N GLU C 522 -20.54 -10.14 -11.45
CA GLU C 522 -20.71 -10.38 -10.02
C GLU C 522 -19.32 -10.39 -9.32
N ALA C 523 -18.30 -10.93 -9.98
CA ALA C 523 -16.97 -10.99 -9.38
C ALA C 523 -16.34 -9.59 -9.27
N MET C 524 -16.43 -8.79 -10.33
CA MET C 524 -16.01 -7.36 -10.28
C MET C 524 -16.60 -6.61 -9.06
N VAL C 525 -17.93 -6.74 -8.87
CA VAL C 525 -18.64 -6.03 -7.79
C VAL C 525 -18.13 -6.46 -6.47
N ASN C 526 -17.96 -7.79 -6.28
CA ASN C 526 -17.42 -8.27 -5.00
C ASN C 526 -16.00 -7.83 -4.74
N ALA C 527 -15.15 -7.87 -5.76
CA ALA C 527 -13.78 -7.26 -5.62
C ALA C 527 -13.87 -5.80 -5.19
N ILE C 528 -14.79 -5.04 -5.80
CA ILE C 528 -14.89 -3.62 -5.47
C ILE C 528 -15.28 -3.37 -4.01
N VAL C 529 -16.30 -4.13 -3.59
CA VAL C 529 -16.83 -4.02 -2.25
C VAL C 529 -15.81 -4.49 -1.25
N ASP C 530 -15.05 -5.56 -1.56
CA ASP C 530 -13.96 -6.01 -0.66
C ASP C 530 -12.96 -4.86 -0.45
N ALA C 531 -12.55 -4.20 -1.55
CA ALA C 531 -11.61 -3.06 -1.44
C ALA C 531 -12.20 -1.93 -0.59
N ILE C 532 -13.51 -1.66 -0.77
CA ILE C 532 -14.19 -0.65 0.04
C ILE C 532 -14.17 -1.08 1.49
N ASN C 533 -14.53 -2.32 1.76
CA ASN C 533 -14.46 -2.84 3.13
C ASN C 533 -13.11 -2.63 3.82
N GLN C 534 -12.00 -2.57 3.05
CA GLN C 534 -10.62 -2.32 3.56
C GLN C 534 -10.25 -0.83 3.70
N GLY C 535 -11.18 0.05 3.37
CA GLY C 535 -10.98 1.48 3.43
C GLY C 535 -10.85 2.16 2.06
N GLY C 536 -11.11 1.45 0.98
CA GLY C 536 -11.14 2.09 -0.34
C GLY C 536 -12.40 2.87 -0.59
N LEU C 537 -12.50 3.46 -1.76
CA LEU C 537 -13.65 4.26 -2.16
C LEU C 537 -13.88 4.01 -3.62
N PHE C 538 -15.11 3.67 -3.96
CA PHE C 538 -15.49 3.63 -5.33
C PHE C 538 -16.18 4.98 -5.67
N ALA C 539 -15.82 5.57 -6.81
CA ALA C 539 -16.18 6.92 -7.13
C ALA C 539 -16.70 7.06 -8.56
N VAL C 540 -17.73 7.87 -8.73
CA VAL C 540 -18.42 8.06 -9.98
C VAL C 540 -18.51 9.56 -10.22
N ASN C 541 -18.13 10.01 -11.41
CA ASN C 541 -18.13 11.43 -11.75
C ASN C 541 -19.12 11.64 -12.86
N VAL C 542 -20.05 12.55 -12.65
CA VAL C 542 -20.93 13.02 -13.73
C VAL C 542 -20.46 14.43 -14.10
N ASP C 543 -19.96 14.61 -15.32
CA ASP C 543 -19.35 15.86 -15.71
C ASP C 543 -19.42 16.03 -17.24
N ILE C 544 -18.93 17.14 -17.74
CA ILE C 544 -18.86 17.39 -19.19
C ILE C 544 -17.44 17.28 -19.77
N ILE C 545 -16.43 17.20 -18.90
CA ILE C 545 -15.02 17.10 -19.33
C ILE C 545 -14.28 16.04 -18.48
N PRO C 546 -13.02 15.66 -18.87
CA PRO C 546 -12.16 14.92 -17.94
C PRO C 546 -11.68 15.83 -16.81
N THR C 547 -12.22 15.61 -15.61
CA THR C 547 -11.90 16.46 -14.46
C THR C 547 -10.63 16.00 -13.72
N LYS C 548 -10.16 16.83 -12.78
CA LYS C 548 -8.98 16.45 -12.01
C LYS C 548 -9.35 15.32 -11.04
N ILE C 549 -10.42 15.52 -10.24
CA ILE C 549 -10.97 14.46 -9.45
C ILE C 549 -11.35 13.22 -10.23
N GLY C 550 -11.89 13.45 -11.42
CA GLY C 550 -12.15 12.38 -12.39
C GLY C 550 -11.00 11.44 -12.69
N GLU C 551 -9.78 11.89 -12.54
CA GLU C 551 -8.61 11.03 -12.69
C GLU C 551 -8.54 9.95 -11.60
N ALA C 552 -9.24 10.14 -10.48
CA ALA C 552 -9.31 9.18 -9.40
C ALA C 552 -10.56 8.29 -9.47
N CYS C 553 -11.46 8.58 -10.42
CA CYS C 553 -12.76 7.94 -10.45
C CYS C 553 -12.78 6.66 -11.25
N HIS C 554 -13.79 5.84 -11.02
CA HIS C 554 -13.88 4.51 -11.61
C HIS C 554 -14.93 4.37 -12.66
N VAL C 555 -15.95 5.21 -12.54
CA VAL C 555 -16.88 5.45 -13.62
C VAL C 555 -17.04 6.94 -13.88
N ILE C 556 -17.09 7.27 -15.18
CA ILE C 556 -17.37 8.63 -15.64
C ILE C 556 -18.61 8.58 -16.49
N LEU C 557 -19.53 9.53 -16.25
CA LEU C 557 -20.77 9.58 -17.02
C LEU C 557 -20.91 10.95 -17.67
N PRO C 558 -21.17 10.98 -19.02
CA PRO C 558 -21.10 12.21 -19.80
C PRO C 558 -22.41 13.01 -19.79
N ALA C 559 -22.33 14.20 -19.25
CA ALA C 559 -23.45 15.09 -19.17
C ALA C 559 -23.57 16.00 -20.36
N ALA C 560 -24.77 16.48 -20.56
CA ALA C 560 -25.08 17.54 -21.48
C ALA C 560 -25.33 18.79 -20.64
N THR C 561 -24.91 19.96 -21.11
CA THR C 561 -25.02 21.23 -20.35
C THR C 561 -25.95 22.22 -21.08
N SER C 562 -26.13 23.41 -20.51
CA SER C 562 -27.19 24.31 -20.92
C SER C 562 -26.97 24.64 -22.36
N GLY C 563 -28.05 24.66 -23.12
CA GLY C 563 -27.97 24.94 -24.58
C GLY C 563 -28.00 23.68 -25.40
N GLU C 564 -27.46 22.60 -24.84
CA GLU C 564 -27.61 21.28 -25.44
C GLU C 564 -28.85 20.68 -24.83
N MET C 565 -29.40 21.37 -23.81
CA MET C 565 -30.74 21.10 -23.22
C MET C 565 -31.42 22.46 -22.94
N ASN C 566 -32.71 22.38 -22.61
CA ASN C 566 -33.47 23.49 -22.07
C ASN C 566 -33.09 23.58 -20.61
N LEU C 567 -33.06 24.78 -20.09
CA LEU C 567 -32.61 24.97 -18.71
C LEU C 567 -33.23 26.24 -18.12
N THR C 568 -33.71 26.17 -16.87
CA THR C 568 -34.34 27.30 -16.22
C THR C 568 -33.55 27.70 -14.99
N SER C 569 -33.46 28.99 -14.73
CA SER C 569 -32.78 29.48 -13.56
C SER C 569 -33.09 30.92 -13.49
N MET C 570 -32.74 31.51 -12.36
CA MET C 570 -32.94 32.92 -12.14
C MET C 570 -31.62 33.59 -11.76
N ASN C 571 -31.62 34.93 -11.83
CA ASN C 571 -30.41 35.72 -11.60
C ASN C 571 -30.42 36.37 -10.20
N GLY C 572 -29.58 37.37 -9.98
CA GLY C 572 -29.38 37.93 -8.66
C GLY C 572 -30.50 38.85 -8.19
N GLU C 573 -31.46 39.08 -9.09
CA GLU C 573 -32.71 39.73 -8.76
C GLU C 573 -33.94 38.84 -8.98
N ARG C 574 -33.72 37.53 -8.89
CA ARG C 574 -34.77 36.49 -9.03
C ARG C 574 -35.42 36.46 -10.41
N ARG C 575 -34.72 36.96 -11.43
CA ARG C 575 -35.25 36.95 -12.80
C ARG C 575 -35.08 35.58 -13.48
N MET C 576 -36.19 34.85 -13.61
CA MET C 576 -36.23 33.49 -14.13
C MET C 576 -36.40 33.52 -15.66
N ARG C 577 -35.50 32.87 -16.39
CA ARG C 577 -35.57 32.69 -17.85
C ARG C 577 -35.43 31.23 -18.22
N LEU C 578 -36.08 30.84 -19.30
CA LEU C 578 -35.80 29.61 -19.99
C LEU C 578 -34.66 29.81 -21.01
N THR C 579 -33.61 28.99 -20.93
CA THR C 579 -32.64 28.95 -22.02
C THR C 579 -33.17 27.85 -22.93
N GLU C 580 -33.34 28.15 -24.19
CA GLU C 580 -33.89 27.22 -25.17
C GLU C 580 -32.79 26.49 -25.89
N ARG C 581 -32.88 25.17 -25.89
CA ARG C 581 -31.92 24.29 -26.56
C ARG C 581 -31.68 24.67 -28.04
N TYR C 582 -30.41 24.91 -28.38
CA TYR C 582 -30.03 25.25 -29.74
C TYR C 582 -29.11 24.21 -30.42
N MET C 583 -28.66 23.19 -29.67
CA MET C 583 -27.68 22.23 -30.22
C MET C 583 -27.79 20.86 -29.53
N ASP C 584 -27.10 19.86 -30.08
CA ASP C 584 -27.15 18.50 -29.55
C ASP C 584 -26.07 18.29 -28.47
N PRO C 585 -26.39 17.46 -27.51
CA PRO C 585 -25.33 16.90 -26.62
C PRO C 585 -24.23 16.22 -27.46
N PRO C 586 -22.95 16.46 -27.16
CA PRO C 586 -21.84 15.71 -27.78
C PRO C 586 -22.00 14.21 -27.58
N GLY C 587 -21.76 13.42 -28.62
CA GLY C 587 -21.81 11.97 -28.47
C GLY C 587 -23.08 11.43 -27.79
N GLN C 588 -22.91 10.65 -26.73
CA GLN C 588 -24.04 10.01 -26.03
C GLN C 588 -24.40 10.70 -24.70
N SER C 589 -23.90 11.93 -24.53
CA SER C 589 -24.08 12.59 -23.24
C SER C 589 -25.60 12.97 -23.03
N MET C 590 -25.96 13.15 -21.78
CA MET C 590 -27.36 13.41 -21.46
C MET C 590 -27.48 14.39 -20.30
N PRO C 591 -28.56 15.19 -20.27
CA PRO C 591 -28.77 16.13 -19.19
C PRO C 591 -28.67 15.46 -17.81
N ASP C 592 -28.15 16.17 -16.84
CA ASP C 592 -27.96 15.62 -15.50
C ASP C 592 -29.24 15.03 -14.87
N CYS C 593 -30.36 15.75 -15.03
CA CYS C 593 -31.67 15.25 -14.57
C CYS C 593 -32.05 13.92 -15.15
N LEU C 594 -31.74 13.67 -16.41
CA LEU C 594 -32.01 12.34 -16.98
C LEU C 594 -30.97 11.29 -16.57
N ILE C 595 -29.73 11.72 -16.29
CA ILE C 595 -28.75 10.81 -15.79
C ILE C 595 -29.29 10.32 -14.44
N ALA C 596 -29.74 11.24 -13.62
CA ALA C 596 -30.30 10.86 -12.33
C ALA C 596 -31.50 9.88 -12.47
N ALA C 597 -32.37 10.17 -13.44
CA ALA C 597 -33.52 9.35 -13.68
C ALA C 597 -33.11 7.94 -14.08
N ARG C 598 -32.19 7.82 -15.05
CA ARG C 598 -31.64 6.54 -15.47
C ARG C 598 -30.93 5.76 -14.35
N LEU C 599 -30.19 6.48 -13.51
CA LEU C 599 -29.51 5.86 -12.40
C LEU C 599 -30.62 5.35 -11.44
N ALA C 600 -31.61 6.17 -11.18
CA ALA C 600 -32.79 5.69 -10.43
C ALA C 600 -33.49 4.44 -11.03
N ASN C 601 -33.77 4.43 -12.34
CA ASN C 601 -34.36 3.24 -12.99
C ASN C 601 -33.47 2.00 -12.87
N THR C 602 -32.17 2.18 -12.91
CA THR C 602 -31.24 1.08 -12.87
C THR C 602 -31.16 0.57 -11.40
N MET C 603 -31.24 1.46 -10.42
CA MET C 603 -31.34 1.03 -9.02
C MET C 603 -32.58 0.14 -8.87
N GLU C 604 -33.70 0.63 -9.43
CA GLU C 604 -34.93 -0.07 -9.32
C GLU C 604 -34.76 -1.43 -9.95
N ARG C 605 -34.29 -1.50 -11.18
CA ARG C 605 -34.16 -2.78 -11.85
C ARG C 605 -33.34 -3.79 -11.06
N VAL C 606 -32.20 -3.30 -10.63
CA VAL C 606 -31.17 -4.10 -9.96
C VAL C 606 -31.69 -4.60 -8.62
N LEU C 607 -32.23 -3.70 -7.82
CA LEU C 607 -32.87 -4.12 -6.57
C LEU C 607 -34.03 -5.13 -6.84
N THR C 608 -34.81 -4.88 -7.85
CA THR C 608 -35.91 -5.80 -8.18
C THR C 608 -35.31 -7.19 -8.47
N GLU C 609 -34.27 -7.27 -9.30
CA GLU C 609 -33.60 -8.56 -9.63
C GLU C 609 -33.04 -9.33 -8.42
N MET C 610 -32.43 -8.61 -7.47
CA MET C 610 -31.92 -9.18 -6.22
C MET C 610 -33.06 -9.59 -5.25
N GLY C 611 -34.30 -9.17 -5.51
CA GLY C 611 -35.43 -9.37 -4.58
C GLY C 611 -35.61 -8.37 -3.44
N ASP C 612 -34.94 -7.22 -3.48
CA ASP C 612 -35.37 -6.16 -2.60
C ASP C 612 -36.45 -5.26 -3.29
N VAL C 613 -37.65 -5.86 -3.48
CA VAL C 613 -38.86 -5.19 -3.99
C VAL C 613 -39.27 -3.95 -3.20
N GLY C 614 -39.19 -4.00 -1.88
CA GLY C 614 -39.58 -2.82 -1.06
C GLY C 614 -38.69 -1.59 -1.26
N TYR C 615 -37.38 -1.81 -1.28
CA TYR C 615 -36.44 -0.72 -1.49
C TYR C 615 -36.44 -0.29 -2.97
N ALA C 616 -36.65 -1.23 -3.89
CA ALA C 616 -36.78 -0.92 -5.30
C ALA C 616 -37.83 0.13 -5.54
N ALA C 617 -38.96 -0.06 -4.87
CA ALA C 617 -40.09 0.84 -4.97
C ALA C 617 -39.75 2.32 -4.70
N GLN C 618 -38.80 2.57 -3.82
CA GLN C 618 -38.43 3.96 -3.48
C GLN C 618 -37.81 4.74 -4.65
N PHE C 619 -37.27 4.01 -5.62
CA PHE C 619 -36.66 4.62 -6.79
C PHE C 619 -37.64 4.76 -7.95
N LYS C 620 -38.95 4.61 -7.73
CA LYS C 620 -39.92 4.98 -8.77
C LYS C 620 -40.04 6.51 -8.82
N GLY C 621 -40.72 7.01 -9.84
CA GLY C 621 -41.05 8.45 -9.99
C GLY C 621 -40.06 9.15 -10.92
N PHE C 622 -39.44 8.39 -11.83
CA PHE C 622 -38.37 8.87 -12.67
C PHE C 622 -38.59 8.36 -14.11
N ASP C 623 -39.82 8.50 -14.60
CA ASP C 623 -40.15 8.14 -15.99
C ASP C 623 -39.73 9.15 -17.03
N TRP C 624 -38.96 10.16 -16.65
CA TRP C 624 -38.70 11.32 -17.50
C TRP C 624 -38.00 11.00 -18.81
N GLN C 625 -38.46 11.57 -19.91
CA GLN C 625 -37.78 11.41 -21.18
C GLN C 625 -37.07 12.70 -21.68
N THR C 626 -37.34 13.84 -21.05
CA THR C 626 -36.76 15.08 -21.46
C THR C 626 -36.68 16.00 -20.24
N GLU C 627 -35.78 16.98 -20.28
CA GLU C 627 -35.52 17.80 -19.08
C GLU C 627 -36.79 18.55 -18.60
N GLU C 628 -37.70 18.83 -19.53
CA GLU C 628 -38.99 19.44 -19.19
C GLU C 628 -39.81 18.57 -18.26
N ASP C 629 -39.70 17.24 -18.34
CA ASP C 629 -40.44 16.42 -17.37
C ASP C 629 -39.92 16.65 -15.95
N ALA C 630 -38.64 16.98 -15.83
CA ALA C 630 -38.05 17.31 -14.54
C ALA C 630 -38.46 18.70 -14.08
N PHE C 631 -38.59 19.64 -15.00
CA PHE C 631 -39.12 20.98 -14.67
C PHE C 631 -40.53 20.88 -14.09
N MET C 632 -41.36 20.12 -14.80
CA MET C 632 -42.74 19.93 -14.44
C MET C 632 -42.90 19.20 -13.12
N ASP C 633 -42.14 18.15 -12.85
CA ASP C 633 -42.27 17.43 -11.58
C ASP C 633 -41.63 18.22 -10.42
N GLY C 634 -40.59 19.00 -10.67
CA GLY C 634 -39.94 19.78 -9.60
C GLY C 634 -40.53 21.17 -9.45
N TYR C 635 -39.98 22.14 -10.19
CA TYR C 635 -40.40 23.54 -10.13
C TYR C 635 -41.93 23.80 -10.14
N ASN C 636 -42.60 23.36 -11.18
CA ASN C 636 -44.02 23.63 -11.42
C ASN C 636 -44.92 23.18 -10.26
N LYS C 637 -44.62 22.01 -9.69
CA LYS C 637 -45.31 21.46 -8.56
C LYS C 637 -44.78 21.96 -7.22
N ASN C 638 -43.54 22.45 -7.11
CA ASN C 638 -42.99 22.81 -5.76
C ASN C 638 -42.69 24.27 -5.43
N ALA C 639 -42.43 25.09 -6.43
CA ALA C 639 -42.06 26.48 -6.16
C ALA C 639 -43.33 27.26 -5.88
N HIS C 640 -43.17 28.33 -5.08
CA HIS C 640 -44.23 29.32 -4.84
C HIS C 640 -44.48 29.97 -6.20
N GLY C 641 -45.73 29.96 -6.64
CA GLY C 641 -46.08 30.46 -7.98
C GLY C 641 -45.78 29.51 -9.14
N GLY C 642 -45.39 28.27 -8.83
CA GLY C 642 -45.01 27.29 -9.83
C GLY C 642 -46.08 27.01 -10.85
N GLU C 643 -47.33 26.96 -10.39
CA GLU C 643 -48.54 26.74 -11.25
C GLU C 643 -48.67 27.74 -12.41
N PHE C 644 -48.07 28.93 -12.27
CA PHE C 644 -48.12 29.94 -13.35
C PHE C 644 -47.00 29.76 -14.43
N VAL C 645 -46.02 28.91 -14.17
CA VAL C 645 -44.82 28.84 -15.01
C VAL C 645 -44.71 27.54 -15.85
N THR C 646 -44.56 27.73 -17.16
CA THR C 646 -44.32 26.62 -18.07
C THR C 646 -43.25 27.08 -19.05
N TYR C 647 -42.60 26.09 -19.69
CA TYR C 647 -41.64 26.34 -20.79
C TYR C 647 -42.19 27.29 -21.82
N GLU C 648 -43.37 27.00 -22.30
CA GLU C 648 -44.03 27.80 -23.35
C GLU C 648 -44.29 29.29 -22.95
N ARG C 649 -44.80 29.48 -21.74
CA ARG C 649 -45.00 30.78 -21.16
C ARG C 649 -43.70 31.48 -20.88
N LEU C 650 -42.71 30.76 -20.36
CA LEU C 650 -41.37 31.39 -20.20
C LEU C 650 -40.74 31.87 -21.48
N SER C 651 -40.86 31.03 -22.50
CA SER C 651 -40.34 31.29 -23.83
C SER C 651 -40.87 32.60 -24.37
N ALA C 652 -42.19 32.81 -24.26
CA ALA C 652 -42.90 33.99 -24.81
C ALA C 652 -42.43 35.28 -24.12
N MET C 653 -41.92 35.14 -22.90
CA MET C 653 -41.40 36.28 -22.16
C MET C 653 -39.97 36.70 -22.53
N GLY C 654 -39.28 35.86 -23.31
CA GLY C 654 -37.95 36.15 -23.81
C GLY C 654 -36.93 36.23 -22.70
N THR C 655 -35.86 36.96 -22.96
CA THR C 655 -34.75 37.01 -22.03
C THR C 655 -35.03 37.89 -20.81
N ASN C 656 -36.10 38.67 -20.85
CA ASN C 656 -36.50 39.46 -19.68
C ASN C 656 -37.23 38.64 -18.64
N GLY C 657 -37.83 37.51 -19.05
CA GLY C 657 -38.41 36.55 -18.11
C GLY C 657 -39.43 37.21 -17.18
N PHE C 658 -39.42 36.84 -15.91
CA PHE C 658 -40.21 37.53 -14.89
C PHE C 658 -39.42 37.34 -13.59
N GLN C 659 -39.70 38.16 -12.56
CA GLN C 659 -39.03 38.06 -11.26
C GLN C 659 -39.79 37.10 -10.30
N GLU C 660 -39.10 36.14 -9.67
CA GLU C 660 -39.80 35.20 -8.81
C GLU C 660 -40.13 35.93 -7.47
N PRO C 661 -41.20 35.50 -6.77
CA PRO C 661 -42.11 34.45 -7.21
C PRO C 661 -43.17 34.96 -8.17
N ALA C 662 -43.63 34.08 -9.04
CA ALA C 662 -44.77 34.39 -9.89
C ALA C 662 -45.98 34.54 -8.98
N THR C 663 -46.81 35.55 -9.26
CA THR C 663 -48.04 35.78 -8.52
C THR C 663 -49.30 35.58 -9.36
N GLY C 664 -49.18 35.47 -10.69
CA GLY C 664 -50.34 35.23 -11.57
C GLY C 664 -49.92 35.14 -13.03
N PHE C 665 -50.88 34.98 -13.92
CA PHE C 665 -50.65 34.93 -15.34
C PHE C 665 -51.85 35.53 -16.03
N THR C 666 -51.61 36.61 -16.78
CA THR C 666 -52.65 37.36 -17.49
C THR C 666 -52.08 37.81 -18.82
N ASP C 667 -52.86 37.58 -19.88
CA ASP C 667 -52.64 38.17 -21.20
C ASP C 667 -51.27 37.79 -21.71
N GLY C 668 -50.98 36.47 -21.71
CA GLY C 668 -49.63 35.97 -22.09
C GLY C 668 -48.41 36.44 -21.27
N LYS C 669 -48.59 36.93 -20.03
CA LYS C 669 -47.48 37.40 -19.16
C LYS C 669 -47.52 36.78 -17.75
N ILE C 670 -46.43 36.13 -17.35
CA ILE C 670 -46.27 35.68 -15.96
C ILE C 670 -45.97 36.92 -15.13
N GLU C 671 -46.75 37.16 -14.09
CA GLU C 671 -46.62 38.36 -13.29
C GLU C 671 -45.74 37.97 -12.12
N GLY C 672 -44.81 38.85 -11.78
CA GLY C 672 -43.84 38.52 -10.74
C GLY C 672 -43.62 39.59 -9.71
N THR C 673 -42.54 39.46 -8.98
CA THR C 673 -42.34 40.16 -7.74
C THR C 673 -41.04 40.90 -7.87
N GLN C 674 -41.15 42.21 -7.95
CA GLN C 674 -40.01 43.05 -8.19
C GLN C 674 -39.14 43.18 -6.97
N ARG C 675 -39.75 43.21 -5.79
CA ARG C 675 -38.98 43.29 -4.56
C ARG C 675 -39.63 42.49 -3.49
N LEU C 676 -38.82 41.96 -2.59
CA LEU C 676 -39.32 41.16 -1.51
C LEU C 676 -39.56 42.08 -0.33
N TYR C 677 -40.45 41.67 0.56
CA TYR C 677 -40.59 42.37 1.83
C TYR C 677 -41.06 43.85 1.73
N THR C 678 -41.78 44.19 0.66
CA THR C 678 -42.23 45.56 0.47
C THR C 678 -43.30 45.92 1.50
N ASP C 679 -44.06 44.92 1.97
CA ASP C 679 -45.04 45.09 3.03
C ASP C 679 -44.46 44.92 4.45
N GLY C 680 -43.12 44.90 4.62
CA GLY C 680 -42.55 44.69 5.96
C GLY C 680 -42.76 43.33 6.65
N VAL C 681 -43.32 42.34 5.96
CA VAL C 681 -43.54 40.96 6.47
C VAL C 681 -42.37 39.98 6.07
N PHE C 682 -41.51 39.72 7.03
CA PHE C 682 -40.29 38.93 6.83
C PHE C 682 -40.52 37.43 7.03
N SER C 683 -39.52 36.62 6.69
CA SER C 683 -39.65 35.16 6.58
C SER C 683 -39.42 34.47 7.93
N THR C 684 -40.27 34.75 8.90
CA THR C 684 -40.23 34.18 10.24
C THR C 684 -41.66 33.79 10.53
N ASP C 685 -41.88 33.02 11.60
CA ASP C 685 -43.25 32.60 11.97
C ASP C 685 -44.19 33.79 12.25
N ASP C 686 -43.67 34.87 12.81
CA ASP C 686 -44.51 35.96 13.29
C ASP C 686 -44.38 37.19 12.38
N GLY C 687 -43.59 37.07 11.30
CA GLY C 687 -43.47 38.12 10.30
C GLY C 687 -42.49 39.23 10.66
N LYS C 688 -41.87 39.20 11.83
CA LYS C 688 -40.91 40.23 12.22
C LYS C 688 -39.47 39.85 11.86
N ALA C 689 -38.66 40.80 11.42
CA ALA C 689 -37.27 40.51 11.19
C ALA C 689 -36.59 40.50 12.57
N ARG C 690 -35.47 39.79 12.71
CA ARG C 690 -34.64 39.84 13.89
C ARG C 690 -33.40 40.63 13.59
N PHE C 691 -32.88 41.25 14.64
CA PHE C 691 -31.54 41.81 14.61
C PHE C 691 -30.65 40.74 15.18
N MET C 692 -29.34 40.96 15.05
CA MET C 692 -28.36 40.02 15.60
C MET C 692 -27.40 40.64 16.59
N ASP C 693 -27.37 40.03 17.78
CA ASP C 693 -26.38 40.30 18.79
C ASP C 693 -25.09 39.52 18.45
N ALA C 694 -24.16 40.20 17.81
CA ALA C 694 -23.03 39.54 17.13
C ALA C 694 -21.67 40.19 17.49
N PRO C 695 -21.26 40.08 18.76
CA PRO C 695 -19.98 40.65 19.10
C PRO C 695 -18.80 39.97 18.38
N TRP C 696 -17.82 40.83 18.04
CA TRP C 696 -16.51 40.42 17.57
C TRP C 696 -15.88 39.43 18.51
N ARG C 697 -15.30 38.36 17.99
CA ARG C 697 -14.53 37.42 18.83
C ARG C 697 -13.22 37.01 18.14
N GLY C 698 -12.64 37.94 17.38
CA GLY C 698 -11.44 37.70 16.58
C GLY C 698 -11.65 36.70 15.42
N LEU C 699 -10.58 36.00 15.01
CA LEU C 699 -10.64 34.99 13.95
C LEU C 699 -11.23 33.72 14.54
N GLN C 700 -12.40 33.37 14.00
CA GLN C 700 -13.30 32.40 14.65
C GLN C 700 -12.89 30.95 14.37
N ALA C 701 -12.47 30.65 13.13
CA ALA C 701 -12.17 29.26 12.70
C ALA C 701 -10.91 28.66 13.30
N PRO C 702 -10.94 27.36 13.59
CA PRO C 702 -9.77 26.71 14.17
C PRO C 702 -8.52 26.93 13.36
N GLY C 703 -7.43 27.23 14.06
CA GLY C 703 -6.13 27.40 13.46
C GLY C 703 -5.80 28.73 12.79
N LYS C 704 -6.78 29.56 12.48
CA LYS C 704 -6.53 30.72 11.61
C LYS C 704 -5.53 31.71 12.19
N GLN C 705 -5.66 32.02 13.46
CA GLN C 705 -4.72 32.98 14.10
C GLN C 705 -3.28 32.44 14.20
N GLN C 706 -3.11 31.14 14.47
CA GLN C 706 -1.83 30.47 14.46
C GLN C 706 -1.26 30.57 13.04
N GLN C 707 -2.11 30.29 12.04
CA GLN C 707 -1.64 30.31 10.68
C GLN C 707 -1.16 31.71 10.32
N LYS C 708 -1.91 32.74 10.68
CA LYS C 708 -1.48 34.14 10.38
C LYS C 708 -0.16 34.52 11.08
N ASP C 709 -0.05 34.17 12.37
CA ASP C 709 1.08 34.54 13.20
C ASP C 709 2.40 33.83 12.79
N SER C 710 2.25 32.64 12.23
CA SER C 710 3.38 31.81 11.94
C SER C 710 3.75 31.76 10.47
N HIS C 711 3.15 32.60 9.61
CA HIS C 711 3.53 32.74 8.21
C HIS C 711 3.66 34.21 7.79
N LYS C 712 4.29 34.45 6.65
CA LYS C 712 4.72 35.80 6.25
C LYS C 712 3.69 36.55 5.45
N TYR C 713 2.99 35.87 4.55
CA TYR C 713 2.13 36.59 3.66
C TYR C 713 0.67 36.17 3.82
N LEU C 714 -0.22 37.15 3.68
CA LEU C 714 -1.62 36.86 3.40
C LEU C 714 -1.69 36.31 1.99
N ILE C 715 -2.37 35.16 1.85
CA ILE C 715 -2.69 34.55 0.54
C ILE C 715 -4.20 34.67 0.27
N ASN C 716 -4.59 35.93 -0.03
CA ASN C 716 -5.93 36.25 -0.44
C ASN C 716 -6.16 35.54 -1.79
N ASN C 717 -7.41 35.26 -2.13
CA ASN C 717 -7.70 34.41 -3.27
C ASN C 717 -9.05 34.71 -3.77
N GLY C 718 -9.30 34.39 -5.04
CA GLY C 718 -10.59 34.71 -5.68
C GLY C 718 -10.45 34.74 -7.19
N ARG C 719 -11.23 35.58 -7.85
CA ARG C 719 -11.40 35.50 -9.29
C ARG C 719 -10.55 36.42 -10.10
N ALA C 720 -10.47 36.03 -11.37
CA ALA C 720 -9.98 36.87 -12.41
C ALA C 720 -11.13 37.06 -13.39
N ASN C 721 -11.25 38.28 -13.87
CA ASN C 721 -12.20 38.58 -14.89
C ASN C 721 -12.13 37.63 -16.09
N VAL C 722 -10.95 37.33 -16.64
CA VAL C 722 -10.95 36.44 -17.84
C VAL C 722 -11.36 34.99 -17.61
N VAL C 723 -11.13 34.48 -16.41
CA VAL C 723 -11.26 33.04 -16.14
C VAL C 723 -12.65 32.74 -15.59
N TRP C 724 -13.29 31.71 -16.13
CA TRP C 724 -14.52 31.21 -15.55
C TRP C 724 -14.18 29.98 -14.68
N GLN C 725 -14.34 30.19 -13.36
CA GLN C 725 -14.34 29.15 -12.35
C GLN C 725 -13.03 28.35 -12.40
N SER C 726 -13.11 27.00 -12.43
CA SER C 726 -11.93 26.14 -12.37
C SER C 726 -11.32 25.95 -13.74
N ALA C 727 -11.77 26.73 -14.73
CA ALA C 727 -11.19 26.76 -16.03
C ALA C 727 -11.44 25.46 -16.73
N TYR C 728 -12.56 24.85 -16.37
CA TYR C 728 -12.95 23.60 -16.99
C TYR C 728 -13.15 23.70 -18.49
N LEU C 729 -13.80 24.78 -18.94
CA LEU C 729 -13.89 25.09 -20.37
C LEU C 729 -12.64 25.84 -20.84
N ASP C 730 -12.14 26.74 -19.99
CA ASP C 730 -11.09 27.68 -20.35
C ASP C 730 -9.73 27.04 -20.65
N GLN C 731 -9.45 25.88 -20.04
CA GLN C 731 -8.22 25.16 -20.34
C GLN C 731 -8.10 24.67 -21.81
N GLU C 732 -9.19 24.60 -22.58
CA GLU C 732 -9.10 24.40 -24.03
C GLU C 732 -9.58 25.67 -24.78
N ASN C 733 -9.23 26.84 -24.21
CA ASN C 733 -9.51 28.10 -24.86
C ASN C 733 -8.21 28.89 -24.87
N ASP C 734 -7.63 28.98 -26.06
CA ASP C 734 -6.35 29.63 -26.23
C ASP C 734 -6.34 31.10 -25.74
N PHE C 735 -7.42 31.83 -25.98
CA PHE C 735 -7.52 33.23 -25.55
C PHE C 735 -7.27 33.31 -24.07
N VAL C 736 -7.87 32.42 -23.28
CA VAL C 736 -7.67 32.49 -21.85
C VAL C 736 -6.27 32.01 -21.48
N MET C 737 -5.92 30.79 -21.92
CA MET C 737 -4.67 30.14 -21.49
C MET C 737 -3.41 30.85 -21.97
N ASP C 738 -3.50 31.53 -23.11
CA ASP C 738 -2.43 32.42 -23.56
C ASP C 738 -2.17 33.59 -22.58
N ARG C 739 -3.20 34.08 -21.93
CA ARG C 739 -3.06 35.15 -20.94
C ARG C 739 -2.47 34.70 -19.59
N PHE C 740 -2.99 33.60 -19.03
CA PHE C 740 -2.54 33.06 -17.73
C PHE C 740 -2.36 31.53 -17.86
N PRO C 741 -1.22 31.10 -18.37
CA PRO C 741 -0.94 29.66 -18.40
C PRO C 741 -0.79 29.06 -16.97
N TYR C 742 -0.24 29.87 -16.08
CA TYR C 742 -0.12 29.61 -14.68
C TYR C 742 -1.11 30.55 -13.98
N PRO C 743 -1.68 30.16 -12.81
CA PRO C 743 -2.41 31.19 -12.08
C PRO C 743 -1.46 32.28 -11.62
N PHE C 744 -1.93 33.51 -11.61
CA PHE C 744 -1.16 34.61 -11.04
C PHE C 744 -1.27 34.63 -9.53
N ILE C 745 -0.21 35.11 -8.90
CA ILE C 745 -0.25 35.55 -7.53
C ILE C 745 0.21 37.04 -7.59
N GLU C 746 -0.72 37.94 -7.29
CA GLU C 746 -0.43 39.36 -7.23
C GLU C 746 0.45 39.61 -6.03
N MET C 747 1.58 40.27 -6.27
CA MET C 747 2.54 40.60 -5.24
C MET C 747 3.02 42.05 -5.34
N ASN C 748 3.17 42.65 -4.19
CA ASN C 748 3.66 44.03 -4.13
C ASN C 748 5.12 43.99 -4.64
N PRO C 749 5.52 44.96 -5.52
CA PRO C 749 6.87 44.94 -6.11
C PRO C 749 8.06 45.02 -5.13
N GLU C 750 7.90 45.71 -4.00
CA GLU C 750 8.96 45.76 -2.98
C GLU C 750 9.03 44.39 -2.29
N ASP C 751 7.87 43.77 -2.04
CA ASP C 751 7.83 42.38 -1.53
C ASP C 751 8.66 41.47 -2.47
N MET C 752 8.46 41.58 -3.77
CA MET C 752 9.20 40.78 -4.75
C MET C 752 10.71 41.03 -4.67
N ALA C 753 11.09 42.30 -4.69
CA ALA C 753 12.48 42.68 -4.59
C ALA C 753 13.14 42.20 -3.32
N GLU C 754 12.48 42.35 -2.17
CA GLU C 754 13.03 41.85 -0.91
C GLU C 754 13.27 40.34 -0.88
N ALA C 755 12.48 39.59 -1.62
CA ALA C 755 12.57 38.15 -1.65
C ALA C 755 13.32 37.58 -2.88
N GLY C 756 13.95 38.44 -3.69
CA GLY C 756 14.67 37.99 -4.89
C GLY C 756 13.82 37.51 -6.07
N LEU C 757 12.52 37.77 -6.05
CA LEU C 757 11.60 37.34 -7.12
C LEU C 757 11.47 38.35 -8.24
N LYS C 758 11.02 37.89 -9.39
CA LYS C 758 10.99 38.70 -10.60
C LYS C 758 9.69 38.39 -11.26
N GLU C 759 9.20 39.31 -12.09
CA GLU C 759 7.93 39.08 -12.75
C GLU C 759 7.98 37.78 -13.55
N GLY C 760 6.92 36.98 -13.45
CA GLY C 760 6.82 35.71 -14.15
C GLY C 760 7.45 34.52 -13.44
N ASP C 761 8.21 34.74 -12.37
CA ASP C 761 8.82 33.61 -11.64
C ASP C 761 7.74 32.65 -11.16
N LEU C 762 8.07 31.38 -11.21
CA LEU C 762 7.19 30.36 -10.70
C LEU C 762 7.60 30.17 -9.25
N VAL C 763 6.63 30.40 -8.38
CA VAL C 763 6.83 30.34 -6.92
C VAL C 763 5.91 29.32 -6.31
N GLU C 764 6.40 28.72 -5.23
CA GLU C 764 5.66 27.84 -4.38
C GLU C 764 5.11 28.63 -3.22
N ILE C 765 3.81 28.40 -2.94
CA ILE C 765 3.19 28.95 -1.76
C ILE C 765 3.04 27.79 -0.83
N TYR C 766 3.41 27.95 0.43
CA TYR C 766 3.37 26.81 1.35
C TYR C 766 3.09 27.23 2.81
N ASN C 767 2.43 26.33 3.51
CA ASN C 767 2.15 26.45 4.90
C ASN C 767 1.86 25.04 5.54
N ASP C 768 1.19 25.02 6.68
CA ASP C 768 0.83 23.84 7.48
C ASP C 768 -0.21 22.97 6.74
N ALA C 769 -1.02 23.58 5.90
CA ALA C 769 -2.00 22.83 5.13
C ALA C 769 -1.41 22.11 3.88
N GLY C 770 -0.30 22.63 3.34
CA GLY C 770 0.32 22.04 2.14
C GLY C 770 0.96 23.08 1.25
N ALA C 771 0.89 22.90 -0.06
CA ALA C 771 1.76 23.62 -0.96
C ALA C 771 1.21 23.65 -2.39
N THR C 772 1.57 24.68 -3.13
CA THR C 772 1.11 24.84 -4.54
C THR C 772 2.02 25.82 -5.29
N GLN C 773 1.68 26.16 -6.51
CA GLN C 773 2.52 27.02 -7.32
C GLN C 773 1.69 28.08 -7.97
N ALA C 774 2.37 29.19 -8.23
CA ALA C 774 1.80 30.29 -8.99
C ALA C 774 2.92 31.12 -9.63
N MET C 775 2.48 32.00 -10.52
CA MET C 775 3.33 32.86 -11.28
C MET C 775 3.28 34.26 -10.69
N ALA C 776 4.42 34.80 -10.29
CA ALA C 776 4.44 36.11 -9.62
C ALA C 776 4.00 37.22 -10.57
N TYR C 777 3.11 38.08 -10.10
CA TYR C 777 2.62 39.18 -10.94
C TYR C 777 2.76 40.48 -10.19
N PRO C 778 3.73 41.31 -10.56
CA PRO C 778 3.95 42.55 -9.81
C PRO C 778 2.73 43.47 -9.93
N THR C 779 2.23 43.91 -8.78
CA THR C 779 0.91 44.49 -8.63
C THR C 779 1.13 45.71 -7.70
N PRO C 780 1.50 46.87 -8.28
CA PRO C 780 1.88 48.05 -7.42
C PRO C 780 0.80 48.45 -6.37
N THR C 781 -0.45 48.15 -6.69
CA THR C 781 -1.58 48.38 -5.75
C THR C 781 -1.69 47.43 -4.55
N ALA C 782 -0.94 46.33 -4.54
CA ALA C 782 -1.04 45.37 -3.44
C ALA C 782 -0.34 45.95 -2.22
N ARG C 783 -0.88 45.69 -1.05
CA ARG C 783 -0.27 46.19 0.16
C ARG C 783 0.87 45.28 0.57
N ARG C 784 1.87 45.82 1.22
CA ARG C 784 3.02 45.02 1.60
C ARG C 784 2.56 43.86 2.52
N GLY C 785 3.00 42.65 2.16
CA GLY C 785 2.74 41.48 2.98
C GLY C 785 1.41 40.79 2.60
N GLU C 786 0.69 41.35 1.63
CA GLU C 786 -0.57 40.81 1.15
C GLU C 786 -0.49 40.44 -0.32
N THR C 787 -0.73 39.17 -0.60
CA THR C 787 -0.81 38.63 -1.95
C THR C 787 -2.26 38.21 -2.33
N PHE C 788 -2.54 38.16 -3.63
CA PHE C 788 -3.76 37.61 -4.15
C PHE C 788 -3.45 36.55 -5.20
N MET C 789 -3.84 35.30 -4.97
CA MET C 789 -3.65 34.25 -5.96
C MET C 789 -4.98 33.86 -6.58
N LEU C 790 -5.03 33.74 -7.90
CA LEU C 790 -6.19 33.20 -8.56
C LEU C 790 -6.56 31.79 -8.01
N PHE C 791 -7.84 31.58 -7.75
CA PHE C 791 -8.33 30.35 -7.18
C PHE C 791 -8.70 29.31 -8.25
N GLY C 792 -8.75 28.05 -7.86
CA GLY C 792 -9.43 27.04 -8.66
C GLY C 792 -8.75 26.59 -9.94
N PHE C 793 -7.50 26.96 -10.14
CA PHE C 793 -6.86 26.92 -11.43
C PHE C 793 -6.06 25.62 -11.58
N PRO C 794 -6.21 24.96 -12.73
CA PRO C 794 -5.59 23.62 -12.88
C PRO C 794 -4.07 23.62 -12.85
N THR C 795 -3.42 24.69 -13.28
CA THR C 795 -1.94 24.69 -13.31
C THR C 795 -1.31 25.30 -12.05
N GLY C 796 -2.13 25.46 -11.02
CA GLY C 796 -1.66 25.79 -9.65
C GLY C 796 -2.87 26.09 -8.77
N VAL C 797 -3.21 25.18 -7.88
CA VAL C 797 -4.46 25.19 -7.15
C VAL C 797 -4.20 25.84 -5.83
N GLN C 798 -4.84 26.99 -5.65
CA GLN C 798 -4.69 27.78 -4.43
C GLN C 798 -5.23 27.08 -3.21
N GLY C 799 -6.29 26.29 -3.42
CA GLY C 799 -6.88 25.43 -2.37
C GLY C 799 -5.97 24.57 -1.53
N ASN C 800 -4.85 24.19 -2.12
CA ASN C 800 -3.85 23.38 -1.45
C ASN C 800 -3.30 23.99 -0.15
N VAL C 801 -3.29 25.31 -0.05
CA VAL C 801 -2.73 26.00 1.12
C VAL C 801 -3.82 26.57 2.04
N THR C 802 -5.09 26.26 1.77
CA THR C 802 -6.18 26.68 2.66
C THR C 802 -6.31 25.62 3.73
N SER C 803 -6.40 25.98 5.00
CA SER C 803 -6.66 25.00 6.04
C SER C 803 -8.04 24.40 5.91
N ALA C 804 -8.22 23.35 6.70
CA ALA C 804 -9.51 22.68 6.87
C ALA C 804 -10.51 23.50 7.71
N GLY C 805 -10.10 24.67 8.22
CA GLY C 805 -10.96 25.47 9.13
C GLY C 805 -12.29 26.03 8.57
N THR C 806 -13.36 25.78 9.32
CA THR C 806 -14.67 26.30 9.00
C THR C 806 -15.26 26.91 10.25
N ASN C 807 -16.34 27.68 10.08
CA ASN C 807 -17.15 28.14 11.20
C ASN C 807 -17.96 26.96 11.73
N GLU C 808 -18.86 27.22 12.68
CA GLU C 808 -19.54 26.14 13.41
C GLU C 808 -20.53 25.40 12.49
N LEU C 809 -20.95 26.08 11.44
CA LEU C 809 -21.89 25.57 10.47
C LEU C 809 -21.20 24.96 9.26
N ILE C 810 -19.89 24.84 9.34
CA ILE C 810 -19.07 24.13 8.33
C ILE C 810 -18.98 24.96 7.04
N ILE C 811 -18.93 26.29 7.21
CA ILE C 811 -18.63 27.20 6.12
C ILE C 811 -17.13 27.30 5.99
N PRO C 812 -16.58 27.07 4.76
CA PRO C 812 -15.12 27.15 4.56
C PRO C 812 -14.63 28.57 4.53
N ASN C 813 -13.64 28.87 5.36
CA ASN C 813 -13.04 30.17 5.48
C ASN C 813 -11.84 30.33 4.59
N TYR C 814 -12.09 30.27 3.30
CA TYR C 814 -11.02 30.31 2.33
C TYR C 814 -10.22 31.63 2.37
N LYS C 815 -10.92 32.77 2.50
CA LYS C 815 -10.23 34.07 2.36
C LYS C 815 -9.14 34.33 3.40
N GLN C 816 -9.28 33.76 4.59
CA GLN C 816 -8.27 33.97 5.63
C GLN C 816 -7.28 32.82 5.51
N THR C 817 -6.20 33.09 4.80
CA THR C 817 -5.16 32.15 4.51
C THR C 817 -3.86 32.93 4.50
N TRP C 818 -2.87 32.38 5.17
CA TRP C 818 -1.55 32.94 5.20
C TRP C 818 -0.56 31.79 4.92
N GLY C 819 0.49 32.14 4.21
CA GLY C 819 1.56 31.18 3.93
C GLY C 819 2.88 31.82 3.53
N ASN C 820 3.87 30.97 3.29
CA ASN C 820 5.19 31.43 2.87
C ASN C 820 5.31 31.29 1.39
N ILE C 821 6.31 31.94 0.82
CA ILE C 821 6.48 31.96 -0.61
C ILE C 821 7.94 31.85 -0.96
N ARG C 822 8.26 31.04 -1.96
CA ARG C 822 9.65 30.87 -2.36
C ARG C 822 9.74 30.38 -3.78
N LYS C 823 10.89 30.62 -4.39
CA LYS C 823 11.07 30.38 -5.78
C LYS C 823 11.19 28.92 -6.14
N ILE C 824 10.42 28.51 -7.12
CA ILE C 824 10.59 27.21 -7.75
C ILE C 824 11.46 27.34 -9.00
N SER C 825 11.23 28.38 -9.80
CA SER C 825 11.89 28.53 -11.10
C SER C 825 11.92 29.99 -11.53
N ASP C 826 13.03 30.38 -12.16
CA ASP C 826 13.08 31.60 -12.97
C ASP C 826 11.94 31.58 -13.98
N ALA C 827 11.36 32.76 -14.22
CA ALA C 827 10.18 32.88 -15.07
C ALA C 827 10.32 31.93 -16.25
N PRO C 828 9.41 30.95 -16.40
CA PRO C 828 9.56 30.04 -17.56
C PRO C 828 9.48 30.73 -18.91
N ARG C 829 10.08 30.13 -19.94
CA ARG C 829 9.98 30.69 -21.30
C ARG C 829 8.51 30.77 -21.76
N ASN C 830 7.65 29.83 -21.34
CA ASN C 830 6.26 29.83 -21.77
C ASN C 830 5.44 30.98 -21.22
N VAL C 831 6.06 31.90 -20.48
CA VAL C 831 5.44 33.12 -20.02
C VAL C 831 6.12 34.43 -20.52
N ALA C 832 7.10 34.27 -21.41
CA ALA C 832 7.88 35.40 -21.91
C ALA C 832 7.01 36.37 -22.70
N HIS C 833 6.01 35.83 -23.40
CA HIS C 833 5.03 36.62 -24.17
C HIS C 833 4.01 37.46 -23.37
N LEU C 834 3.86 37.24 -22.06
CA LEU C 834 2.84 37.97 -21.23
C LEU C 834 3.10 39.41 -20.87
N SER C 835 2.04 40.21 -20.87
CA SER C 835 2.09 41.49 -20.18
C SER C 835 1.99 41.34 -18.66
N PHE C 836 2.89 42.01 -17.94
CA PHE C 836 2.85 42.11 -16.49
C PHE C 836 2.52 43.56 -16.07
N LYS C 837 1.92 44.30 -17.01
CA LYS C 837 1.47 45.66 -16.75
C LYS C 837 0.23 45.70 -15.85
N SER C 838 -0.11 46.90 -15.39
CA SER C 838 -1.20 47.08 -14.46
C SER C 838 -2.54 46.75 -15.12
N LYS C 839 -3.42 46.15 -14.34
CA LYS C 839 -4.75 45.83 -14.79
C LYS C 839 -5.67 47.05 -14.68
N GLU C 840 -5.19 48.16 -14.07
CA GLU C 840 -6.02 49.35 -13.88
C GLU C 840 -6.02 50.22 -15.13
N TYR C 841 -7.20 50.38 -15.73
CA TYR C 841 -7.48 51.49 -16.66
C TYR C 841 -6.83 52.83 -16.23
N GLN C 842 -6.21 53.50 -17.20
CA GLN C 842 -5.63 54.84 -17.07
C GLN C 842 -6.36 55.87 -17.97
N SER C 843 -6.86 56.93 -17.35
CA SER C 843 -7.31 58.15 -18.02
C SER C 843 -6.29 58.75 -18.98
N ALA D 1 -12.95 33.31 -53.89
CA ALA D 1 -11.66 33.36 -53.04
C ALA D 1 -11.81 32.88 -51.54
N ALA D 2 -10.97 31.92 -51.13
CA ALA D 2 -11.06 31.34 -49.77
C ALA D 2 -10.74 32.31 -48.62
N GLY D 3 -9.78 33.21 -48.82
CA GLY D 3 -9.40 34.21 -47.82
C GLY D 3 -9.81 35.62 -48.25
N VAL D 4 -9.86 36.49 -47.27
CA VAL D 4 -9.95 37.92 -47.48
C VAL D 4 -8.76 38.41 -48.33
N GLU D 5 -9.03 39.28 -49.30
CA GLU D 5 -7.99 39.85 -50.18
C GLU D 5 -7.65 41.21 -49.59
N TYR D 6 -6.52 41.28 -48.89
CA TYR D 6 -6.13 42.50 -48.24
C TYR D 6 -5.46 43.43 -49.28
N PRO D 7 -5.86 44.71 -49.30
CA PRO D 7 -5.07 45.64 -50.09
C PRO D 7 -3.74 45.94 -49.37
N ALA D 8 -2.64 46.08 -50.13
CA ALA D 8 -1.36 46.56 -49.59
C ALA D 8 -1.31 48.09 -49.66
N ASN D 9 -1.42 48.76 -48.52
CA ASN D 9 -1.63 50.21 -48.49
C ASN D 9 -0.53 50.93 -47.76
N ARG D 10 0.09 51.90 -48.45
CA ARG D 10 0.89 52.97 -47.85
C ARG D 10 0.17 53.57 -46.69
N LEU D 11 0.81 53.59 -45.53
CA LEU D 11 0.26 54.31 -44.38
C LEU D 11 1.04 55.60 -44.06
N ALA D 12 2.36 55.57 -44.24
CA ALA D 12 3.24 56.59 -43.71
C ALA D 12 4.71 56.23 -44.00
N ASN D 13 5.61 57.17 -43.77
CA ASN D 13 7.05 56.88 -43.89
C ASN D 13 7.58 56.83 -42.49
N ILE D 14 8.60 56.02 -42.29
CA ILE D 14 9.24 55.86 -41.02
C ILE D 14 9.71 57.20 -40.41
N SER D 15 10.06 58.16 -41.26
CA SER D 15 10.49 59.49 -40.80
C SER D 15 9.40 60.25 -40.08
N GLU D 16 8.13 59.91 -40.34
CA GLU D 16 6.99 60.66 -39.79
C GLU D 16 6.64 60.36 -38.31
N LEU D 17 7.38 59.44 -37.69
CA LEU D 17 7.06 58.88 -36.40
C LEU D 17 8.08 59.30 -35.38
N THR D 18 7.58 59.76 -34.25
CA THR D 18 8.40 60.05 -33.12
C THR D 18 8.15 58.93 -32.09
N LEU D 19 9.22 58.60 -31.35
CA LEU D 19 9.19 57.68 -30.21
C LEU D 19 7.98 57.94 -29.31
N ASN D 20 7.10 56.96 -29.22
CA ASN D 20 6.02 56.95 -28.24
C ASN D 20 4.91 57.96 -28.45
N GLU D 21 4.73 58.34 -29.69
CA GLU D 21 3.64 59.22 -30.07
C GLU D 21 2.87 58.49 -31.15
N PRO D 22 1.66 58.05 -30.82
CA PRO D 22 0.91 57.36 -31.82
C PRO D 22 0.63 58.29 -32.99
N LEU D 23 0.76 57.80 -34.21
CA LEU D 23 0.28 58.50 -35.41
C LEU D 23 -0.99 57.87 -35.89
N ASP D 24 -2.04 58.68 -36.08
CA ASP D 24 -3.36 58.19 -36.53
C ASP D 24 -3.28 57.70 -37.98
N VAL D 25 -3.92 56.56 -38.28
CA VAL D 25 -3.96 55.99 -39.62
C VAL D 25 -5.28 55.27 -39.79
N ALA D 26 -5.44 54.62 -40.93
CA ALA D 26 -6.63 53.85 -41.19
C ALA D 26 -6.34 52.68 -42.13
N TYR D 27 -6.76 51.49 -41.69
CA TYR D 27 -6.48 50.26 -42.44
C TYR D 27 -7.43 49.14 -42.02
N PRO D 28 -8.06 48.43 -42.96
CA PRO D 28 -7.78 48.46 -44.44
C PRO D 28 -8.57 49.48 -45.31
N ASP D 29 -9.29 50.39 -44.65
CA ASP D 29 -9.99 51.43 -45.36
C ASP D 29 -10.17 52.64 -44.43
N GLU D 30 -10.65 53.73 -45.00
CA GLU D 30 -10.71 55.00 -44.25
C GLU D 30 -11.59 54.96 -42.98
N ASP D 31 -12.52 54.00 -42.87
CA ASP D 31 -13.39 53.86 -41.66
C ASP D 31 -12.84 52.97 -40.46
N ALA D 32 -11.61 52.50 -40.56
CA ALA D 32 -11.06 51.58 -39.57
C ALA D 32 -9.83 52.23 -38.94
N ALA D 33 -10.12 53.05 -37.94
CA ALA D 33 -9.14 53.84 -37.23
C ALA D 33 -8.12 52.99 -36.48
N GLY D 34 -6.85 53.31 -36.68
CA GLY D 34 -5.78 52.74 -35.87
C GLY D 34 -4.62 53.69 -35.76
N VAL D 35 -3.48 53.18 -35.31
CA VAL D 35 -2.28 53.99 -35.14
C VAL D 35 -1.04 53.23 -35.53
N LEU D 36 -0.02 53.95 -35.97
CA LEU D 36 1.33 53.44 -35.97
C LEU D 36 1.97 53.97 -34.69
N LEU D 37 2.82 53.16 -34.10
CA LEU D 37 3.44 53.51 -32.82
C LEU D 37 4.85 52.99 -32.81
N LYS D 38 5.84 53.88 -32.55
CA LYS D 38 7.25 53.50 -32.48
C LYS D 38 7.58 53.36 -31.02
N LEU D 39 7.97 52.16 -30.62
CA LEU D 39 8.01 51.78 -29.21
C LEU D 39 9.35 51.90 -28.50
N GLY D 40 10.43 51.88 -29.26
CA GLY D 40 11.78 52.07 -28.69
C GLY D 40 12.43 50.80 -28.20
N THR D 41 11.76 49.65 -28.37
CA THR D 41 12.30 48.33 -28.03
C THR D 41 11.75 47.27 -29.03
N ARG D 42 12.48 46.19 -29.18
CA ARG D 42 12.10 45.14 -30.15
C ARG D 42 10.85 44.38 -29.68
N VAL D 43 9.81 44.29 -30.50
CA VAL D 43 8.57 43.67 -30.03
C VAL D 43 7.90 42.87 -31.12
N GLU D 44 6.95 42.04 -30.67
CA GLU D 44 6.13 41.21 -31.52
C GLU D 44 5.37 42.04 -32.57
N GLY D 45 5.53 41.68 -33.84
CA GLY D 45 4.88 42.36 -34.95
C GLY D 45 5.58 43.64 -35.37
N GLY D 46 6.71 43.93 -34.70
CA GLY D 46 7.33 45.24 -34.78
C GLY D 46 8.30 45.30 -35.94
N VAL D 47 8.24 46.38 -36.72
CA VAL D 47 9.05 46.53 -37.94
C VAL D 47 9.96 47.72 -37.90
N GLY D 48 10.82 47.80 -38.91
CA GLY D 48 11.78 48.88 -39.08
C GLY D 48 13.11 48.45 -38.50
N PRO D 49 14.12 49.32 -38.60
CA PRO D 49 15.47 48.93 -38.15
C PRO D 49 15.58 48.57 -36.65
N ASP D 50 14.77 49.18 -35.78
CA ASP D 50 14.76 48.78 -34.34
C ASP D 50 13.72 47.70 -34.01
N GLY D 51 12.94 47.26 -35.01
CA GLY D 51 11.90 46.22 -34.84
C GLY D 51 10.80 46.65 -33.89
N ASP D 52 10.56 47.97 -33.86
CA ASP D 52 9.78 48.59 -32.81
C ASP D 52 8.57 49.37 -33.29
N ILE D 53 8.26 49.31 -34.59
CA ILE D 53 7.07 49.96 -35.12
C ILE D 53 5.90 49.00 -35.27
N VAL D 54 4.80 49.31 -34.59
CA VAL D 54 3.63 48.43 -34.60
C VAL D 54 2.43 49.20 -35.10
N GLY D 55 1.40 48.51 -35.56
CA GLY D 55 0.15 49.13 -35.94
C GLY D 55 -1.06 48.40 -35.40
N PHE D 56 -2.03 49.13 -34.86
CA PHE D 56 -3.20 48.50 -34.28
C PHE D 56 -4.45 49.25 -34.58
N SER D 57 -5.54 48.51 -34.74
CA SER D 57 -6.85 49.10 -34.61
C SER D 57 -6.90 49.78 -33.24
N THR D 58 -7.47 51.00 -33.19
CA THR D 58 -7.72 51.69 -31.93
C THR D 58 -9.19 51.81 -31.55
N ILE D 59 -10.00 50.96 -32.19
CA ILE D 59 -11.39 50.73 -31.81
C ILE D 59 -11.51 49.45 -30.97
N CYS D 60 -12.04 49.62 -29.76
CA CYS D 60 -12.10 48.58 -28.76
C CYS D 60 -12.85 47.39 -29.28
N PRO D 61 -12.25 46.19 -29.22
CA PRO D 61 -13.01 45.02 -29.72
C PRO D 61 -14.21 44.55 -28.86
N HIS D 62 -14.44 45.13 -27.69
CA HIS D 62 -15.67 44.86 -26.91
C HIS D 62 -16.93 45.58 -27.47
N LYS D 63 -16.99 46.90 -27.35
CA LYS D 63 -18.16 47.65 -27.85
C LYS D 63 -17.78 48.89 -28.71
N GLY D 64 -16.54 48.99 -29.17
CA GLY D 64 -16.16 49.97 -30.18
C GLY D 64 -15.85 51.39 -29.71
N ALA D 65 -15.60 51.58 -28.41
CA ALA D 65 -15.14 52.89 -27.93
C ALA D 65 -13.73 53.16 -28.44
N PRO D 66 -13.40 54.41 -28.83
CA PRO D 66 -12.01 54.66 -29.25
C PRO D 66 -11.09 54.55 -28.05
N LEU D 67 -9.93 53.94 -28.27
CA LEU D 67 -8.99 53.76 -27.21
C LEU D 67 -8.12 54.99 -27.16
N SER D 68 -7.75 55.39 -25.95
CA SER D 68 -6.73 56.40 -25.74
C SER D 68 -5.39 55.70 -25.43
N TYR D 69 -4.28 56.39 -25.71
CA TYR D 69 -2.95 55.93 -25.38
C TYR D 69 -2.36 56.63 -24.17
N SER D 70 -1.86 55.85 -23.21
CA SER D 70 -1.05 56.36 -22.10
C SER D 70 0.43 56.18 -22.44
N ALA D 71 1.17 57.29 -22.52
CA ALA D 71 2.57 57.24 -22.92
C ALA D 71 3.44 56.81 -21.74
N ASP D 72 3.02 57.15 -20.52
CA ASP D 72 3.69 56.69 -19.28
C ASP D 72 3.81 55.18 -19.21
N ASN D 73 2.74 54.50 -19.61
CA ASN D 73 2.62 53.06 -19.45
C ASN D 73 2.68 52.25 -20.74
N LYS D 74 2.65 52.94 -21.87
CA LYS D 74 2.64 52.35 -23.20
C LYS D 74 1.54 51.32 -23.29
N THR D 75 0.34 51.78 -22.92
CA THR D 75 -0.86 50.97 -22.98
C THR D 75 -1.98 51.76 -23.67
N PHE D 76 -2.82 51.01 -24.40
CA PHE D 76 -4.11 51.48 -24.85
C PHE D 76 -5.13 51.27 -23.77
N ASN D 77 -5.99 52.26 -23.56
CA ASN D 77 -6.97 52.26 -22.50
C ASN D 77 -8.35 52.63 -23.00
N CYS D 78 -9.36 51.91 -22.51
CA CYS D 78 -10.73 52.04 -22.98
C CYS D 78 -11.68 52.67 -21.96
N PRO D 79 -12.23 53.87 -22.29
CA PRO D 79 -13.13 54.53 -21.32
C PRO D 79 -14.54 53.92 -21.28
N GLY D 80 -14.83 52.97 -22.17
CA GLY D 80 -16.15 52.30 -22.20
C GLY D 80 -16.34 51.46 -20.94
N HIS D 81 -15.52 50.40 -20.80
CA HIS D 81 -15.65 49.47 -19.64
C HIS D 81 -14.29 49.00 -19.12
N PHE D 82 -13.29 49.84 -19.26
CA PHE D 82 -12.02 49.79 -18.51
C PHE D 82 -10.97 48.80 -18.99
N SER D 83 -11.09 48.35 -20.23
CA SER D 83 -10.03 47.48 -20.80
C SER D 83 -8.71 48.23 -20.99
N VAL D 84 -7.64 47.43 -20.98
CA VAL D 84 -6.28 47.86 -21.06
C VAL D 84 -5.61 46.89 -22.00
N PHE D 85 -4.94 47.39 -23.04
CA PHE D 85 -4.20 46.55 -23.99
C PHE D 85 -2.74 46.97 -24.06
N ASP D 86 -1.88 45.98 -24.29
CA ASP D 86 -0.45 46.17 -24.20
C ASP D 86 0.15 46.07 -25.59
N PRO D 87 0.52 47.22 -26.23
CA PRO D 87 1.08 47.13 -27.60
C PRO D 87 2.55 46.67 -27.65
N GLU D 88 3.22 46.60 -26.53
CA GLU D 88 4.55 45.94 -26.45
C GLU D 88 4.48 44.40 -26.35
N LYS D 89 3.27 43.85 -26.13
CA LYS D 89 3.03 42.41 -26.12
C LYS D 89 1.88 42.02 -27.08
N GLY D 90 2.03 42.41 -28.35
CA GLY D 90 1.14 42.02 -29.42
C GLY D 90 -0.30 42.45 -29.22
N GLY D 91 -0.53 43.51 -28.46
CA GLY D 91 -1.88 43.93 -28.17
C GLY D 91 -2.59 43.10 -27.11
N GLN D 92 -1.83 42.36 -26.29
CA GLN D 92 -2.48 41.51 -25.29
C GLN D 92 -3.38 42.35 -24.39
N GLN D 93 -4.63 41.92 -24.22
CA GLN D 93 -5.54 42.53 -23.26
C GLN D 93 -5.04 42.21 -21.86
N VAL D 94 -4.49 43.23 -21.20
CA VAL D 94 -3.95 43.12 -19.86
C VAL D 94 -5.08 42.77 -18.91
N TRP D 95 -6.21 43.37 -19.18
CA TRP D 95 -7.41 43.25 -18.36
C TRP D 95 -8.48 43.85 -19.22
N GLY D 96 -9.65 43.20 -19.33
CA GLY D 96 -10.71 43.77 -20.09
C GLY D 96 -11.83 42.84 -20.45
N GLN D 97 -12.78 43.43 -21.19
CA GLN D 97 -14.03 42.82 -21.55
C GLN D 97 -14.07 42.26 -22.97
N ALA D 98 -13.06 42.51 -23.77
CA ALA D 98 -13.02 41.95 -25.14
C ALA D 98 -12.62 40.47 -25.10
N THR D 99 -13.07 39.70 -26.08
CA THR D 99 -12.64 38.34 -26.24
C THR D 99 -11.52 38.21 -27.26
N GLN D 100 -10.90 39.33 -27.55
CA GLN D 100 -9.89 39.43 -28.59
C GLN D 100 -8.77 40.26 -28.05
N ASN D 101 -7.55 39.87 -28.39
CA ASN D 101 -6.48 40.82 -28.18
C ASN D 101 -6.55 41.81 -29.33
N LEU D 102 -5.83 42.91 -29.19
CA LEU D 102 -6.04 44.08 -30.09
C LEU D 102 -5.58 43.75 -31.49
N PRO D 103 -6.46 43.87 -32.47
CA PRO D 103 -6.10 43.57 -33.84
C PRO D 103 -4.88 44.38 -34.29
N GLN D 104 -3.91 43.69 -34.87
CA GLN D 104 -2.60 44.19 -35.18
C GLN D 104 -2.37 44.11 -36.64
N TYR D 105 -1.71 45.11 -37.21
CA TYR D 105 -1.44 45.13 -38.64
C TYR D 105 -0.19 44.32 -38.97
N VAL D 106 -0.19 43.65 -40.12
CA VAL D 106 1.01 43.08 -40.71
C VAL D 106 1.66 44.18 -41.57
N LEU D 107 2.80 44.66 -41.09
CA LEU D 107 3.55 45.72 -41.67
C LEU D 107 4.82 45.27 -42.41
N ARG D 108 5.18 46.10 -43.39
CA ARG D 108 6.37 45.92 -44.22
C ARG D 108 6.99 47.34 -44.36
N VAL D 109 8.31 47.45 -44.22
CA VAL D 109 9.03 48.68 -44.55
C VAL D 109 9.77 48.51 -45.89
N ALA D 110 9.30 49.22 -46.93
CA ALA D 110 9.93 49.23 -48.27
C ALA D 110 11.31 49.87 -48.20
N ASP D 111 12.08 49.77 -49.29
CA ASP D 111 13.45 50.27 -49.31
C ASP D 111 13.56 51.77 -48.99
N ASN D 112 12.61 52.56 -49.48
CA ASN D 112 12.58 54.03 -49.20
C ASN D 112 12.07 54.50 -47.81
N GLY D 113 11.88 53.61 -46.84
CA GLY D 113 11.25 53.95 -45.54
C GLY D 113 9.71 53.97 -45.48
N ASP D 114 9.05 53.63 -46.60
CA ASP D 114 7.58 53.65 -46.68
C ASP D 114 7.03 52.43 -45.89
N ILE D 115 6.01 52.65 -45.04
CA ILE D 115 5.43 51.59 -44.18
C ILE D 115 4.10 51.18 -44.80
N PHE D 116 4.01 49.91 -45.19
CA PHE D 116 2.79 49.33 -45.77
C PHE D 116 2.11 48.38 -44.74
N ALA D 117 0.78 48.30 -44.77
CA ALA D 117 0.05 47.35 -43.98
C ALA D 117 -0.61 46.38 -44.94
N GLU D 118 -0.46 45.08 -44.72
CA GLU D 118 -1.02 44.03 -45.66
C GLU D 118 -1.93 42.96 -45.02
N GLY D 119 -2.37 43.16 -43.78
CA GLY D 119 -3.24 42.21 -43.14
C GLY D 119 -3.49 42.63 -41.72
N VAL D 120 -4.48 41.97 -41.12
CA VAL D 120 -4.86 42.20 -39.74
C VAL D 120 -5.12 40.82 -39.10
N ASP D 121 -4.68 40.66 -37.86
CA ASP D 121 -4.67 39.32 -37.22
C ASP D 121 -5.94 38.95 -36.40
N GLU D 122 -6.94 39.85 -36.37
CA GLU D 122 -8.19 39.62 -35.65
C GLU D 122 -9.31 40.39 -36.35
N LEU D 123 -10.54 40.13 -35.95
CA LEU D 123 -11.68 40.74 -36.59
C LEU D 123 -11.84 42.15 -36.01
N ILE D 124 -11.79 43.15 -36.88
CA ILE D 124 -11.83 44.56 -36.42
C ILE D 124 -13.24 44.84 -35.91
N TYR D 125 -13.39 45.58 -34.80
CA TYR D 125 -14.74 45.94 -34.31
C TYR D 125 -15.61 46.50 -35.43
N GLY D 126 -16.84 46.04 -35.42
CA GLY D 126 -17.88 46.63 -36.21
C GLY D 126 -17.93 46.29 -37.66
N ARG D 127 -17.13 45.31 -38.06
CA ARG D 127 -17.20 44.71 -39.41
C ARG D 127 -17.14 43.20 -39.31
N LEU D 128 -17.94 42.52 -40.13
CA LEU D 128 -18.04 41.06 -40.14
C LEU D 128 -17.08 40.49 -41.15
N SER D 129 -16.47 41.38 -41.91
CA SER D 129 -15.35 41.04 -42.76
C SER D 129 -14.38 42.24 -42.63
N ASN D 130 -13.11 41.93 -42.40
CA ASN D 130 -12.11 42.96 -42.29
C ASN D 130 -12.01 43.84 -43.55
N VAL D 131 -12.28 43.28 -44.73
CA VAL D 131 -12.32 44.05 -45.98
C VAL D 131 -13.77 44.05 -46.39
N LEU D 132 -14.34 45.25 -46.45
CA LEU D 132 -15.73 45.46 -46.75
C LEU D 132 -15.86 45.73 -48.21
N ALA E 1 27.90 -15.34 34.42
CA ALA E 1 27.71 -16.62 33.72
C ALA E 1 26.42 -17.23 34.15
N PHE E 2 25.72 -17.90 33.23
CA PHE E 2 24.51 -18.58 33.58
C PHE E 2 24.83 -19.87 34.38
N LYS E 3 24.08 -20.06 35.48
CA LYS E 3 24.26 -21.14 36.46
C LYS E 3 22.86 -21.55 36.87
N ARG E 4 22.52 -22.84 36.75
CA ARG E 4 21.16 -23.31 37.04
C ARG E 4 20.84 -23.43 38.53
N HIS E 5 21.85 -23.49 39.39
CA HIS E 5 21.63 -23.70 40.83
C HIS E 5 20.79 -24.94 41.12
N ILE E 6 20.95 -26.00 40.31
CA ILE E 6 20.30 -27.28 40.57
C ILE E 6 21.37 -28.15 41.25
N ASP E 7 21.17 -28.33 42.56
CA ASP E 7 22.12 -28.96 43.52
C ASP E 7 22.09 -30.48 43.48
N ARG E 8 20.94 -31.02 43.09
CA ARG E 8 20.80 -32.42 42.95
C ARG E 8 19.69 -32.76 41.99
N LEU E 9 19.78 -33.97 41.46
CA LEU E 9 18.84 -34.50 40.50
C LEU E 9 18.22 -35.81 41.01
N PRO E 10 16.91 -36.02 40.72
CA PRO E 10 16.31 -37.30 41.00
C PRO E 10 17.08 -38.43 40.33
N ILE E 11 17.07 -39.58 41.00
CA ILE E 11 17.91 -40.68 40.58
C ILE E 11 17.03 -41.61 39.78
N ILE E 12 17.55 -42.07 38.66
CA ILE E 12 16.81 -43.00 37.82
C ILE E 12 16.68 -44.30 38.58
N PRO E 13 15.46 -44.76 38.88
CA PRO E 13 15.30 -46.03 39.52
C PRO E 13 15.62 -47.21 38.59
N ALA E 14 15.67 -48.39 39.21
CA ALA E 14 16.02 -49.63 38.56
C ALA E 14 14.94 -50.13 37.62
N ASP E 15 13.68 -49.91 37.99
CA ASP E 15 12.52 -50.30 37.13
C ASP E 15 12.06 -49.19 36.07
N ALA E 16 12.93 -48.24 35.76
CA ALA E 16 12.52 -47.11 34.88
C ALA E 16 12.28 -47.63 33.47
N LYS E 17 11.37 -47.00 32.74
CA LYS E 17 11.11 -47.41 31.36
C LYS E 17 12.26 -46.92 30.47
N LYS E 18 12.92 -47.84 29.74
CA LYS E 18 14.02 -47.51 28.83
C LYS E 18 13.47 -47.38 27.41
N HIS E 19 13.92 -46.34 26.71
CA HIS E 19 13.58 -46.03 25.34
C HIS E 19 14.86 -45.73 24.61
N ASN E 20 14.99 -46.25 23.37
CA ASN E 20 16.12 -45.95 22.48
C ASN E 20 15.95 -44.63 21.79
N VAL E 21 16.97 -43.79 21.78
CA VAL E 21 16.84 -42.43 21.26
C VAL E 21 18.06 -42.04 20.45
N THR E 22 17.84 -41.69 19.19
CA THR E 22 18.88 -41.08 18.41
C THR E 22 18.83 -39.59 18.72
N CYS E 23 19.99 -38.94 18.72
CA CYS E 23 20.07 -37.53 18.92
C CYS E 23 19.12 -36.82 17.94
N HIS E 24 18.38 -35.85 18.50
CA HIS E 24 17.47 -35.02 17.68
C HIS E 24 18.21 -34.31 16.53
N PHE E 25 19.49 -34.07 16.71
CA PHE E 25 20.18 -33.01 16.00
C PHE E 25 21.11 -33.49 14.86
N CYS E 26 22.44 -33.45 15.04
CA CYS E 26 23.30 -33.54 13.88
C CYS E 26 23.43 -34.95 13.26
N ILE E 27 23.87 -34.95 12.00
CA ILE E 27 24.20 -36.09 11.18
C ILE E 27 24.89 -37.23 11.93
N VAL E 28 25.73 -36.95 12.94
CA VAL E 28 26.45 -38.04 13.67
C VAL E 28 25.49 -39.07 14.27
N GLY E 29 24.32 -38.62 14.74
CA GLY E 29 23.29 -39.55 15.17
C GLY E 29 23.77 -40.36 16.37
N CYS E 30 24.34 -39.68 17.36
CA CYS E 30 24.75 -40.30 18.63
C CYS E 30 23.57 -40.98 19.29
N GLY E 31 23.83 -42.15 19.88
CA GLY E 31 22.79 -42.94 20.56
C GLY E 31 22.62 -42.48 22.00
N TYR E 32 21.36 -42.47 22.47
CA TYR E 32 21.00 -42.10 23.82
C TYR E 32 19.92 -43.04 24.25
N HIS E 33 19.62 -43.01 25.55
CA HIS E 33 18.42 -43.65 26.04
C HIS E 33 17.64 -42.63 26.81
N ALA E 34 16.34 -42.67 26.70
CA ALA E 34 15.51 -41.90 27.63
C ALA E 34 14.92 -42.87 28.63
N TYR E 35 15.13 -42.56 29.90
CA TYR E 35 14.56 -43.32 31.00
C TYR E 35 13.48 -42.45 31.69
N THR E 36 12.28 -42.99 31.83
CA THR E 36 11.15 -42.34 32.46
C THR E 36 10.56 -43.18 33.55
N TRP E 37 9.96 -42.49 34.53
CA TRP E 37 9.44 -43.16 35.71
C TRP E 37 8.46 -42.20 36.40
N PRO E 38 7.46 -42.74 37.14
CA PRO E 38 6.43 -41.86 37.59
C PRO E 38 6.93 -40.76 38.53
N ILE E 39 6.27 -39.59 38.43
CA ILE E 39 6.44 -38.44 39.34
C ILE E 39 6.10 -39.06 40.71
N ASN E 40 6.58 -38.55 41.82
CA ASN E 40 6.18 -39.24 43.11
C ASN E 40 6.90 -40.58 43.38
N LYS E 41 7.86 -40.96 42.53
CA LYS E 41 8.82 -42.03 42.76
C LYS E 41 10.20 -41.58 42.30
N GLN E 42 11.17 -42.34 42.74
CA GLN E 42 12.58 -42.07 42.52
C GLN E 42 13.44 -43.28 42.89
N GLY E 43 14.67 -43.30 42.38
CA GLY E 43 15.66 -44.24 42.81
C GLY E 43 16.40 -43.75 44.04
N GLY E 44 17.19 -44.67 44.61
CA GLY E 44 18.04 -44.42 45.76
C GLY E 44 19.49 -44.56 45.31
N THR E 45 20.41 -44.22 46.21
CA THR E 45 21.84 -44.32 45.97
C THR E 45 22.35 -45.78 46.11
N ASP E 46 21.59 -46.66 46.81
CA ASP E 46 21.94 -48.09 46.91
C ASP E 46 21.77 -48.72 45.51
N PRO E 47 22.80 -49.47 45.06
CA PRO E 47 22.89 -50.08 43.74
C PRO E 47 21.62 -50.76 43.21
N GLN E 48 20.91 -51.54 44.03
CA GLN E 48 19.68 -52.20 43.57
C GLN E 48 18.42 -51.25 43.53
N ASN E 49 18.59 -50.01 43.95
CA ASN E 49 17.56 -48.97 43.84
C ASN E 49 17.78 -47.97 42.70
N ASN E 50 18.91 -48.03 41.98
CA ASN E 50 19.08 -47.31 40.71
C ASN E 50 19.43 -48.18 39.49
N ILE E 51 19.27 -47.59 38.32
CA ILE E 51 19.50 -48.21 36.98
C ILE E 51 20.92 -48.58 36.74
N PHE E 52 21.87 -47.98 37.43
CA PHE E 52 23.27 -48.25 37.14
C PHE E 52 23.90 -49.44 37.89
N GLY E 53 23.24 -49.98 38.92
CA GLY E 53 23.84 -50.90 39.88
C GLY E 53 25.14 -50.36 40.46
N VAL E 54 25.14 -49.08 40.83
CA VAL E 54 26.36 -48.38 41.34
C VAL E 54 25.96 -47.62 42.62
N ASP E 55 26.90 -47.47 43.55
CA ASP E 55 26.63 -46.77 44.83
C ASP E 55 26.75 -45.28 44.58
N LEU E 56 25.59 -44.63 44.42
CA LEU E 56 25.59 -43.17 44.08
C LEU E 56 25.90 -42.24 45.26
N SER E 57 26.17 -42.80 46.47
CA SER E 57 26.70 -42.04 47.64
C SER E 57 28.15 -41.65 47.50
N GLU E 58 28.85 -42.10 46.46
CA GLU E 58 30.24 -41.68 46.32
C GLU E 58 30.54 -41.20 44.95
N GLN E 59 31.53 -40.30 44.87
CA GLN E 59 32.01 -39.64 43.67
C GLN E 59 32.37 -40.60 42.55
N GLN E 60 31.66 -40.48 41.43
CA GLN E 60 31.92 -41.31 40.25
C GLN E 60 33.15 -40.81 39.51
N GLN E 61 33.80 -41.72 38.78
CA GLN E 61 35.10 -41.42 38.15
C GLN E 61 34.89 -40.78 36.77
N ALA E 62 35.93 -40.21 36.19
CA ALA E 62 35.82 -39.70 34.81
C ALA E 62 35.19 -40.73 33.86
N GLU E 63 34.45 -40.22 32.88
CA GLU E 63 33.66 -41.01 31.91
C GLU E 63 32.62 -41.95 32.46
N SER E 64 32.02 -41.60 33.59
CA SER E 64 31.13 -42.53 34.28
C SER E 64 29.81 -42.62 33.53
N ASP E 65 29.26 -43.81 33.45
CA ASP E 65 27.94 -44.03 32.94
C ASP E 65 26.88 -43.64 33.98
N ALA E 66 27.30 -43.47 35.25
CA ALA E 66 26.38 -43.25 36.37
C ALA E 66 26.36 -41.78 36.81
N TRP E 67 26.16 -40.92 35.82
CA TRP E 67 26.03 -39.47 36.03
C TRP E 67 25.29 -38.90 34.84
N TYR E 68 24.65 -37.76 35.06
CA TYR E 68 24.04 -37.00 33.98
C TYR E 68 24.00 -35.53 34.35
N SER E 69 24.10 -34.63 33.37
CA SER E 69 24.06 -33.21 33.64
C SER E 69 22.61 -32.84 33.83
N PRO E 70 22.35 -31.72 34.53
CA PRO E 70 20.98 -31.22 34.70
C PRO E 70 20.26 -30.99 33.36
N SER E 71 21.00 -30.61 32.34
CA SER E 71 20.39 -30.45 30.99
C SER E 71 19.78 -31.75 30.44
N MET E 72 20.21 -32.92 30.99
CA MET E 72 19.72 -34.29 30.65
C MET E 72 18.48 -34.68 31.42
N TYR E 73 18.06 -33.83 32.36
CA TYR E 73 16.92 -34.15 33.22
C TYR E 73 15.78 -33.19 32.93
N ASN E 74 14.55 -33.74 32.90
CA ASN E 74 13.34 -32.95 32.90
C ASN E 74 12.13 -33.73 33.44
N VAL E 75 10.95 -33.10 33.42
CA VAL E 75 9.66 -33.76 33.63
C VAL E 75 8.80 -33.52 32.42
N VAL E 76 8.18 -34.56 31.88
CA VAL E 76 7.37 -34.46 30.63
C VAL E 76 6.07 -35.22 30.79
N LYS E 77 5.04 -34.87 30.02
CA LYS E 77 3.86 -35.70 29.91
C LYS E 77 4.17 -36.96 29.09
N GLN E 78 3.63 -38.09 29.56
CA GLN E 78 3.70 -39.39 28.90
C GLN E 78 2.35 -40.13 29.12
N ASP E 79 1.61 -40.43 28.04
CA ASP E 79 0.24 -40.93 28.15
C ASP E 79 -0.59 -40.13 29.21
N GLY E 80 -0.47 -38.79 29.16
CA GLY E 80 -1.27 -37.89 29.99
C GLY E 80 -0.80 -37.68 31.42
N ARG E 81 0.34 -38.24 31.81
CA ARG E 81 0.82 -38.20 33.20
C ARG E 81 2.20 -37.62 33.22
N ASP E 82 2.53 -36.92 34.29
CA ASP E 82 3.85 -36.37 34.42
C ASP E 82 4.82 -37.49 34.82
N VAL E 83 5.94 -37.58 34.11
CA VAL E 83 6.98 -38.55 34.44
C VAL E 83 8.29 -37.81 34.48
N HIS E 84 9.20 -38.26 35.34
CA HIS E 84 10.61 -37.85 35.27
C HIS E 84 11.20 -38.48 34.01
N VAL E 85 12.17 -37.79 33.43
CA VAL E 85 12.88 -38.29 32.26
C VAL E 85 14.31 -37.85 32.35
N VAL E 86 15.18 -38.79 32.01
CA VAL E 86 16.58 -38.48 31.76
C VAL E 86 16.90 -39.01 30.35
N ILE E 87 17.59 -38.18 29.57
CA ILE E 87 18.04 -38.50 28.21
C ILE E 87 19.55 -38.35 28.18
N LYS E 88 20.22 -39.49 28.07
CA LYS E 88 21.59 -39.69 28.50
C LYS E 88 22.29 -40.49 27.41
N PRO E 89 23.53 -40.16 27.09
CA PRO E 89 24.18 -40.87 26.00
C PRO E 89 24.58 -42.31 26.33
N ASP E 90 24.43 -43.19 25.34
CA ASP E 90 24.70 -44.65 25.43
C ASP E 90 26.19 -44.95 25.26
N HIS E 91 26.81 -45.52 26.29
CA HIS E 91 28.17 -46.07 26.23
C HIS E 91 28.33 -47.16 25.19
N GLU E 92 27.29 -47.95 24.97
CA GLU E 92 27.33 -49.13 24.08
C GLU E 92 27.09 -48.78 22.59
N CYS E 93 26.77 -47.52 22.28
CA CYS E 93 26.58 -47.12 20.90
C CYS E 93 27.93 -46.89 20.28
N VAL E 94 28.19 -47.55 19.15
CA VAL E 94 29.52 -47.44 18.50
C VAL E 94 29.72 -46.09 17.85
N VAL E 95 28.64 -45.35 17.55
CA VAL E 95 28.86 -44.06 16.97
C VAL E 95 29.61 -43.15 17.94
N ASN E 96 29.06 -43.04 19.12
CA ASN E 96 29.48 -42.02 20.08
C ASN E 96 30.26 -42.58 21.29
N SER E 97 30.08 -43.88 21.63
CA SER E 97 30.79 -44.50 22.79
C SER E 97 30.56 -43.69 24.08
N GLY E 98 29.29 -43.28 24.26
CA GLY E 98 28.88 -42.45 25.39
C GLY E 98 29.11 -40.96 25.39
N LEU E 99 29.77 -40.42 24.36
CA LEU E 99 29.86 -38.98 24.21
C LEU E 99 28.48 -38.42 23.93
N GLY E 100 28.18 -37.33 24.61
CA GLY E 100 27.06 -36.46 24.28
C GLY E 100 27.56 -35.05 24.07
N SER E 101 27.32 -34.45 22.91
CA SER E 101 27.73 -33.05 22.63
C SER E 101 26.93 -32.05 23.44
N VAL E 102 27.40 -30.83 23.42
CA VAL E 102 26.68 -29.72 24.05
C VAL E 102 25.21 -29.52 23.57
N ARG E 103 24.93 -29.98 22.35
CA ARG E 103 23.58 -29.93 21.83
C ARG E 103 22.81 -31.14 22.27
N GLY E 104 23.31 -32.33 21.97
CA GLY E 104 22.57 -33.56 22.28
C GLY E 104 22.28 -33.75 23.76
N ALA E 105 23.22 -33.39 24.60
CA ALA E 105 23.09 -33.56 26.01
C ALA E 105 22.07 -32.59 26.60
N ARG E 106 21.59 -31.63 25.82
CA ARG E 106 20.49 -30.80 26.27
C ARG E 106 19.12 -31.14 25.65
N MET E 107 18.95 -32.34 25.13
CA MET E 107 17.63 -32.72 24.58
C MET E 107 16.54 -32.68 25.64
N ALA E 108 16.88 -33.04 26.88
CA ALA E 108 15.88 -33.13 27.93
C ALA E 108 15.40 -31.72 28.30
N GLU E 109 16.35 -30.86 28.55
CA GLU E 109 16.10 -29.46 28.96
C GLU E 109 15.47 -28.56 27.84
N THR E 110 15.66 -28.93 26.58
CA THR E 110 14.97 -28.32 25.48
C THR E 110 13.70 -29.12 25.11
N SER E 111 13.29 -30.13 25.90
CA SER E 111 11.94 -30.73 25.76
C SER E 111 10.91 -29.82 26.40
N PHE E 112 9.65 -29.95 25.98
CA PHE E 112 8.49 -29.23 26.58
C PHE E 112 8.15 -29.77 27.92
N SER E 113 8.18 -28.88 28.92
CA SER E 113 7.72 -29.22 30.28
C SER E 113 6.91 -28.12 30.96
N GLU E 114 5.65 -28.46 31.26
CA GLU E 114 4.78 -27.60 32.06
C GLU E 114 5.29 -27.52 33.48
N ALA E 115 5.58 -28.67 34.05
CA ALA E 115 5.94 -28.78 35.44
C ALA E 115 7.20 -28.00 35.76
N ARG E 116 8.17 -28.00 34.86
CA ARG E 116 9.44 -27.29 35.10
C ARG E 116 9.62 -26.08 34.17
N ASN E 117 8.58 -25.73 33.44
CA ASN E 117 8.56 -24.54 32.62
C ASN E 117 9.65 -24.44 31.57
N THR E 118 9.98 -25.53 30.92
CA THR E 118 10.91 -25.46 29.79
C THR E 118 10.17 -25.38 28.45
N GLN E 119 10.69 -24.57 27.54
CA GLN E 119 10.11 -24.41 26.17
C GLN E 119 8.64 -24.10 26.12
N GLN E 120 8.26 -23.18 26.97
CA GLN E 120 6.91 -22.70 27.03
C GLN E 120 6.50 -21.98 25.74
N GLN E 121 7.47 -21.58 24.91
CA GLN E 121 7.20 -21.11 23.54
C GLN E 121 6.62 -22.18 22.61
N ARG E 122 6.65 -23.46 22.95
CA ARG E 122 6.18 -24.47 21.98
C ARG E 122 4.76 -24.32 21.54
N LEU E 123 4.49 -24.52 20.27
CA LEU E 123 3.12 -24.42 19.77
C LEU E 123 2.23 -25.52 20.31
N THR E 124 1.03 -25.15 20.66
CA THR E 124 0.05 -26.08 21.19
C THR E 124 -1.26 -26.11 20.39
N ASP E 125 -1.66 -25.03 19.73
CA ASP E 125 -2.97 -25.01 19.08
C ASP E 125 -2.79 -24.42 17.68
N PRO E 126 -3.60 -24.86 16.72
CA PRO E 126 -3.64 -24.17 15.46
C PRO E 126 -3.94 -22.69 15.65
N LEU E 127 -3.31 -21.85 14.88
CA LEU E 127 -3.57 -20.42 15.02
C LEU E 127 -4.03 -19.89 13.66
N VAL E 128 -5.01 -18.99 13.65
CA VAL E 128 -5.44 -18.33 12.43
C VAL E 128 -5.49 -16.79 12.61
N TRP E 129 -5.02 -16.06 11.59
CA TRP E 129 -5.11 -14.59 11.54
C TRP E 129 -6.55 -14.20 11.32
N ARG E 130 -7.17 -13.72 12.39
CA ARG E 130 -8.53 -13.22 12.34
C ARG E 130 -8.79 -12.22 13.47
N TYR E 131 -9.68 -11.27 13.23
CA TYR E 131 -10.11 -10.32 14.27
C TYR E 131 -8.93 -9.39 14.66
N GLY E 132 -7.97 -9.29 13.74
CA GLY E 132 -6.80 -8.43 13.86
C GLY E 132 -5.56 -8.92 14.53
N GLN E 133 -5.53 -10.18 14.90
CA GLN E 133 -4.33 -10.81 15.52
C GLN E 133 -4.41 -12.30 15.27
N MET E 134 -3.35 -13.05 15.58
CA MET E 134 -3.40 -14.53 15.59
C MET E 134 -4.30 -14.99 16.75
N GLN E 135 -5.14 -15.99 16.46
CA GLN E 135 -6.16 -16.48 17.40
C GLN E 135 -6.15 -18.03 17.34
N PRO E 136 -6.15 -18.67 18.52
CA PRO E 136 -6.19 -20.12 18.50
C PRO E 136 -7.52 -20.63 18.08
N THR E 137 -7.51 -21.84 17.55
CA THR E 137 -8.74 -22.47 17.06
C THR E 137 -8.59 -23.99 16.99
N SER E 138 -9.63 -24.71 16.50
CA SER E 138 -9.57 -26.17 16.32
C SER E 138 -8.80 -26.58 15.05
N TRP E 139 -8.29 -27.80 15.01
CA TRP E 139 -7.80 -28.40 13.81
C TRP E 139 -8.83 -28.39 12.67
N ASP E 140 -10.09 -28.72 12.95
CA ASP E 140 -11.08 -28.80 11.86
C ASP E 140 -11.26 -27.43 11.21
N ASP E 141 -11.29 -26.37 12.03
CA ASP E 141 -11.40 -25.03 11.51
C ASP E 141 -10.18 -24.63 10.67
N ALA E 142 -8.98 -24.79 11.23
CA ALA E 142 -7.78 -24.32 10.53
C ALA E 142 -7.50 -25.09 9.22
N LEU E 143 -7.60 -26.42 9.25
CA LEU E 143 -7.36 -27.19 8.01
C LEU E 143 -8.41 -26.84 6.96
N ASP E 144 -9.63 -26.68 7.40
CA ASP E 144 -10.68 -26.29 6.50
C ASP E 144 -10.29 -25.02 5.71
N LEU E 145 -9.89 -24.00 6.45
CA LEU E 145 -9.51 -22.76 5.86
C LEU E 145 -8.35 -22.93 4.86
N VAL E 146 -7.32 -23.61 5.30
CA VAL E 146 -6.16 -23.90 4.47
C VAL E 146 -6.55 -24.66 3.20
N ALA E 147 -7.36 -25.70 3.33
CA ALA E 147 -7.77 -26.52 2.18
C ALA E 147 -8.58 -25.70 1.17
N ARG E 148 -9.49 -24.89 1.68
CA ARG E 148 -10.35 -24.12 0.78
C ARG E 148 -9.64 -23.03 0.00
N VAL E 149 -8.76 -22.30 0.66
CA VAL E 149 -7.92 -21.33 -0.05
C VAL E 149 -7.01 -22.05 -1.03
N THR E 150 -6.33 -23.10 -0.59
CA THR E 150 -5.40 -23.85 -1.43
C THR E 150 -6.11 -24.45 -2.65
N ALA E 151 -7.22 -25.14 -2.39
CA ALA E 151 -8.05 -25.71 -3.43
C ALA E 151 -8.54 -24.69 -4.49
N LYS E 152 -8.95 -23.51 -4.02
CA LYS E 152 -9.52 -22.51 -4.92
C LYS E 152 -8.42 -21.95 -5.81
N ILE E 153 -7.28 -21.63 -5.23
CA ILE E 153 -6.17 -21.06 -5.98
C ILE E 153 -5.61 -22.03 -7.04
N VAL E 154 -5.44 -23.26 -6.62
CA VAL E 154 -5.02 -24.31 -7.50
C VAL E 154 -6.06 -24.65 -8.61
N LYS E 155 -7.35 -24.66 -8.31
CA LYS E 155 -8.36 -24.82 -9.36
C LYS E 155 -8.30 -23.67 -10.36
N GLU E 156 -8.20 -22.43 -9.87
CA GLU E 156 -8.19 -21.26 -10.73
C GLU E 156 -6.83 -21.03 -11.43
N LYS E 157 -5.70 -21.34 -10.81
CA LYS E 157 -4.40 -20.95 -11.38
C LYS E 157 -3.48 -22.12 -11.73
N GLY E 158 -3.88 -23.37 -11.48
CA GLY E 158 -3.04 -24.54 -11.62
C GLY E 158 -2.19 -24.72 -10.37
N GLU E 159 -1.62 -25.92 -10.24
CA GLU E 159 -0.74 -26.25 -9.16
C GLU E 159 0.54 -25.38 -9.05
N ASP E 160 0.99 -24.77 -10.15
CA ASP E 160 2.12 -23.83 -10.07
C ASP E 160 1.91 -22.68 -9.10
N ALA E 161 0.65 -22.31 -8.82
CA ALA E 161 0.34 -21.24 -7.86
C ALA E 161 0.56 -21.70 -6.39
N LEU E 162 0.79 -23.01 -6.16
CA LEU E 162 1.09 -23.52 -4.85
C LEU E 162 2.59 -23.63 -4.75
N ILE E 163 3.14 -22.89 -3.79
CA ILE E 163 4.54 -22.80 -3.49
C ILE E 163 4.74 -23.58 -2.19
N VAL E 164 5.81 -24.36 -2.16
CA VAL E 164 6.12 -25.15 -0.98
C VAL E 164 7.56 -25.01 -0.59
N SER E 165 7.75 -24.87 0.71
CA SER E 165 9.04 -24.93 1.32
C SER E 165 9.01 -26.06 2.34
N ALA E 166 9.93 -27.00 2.27
CA ALA E 166 9.87 -28.10 3.26
C ALA E 166 11.21 -28.72 3.52
N PHE E 167 11.45 -29.11 4.74
CA PHE E 167 12.53 -30.06 5.08
C PHE E 167 12.58 -31.22 4.06
N ASP E 168 13.79 -31.62 3.69
CA ASP E 168 14.01 -32.94 3.10
C ASP E 168 14.91 -33.81 4.01
N HIS E 169 15.17 -33.40 5.25
CA HIS E 169 16.21 -34.03 6.07
C HIS E 169 15.71 -35.06 7.04
N GLY E 170 16.62 -35.66 7.81
CA GLY E 170 16.23 -36.59 8.88
C GLY E 170 16.24 -35.91 10.24
N GLY E 171 16.07 -36.74 11.26
CA GLY E 171 16.07 -36.32 12.65
C GLY E 171 14.83 -35.53 13.01
N ALA E 172 14.91 -34.81 14.11
CA ALA E 172 13.81 -33.95 14.52
C ALA E 172 13.46 -32.97 13.39
N GLY E 173 12.17 -32.84 13.10
CA GLY E 173 11.74 -32.01 11.99
C GLY E 173 12.05 -32.60 10.63
N GLY E 174 12.09 -33.92 10.58
CA GLY E 174 12.45 -34.65 9.38
C GLY E 174 12.08 -36.12 9.61
N GLY E 175 12.77 -36.99 8.84
CA GLY E 175 12.65 -38.43 8.97
C GLY E 175 11.79 -39.08 7.92
N TYR E 176 11.87 -40.40 7.86
CA TYR E 176 11.27 -41.16 6.79
C TYR E 176 9.79 -41.04 6.81
N GLU E 177 9.22 -41.00 8.03
CA GLU E 177 7.76 -40.90 8.17
C GLU E 177 7.32 -39.51 7.61
N ASN E 178 8.07 -38.49 8.03
CA ASN E 178 7.73 -37.10 7.73
C ASN E 178 8.10 -36.65 6.29
N THR E 179 9.27 -37.07 5.76
CA THR E 179 9.51 -36.87 4.34
C THR E 179 8.50 -37.63 3.46
N TRP E 180 8.11 -38.84 3.86
CA TRP E 180 7.07 -39.55 3.10
C TRP E 180 5.80 -38.81 3.14
N GLY E 181 5.37 -38.39 4.32
CA GLY E 181 4.07 -37.70 4.39
C GLY E 181 3.94 -36.45 3.51
N THR E 182 4.93 -35.58 3.62
CA THR E 182 4.91 -34.36 2.87
C THR E 182 5.14 -34.66 1.40
N GLY E 183 6.05 -35.60 1.13
CA GLY E 183 6.33 -35.95 -0.25
C GLY E 183 5.13 -36.48 -0.97
N LYS E 184 4.42 -37.35 -0.26
CA LYS E 184 3.26 -37.98 -0.85
C LYS E 184 2.20 -36.97 -1.19
N LEU E 185 2.03 -35.96 -0.33
CA LEU E 185 1.00 -34.93 -0.53
C LEU E 185 1.27 -34.09 -1.78
N TYR E 186 2.51 -33.61 -1.90
CA TYR E 186 2.90 -32.70 -2.95
C TYR E 186 3.34 -33.39 -4.25
N PHE E 187 3.87 -34.62 -4.21
CA PHE E 187 4.35 -35.30 -5.40
C PHE E 187 3.46 -36.49 -5.91
N GLU E 188 2.61 -37.07 -5.06
CA GLU E 188 1.74 -38.18 -5.48
C GLU E 188 0.37 -37.64 -5.66
N ALA E 189 -0.24 -37.10 -4.60
CA ALA E 189 -1.53 -36.45 -4.74
C ALA E 189 -1.51 -35.24 -5.72
N MET E 190 -0.40 -34.50 -5.76
CA MET E 190 -0.24 -33.32 -6.60
C MET E 190 1.02 -33.53 -7.37
N LYS E 191 1.33 -32.56 -8.23
CA LYS E 191 2.59 -32.49 -8.95
C LYS E 191 3.15 -31.08 -8.75
N VAL E 192 3.53 -30.81 -7.50
CA VAL E 192 4.07 -29.49 -7.17
C VAL E 192 5.51 -29.31 -7.72
N LYS E 193 5.66 -28.31 -8.58
CA LYS E 193 6.91 -27.99 -9.23
C LYS E 193 7.65 -26.93 -8.43
N ASN E 194 6.92 -25.96 -7.90
CA ASN E 194 7.52 -24.85 -7.20
C ASN E 194 7.72 -25.14 -5.75
N ILE E 195 8.57 -26.16 -5.49
CA ILE E 195 8.89 -26.61 -4.16
C ILE E 195 10.40 -26.35 -3.93
N ARG E 196 10.75 -25.95 -2.71
CA ARG E 196 12.16 -25.78 -2.34
C ARG E 196 12.38 -26.52 -1.01
N ILE E 197 13.63 -26.60 -0.64
CA ILE E 197 14.07 -27.44 0.47
C ILE E 197 14.47 -26.50 1.58
N HIS E 198 14.62 -27.03 2.78
CA HIS E 198 14.91 -26.18 3.95
C HIS E 198 16.15 -25.33 3.80
N ASN E 199 17.14 -25.75 3.02
CA ASN E 199 18.45 -25.06 3.01
C ASN E 199 18.91 -24.49 1.68
N ARG E 200 18.07 -24.66 0.67
CA ARG E 200 18.38 -24.24 -0.69
C ARG E 200 17.09 -23.98 -1.47
N PRO E 201 17.09 -22.95 -2.32
CA PRO E 201 15.87 -22.40 -2.77
C PRO E 201 15.32 -23.06 -4.02
N ALA E 202 15.61 -24.33 -4.24
CA ALA E 202 15.04 -25.08 -5.36
C ALA E 202 15.10 -26.54 -5.00
N TYR E 203 14.35 -27.37 -5.76
CA TYR E 203 14.28 -28.79 -5.49
C TYR E 203 15.41 -29.55 -6.21
N ASN E 204 16.60 -29.40 -5.64
CA ASN E 204 17.84 -29.94 -6.19
C ASN E 204 18.56 -30.79 -5.14
N SER E 205 19.65 -31.38 -5.58
CA SER E 205 20.56 -32.05 -4.73
C SER E 205 21.67 -31.10 -4.40
N GLU E 206 22.25 -31.27 -3.22
CA GLU E 206 23.41 -30.55 -2.83
C GLU E 206 24.59 -30.97 -3.67
N VAL E 207 24.63 -32.23 -4.08
CA VAL E 207 25.83 -32.84 -4.66
C VAL E 207 25.50 -33.61 -5.92
N HIS E 208 24.90 -32.89 -6.86
CA HIS E 208 24.67 -33.43 -8.16
C HIS E 208 25.98 -33.95 -8.83
N GLY E 209 27.14 -33.29 -8.58
CA GLY E 209 28.40 -33.72 -9.13
C GLY E 209 28.80 -35.17 -8.83
N THR E 210 28.92 -35.51 -7.55
CA THR E 210 29.32 -36.84 -7.13
C THR E 210 28.26 -37.87 -7.53
N ARG E 211 26.98 -37.49 -7.54
CA ARG E 211 25.95 -38.44 -7.96
C ARG E 211 25.97 -38.80 -9.46
N ASP E 212 26.28 -37.81 -10.29
CA ASP E 212 26.28 -37.94 -11.74
C ASP E 212 27.46 -38.83 -12.08
N MET E 213 28.56 -38.61 -11.37
CA MET E 213 29.75 -39.42 -11.47
C MET E 213 29.56 -40.86 -11.04
N GLY E 214 28.46 -41.17 -10.36
CA GLY E 214 28.09 -42.53 -9.92
C GLY E 214 28.47 -42.84 -8.49
N VAL E 215 29.00 -41.85 -7.79
CA VAL E 215 29.40 -41.98 -6.42
C VAL E 215 28.44 -41.24 -5.48
N GLY E 216 27.49 -41.97 -4.93
CA GLY E 216 26.59 -41.49 -3.85
C GLY E 216 27.42 -41.07 -2.64
N GLU E 217 26.92 -40.07 -1.92
CA GLU E 217 27.79 -39.22 -1.08
C GLU E 217 28.11 -39.77 0.33
N LEU E 218 27.46 -40.84 0.69
CA LEU E 218 27.61 -41.44 2.01
C LEU E 218 27.97 -42.90 1.70
N ASN E 219 29.21 -43.06 1.23
CA ASN E 219 29.69 -44.35 0.70
C ASN E 219 30.61 -45.15 1.66
N ASN E 220 30.96 -44.61 2.83
CA ASN E 220 31.94 -45.24 3.70
C ASN E 220 31.32 -45.59 5.06
N CYS E 221 32.15 -45.91 6.05
CA CYS E 221 31.63 -46.08 7.41
C CYS E 221 32.51 -45.27 8.28
N TYR E 222 32.12 -45.09 9.54
CA TYR E 222 32.78 -44.15 10.42
C TYR E 222 34.11 -44.77 10.88
N GLU E 223 34.18 -46.11 10.88
CA GLU E 223 35.41 -46.82 11.13
C GLU E 223 36.50 -46.40 10.13
N ASP E 224 36.13 -46.01 8.91
CA ASP E 224 37.14 -45.59 7.93
C ASP E 224 37.95 -44.37 8.35
N ALA E 225 37.35 -43.51 9.17
CA ALA E 225 38.15 -42.42 9.74
C ALA E 225 39.16 -42.91 10.77
N GLU E 226 38.91 -44.06 11.39
CA GLU E 226 39.90 -44.65 12.29
C GLU E 226 41.04 -45.30 11.51
N LEU E 227 40.76 -45.79 10.30
CA LEU E 227 41.72 -46.63 9.53
C LEU E 227 42.58 -45.92 8.48
N ALA E 228 42.22 -44.69 8.12
CA ALA E 228 42.85 -44.03 6.99
C ALA E 228 44.24 -43.61 7.40
N ASP E 229 45.13 -43.48 6.40
CA ASP E 229 46.46 -42.94 6.67
C ASP E 229 46.36 -41.42 6.72
N THR E 230 45.58 -40.86 5.80
CA THR E 230 45.39 -39.43 5.74
C THR E 230 43.90 -39.13 5.64
N ILE E 231 43.42 -38.21 6.48
CA ILE E 231 42.08 -37.67 6.37
C ILE E 231 42.17 -36.36 5.61
N VAL E 232 41.39 -36.20 4.54
CA VAL E 232 41.33 -34.92 3.87
C VAL E 232 39.96 -34.28 4.23
N ALA E 233 40.00 -33.13 4.90
CA ALA E 233 38.80 -32.54 5.55
C ALA E 233 38.51 -31.25 4.85
N VAL E 234 37.57 -31.24 3.95
CA VAL E 234 37.33 -30.04 3.14
C VAL E 234 36.05 -29.35 3.58
N GLY E 235 36.16 -28.08 3.96
CA GLY E 235 35.02 -27.23 4.25
C GLY E 235 34.19 -27.81 5.37
N THR E 236 34.88 -28.34 6.38
CA THR E 236 34.30 -28.91 7.59
C THR E 236 34.95 -28.30 8.79
N ASN E 237 34.15 -28.06 9.83
CA ASN E 237 34.66 -27.62 11.09
C ASN E 237 34.23 -28.67 12.10
N ALA E 238 34.69 -29.89 11.85
CA ALA E 238 34.04 -31.10 12.42
C ALA E 238 33.98 -31.15 13.94
N LEU E 239 34.96 -30.55 14.63
CA LEU E 239 34.87 -30.53 16.09
C LEU E 239 33.61 -29.75 16.57
N GLU E 240 33.30 -28.65 15.88
CA GLU E 240 32.06 -27.87 16.10
C GLU E 240 30.84 -28.55 15.45
N THR E 241 30.98 -29.11 14.25
CA THR E 241 29.80 -29.44 13.45
C THR E 241 29.48 -30.90 13.17
N GLN E 242 30.44 -31.78 13.37
CA GLN E 242 30.15 -33.19 13.36
C GLN E 242 30.87 -33.77 14.56
N THR E 243 30.59 -33.18 15.73
CA THR E 243 31.42 -33.29 16.92
C THR E 243 31.90 -34.68 17.30
N ASN E 244 30.99 -35.61 17.50
CA ASN E 244 31.36 -36.91 18.06
C ASN E 244 31.92 -37.92 17.03
N TYR E 245 31.72 -37.69 15.74
CA TYR E 245 32.46 -38.41 14.70
C TYR E 245 33.95 -38.01 14.89
N PHE E 246 34.16 -36.71 14.92
CA PHE E 246 35.50 -36.18 15.10
C PHE E 246 36.16 -36.80 16.33
N LEU E 247 35.49 -36.74 17.48
CA LEU E 247 36.08 -37.12 18.76
C LEU E 247 36.20 -38.67 18.90
N ASN E 248 35.16 -39.41 18.53
CA ASN E 248 35.13 -40.84 18.75
C ASN E 248 35.76 -41.67 17.62
N HIS E 249 36.04 -41.07 16.46
CA HIS E 249 36.65 -41.79 15.31
C HIS E 249 37.88 -41.15 14.67
N TRP E 250 37.91 -39.83 14.55
CA TRP E 250 39.05 -39.20 13.90
C TRP E 250 40.24 -39.10 14.89
N ILE E 251 39.93 -38.64 16.09
CA ILE E 251 40.94 -38.44 17.13
C ILE E 251 41.74 -39.73 17.42
N PRO E 252 41.08 -40.89 17.65
CA PRO E 252 41.87 -42.14 17.85
C PRO E 252 42.87 -42.39 16.71
N ASN E 253 42.53 -42.00 15.49
CA ASN E 253 43.45 -42.14 14.36
C ASN E 253 44.66 -41.24 14.54
N LEU E 254 44.42 -39.95 14.75
CA LEU E 254 45.50 -38.96 14.91
C LEU E 254 46.41 -39.22 16.12
N ARG E 255 45.86 -39.85 17.16
CA ARG E 255 46.52 -40.08 18.46
C ARG E 255 47.32 -41.37 18.45
N GLY E 256 47.07 -42.22 17.47
CA GLY E 256 47.76 -43.50 17.34
C GLY E 256 46.97 -44.63 17.94
N GLU E 257 45.84 -44.34 18.57
CA GLU E 257 45.04 -45.36 19.25
C GLU E 257 44.51 -46.47 18.37
N SER E 258 44.28 -46.19 17.08
CA SER E 258 43.74 -47.18 16.16
C SER E 258 44.82 -48.05 15.41
N LEU E 259 46.12 -47.84 15.67
CA LEU E 259 47.20 -48.68 15.09
C LEU E 259 47.06 -50.21 15.26
N GLY E 260 46.62 -50.65 16.44
CA GLY E 260 46.41 -52.06 16.69
C GLY E 260 45.30 -52.57 15.78
N LYS E 261 44.27 -51.72 15.61
CA LYS E 261 43.12 -52.06 14.76
C LYS E 261 43.47 -52.01 13.26
N LYS E 262 44.29 -51.04 12.88
CA LYS E 262 44.72 -50.92 11.48
C LYS E 262 45.49 -52.20 11.10
N LYS E 263 46.42 -52.60 11.98
CA LYS E 263 47.31 -53.75 11.74
C LYS E 263 46.58 -55.09 11.64
N GLU E 264 45.55 -55.27 12.47
CA GLU E 264 44.80 -56.50 12.42
C GLU E 264 43.98 -56.59 11.15
N LEU E 265 43.36 -55.50 10.71
CA LEU E 265 42.47 -55.55 9.52
C LEU E 265 43.24 -55.44 8.20
N MET E 266 44.43 -54.85 8.26
CA MET E 266 45.23 -54.57 7.07
C MET E 266 46.74 -54.86 7.33
N PRO E 267 47.07 -56.14 7.65
CA PRO E 267 48.51 -56.50 7.63
C PRO E 267 48.91 -56.50 6.15
N GLU E 268 50.16 -56.78 5.86
CA GLU E 268 50.67 -56.69 4.47
C GLU E 268 51.00 -55.24 4.12
N GLU E 269 50.84 -54.28 5.04
CA GLU E 269 51.19 -52.90 4.76
C GLU E 269 51.59 -52.10 5.98
N PRO E 270 52.45 -51.08 5.79
CA PRO E 270 52.81 -50.22 6.92
C PRO E 270 51.70 -49.23 7.33
N HIS E 271 51.65 -48.88 8.63
CA HIS E 271 50.69 -47.95 9.22
C HIS E 271 51.39 -47.04 10.23
N GLU E 272 51.07 -45.75 10.18
CA GLU E 272 51.46 -44.78 11.17
C GLU E 272 50.19 -44.14 11.72
N ALA E 273 50.35 -43.23 12.68
CA ALA E 273 49.25 -42.38 13.13
C ALA E 273 48.70 -41.55 11.95
N GLY E 274 47.39 -41.32 12.00
CA GLY E 274 46.72 -40.59 10.95
C GLY E 274 47.27 -39.20 10.80
N ARG E 275 47.37 -38.73 9.57
CA ARG E 275 47.71 -37.36 9.27
C ARG E 275 46.46 -36.69 8.71
N ILE E 276 46.38 -35.36 8.77
CA ILE E 276 45.15 -34.70 8.34
C ILE E 276 45.46 -33.44 7.57
N ILE E 277 44.80 -33.32 6.43
CA ILE E 277 44.80 -32.08 5.65
C ILE E 277 43.42 -31.39 5.86
N ILE E 278 43.48 -30.12 6.24
CA ILE E 278 42.29 -29.32 6.47
C ILE E 278 42.32 -28.17 5.50
N VAL E 279 41.32 -28.20 4.60
CA VAL E 279 41.14 -27.18 3.59
C VAL E 279 40.00 -26.28 4.07
N ASP E 280 40.37 -25.12 4.56
CA ASP E 280 39.44 -24.17 5.16
C ASP E 280 40.17 -22.85 5.22
N PRO E 281 39.61 -21.77 4.66
CA PRO E 281 40.24 -20.44 4.77
C PRO E 281 40.49 -19.95 6.15
N ARG E 282 39.75 -20.48 7.10
CA ARG E 282 39.75 -20.03 8.49
C ARG E 282 40.43 -21.07 9.38
N ARG E 283 41.24 -20.59 10.32
CA ARG E 283 41.80 -21.47 11.33
C ARG E 283 40.74 -21.61 12.41
N THR E 284 40.29 -22.86 12.55
CA THR E 284 39.21 -23.19 13.41
C THR E 284 39.71 -23.98 14.61
N VAL E 285 38.82 -24.21 15.56
CA VAL E 285 39.12 -25.03 16.74
C VAL E 285 39.37 -26.48 16.33
N THR E 286 38.83 -26.92 15.18
CA THR E 286 39.14 -28.22 14.65
C THR E 286 40.64 -28.27 14.30
N VAL E 287 41.15 -27.26 13.63
CA VAL E 287 42.56 -27.20 13.30
C VAL E 287 43.42 -27.31 14.58
N ASN E 288 43.12 -26.43 15.53
CA ASN E 288 43.83 -26.41 16.80
C ASN E 288 43.83 -27.79 17.48
N ALA E 289 42.71 -28.49 17.43
CA ALA E 289 42.53 -29.72 18.17
C ALA E 289 43.31 -30.87 17.51
N CYS E 290 43.32 -30.82 16.20
CA CYS E 290 44.14 -31.70 15.40
C CYS E 290 45.63 -31.51 15.74
N GLU E 291 46.10 -30.27 15.72
CA GLU E 291 47.50 -29.94 16.08
C GLU E 291 47.87 -30.40 17.50
N GLN E 292 46.97 -30.19 18.45
CA GLN E 292 47.20 -30.57 19.84
C GLN E 292 47.18 -32.08 20.06
N THR E 293 46.47 -32.80 19.20
CA THR E 293 46.31 -34.26 19.30
C THR E 293 47.35 -35.04 18.50
N ALA E 294 47.66 -34.59 17.29
CA ALA E 294 48.63 -35.26 16.40
C ALA E 294 50.04 -34.64 16.37
N GLY E 295 50.22 -33.44 16.94
CA GLY E 295 51.37 -32.61 16.61
C GLY E 295 51.26 -31.90 15.25
N ALA E 296 51.81 -30.66 15.17
CA ALA E 296 51.74 -29.79 14.00
C ALA E 296 52.37 -30.36 12.69
N ASP E 297 53.41 -31.21 12.81
CA ASP E 297 54.01 -31.90 11.63
C ASP E 297 53.02 -32.82 10.91
N ASN E 298 52.03 -33.33 11.65
CA ASN E 298 50.97 -34.19 11.13
C ASN E 298 49.63 -33.51 10.70
N VAL E 299 49.62 -32.17 10.67
CA VAL E 299 48.44 -31.42 10.32
C VAL E 299 48.84 -30.43 9.27
N LEU E 300 48.21 -30.57 8.10
CA LEU E 300 48.40 -29.60 7.04
C LEU E 300 47.13 -28.78 6.91
N HIS E 301 47.10 -27.60 7.52
CA HIS E 301 46.03 -26.64 7.32
C HIS E 301 46.31 -25.82 6.08
N LEU E 302 45.57 -26.10 5.03
CA LEU E 302 45.61 -25.29 3.81
C LEU E 302 44.60 -24.13 3.96
N ALA E 303 45.08 -22.99 4.45
CA ALA E 303 44.27 -21.81 4.58
C ALA E 303 44.06 -21.11 3.23
N ILE E 304 43.30 -21.76 2.37
CA ILE E 304 43.04 -21.25 1.04
C ILE E 304 42.27 -19.91 0.99
N ASN E 305 42.41 -19.21 -0.11
CA ASN E 305 41.56 -18.06 -0.38
C ASN E 305 40.14 -18.57 -0.49
N SER E 306 39.20 -17.78 0.02
CA SER E 306 37.78 -18.14 -0.06
C SER E 306 37.37 -18.51 -1.51
N GLY E 307 36.82 -19.70 -1.65
CA GLY E 307 36.25 -20.10 -2.91
C GLY E 307 37.22 -20.64 -3.93
N THR E 308 38.42 -21.05 -3.48
CA THR E 308 39.48 -21.50 -4.43
C THR E 308 39.75 -22.99 -4.40
N ASP E 309 38.84 -23.76 -3.82
CA ASP E 309 39.06 -25.20 -3.59
C ASP E 309 39.31 -25.97 -4.88
N LEU E 310 38.57 -25.62 -5.92
CA LEU E 310 38.67 -26.26 -7.21
C LEU E 310 40.04 -26.16 -7.86
N ALA E 311 40.67 -25.00 -7.74
CA ALA E 311 42.00 -24.80 -8.23
C ALA E 311 42.93 -25.75 -7.52
N LEU E 312 42.80 -25.81 -6.20
CA LEU E 312 43.64 -26.65 -5.36
C LEU E 312 43.47 -28.12 -5.72
N PHE E 313 42.23 -28.59 -5.83
CA PHE E 313 42.00 -29.98 -6.15
C PHE E 313 42.45 -30.34 -7.57
N ASN E 314 42.30 -29.40 -8.50
CA ASN E 314 42.73 -29.68 -9.84
C ASN E 314 44.27 -29.79 -9.88
N ALA E 315 44.96 -28.93 -9.14
CA ALA E 315 46.43 -29.04 -9.05
C ALA E 315 46.83 -30.37 -8.42
N LEU E 316 46.05 -30.85 -7.44
CA LEU E 316 46.44 -32.04 -6.71
C LEU E 316 46.26 -33.20 -7.63
N PHE E 317 45.19 -33.12 -8.42
CA PHE E 317 44.83 -34.14 -9.36
C PHE E 317 45.92 -34.21 -10.44
N THR E 318 46.36 -33.06 -10.91
CA THR E 318 47.37 -32.98 -11.93
C THR E 318 48.67 -33.62 -11.46
N TYR E 319 49.12 -33.29 -10.25
CA TYR E 319 50.43 -33.70 -9.77
C TYR E 319 50.47 -35.20 -9.48
N ILE E 320 49.41 -35.72 -8.82
CA ILE E 320 49.21 -37.14 -8.55
C ILE E 320 49.12 -38.04 -9.83
N ALA E 321 48.44 -37.55 -10.86
CA ALA E 321 48.35 -38.28 -12.13
C ALA E 321 49.67 -38.32 -12.89
N ASP E 322 50.38 -37.20 -12.92
CA ASP E 322 51.74 -37.11 -13.51
C ASP E 322 52.78 -37.96 -12.80
N LYS E 323 52.69 -38.09 -11.48
CA LYS E 323 53.58 -38.97 -10.75
C LYS E 323 53.23 -40.43 -10.98
N GLY E 324 52.05 -40.69 -11.56
CA GLY E 324 51.47 -42.03 -11.53
C GLY E 324 51.14 -42.56 -10.14
N TRP E 325 50.84 -41.68 -9.17
CA TRP E 325 50.43 -42.13 -7.80
C TRP E 325 48.94 -42.53 -7.67
N VAL E 326 48.51 -43.39 -8.57
CA VAL E 326 47.14 -43.73 -8.76
C VAL E 326 46.95 -45.25 -8.69
N ASP E 327 45.71 -45.68 -8.52
CA ASP E 327 45.36 -47.07 -8.51
C ASP E 327 44.95 -47.43 -9.95
N ARG E 328 45.91 -47.97 -10.68
CA ARG E 328 45.81 -48.30 -12.10
C ARG E 328 44.69 -49.31 -12.35
N ASP E 329 44.59 -50.36 -11.55
CA ASP E 329 43.57 -51.40 -11.80
C ASP E 329 42.16 -50.97 -11.44
N PHE E 330 42.02 -50.15 -10.38
CA PHE E 330 40.74 -49.50 -10.06
C PHE E 330 40.26 -48.65 -11.24
N ILE E 331 41.16 -47.89 -11.83
CA ILE E 331 40.78 -47.12 -13.03
C ILE E 331 40.38 -47.99 -14.20
N ASP E 332 41.18 -49.01 -14.56
CA ASP E 332 40.85 -49.83 -15.74
C ASP E 332 39.54 -50.54 -15.53
N LYS E 333 39.32 -51.02 -14.32
CA LYS E 333 38.23 -51.93 -14.03
C LYS E 333 36.90 -51.18 -13.75
N SER E 334 36.98 -50.06 -12.99
CA SER E 334 35.78 -49.46 -12.39
C SER E 334 35.36 -48.06 -12.89
N THR E 335 36.20 -47.42 -13.70
CA THR E 335 35.89 -46.13 -14.29
C THR E 335 35.70 -46.16 -15.78
N LEU E 336 35.12 -45.07 -16.28
CA LEU E 336 34.70 -44.96 -17.67
C LEU E 336 35.96 -44.81 -18.52
N ARG E 337 36.09 -45.72 -19.50
CA ARG E 337 37.33 -45.79 -20.28
C ARG E 337 37.31 -45.00 -21.60
N GLU E 338 36.19 -44.96 -22.31
CA GLU E 338 36.12 -44.15 -23.56
C GLU E 338 35.66 -42.71 -23.24
N GLY E 339 36.61 -41.79 -23.30
CA GLY E 339 36.31 -40.38 -23.33
C GLY E 339 35.30 -39.97 -24.40
N THR E 340 34.86 -38.74 -24.25
CA THR E 340 33.78 -38.24 -25.03
C THR E 340 34.10 -36.78 -25.17
N ALA E 341 33.64 -36.17 -26.26
CA ALA E 341 34.10 -34.83 -26.64
C ALA E 341 33.46 -33.76 -25.76
N ARG E 342 34.27 -32.77 -25.38
CA ARG E 342 33.79 -31.54 -24.71
C ARG E 342 32.65 -30.84 -25.45
N PRO E 343 31.68 -30.31 -24.69
CA PRO E 343 30.60 -29.58 -25.33
C PRO E 343 31.11 -28.25 -25.85
N PRO E 344 30.42 -27.68 -26.84
CA PRO E 344 30.93 -26.50 -27.54
C PRO E 344 31.31 -25.24 -26.70
N LEU E 345 30.68 -25.02 -25.55
CA LEU E 345 30.90 -23.80 -24.75
C LEU E 345 31.95 -23.98 -23.68
N TYR E 346 32.58 -25.16 -23.66
CA TYR E 346 33.57 -25.51 -22.62
C TYR E 346 34.81 -24.71 -22.97
N PRO E 347 35.67 -24.33 -22.01
CA PRO E 347 35.52 -24.60 -20.61
C PRO E 347 34.59 -23.62 -19.80
N ALA E 348 34.09 -22.55 -20.39
CA ALA E 348 33.32 -21.55 -19.58
C ALA E 348 31.98 -22.10 -19.03
N ARG E 349 31.28 -22.90 -19.85
CA ARG E 349 29.95 -23.37 -19.55
C ARG E 349 29.81 -24.81 -20.07
N GLY E 350 28.90 -25.54 -19.46
CA GLY E 350 28.57 -26.88 -19.88
C GLY E 350 27.71 -26.97 -21.08
N VAL E 351 27.34 -28.21 -21.40
CA VAL E 351 26.38 -28.45 -22.44
C VAL E 351 25.07 -27.64 -22.25
N SER E 352 24.65 -27.45 -20.99
CA SER E 352 23.52 -26.58 -20.62
C SER E 352 23.55 -26.34 -19.11
N GLU E 353 22.60 -25.53 -18.62
CA GLU E 353 22.57 -25.18 -17.19
C GLU E 353 22.41 -26.40 -16.33
N ALA E 354 21.82 -27.45 -16.92
CA ALA E 354 21.67 -28.74 -16.26
C ALA E 354 22.96 -29.50 -16.00
N ASN E 355 23.99 -29.29 -16.84
CA ASN E 355 25.28 -30.03 -16.73
C ASN E 355 26.49 -29.13 -16.70
N PRO E 356 26.84 -28.59 -15.52
CA PRO E 356 27.93 -27.57 -15.48
C PRO E 356 29.32 -28.11 -15.74
N GLY E 357 29.50 -29.43 -15.55
CA GLY E 357 30.79 -30.09 -15.67
C GLY E 357 30.69 -31.12 -16.77
N HIS E 358 31.83 -31.50 -17.30
CA HIS E 358 31.89 -32.50 -18.33
C HIS E 358 32.37 -33.84 -17.76
N LEU E 359 31.50 -34.85 -17.84
CA LEU E 359 31.82 -36.20 -17.38
C LEU E 359 32.62 -36.95 -18.46
N SER E 360 33.72 -37.58 -18.04
CA SER E 360 34.57 -38.36 -18.98
C SER E 360 35.55 -39.29 -18.27
N SER E 361 36.58 -39.72 -19.02
CA SER E 361 37.56 -40.65 -18.55
C SER E 361 38.59 -40.00 -17.64
N PHE E 362 39.28 -40.83 -16.89
CA PHE E 362 40.47 -40.42 -16.15
C PHE E 362 41.42 -39.49 -16.93
N GLU E 363 41.87 -39.91 -18.13
CA GLU E 363 42.92 -39.16 -18.87
C GLU E 363 42.39 -37.84 -19.48
N ASP E 364 41.16 -37.87 -19.96
CA ASP E 364 40.51 -36.68 -20.43
C ASP E 364 40.30 -35.70 -19.26
N ALA E 365 39.98 -36.23 -18.09
CA ALA E 365 39.70 -35.40 -16.94
C ALA E 365 40.97 -34.73 -16.44
N VAL E 366 42.06 -35.50 -16.39
CA VAL E 366 43.38 -34.94 -16.03
C VAL E 366 43.73 -33.79 -16.99
N GLU E 367 43.57 -33.99 -18.29
CA GLU E 367 43.97 -32.95 -19.26
C GLU E 367 43.05 -31.74 -19.19
N GLY E 368 41.76 -32.00 -18.97
CA GLY E 368 40.76 -30.97 -18.71
C GLY E 368 40.96 -30.14 -17.45
N CYS E 369 41.29 -30.82 -16.34
CA CYS E 369 41.53 -30.19 -15.03
C CYS E 369 42.90 -29.59 -14.90
N ARG E 370 43.77 -29.88 -15.88
CA ARG E 370 45.21 -29.68 -15.73
C ARG E 370 45.52 -28.28 -15.26
N MET E 371 46.23 -28.23 -14.15
CA MET E 371 46.68 -26.97 -13.60
C MET E 371 47.97 -27.25 -12.83
N SER E 372 48.97 -26.43 -13.09
CA SER E 372 50.27 -26.51 -12.45
C SER E 372 50.23 -26.01 -11.01
N ILE E 373 51.20 -26.44 -10.24
CA ILE E 373 51.38 -26.01 -8.87
C ILE E 373 51.49 -24.49 -8.76
N GLU E 374 52.15 -23.85 -9.74
CA GLU E 374 52.43 -22.41 -9.70
C GLU E 374 51.15 -21.57 -9.91
N GLU E 375 50.25 -21.99 -10.82
CA GLU E 375 48.96 -21.34 -11.05
C GLU E 375 48.06 -21.49 -9.82
N ALA E 376 48.01 -22.68 -9.24
CA ALA E 376 47.17 -22.94 -8.07
C ALA E 376 47.68 -22.25 -6.84
N ALA E 377 49.00 -22.04 -6.74
CA ALA E 377 49.54 -21.24 -5.65
C ALA E 377 49.11 -19.76 -5.82
N GLU E 378 49.09 -19.25 -7.06
CA GLU E 378 48.65 -17.86 -7.33
C GLU E 378 47.18 -17.70 -6.85
N ILE E 379 46.32 -18.59 -7.34
CA ILE E 379 44.90 -18.54 -7.08
C ILE E 379 44.54 -18.80 -5.62
N THR E 380 45.08 -19.88 -5.06
CA THR E 380 44.73 -20.25 -3.69
C THR E 380 45.42 -19.43 -2.62
N GLY E 381 46.50 -18.76 -2.96
CA GLY E 381 47.28 -18.04 -1.99
C GLY E 381 48.14 -18.98 -1.17
N LEU E 382 48.06 -20.28 -1.43
CA LEU E 382 48.96 -21.20 -0.77
C LEU E 382 50.37 -21.10 -1.41
N ASP E 383 51.36 -21.55 -0.64
CA ASP E 383 52.73 -21.75 -1.13
C ASP E 383 52.77 -23.01 -1.97
N ALA E 384 53.63 -23.01 -2.99
CA ALA E 384 53.88 -24.22 -3.81
C ALA E 384 54.21 -25.46 -3.00
N ALA E 385 55.05 -25.31 -1.98
CA ALA E 385 55.43 -26.47 -1.10
C ALA E 385 54.26 -27.05 -0.32
N GLN E 386 53.27 -26.21 0.02
CA GLN E 386 52.11 -26.72 0.76
C GLN E 386 51.26 -27.65 -0.13
N ILE E 387 51.13 -27.29 -1.40
CA ILE E 387 50.33 -28.03 -2.34
C ILE E 387 51.02 -29.36 -2.67
N ILE E 388 52.34 -29.30 -2.82
CA ILE E 388 53.16 -30.49 -3.08
C ILE E 388 53.08 -31.41 -1.87
N LYS E 389 53.32 -30.86 -0.69
CA LYS E 389 53.17 -31.69 0.51
C LYS E 389 51.81 -32.47 0.53
N ALA E 390 50.70 -31.80 0.22
CA ALA E 390 49.36 -32.43 0.28
C ALA E 390 49.13 -33.51 -0.78
N ALA E 391 49.70 -33.29 -1.96
CA ALA E 391 49.73 -34.33 -2.98
C ALA E 391 50.52 -35.55 -2.44
N GLU E 392 51.63 -35.30 -1.76
CA GLU E 392 52.40 -36.38 -1.14
C GLU E 392 51.58 -37.15 -0.10
N TRP E 393 50.90 -36.42 0.79
CA TRP E 393 50.06 -37.07 1.86
C TRP E 393 48.82 -37.76 1.33
N ILE E 394 48.39 -37.41 0.12
CA ILE E 394 47.26 -38.09 -0.49
C ILE E 394 47.64 -39.33 -1.36
N GLY E 395 48.69 -39.17 -2.17
CA GLY E 395 48.99 -40.09 -3.28
C GLY E 395 50.24 -40.97 -3.20
N MET E 396 51.29 -40.46 -2.57
CA MET E 396 52.55 -41.16 -2.51
C MET E 396 52.38 -42.56 -1.90
N PRO E 397 52.89 -43.59 -2.57
CA PRO E 397 52.91 -44.92 -1.95
C PRO E 397 53.62 -44.96 -0.59
N LYS E 398 53.16 -45.86 0.29
CA LYS E 398 53.83 -46.12 1.57
C LYS E 398 54.97 -47.12 1.28
N GLU E 399 55.87 -47.31 2.24
CA GLU E 399 56.97 -48.30 2.08
C GLU E 399 56.50 -49.63 1.46
N GLY E 400 57.29 -50.09 0.50
CA GLY E 400 56.99 -51.30 -0.23
C GLY E 400 55.96 -51.07 -1.31
N GLY E 401 55.73 -49.80 -1.66
CA GLY E 401 54.79 -49.46 -2.75
C GLY E 401 53.31 -49.74 -2.54
N LYS E 402 52.87 -49.84 -1.27
CA LYS E 402 51.45 -50.05 -1.01
C LYS E 402 50.63 -48.71 -1.05
N ARG E 403 49.40 -48.83 -1.55
CA ARG E 403 48.47 -47.71 -1.80
C ARG E 403 48.16 -46.91 -0.52
N ARG E 404 48.42 -45.60 -0.50
CA ARG E 404 47.99 -44.76 0.63
C ARG E 404 46.44 -44.64 0.69
N ARG E 405 45.90 -44.98 1.86
CA ARG E 405 44.48 -44.93 2.13
C ARG E 405 44.10 -43.57 2.69
N VAL E 406 43.08 -42.95 2.06
CA VAL E 406 42.72 -41.57 2.28
C VAL E 406 41.20 -41.46 2.35
N MET E 407 40.69 -40.96 3.48
CA MET E 407 39.27 -40.58 3.64
C MET E 407 39.11 -39.11 3.30
N PHE E 408 38.34 -38.83 2.24
CA PHE E 408 38.05 -37.48 1.78
C PHE E 408 36.67 -37.12 2.32
N GLY E 409 36.63 -36.16 3.23
CA GLY E 409 35.39 -35.72 3.91
C GLY E 409 35.16 -34.23 3.61
N TYR E 410 33.97 -33.89 3.10
CA TYR E 410 33.64 -32.51 2.81
C TYR E 410 32.27 -32.13 3.36
N GLU E 411 32.10 -30.85 3.68
CA GLU E 411 30.76 -30.37 4.00
C GLU E 411 30.54 -29.00 3.39
N LYS E 412 30.05 -28.03 4.17
CA LYS E 412 29.39 -26.82 3.57
C LYS E 412 30.36 -25.79 3.08
N GLY E 413 31.57 -25.77 3.62
CA GLY E 413 32.65 -25.02 3.00
C GLY E 413 32.82 -25.31 1.50
N LEU E 414 32.58 -26.57 1.07
CA LEU E 414 32.62 -26.91 -0.31
C LEU E 414 31.23 -26.75 -0.92
N ILE E 415 30.19 -27.37 -0.33
CA ILE E 415 28.87 -27.36 -0.96
C ILE E 415 28.22 -25.96 -1.13
N TRP E 416 28.39 -25.10 -0.14
CA TRP E 416 27.99 -23.70 -0.30
C TRP E 416 29.14 -22.81 -0.77
N GLY E 417 30.23 -23.42 -1.23
CA GLY E 417 31.39 -22.76 -1.77
C GLY E 417 31.26 -22.59 -3.24
N ASN E 418 32.31 -22.11 -3.86
CA ASN E 418 32.31 -21.70 -5.24
C ASN E 418 32.16 -22.88 -6.20
N ASP E 419 31.34 -22.69 -7.23
CA ASP E 419 31.23 -23.64 -8.34
C ASP E 419 31.05 -25.07 -7.82
N ASN E 420 29.94 -25.26 -7.12
CA ASN E 420 29.67 -26.47 -6.36
C ASN E 420 29.86 -27.76 -7.19
N TYR E 421 29.35 -27.77 -8.42
CA TYR E 421 29.32 -28.96 -9.29
C TYR E 421 30.74 -29.37 -9.63
N ARG E 422 31.55 -28.38 -9.97
CA ARG E 422 32.89 -28.67 -10.43
C ARG E 422 33.85 -28.95 -9.30
N THR E 423 33.68 -28.20 -8.21
CA THR E 423 34.47 -28.41 -6.99
C THR E 423 34.14 -29.78 -6.41
N ASN E 424 32.86 -30.14 -6.40
CA ASN E 424 32.44 -31.44 -5.86
C ASN E 424 33.16 -32.55 -6.68
N GLY E 425 32.98 -32.48 -8.01
CA GLY E 425 33.66 -33.36 -8.99
C GLY E 425 35.17 -33.48 -8.90
N ALA E 426 35.86 -32.35 -8.75
CA ALA E 426 37.33 -32.32 -8.67
C ALA E 426 37.87 -32.98 -7.42
N LEU E 427 37.08 -32.98 -6.35
CA LEU E 427 37.44 -33.70 -5.16
C LEU E 427 37.14 -35.17 -5.37
N VAL E 428 36.07 -35.50 -6.05
CA VAL E 428 35.74 -36.90 -6.29
C VAL E 428 36.81 -37.50 -7.20
N ASN E 429 37.33 -36.72 -8.17
CA ASN E 429 38.50 -37.14 -9.00
C ASN E 429 39.69 -37.66 -8.15
N LEU E 430 39.97 -36.97 -7.03
CA LEU E 430 41.12 -37.32 -6.22
C LEU E 430 40.89 -38.66 -5.62
N ALA E 431 39.65 -38.92 -5.18
CA ALA E 431 39.34 -40.17 -4.55
C ALA E 431 39.29 -41.34 -5.56
N LEU E 432 38.69 -41.12 -6.71
CA LEU E 432 38.66 -42.18 -7.74
C LEU E 432 40.06 -42.54 -8.24
N ALA E 433 40.86 -41.53 -8.51
CA ALA E 433 42.21 -41.75 -8.96
C ALA E 433 43.03 -42.54 -7.95
N THR E 434 42.79 -42.37 -6.64
CA THR E 434 43.62 -43.03 -5.63
C THR E 434 42.97 -44.32 -5.10
N GLY E 435 41.92 -44.80 -5.77
CA GLY E 435 41.18 -46.00 -5.39
C GLY E 435 40.58 -45.96 -4.01
N ASN E 436 40.13 -44.78 -3.59
CA ASN E 436 39.77 -44.59 -2.21
C ASN E 436 38.25 -44.48 -2.06
N ILE E 437 37.52 -45.39 -2.68
CA ILE E 437 36.07 -45.48 -2.51
C ILE E 437 35.80 -46.97 -2.41
N GLY E 438 35.00 -47.40 -1.45
CA GLY E 438 34.62 -48.79 -1.33
C GLY E 438 35.63 -49.65 -0.61
N ARG E 439 36.69 -49.06 -0.08
CA ARG E 439 37.79 -49.78 0.55
C ARG E 439 37.98 -49.22 1.94
N PRO E 440 38.45 -50.07 2.85
CA PRO E 440 38.78 -49.62 4.18
C PRO E 440 39.72 -48.43 4.20
N GLY E 441 39.47 -47.51 5.12
CA GLY E 441 40.27 -46.32 5.26
C GLY E 441 40.07 -45.34 4.13
N GLY E 442 39.07 -45.62 3.29
CA GLY E 442 38.72 -44.75 2.19
C GLY E 442 37.40 -44.01 2.37
N GLY E 443 36.96 -43.46 1.24
CA GLY E 443 35.70 -42.71 1.12
C GLY E 443 35.87 -41.32 0.53
N VAL E 444 34.94 -40.96 -0.33
CA VAL E 444 34.75 -39.52 -0.66
C VAL E 444 33.30 -39.13 -0.32
N VAL E 445 33.15 -38.52 0.87
CA VAL E 445 31.84 -38.39 1.53
C VAL E 445 31.45 -37.00 2.03
N ARG E 446 30.16 -36.72 1.99
CA ARG E 446 29.58 -35.68 2.85
C ARG E 446 29.83 -36.10 4.29
N LEU E 447 30.32 -35.16 5.06
CA LEU E 447 30.33 -35.28 6.52
C LEU E 447 28.96 -34.97 7.10
N GLY E 448 28.13 -34.23 6.32
CA GLY E 448 26.71 -34.09 6.63
C GLY E 448 26.33 -33.02 7.62
N GLY E 449 25.02 -32.83 7.66
CA GLY E 449 24.40 -31.74 8.41
C GLY E 449 23.40 -32.28 9.41
N HIS E 450 22.17 -32.44 8.93
CA HIS E 450 21.14 -33.14 9.64
C HIS E 450 21.39 -34.59 9.36
N GLN E 451 20.72 -35.44 10.14
CA GLN E 451 20.60 -36.85 9.79
C GLN E 451 19.83 -36.93 8.49
N GLU E 452 19.76 -38.14 7.91
CA GLU E 452 19.10 -38.35 6.63
C GLU E 452 17.88 -39.20 6.83
N GLY E 453 16.80 -38.88 6.11
CA GLY E 453 15.54 -39.60 6.30
C GLY E 453 14.57 -39.31 5.18
N TYR E 454 15.07 -39.52 3.95
CA TYR E 454 14.37 -39.19 2.68
C TYR E 454 13.76 -40.40 2.02
N VAL E 455 12.45 -40.45 1.96
CA VAL E 455 11.76 -41.29 1.02
C VAL E 455 10.49 -40.53 0.54
N ARG E 456 10.44 -40.32 -0.76
CA ARG E 456 9.36 -39.56 -1.41
C ARG E 456 9.02 -40.15 -2.77
N PRO E 457 7.85 -39.82 -3.30
CA PRO E 457 7.56 -40.24 -4.67
C PRO E 457 8.51 -39.56 -5.67
N SER E 458 8.45 -39.98 -6.93
CA SER E 458 9.24 -39.34 -7.96
C SER E 458 9.10 -37.79 -7.95
N ASP E 459 10.22 -37.11 -8.15
CA ASP E 459 10.27 -35.68 -8.36
C ASP E 459 10.58 -35.35 -9.80
N ALA E 460 10.31 -36.22 -10.74
CA ALA E 460 10.71 -35.98 -12.13
C ALA E 460 10.14 -34.68 -12.72
N HIS E 461 8.88 -34.37 -12.39
CA HIS E 461 8.16 -33.14 -12.81
C HIS E 461 8.81 -31.83 -12.42
N VAL E 462 9.65 -31.88 -11.40
CA VAL E 462 10.34 -30.72 -10.85
C VAL E 462 11.31 -30.01 -11.82
N GLY E 463 11.97 -30.82 -12.62
CA GLY E 463 12.91 -30.37 -13.60
C GLY E 463 14.34 -30.25 -13.07
N ARG E 464 15.28 -30.14 -14.00
CA ARG E 464 16.68 -29.84 -13.72
C ARG E 464 17.22 -28.89 -14.78
N PRO E 465 17.64 -27.67 -14.44
CA PRO E 465 17.48 -27.04 -13.12
C PRO E 465 16.04 -26.86 -12.62
N ALA E 466 15.81 -26.97 -11.32
CA ALA E 466 14.45 -26.73 -10.78
C ALA E 466 14.19 -25.23 -10.61
N ALA E 467 12.95 -24.88 -10.35
CA ALA E 467 12.59 -23.47 -10.17
C ALA E 467 13.26 -22.87 -8.90
N TYR E 468 13.69 -21.64 -9.04
CA TYR E 468 14.31 -20.86 -7.95
C TYR E 468 13.15 -20.18 -7.21
N VAL E 469 12.71 -20.87 -6.17
CA VAL E 469 11.51 -20.47 -5.44
C VAL E 469 11.61 -19.06 -4.88
N ASP E 470 12.65 -18.75 -4.13
CA ASP E 470 12.73 -17.39 -3.56
C ASP E 470 12.51 -16.29 -4.60
N GLN E 471 13.04 -16.49 -5.81
CA GLN E 471 12.92 -15.51 -6.89
C GLN E 471 11.49 -15.41 -7.40
N LEU E 472 10.79 -16.51 -7.53
CA LEU E 472 9.33 -16.44 -7.82
C LEU E 472 8.60 -15.58 -6.75
N LEU E 473 8.94 -15.81 -5.49
CA LEU E 473 8.27 -15.18 -4.39
C LEU E 473 8.59 -13.66 -4.39
N ILE E 474 9.86 -13.33 -4.58
CA ILE E 474 10.32 -11.95 -4.55
C ILE E 474 9.75 -11.16 -5.70
N GLY E 475 9.56 -11.85 -6.82
CA GLY E 475 9.06 -11.28 -8.05
C GLY E 475 7.55 -11.24 -8.16
N GLY E 476 6.84 -11.57 -7.08
CA GLY E 476 5.40 -11.43 -7.01
C GLY E 476 4.62 -12.63 -7.47
N GLN E 477 5.26 -13.78 -7.66
CA GLN E 477 4.62 -14.92 -8.25
C GLN E 477 4.14 -15.86 -7.14
N GLY E 478 3.18 -16.71 -7.48
CA GLY E 478 2.61 -17.68 -6.55
C GLY E 478 1.46 -17.08 -5.77
N GLY E 479 0.60 -17.94 -5.26
CA GLY E 479 -0.59 -17.55 -4.50
C GLY E 479 -0.66 -18.02 -3.07
N VAL E 480 -0.29 -19.29 -2.82
CA VAL E 480 -0.38 -19.91 -1.50
C VAL E 480 0.99 -20.53 -1.23
N HIS E 481 1.47 -20.47 0.01
CA HIS E 481 2.75 -20.99 0.39
C HIS E 481 2.63 -21.86 1.63
N HIS E 482 2.98 -23.13 1.51
CA HIS E 482 3.03 -24.02 2.69
C HIS E 482 4.45 -24.15 3.11
N ILE E 483 4.70 -23.85 4.36
CA ILE E 483 6.03 -23.91 4.91
C ILE E 483 6.10 -24.93 6.04
N TRP E 484 6.99 -25.91 5.89
CA TRP E 484 7.18 -26.95 6.85
C TRP E 484 8.62 -26.99 7.36
N GLY E 485 8.80 -26.71 8.63
CA GLY E 485 10.01 -27.03 9.32
C GLY E 485 11.28 -26.34 8.82
N CYS E 486 11.15 -25.08 8.40
CA CYS E 486 12.25 -24.21 8.00
C CYS E 486 11.80 -22.73 8.12
N ASP E 487 12.76 -21.83 8.25
CA ASP E 487 12.48 -20.43 8.53
C ASP E 487 13.40 -19.55 7.70
N HIS E 488 12.94 -19.26 6.50
CA HIS E 488 13.71 -18.47 5.54
C HIS E 488 14.11 -17.10 6.07
N TYR E 489 13.31 -16.54 6.96
CA TYR E 489 13.64 -15.26 7.60
C TYR E 489 14.98 -15.26 8.26
N LYS E 490 15.37 -16.42 8.81
CA LYS E 490 16.69 -16.54 9.45
C LYS E 490 17.79 -17.17 8.56
N THR E 491 17.42 -17.95 7.56
CA THR E 491 18.38 -18.87 6.91
C THR E 491 18.41 -18.90 5.40
N THR E 492 17.55 -18.18 4.68
CA THR E 492 17.69 -18.22 3.19
C THR E 492 18.78 -17.28 2.77
N LEU E 493 19.08 -17.31 1.47
CA LEU E 493 20.04 -16.41 0.95
C LEU E 493 19.28 -15.14 0.59
N ASN E 494 19.99 -14.02 0.46
CA ASN E 494 19.38 -12.74 0.04
C ASN E 494 18.21 -12.40 0.97
N ALA E 495 18.38 -12.64 2.26
CA ALA E 495 17.26 -12.69 3.21
C ALA E 495 16.60 -11.38 3.53
N HIS E 496 17.28 -10.28 3.28
CA HIS E 496 16.75 -8.94 3.62
C HIS E 496 15.70 -8.58 2.58
N GLU E 497 16.06 -8.61 1.31
CA GLU E 497 15.04 -8.48 0.25
C GLU E 497 13.86 -9.48 0.40
N PHE E 498 14.16 -10.73 0.74
CA PHE E 498 13.15 -11.76 0.87
C PHE E 498 12.11 -11.33 1.92
N LYS E 499 12.59 -10.90 3.09
CA LYS E 499 11.73 -10.41 4.17
C LYS E 499 10.91 -9.20 3.76
N ARG E 500 11.49 -8.24 3.04
CA ARG E 500 10.72 -7.02 2.66
C ARG E 500 9.57 -7.40 1.80
N VAL E 501 9.82 -8.27 0.83
CA VAL E 501 8.77 -8.61 -0.06
C VAL E 501 7.77 -9.57 0.55
N TYR E 502 8.23 -10.50 1.37
CA TYR E 502 7.35 -11.49 1.96
C TYR E 502 6.35 -10.80 2.89
N LYS E 503 6.85 -9.86 3.70
CA LYS E 503 5.97 -9.10 4.60
C LYS E 503 4.86 -8.38 3.80
N LYS E 504 5.28 -7.69 2.76
CA LYS E 504 4.38 -6.83 1.99
C LYS E 504 3.28 -7.70 1.36
N ARG E 505 3.65 -8.82 0.74
CA ARG E 505 2.70 -9.67 0.09
C ARG E 505 1.76 -10.38 1.05
N THR E 506 2.26 -10.80 2.22
CA THR E 506 1.43 -11.42 3.22
C THR E 506 0.54 -10.39 3.96
N ASP E 507 1.05 -9.16 4.16
CA ASP E 507 0.24 -8.02 4.64
C ASP E 507 -1.02 -7.78 3.81
N MET E 508 -0.94 -7.89 2.49
CA MET E 508 -2.15 -7.69 1.60
C MET E 508 -3.24 -8.65 2.02
N VAL E 509 -2.85 -9.88 2.28
CA VAL E 509 -3.80 -10.90 2.66
C VAL E 509 -4.21 -10.70 4.11
N LYS E 510 -3.27 -10.32 4.99
CA LYS E 510 -3.66 -9.95 6.36
C LYS E 510 -4.71 -8.85 6.41
N ASP E 511 -4.47 -7.77 5.66
CA ASP E 511 -5.41 -6.66 5.61
C ASP E 511 -6.79 -7.11 5.08
N ALA E 512 -6.83 -7.92 4.03
CA ALA E 512 -8.11 -8.42 3.52
C ALA E 512 -8.82 -9.29 4.54
N MET E 513 -8.05 -10.14 5.24
CA MET E 513 -8.64 -11.03 6.22
C MET E 513 -9.25 -10.28 7.42
N SER E 514 -8.53 -9.31 7.93
CA SER E 514 -9.01 -8.46 9.02
C SER E 514 -10.33 -7.69 8.67
N ALA E 515 -10.57 -7.39 7.38
CA ALA E 515 -11.72 -6.62 6.99
C ALA E 515 -12.90 -7.46 6.56
N ALA E 516 -12.72 -8.77 6.52
CA ALA E 516 -13.78 -9.63 6.02
C ALA E 516 -14.35 -10.42 7.17
N PRO E 517 -15.60 -10.87 7.02
CA PRO E 517 -16.24 -11.69 8.07
C PRO E 517 -15.67 -13.15 8.14
N TYR E 518 -15.25 -13.63 9.31
CA TYR E 518 -14.73 -14.98 9.46
C TYR E 518 -15.83 -16.09 9.56
N GLY E 519 -16.79 -15.88 10.44
CA GLY E 519 -17.92 -16.77 10.59
C GLY E 519 -18.64 -17.12 9.30
N ASP E 520 -18.72 -16.17 8.34
CA ASP E 520 -19.04 -16.46 6.91
C ASP E 520 -17.76 -16.92 6.15
N ARG E 521 -17.51 -18.24 6.10
CA ARG E 521 -16.17 -18.70 5.63
C ARG E 521 -15.99 -18.48 4.14
N GLU E 522 -17.08 -18.58 3.38
CA GLU E 522 -16.97 -18.39 1.95
C GLU E 522 -16.55 -16.96 1.69
N ALA E 523 -17.11 -15.98 2.41
CA ALA E 523 -16.71 -14.60 2.18
C ALA E 523 -15.20 -14.35 2.54
N MET E 524 -14.69 -15.00 3.60
CA MET E 524 -13.28 -14.85 4.02
C MET E 524 -12.34 -15.41 2.92
N VAL E 525 -12.74 -16.59 2.38
CA VAL E 525 -11.98 -17.29 1.37
C VAL E 525 -11.93 -16.43 0.14
N ASN E 526 -13.05 -15.85 -0.23
CA ASN E 526 -13.07 -14.98 -1.44
C ASN E 526 -12.25 -13.73 -1.27
N ALA E 527 -12.32 -13.15 -0.08
CA ALA E 527 -11.50 -11.96 0.22
C ALA E 527 -9.97 -12.27 0.19
N ILE E 528 -9.57 -13.47 0.65
CA ILE E 528 -8.18 -13.92 0.48
C ILE E 528 -7.82 -14.08 -0.98
N VAL E 529 -8.68 -14.75 -1.73
CA VAL E 529 -8.36 -14.98 -3.15
C VAL E 529 -8.24 -13.66 -3.95
N ASP E 530 -9.15 -12.71 -3.71
CA ASP E 530 -9.06 -11.39 -4.31
C ASP E 530 -7.68 -10.74 -4.01
N ALA E 531 -7.23 -10.78 -2.76
CA ALA E 531 -5.88 -10.29 -2.34
C ALA E 531 -4.69 -11.03 -3.03
N ILE E 532 -4.76 -12.35 -3.10
CA ILE E 532 -3.79 -13.14 -3.84
C ILE E 532 -3.79 -12.70 -5.30
N ASN E 533 -4.96 -12.63 -5.92
CA ASN E 533 -5.04 -12.16 -7.34
C ASN E 533 -4.41 -10.77 -7.55
N GLN E 534 -4.37 -9.91 -6.54
CA GLN E 534 -3.70 -8.56 -6.65
C GLN E 534 -2.20 -8.57 -6.36
N GLY E 535 -1.64 -9.76 -6.08
CA GLY E 535 -0.22 -9.94 -5.82
C GLY E 535 0.14 -10.38 -4.40
N GLY E 536 -0.87 -10.66 -3.57
CA GLY E 536 -0.65 -11.06 -2.21
C GLY E 536 -0.25 -12.53 -2.16
N LEU E 537 0.06 -12.99 -0.94
CA LEU E 537 0.40 -14.38 -0.69
C LEU E 537 -0.26 -14.82 0.60
N PHE E 538 -0.94 -15.97 0.52
CA PHE E 538 -1.51 -16.63 1.65
C PHE E 538 -0.54 -17.75 2.08
N ALA E 539 -0.18 -17.70 3.35
CA ALA E 539 0.93 -18.46 3.86
C ALA E 539 0.57 -19.27 5.15
N VAL E 540 0.99 -20.53 5.15
CA VAL E 540 0.68 -21.46 6.21
C VAL E 540 1.99 -22.06 6.70
N ASN E 541 2.19 -22.04 8.01
CA ASN E 541 3.42 -22.51 8.65
C ASN E 541 3.16 -23.72 9.54
N VAL E 542 3.82 -24.81 9.27
CA VAL E 542 3.78 -26.01 10.13
C VAL E 542 5.09 -26.07 10.88
N ASP E 543 5.05 -25.93 12.18
CA ASP E 543 6.26 -25.81 12.96
C ASP E 543 5.98 -26.18 14.41
N ILE E 544 7.03 -26.16 15.27
CA ILE E 544 6.93 -26.43 16.69
C ILE E 544 7.05 -25.20 17.57
N ILE E 545 7.48 -24.08 16.98
CA ILE E 545 7.51 -22.80 17.65
C ILE E 545 6.91 -21.66 16.82
N PRO E 546 6.75 -20.47 17.45
CA PRO E 546 6.54 -19.24 16.70
C PRO E 546 7.81 -18.85 16.03
N THR E 547 7.78 -19.01 14.69
CA THR E 547 8.90 -18.75 13.82
C THR E 547 8.98 -17.27 13.40
N LYS E 548 10.11 -16.86 12.85
CA LYS E 548 10.24 -15.50 12.30
C LYS E 548 9.36 -15.38 11.03
N ILE E 549 9.48 -16.34 10.09
CA ILE E 549 8.57 -16.32 8.92
C ILE E 549 7.12 -16.47 9.38
N GLY E 550 6.92 -17.15 10.47
CA GLY E 550 5.58 -17.30 11.05
C GLY E 550 4.84 -16.01 11.38
N GLU E 551 5.57 -14.94 11.60
CA GLU E 551 5.01 -13.65 11.94
C GLU E 551 4.36 -13.10 10.70
N ALA E 552 4.74 -13.60 9.52
CA ALA E 552 4.04 -13.20 8.26
C ALA E 552 2.89 -14.13 7.84
N CYS E 553 2.76 -15.25 8.54
CA CYS E 553 1.82 -16.29 8.12
C CYS E 553 0.40 -16.07 8.63
N HIS E 554 -0.53 -16.64 7.90
CA HIS E 554 -1.95 -16.53 8.18
C HIS E 554 -2.54 -17.70 9.00
N VAL E 555 -1.91 -18.88 8.86
CA VAL E 555 -2.30 -20.07 9.61
C VAL E 555 -1.08 -20.77 10.10
N ILE E 556 -1.08 -21.16 11.38
CA ILE E 556 0.01 -21.91 11.96
C ILE E 556 -0.52 -23.22 12.52
N LEU E 557 0.17 -24.33 12.20
CA LEU E 557 -0.25 -25.68 12.53
C LEU E 557 0.82 -26.32 13.42
N PRO E 558 0.45 -26.75 14.63
CA PRO E 558 1.40 -27.16 15.61
C PRO E 558 1.86 -28.57 15.42
N ALA E 559 3.15 -28.75 15.36
CA ALA E 559 3.74 -30.01 15.09
C ALA E 559 4.32 -30.64 16.37
N ALA E 560 4.40 -31.96 16.32
CA ALA E 560 5.02 -32.81 17.32
C ALA E 560 6.35 -33.23 16.68
N THR E 561 7.45 -33.06 17.41
CA THR E 561 8.77 -33.49 16.92
C THR E 561 9.30 -34.84 17.53
N SER E 562 10.54 -35.20 17.23
CA SER E 562 11.11 -36.50 17.64
C SER E 562 11.07 -36.69 19.17
N GLY E 563 10.62 -37.88 19.58
CA GLY E 563 10.49 -38.22 21.01
C GLY E 563 9.08 -38.05 21.47
N GLU E 564 8.39 -37.09 20.88
CA GLU E 564 6.96 -37.00 21.05
C GLU E 564 6.26 -37.93 20.08
N MET E 565 7.04 -38.42 19.15
CA MET E 565 6.59 -39.37 18.17
C MET E 565 7.73 -40.38 18.00
N ASN E 566 7.41 -41.46 17.30
CA ASN E 566 8.44 -42.40 16.79
C ASN E 566 9.06 -41.83 15.56
N LEU E 567 10.34 -42.03 15.35
CA LEU E 567 10.97 -41.47 14.18
C LEU E 567 12.13 -42.30 13.71
N THR E 568 12.29 -42.41 12.41
CA THR E 568 13.44 -43.14 11.83
C THR E 568 14.29 -42.22 10.96
N SER E 569 15.60 -42.42 11.06
CA SER E 569 16.54 -41.75 10.17
C SER E 569 17.87 -42.46 10.19
N MET E 570 18.76 -42.10 9.28
CA MET E 570 20.13 -42.68 9.24
C MET E 570 21.17 -41.60 9.43
N ASN E 571 22.35 -41.99 9.92
CA ASN E 571 23.39 -41.02 10.22
C ASN E 571 24.32 -40.96 9.06
N GLY E 572 25.49 -40.33 9.20
CA GLY E 572 26.38 -40.13 8.05
C GLY E 572 27.13 -41.36 7.56
N GLU E 573 26.77 -42.48 8.16
CA GLU E 573 27.32 -43.79 7.92
C GLU E 573 26.23 -44.73 7.43
N ARG E 574 25.08 -44.16 7.05
CA ARG E 574 23.89 -44.91 6.72
C ARG E 574 23.25 -45.70 7.91
N ARG E 575 23.62 -45.39 9.15
CA ARG E 575 23.15 -46.18 10.27
C ARG E 575 21.74 -45.77 10.67
N MET E 576 20.76 -46.58 10.27
CA MET E 576 19.35 -46.36 10.52
C MET E 576 18.96 -46.83 11.92
N ARG E 577 18.39 -45.90 12.73
CA ARG E 577 17.80 -46.19 14.05
C ARG E 577 16.36 -45.72 14.10
N LEU E 578 15.61 -46.34 14.99
CA LEU E 578 14.31 -45.90 15.44
C LEU E 578 14.46 -45.17 16.78
N THR E 579 13.98 -43.93 16.83
CA THR E 579 13.85 -43.19 18.09
C THR E 579 12.43 -43.53 18.59
N GLU E 580 12.33 -44.03 19.83
CA GLU E 580 11.08 -44.58 20.36
C GLU E 580 10.39 -43.50 21.14
N ARG E 581 9.10 -43.28 20.87
CA ARG E 581 8.37 -42.22 21.60
C ARG E 581 8.47 -42.40 23.11
N TYR E 582 8.83 -41.35 23.81
CA TYR E 582 8.93 -41.32 25.28
C TYR E 582 8.04 -40.24 25.98
N MET E 583 7.38 -39.36 25.21
CA MET E 583 6.59 -38.26 25.75
C MET E 583 5.42 -37.91 24.79
N ASP E 584 4.50 -37.11 25.27
CA ASP E 584 3.37 -36.61 24.48
C ASP E 584 3.72 -35.31 23.76
N PRO E 585 3.11 -35.12 22.56
CA PRO E 585 3.13 -33.86 21.90
C PRO E 585 2.54 -32.79 22.84
N PRO E 586 3.09 -31.58 22.87
CA PRO E 586 2.44 -30.51 23.64
C PRO E 586 1.03 -30.13 23.09
N GLY E 587 0.10 -29.81 23.99
CA GLY E 587 -1.32 -29.52 23.61
C GLY E 587 -1.84 -30.38 22.47
N GLN E 588 -2.33 -29.80 21.38
CA GLN E 588 -2.91 -30.63 20.30
C GLN E 588 -2.01 -30.85 19.10
N SER E 589 -0.72 -30.77 19.32
CA SER E 589 0.23 -30.76 18.28
C SER E 589 0.34 -32.19 17.74
N MET E 590 0.79 -32.32 16.50
CA MET E 590 0.61 -33.53 15.73
C MET E 590 1.81 -33.78 14.85
N PRO E 591 2.26 -35.05 14.73
CA PRO E 591 3.37 -35.36 13.82
C PRO E 591 3.15 -34.86 12.38
N ASP E 592 4.20 -34.32 11.79
CA ASP E 592 4.15 -33.74 10.45
C ASP E 592 3.48 -34.69 9.43
N CYS E 593 3.84 -35.97 9.48
CA CYS E 593 3.27 -36.89 8.52
C CYS E 593 1.75 -37.01 8.70
N LEU E 594 1.30 -36.92 9.93
CA LEU E 594 -0.14 -36.92 10.17
C LEU E 594 -0.83 -35.61 9.83
N ILE E 595 -0.09 -34.49 9.98
CA ILE E 595 -0.56 -33.18 9.50
C ILE E 595 -0.80 -33.25 7.99
N ALA E 596 0.17 -33.75 7.25
CA ALA E 596 0.03 -33.89 5.81
C ALA E 596 -1.19 -34.77 5.46
N ALA E 597 -1.35 -35.87 6.17
CA ALA E 597 -2.49 -36.73 5.99
C ALA E 597 -3.83 -36.03 6.26
N ARG E 598 -3.89 -35.26 7.33
CA ARG E 598 -5.16 -34.58 7.67
C ARG E 598 -5.48 -33.51 6.70
N LEU E 599 -4.41 -32.94 6.15
CA LEU E 599 -4.53 -31.94 5.11
C LEU E 599 -5.05 -32.61 3.82
N ALA E 600 -4.48 -33.78 3.51
CA ALA E 600 -4.96 -34.51 2.34
C ALA E 600 -6.43 -34.86 2.52
N ASN E 601 -6.81 -35.36 3.71
CA ASN E 601 -8.23 -35.71 3.96
C ASN E 601 -9.13 -34.47 3.79
N THR E 602 -8.64 -33.31 4.23
CA THR E 602 -9.40 -32.10 4.13
C THR E 602 -9.52 -31.67 2.65
N MET E 603 -8.41 -31.72 1.90
CA MET E 603 -8.45 -31.44 0.46
C MET E 603 -9.49 -32.26 -0.28
N GLU E 604 -9.51 -33.55 -0.01
CA GLU E 604 -10.53 -34.45 -0.51
C GLU E 604 -11.93 -34.00 -0.21
N ARG E 605 -12.26 -33.83 1.08
CA ARG E 605 -13.60 -33.31 1.43
C ARG E 605 -13.96 -32.01 0.71
N VAL E 606 -13.07 -31.05 0.76
CA VAL E 606 -13.37 -29.73 0.19
C VAL E 606 -13.57 -29.78 -1.36
N LEU E 607 -12.64 -30.43 -2.06
CA LEU E 607 -12.68 -30.56 -3.50
C LEU E 607 -13.95 -31.29 -3.93
N THR E 608 -14.35 -32.28 -3.13
CA THR E 608 -15.62 -32.95 -3.34
C THR E 608 -16.81 -32.00 -3.24
N GLU E 609 -16.85 -31.22 -2.16
CA GLU E 609 -17.92 -30.24 -1.99
C GLU E 609 -17.92 -29.20 -3.14
N MET E 610 -16.75 -28.86 -3.68
CA MET E 610 -16.69 -27.96 -4.89
C MET E 610 -17.16 -28.64 -6.24
N GLY E 611 -17.34 -29.97 -6.20
CA GLY E 611 -17.79 -30.76 -7.36
C GLY E 611 -16.62 -31.27 -8.20
N ASP E 612 -15.38 -31.00 -7.77
CA ASP E 612 -14.23 -31.54 -8.46
C ASP E 612 -13.82 -32.89 -7.83
N VAL E 613 -14.68 -33.87 -8.10
CA VAL E 613 -14.54 -35.20 -7.54
C VAL E 613 -13.31 -35.93 -8.05
N GLY E 614 -12.90 -35.59 -9.27
CA GLY E 614 -11.76 -36.25 -9.90
C GLY E 614 -10.49 -35.80 -9.22
N TYR E 615 -10.40 -34.49 -9.00
CA TYR E 615 -9.22 -33.94 -8.32
C TYR E 615 -9.17 -34.41 -6.85
N ALA E 616 -10.34 -34.45 -6.19
CA ALA E 616 -10.49 -34.91 -4.80
C ALA E 616 -9.89 -36.28 -4.57
N ALA E 617 -10.18 -37.20 -5.50
CA ALA E 617 -9.75 -38.60 -5.37
C ALA E 617 -8.23 -38.76 -5.47
N GLN E 618 -7.49 -37.78 -5.99
CA GLN E 618 -6.03 -37.85 -5.97
C GLN E 618 -5.46 -37.79 -4.56
N PHE E 619 -6.25 -37.32 -3.59
CA PHE E 619 -5.81 -37.13 -2.21
C PHE E 619 -6.12 -38.30 -1.28
N LYS E 620 -6.54 -39.45 -1.83
CA LYS E 620 -6.69 -40.67 -1.02
C LYS E 620 -5.32 -41.27 -0.68
N GLY E 621 -5.33 -42.33 0.13
CA GLY E 621 -4.10 -42.98 0.57
C GLY E 621 -3.48 -42.30 1.79
N PHE E 622 -4.30 -41.61 2.57
CA PHE E 622 -3.84 -40.91 3.75
C PHE E 622 -4.74 -41.23 4.97
N ASP E 623 -4.98 -42.51 5.19
CA ASP E 623 -5.86 -42.94 6.29
C ASP E 623 -5.04 -43.20 7.53
N TRP E 624 -3.79 -42.76 7.56
CA TRP E 624 -2.86 -43.05 8.64
C TRP E 624 -3.31 -42.50 10.00
N GLN E 625 -3.25 -43.33 11.05
CA GLN E 625 -3.62 -42.87 12.39
C GLN E 625 -2.40 -42.72 13.29
N THR E 626 -1.27 -43.27 12.89
CA THR E 626 -0.07 -43.12 13.67
C THR E 626 1.08 -43.07 12.70
N GLU E 627 2.20 -42.48 13.15
CA GLU E 627 3.37 -42.29 12.31
C GLU E 627 3.96 -43.56 11.71
N GLU E 628 3.80 -44.68 12.39
CA GLU E 628 4.28 -45.97 11.86
C GLU E 628 3.53 -46.31 10.57
N ASP E 629 2.27 -45.90 10.43
CA ASP E 629 1.53 -46.09 9.16
C ASP E 629 2.23 -45.41 8.00
N ALA E 630 2.86 -44.27 8.29
CA ALA E 630 3.64 -43.55 7.28
C ALA E 630 4.95 -44.27 6.99
N PHE E 631 5.61 -44.76 8.01
CA PHE E 631 6.81 -45.58 7.82
C PHE E 631 6.57 -46.76 6.86
N MET E 632 5.46 -47.47 7.05
CA MET E 632 5.12 -48.67 6.30
C MET E 632 4.67 -48.34 4.87
N ASP E 633 3.87 -47.28 4.69
CA ASP E 633 3.46 -46.86 3.36
C ASP E 633 4.63 -46.29 2.57
N GLY E 634 5.64 -45.78 3.27
CA GLY E 634 6.79 -45.11 2.59
C GLY E 634 8.02 -45.95 2.56
N TYR E 635 8.80 -45.85 3.62
CA TYR E 635 10.08 -46.56 3.71
C TYR E 635 9.98 -48.05 3.42
N ASN E 636 9.07 -48.72 4.09
CA ASN E 636 8.97 -50.17 4.02
C ASN E 636 8.74 -50.63 2.57
N LYS E 637 7.87 -49.89 1.86
CA LYS E 637 7.52 -50.17 0.51
C LYS E 637 8.41 -49.56 -0.53
N ASN E 638 9.23 -48.55 -0.22
CA ASN E 638 10.04 -47.86 -1.25
C ASN E 638 11.53 -47.86 -1.08
N ALA E 639 12.06 -48.05 0.12
CA ALA E 639 13.55 -48.03 0.25
C ALA E 639 14.10 -49.34 -0.24
N HIS E 640 15.33 -49.31 -0.76
CA HIS E 640 16.01 -50.56 -1.12
C HIS E 640 16.20 -51.31 0.19
N GLY E 641 15.77 -52.56 0.21
CA GLY E 641 15.77 -53.36 1.41
C GLY E 641 14.72 -52.99 2.44
N GLY E 642 13.69 -52.25 1.99
CA GLY E 642 12.63 -51.81 2.87
C GLY E 642 11.83 -52.95 3.47
N GLU E 643 11.60 -54.01 2.68
CA GLU E 643 10.92 -55.22 3.19
C GLU E 643 11.45 -55.77 4.51
N PHE E 644 12.74 -55.60 4.78
CA PHE E 644 13.35 -56.20 5.95
C PHE E 644 13.17 -55.40 7.26
N VAL E 645 12.64 -54.17 7.13
CA VAL E 645 12.70 -53.24 8.24
C VAL E 645 11.27 -52.94 8.72
N THR E 646 11.08 -53.06 10.03
CA THR E 646 9.84 -52.68 10.71
C THR E 646 10.27 -51.97 12.02
N TYR E 647 9.34 -51.28 12.66
CA TYR E 647 9.61 -50.71 13.98
C TYR E 647 10.06 -51.80 14.95
N GLU E 648 9.29 -52.87 15.11
CA GLU E 648 9.72 -54.01 16.00
C GLU E 648 11.13 -54.48 15.77
N ARG E 649 11.52 -54.71 14.53
CA ARG E 649 12.91 -55.16 14.25
C ARG E 649 13.97 -54.12 14.48
N LEU E 650 13.65 -52.87 14.13
CA LEU E 650 14.54 -51.79 14.41
C LEU E 650 14.78 -51.59 15.88
N SER E 651 13.70 -51.56 16.64
CA SER E 651 13.85 -51.40 18.09
C SER E 651 14.76 -52.47 18.71
N ALA E 652 14.56 -53.73 18.31
CA ALA E 652 15.37 -54.87 18.84
C ALA E 652 16.90 -54.60 18.69
N MET E 653 17.25 -53.95 17.58
CA MET E 653 18.66 -53.55 17.30
C MET E 653 19.21 -52.38 18.10
N GLY E 654 18.36 -51.61 18.76
CA GLY E 654 18.87 -50.58 19.67
C GLY E 654 19.46 -49.40 18.94
N THR E 655 20.34 -48.68 19.61
CA THR E 655 20.97 -47.51 19.08
C THR E 655 22.01 -47.81 18.04
N ASN E 656 22.46 -49.06 17.92
CA ASN E 656 23.47 -49.38 16.91
C ASN E 656 22.77 -49.63 15.57
N GLY E 657 21.48 -49.94 15.61
CA GLY E 657 20.71 -50.09 14.40
C GLY E 657 21.38 -51.00 13.38
N PHE E 658 21.20 -50.66 12.10
CA PHE E 658 21.99 -51.28 11.03
C PHE E 658 22.30 -50.23 9.96
N GLN E 659 23.29 -50.52 9.12
CA GLN E 659 23.65 -49.66 8.01
C GLN E 659 22.88 -49.97 6.76
N GLU E 660 22.27 -48.94 6.17
CA GLU E 660 21.45 -49.11 4.98
C GLU E 660 22.36 -49.30 3.76
N PRO E 661 21.91 -50.04 2.74
CA PRO E 661 20.60 -50.73 2.75
C PRO E 661 20.62 -52.10 3.48
N ALA E 662 19.46 -52.46 4.02
CA ALA E 662 19.22 -53.78 4.52
C ALA E 662 19.38 -54.79 3.37
N THR E 663 20.12 -55.86 3.61
CA THR E 663 20.26 -56.97 2.63
C THR E 663 19.43 -58.16 3.04
N GLY E 664 19.12 -58.28 4.35
CA GLY E 664 18.16 -59.30 4.83
C GLY E 664 17.85 -59.27 6.32
N PHE E 665 17.08 -60.25 6.81
CA PHE E 665 16.78 -60.42 8.23
C PHE E 665 16.87 -61.92 8.60
N THR E 666 17.83 -62.25 9.45
CA THR E 666 17.95 -63.57 10.07
C THR E 666 18.30 -63.47 11.56
N ASP E 667 17.72 -64.34 12.41
CA ASP E 667 18.10 -64.45 13.85
C ASP E 667 17.88 -63.14 14.63
N GLY E 668 16.75 -62.51 14.39
CA GLY E 668 16.46 -61.17 14.96
C GLY E 668 17.49 -60.09 14.70
N LYS E 669 18.20 -60.14 13.56
CA LYS E 669 19.09 -59.06 13.11
C LYS E 669 18.81 -58.61 11.65
N ILE E 670 18.66 -57.31 11.43
CA ILE E 670 18.64 -56.75 10.06
C ILE E 670 20.10 -56.65 9.58
N GLU E 671 20.36 -57.22 8.40
CA GLU E 671 21.72 -57.34 7.90
C GLU E 671 21.90 -56.16 7.00
N GLY E 672 23.01 -55.47 7.14
CA GLY E 672 23.22 -54.29 6.37
C GLY E 672 24.51 -54.24 5.60
N THR E 673 24.75 -53.07 5.03
CA THR E 673 25.82 -52.80 4.14
C THR E 673 26.78 -51.85 4.85
N GLN E 674 28.00 -52.33 5.13
CA GLN E 674 28.97 -51.56 5.90
C GLN E 674 29.54 -50.41 5.08
N ARG E 675 29.98 -50.71 3.86
CA ARG E 675 30.41 -49.69 2.88
C ARG E 675 29.71 -49.90 1.57
N LEU E 676 29.68 -48.85 0.75
CA LEU E 676 29.11 -48.96 -0.60
C LEU E 676 30.23 -49.11 -1.59
N TYR E 677 29.90 -49.63 -2.75
CA TYR E 677 30.84 -49.76 -3.88
C TYR E 677 32.06 -50.71 -3.60
N THR E 678 31.88 -51.73 -2.74
CA THR E 678 33.01 -52.64 -2.37
C THR E 678 33.40 -53.52 -3.57
N ASP E 679 32.41 -53.83 -4.41
CA ASP E 679 32.64 -54.52 -5.67
C ASP E 679 33.08 -53.61 -6.86
N GLY E 680 33.43 -52.35 -6.63
CA GLY E 680 33.74 -51.41 -7.73
C GLY E 680 32.63 -51.16 -8.77
N VAL E 681 31.37 -51.44 -8.41
CA VAL E 681 30.23 -51.22 -9.28
C VAL E 681 29.43 -50.00 -8.81
N PHE E 682 29.53 -48.94 -9.61
CA PHE E 682 29.02 -47.63 -9.26
C PHE E 682 27.60 -47.40 -9.76
N SER E 683 27.00 -46.26 -9.36
CA SER E 683 25.59 -45.94 -9.55
C SER E 683 25.37 -45.24 -10.90
N THR E 684 25.62 -45.98 -11.96
CA THR E 684 25.45 -45.53 -13.34
C THR E 684 24.85 -46.71 -14.10
N ASP E 685 24.40 -46.51 -15.34
CA ASP E 685 23.77 -47.62 -16.10
C ASP E 685 24.76 -48.72 -16.39
N ASP E 686 25.96 -48.35 -16.79
CA ASP E 686 27.04 -49.32 -17.08
C ASP E 686 27.89 -49.74 -15.85
N GLY E 687 27.51 -49.34 -14.63
CA GLY E 687 28.28 -49.59 -13.41
C GLY E 687 29.65 -48.95 -13.29
N LYS E 688 30.05 -48.08 -14.22
CA LYS E 688 31.36 -47.43 -14.13
C LYS E 688 31.23 -46.05 -13.53
N ALA E 689 32.18 -45.65 -12.68
CA ALA E 689 32.30 -44.27 -12.27
C ALA E 689 32.79 -43.41 -13.42
N ARG E 690 32.39 -42.14 -13.42
CA ARG E 690 32.98 -41.15 -14.30
C ARG E 690 33.85 -40.21 -13.51
N PHE E 691 34.93 -39.73 -14.13
CA PHE E 691 35.70 -38.62 -13.65
C PHE E 691 35.07 -37.37 -14.21
N MET E 692 35.50 -36.22 -13.74
CA MET E 692 34.95 -34.93 -14.25
C MET E 692 36.08 -34.06 -14.71
N ASP E 693 35.96 -33.71 -15.98
CA ASP E 693 36.74 -32.65 -16.58
C ASP E 693 36.10 -31.33 -16.10
N ALA E 694 36.79 -30.67 -15.18
CA ALA E 694 36.21 -29.58 -14.39
C ALA E 694 37.21 -28.43 -14.20
N PRO E 695 37.52 -27.71 -15.31
CA PRO E 695 38.46 -26.59 -15.24
C PRO E 695 37.94 -25.46 -14.36
N TRP E 696 38.87 -24.86 -13.62
CA TRP E 696 38.66 -23.65 -12.87
C TRP E 696 38.20 -22.54 -13.79
N ARG E 697 37.19 -21.79 -13.35
CA ARG E 697 36.67 -20.65 -14.12
C ARG E 697 36.38 -19.48 -13.21
N GLY E 698 37.17 -19.29 -12.18
CA GLY E 698 36.95 -18.13 -11.28
C GLY E 698 35.75 -18.30 -10.32
N LEU E 699 35.29 -17.17 -9.74
CA LEU E 699 34.05 -17.16 -8.95
C LEU E 699 32.93 -17.36 -9.95
N GLN E 700 32.16 -18.40 -9.80
CA GLN E 700 31.20 -18.75 -10.85
C GLN E 700 29.86 -18.04 -10.75
N ALA E 701 29.38 -17.81 -9.53
CA ALA E 701 27.97 -17.36 -9.34
C ALA E 701 27.85 -15.86 -9.69
N PRO E 702 26.68 -15.44 -10.19
CA PRO E 702 26.57 -14.05 -10.63
C PRO E 702 26.85 -13.04 -9.51
N GLY E 703 27.62 -12.01 -9.84
CA GLY E 703 27.81 -10.89 -8.94
C GLY E 703 28.87 -11.09 -7.88
N LYS E 704 29.39 -12.32 -7.75
CA LYS E 704 30.27 -12.58 -6.63
C LYS E 704 31.58 -11.82 -6.71
N GLN E 705 32.19 -11.81 -7.91
CA GLN E 705 33.48 -11.11 -8.11
C GLN E 705 33.31 -9.59 -7.89
N GLN E 706 32.26 -9.01 -8.46
CA GLN E 706 31.87 -7.61 -8.21
C GLN E 706 31.62 -7.37 -6.72
N GLN E 707 30.95 -8.30 -6.04
CA GLN E 707 30.80 -8.14 -4.58
C GLN E 707 32.16 -8.16 -3.81
N LYS E 708 33.07 -9.02 -4.22
CA LYS E 708 34.40 -9.06 -3.63
C LYS E 708 35.20 -7.80 -3.86
N ASP E 709 35.16 -7.29 -5.09
CA ASP E 709 35.99 -6.15 -5.49
C ASP E 709 35.50 -4.84 -4.88
N SER E 710 34.23 -4.80 -4.49
CA SER E 710 33.63 -3.53 -4.11
C SER E 710 33.34 -3.40 -2.60
N HIS E 711 33.74 -4.38 -1.79
CA HIS E 711 33.57 -4.37 -0.31
C HIS E 711 34.87 -4.73 0.39
N LYS E 712 34.97 -4.36 1.66
CA LYS E 712 36.20 -4.44 2.37
C LYS E 712 36.50 -5.85 2.88
N TYR E 713 35.52 -6.55 3.43
CA TYR E 713 35.79 -7.77 4.23
C TYR E 713 35.14 -9.00 3.61
N LEU E 714 35.73 -10.17 3.86
CA LEU E 714 35.04 -11.45 3.60
C LEU E 714 34.10 -11.64 4.78
N ILE E 715 32.83 -11.89 4.50
CA ILE E 715 31.90 -12.26 5.55
C ILE E 715 31.67 -13.78 5.50
N ASN E 716 32.71 -14.53 5.85
CA ASN E 716 32.58 -15.97 6.07
C ASN E 716 31.46 -16.19 7.13
N ASN E 717 30.82 -17.36 7.05
CA ASN E 717 29.66 -17.66 7.88
C ASN E 717 29.48 -19.15 8.10
N GLY E 718 28.78 -19.49 9.16
CA GLY E 718 28.56 -20.87 9.51
C GLY E 718 28.26 -21.04 10.96
N ARG E 719 28.65 -22.22 11.45
CA ARG E 719 28.19 -22.75 12.73
C ARG E 719 29.02 -22.33 13.92
N ALA E 720 28.36 -22.29 15.07
CA ALA E 720 29.06 -22.32 16.33
C ALA E 720 28.76 -23.64 16.98
N ASN E 721 29.72 -24.22 17.66
CA ASN E 721 29.49 -25.45 18.47
C ASN E 721 28.28 -25.40 19.42
N VAL E 722 28.20 -24.33 20.20
CA VAL E 722 27.15 -24.22 21.25
C VAL E 722 25.73 -24.03 20.67
N VAL E 723 25.61 -23.49 19.46
CA VAL E 723 24.29 -23.17 18.83
C VAL E 723 23.83 -24.23 17.84
N TRP E 724 22.58 -24.69 18.00
CA TRP E 724 21.93 -25.59 17.05
C TRP E 724 21.09 -24.75 16.06
N GLN E 725 21.58 -24.65 14.83
CA GLN E 725 20.81 -24.19 13.69
C GLN E 725 20.33 -22.76 13.93
N SER E 726 19.06 -22.46 13.68
CA SER E 726 18.56 -21.09 13.78
C SER E 726 18.11 -20.72 15.18
N ALA E 727 18.51 -21.54 16.15
CA ALA E 727 18.32 -21.27 17.57
C ALA E 727 16.89 -21.29 17.92
N TYR E 728 16.13 -22.07 17.17
CA TYR E 728 14.70 -22.18 17.39
C TYR E 728 14.35 -22.67 18.79
N LEU E 729 15.02 -23.72 19.26
CA LEU E 729 14.94 -24.17 20.63
C LEU E 729 15.86 -23.32 21.52
N ASP E 730 17.01 -22.94 21.01
CA ASP E 730 18.04 -22.36 21.86
C ASP E 730 17.67 -21.00 22.38
N GLN E 731 16.84 -20.26 21.63
CA GLN E 731 16.39 -18.96 22.11
C GLN E 731 15.60 -19.01 23.41
N GLU E 732 15.13 -20.20 23.82
CA GLU E 732 14.54 -20.31 25.16
C GLU E 732 15.40 -21.25 26.02
N ASN E 733 16.72 -21.14 25.80
CA ASN E 733 17.68 -21.86 26.55
C ASN E 733 18.71 -20.86 27.06
N ASP E 734 18.62 -20.53 28.34
CA ASP E 734 19.54 -19.54 28.92
C ASP E 734 21.01 -19.89 28.80
N PHE E 735 21.39 -21.17 28.88
CA PHE E 735 22.80 -21.53 28.74
C PHE E 735 23.39 -21.05 27.41
N VAL E 736 22.67 -21.28 26.32
CA VAL E 736 23.12 -20.84 25.01
C VAL E 736 23.01 -19.27 24.91
N MET E 737 21.88 -18.68 25.30
CA MET E 737 21.64 -17.26 25.00
C MET E 737 22.45 -16.34 25.93
N ASP E 738 22.80 -16.83 27.13
CA ASP E 738 23.71 -16.11 28.03
C ASP E 738 25.11 -16.07 27.41
N ARG E 739 25.49 -17.09 26.63
CA ARG E 739 26.75 -17.10 25.94
C ARG E 739 26.78 -16.17 24.73
N PHE E 740 25.76 -16.23 23.88
CA PHE E 740 25.71 -15.39 22.67
C PHE E 740 24.32 -14.74 22.51
N PRO E 741 24.09 -13.60 23.17
CA PRO E 741 22.79 -12.90 23.00
C PRO E 741 22.62 -12.33 21.60
N TYR E 742 23.74 -11.90 21.02
CA TYR E 742 23.90 -11.54 19.63
C TYR E 742 24.74 -12.59 18.91
N PRO E 743 24.63 -12.69 17.59
CA PRO E 743 25.58 -13.56 16.93
C PRO E 743 26.94 -12.89 16.96
N PHE E 744 27.98 -13.70 17.08
CA PHE E 744 29.34 -13.20 17.00
C PHE E 744 29.76 -12.97 15.59
N ILE E 745 30.51 -11.91 15.35
CA ILE E 745 31.29 -11.80 14.14
C ILE E 745 32.75 -11.76 14.58
N GLU E 746 33.46 -12.86 14.26
CA GLU E 746 34.87 -13.01 14.51
C GLU E 746 35.60 -12.03 13.67
N MET E 747 36.46 -11.24 14.32
CA MET E 747 37.28 -10.25 13.63
C MET E 747 38.67 -10.25 14.23
N ASN E 748 39.65 -10.22 13.34
CA ASN E 748 41.03 -9.96 13.68
C ASN E 748 41.14 -8.65 14.53
N PRO E 749 41.86 -8.71 15.68
CA PRO E 749 42.03 -7.51 16.57
C PRO E 749 42.56 -6.27 15.87
N GLU E 750 43.40 -6.46 14.86
CA GLU E 750 43.93 -5.30 14.19
C GLU E 750 42.87 -4.68 13.28
N ASP E 751 42.16 -5.54 12.55
CA ASP E 751 41.04 -5.10 11.71
C ASP E 751 40.03 -4.27 12.56
N MET E 752 39.78 -4.74 13.78
CA MET E 752 38.89 -4.05 14.71
C MET E 752 39.43 -2.66 15.09
N ALA E 753 40.70 -2.63 15.47
CA ALA E 753 41.40 -1.38 15.77
C ALA E 753 41.30 -0.39 14.58
N GLU E 754 41.59 -0.88 13.37
CA GLU E 754 41.44 -0.07 12.17
C GLU E 754 40.02 0.47 11.98
N ALA E 755 39.01 -0.32 12.28
CA ALA E 755 37.63 0.10 12.06
C ALA E 755 37.06 0.87 13.27
N GLY E 756 37.81 1.02 14.36
CA GLY E 756 37.35 1.79 15.53
C GLY E 756 36.42 1.03 16.44
N LEU E 757 36.55 -0.30 16.45
CA LEU E 757 35.70 -1.19 17.25
C LEU E 757 36.47 -1.81 18.40
N LYS E 758 35.71 -2.20 19.41
CA LYS E 758 36.13 -2.82 20.63
C LYS E 758 35.28 -4.06 20.78
N GLU E 759 35.76 -5.00 21.59
CA GLU E 759 35.04 -6.23 21.83
C GLU E 759 33.60 -5.94 22.33
N GLY E 760 32.64 -6.63 21.73
CA GLY E 760 31.29 -6.56 22.16
C GLY E 760 30.50 -5.48 21.44
N ASP E 761 31.15 -4.65 20.65
CA ASP E 761 30.46 -3.60 19.94
C ASP E 761 29.48 -4.27 18.98
N LEU E 762 28.33 -3.65 18.86
CA LEU E 762 27.31 -4.08 17.94
C LEU E 762 27.61 -3.36 16.64
N VAL E 763 27.74 -4.11 15.56
CA VAL E 763 28.16 -3.58 14.27
C VAL E 763 27.14 -3.97 13.20
N GLU E 764 26.97 -3.08 12.24
CA GLU E 764 26.25 -3.36 11.03
C GLU E 764 27.19 -3.89 9.95
N ILE E 765 26.86 -5.06 9.41
CA ILE E 765 27.51 -5.60 8.24
C ILE E 765 26.55 -5.20 7.13
N TYR E 766 27.08 -4.62 6.05
CA TYR E 766 26.22 -4.21 4.92
C TYR E 766 26.91 -4.32 3.58
N ASN E 767 26.14 -4.57 2.55
CA ASN E 767 26.61 -4.56 1.18
C ASN E 767 25.45 -4.33 0.22
N ASP E 768 25.62 -4.64 -1.06
CA ASP E 768 24.55 -4.54 -2.06
C ASP E 768 23.30 -5.46 -1.75
N ALA E 769 23.47 -6.54 -0.99
CA ALA E 769 22.32 -7.46 -0.71
C ALA E 769 21.39 -6.99 0.44
N GLY E 770 21.93 -6.20 1.36
CA GLY E 770 21.20 -5.84 2.57
C GLY E 770 22.14 -5.47 3.69
N ALA E 771 21.64 -5.63 4.91
CA ALA E 771 22.34 -5.21 6.10
C ALA E 771 21.87 -6.06 7.27
N THR E 772 22.74 -6.25 8.25
CA THR E 772 22.38 -6.94 9.46
C THR E 772 23.31 -6.52 10.62
N GLN E 773 23.19 -7.20 11.76
CA GLN E 773 23.97 -6.88 12.92
C GLN E 773 24.66 -8.09 13.51
N ALA E 774 25.71 -7.80 14.25
CA ALA E 774 26.45 -8.81 14.99
C ALA E 774 27.36 -8.11 16.00
N MET E 775 27.85 -8.89 16.92
CA MET E 775 28.64 -8.43 18.02
C MET E 775 30.11 -8.78 17.67
N ALA E 776 30.99 -7.77 17.62
CA ALA E 776 32.42 -7.99 17.33
C ALA E 776 33.09 -8.85 18.43
N TYR E 777 33.71 -9.92 17.98
CA TYR E 777 34.42 -10.84 18.83
C TYR E 777 35.92 -10.86 18.33
N PRO E 778 36.84 -10.30 19.09
CA PRO E 778 38.24 -10.29 18.66
C PRO E 778 38.78 -11.73 18.60
N THR E 779 39.36 -12.06 17.45
CA THR E 779 39.72 -13.45 17.12
C THR E 779 41.13 -13.35 16.51
N PRO E 780 42.17 -13.48 17.38
CA PRO E 780 43.55 -13.35 16.94
C PRO E 780 43.89 -14.29 15.80
N THR E 781 43.26 -15.48 15.77
CA THR E 781 43.48 -16.43 14.67
C THR E 781 42.87 -16.00 13.33
N ALA E 782 42.05 -14.96 13.31
CA ALA E 782 41.44 -14.52 12.04
C ALA E 782 42.45 -13.81 11.17
N ARG E 783 42.44 -14.09 9.87
CA ARG E 783 43.28 -13.37 8.96
C ARG E 783 42.73 -11.96 8.72
N ARG E 784 43.65 -11.02 8.61
CA ARG E 784 43.31 -9.69 8.21
C ARG E 784 42.38 -9.68 6.98
N GLY E 785 41.23 -9.04 7.13
CA GLY E 785 40.32 -8.85 5.99
C GLY E 785 39.22 -9.88 5.94
N GLU E 786 39.33 -10.90 6.79
CA GLU E 786 38.42 -12.00 6.83
C GLU E 786 37.70 -12.17 8.19
N THR E 787 36.40 -12.03 8.14
CA THR E 787 35.52 -12.22 9.31
C THR E 787 34.69 -13.45 9.16
N PHE E 788 34.15 -13.91 10.27
CA PHE E 788 33.24 -15.06 10.31
C PHE E 788 32.08 -14.72 11.24
N MET E 789 30.88 -14.65 10.69
CA MET E 789 29.66 -14.42 11.45
C MET E 789 28.83 -15.68 11.55
N LEU E 790 28.30 -15.89 12.75
CA LEU E 790 27.38 -16.94 13.06
C LEU E 790 26.14 -16.79 12.18
N PHE E 791 25.80 -17.86 11.43
CA PHE E 791 24.63 -17.87 10.56
C PHE E 791 23.36 -18.16 11.35
N GLY E 792 22.24 -17.81 10.72
CA GLY E 792 20.90 -18.23 11.14
C GLY E 792 20.34 -17.69 12.44
N PHE E 793 21.01 -16.72 13.03
CA PHE E 793 20.72 -16.36 14.40
C PHE E 793 19.60 -15.30 14.56
N PRO E 794 18.64 -15.53 15.47
CA PRO E 794 17.49 -14.60 15.48
C PRO E 794 17.85 -13.14 15.77
N THR E 795 18.86 -12.90 16.58
CA THR E 795 19.22 -11.55 16.96
C THR E 795 20.19 -10.89 15.99
N GLY E 796 20.43 -11.50 14.83
CA GLY E 796 21.30 -10.91 13.81
C GLY E 796 21.44 -11.89 12.69
N VAL E 797 20.69 -11.70 11.58
CA VAL E 797 20.64 -12.69 10.51
C VAL E 797 21.73 -12.43 9.47
N GLN E 798 22.67 -13.37 9.37
CA GLN E 798 23.78 -13.26 8.39
C GLN E 798 23.32 -13.29 6.95
N GLY E 799 22.29 -14.07 6.66
CA GLY E 799 21.76 -14.22 5.37
C GLY E 799 21.33 -12.97 4.71
N ASN E 800 21.04 -11.93 5.51
CA ASN E 800 20.66 -10.66 4.95
C ASN E 800 21.70 -10.08 4.03
N VAL E 801 22.98 -10.43 4.23
CA VAL E 801 24.05 -9.91 3.40
C VAL E 801 24.57 -10.90 2.37
N THR E 802 23.97 -12.09 2.28
CA THR E 802 24.22 -13.01 1.14
C THR E 802 23.45 -12.59 -0.09
N SER E 803 24.10 -12.52 -1.23
CA SER E 803 23.38 -12.20 -2.44
C SER E 803 22.48 -13.36 -2.88
N ALA E 804 21.67 -13.08 -3.89
CA ALA E 804 20.83 -14.07 -4.59
C ALA E 804 21.56 -15.08 -5.43
N GLY E 805 22.87 -14.93 -5.53
CA GLY E 805 23.68 -15.74 -6.44
C GLY E 805 23.75 -17.24 -6.16
N THR E 806 23.44 -18.02 -7.18
CA THR E 806 23.52 -19.45 -7.14
C THR E 806 24.31 -19.97 -8.34
N ASN E 807 24.69 -21.27 -8.30
CA ASN E 807 25.28 -21.89 -9.45
C ASN E 807 24.14 -22.25 -10.40
N GLU E 808 24.44 -22.99 -11.45
CA GLU E 808 23.51 -23.19 -12.56
C GLU E 808 22.35 -24.04 -12.06
N LEU E 809 22.60 -24.85 -11.03
CA LEU E 809 21.60 -25.78 -10.48
C LEU E 809 20.89 -25.23 -9.23
N ILE E 810 21.06 -23.93 -9.02
CA ILE E 810 20.34 -23.18 -8.02
C ILE E 810 20.82 -23.57 -6.62
N ILE E 811 22.12 -23.79 -6.49
CA ILE E 811 22.75 -24.06 -5.23
C ILE E 811 23.21 -22.72 -4.69
N PRO E 812 22.81 -22.40 -3.45
CA PRO E 812 23.16 -21.10 -2.88
C PRO E 812 24.64 -21.01 -2.40
N ASN E 813 25.32 -19.94 -2.82
CA ASN E 813 26.72 -19.79 -2.63
C ASN E 813 26.94 -18.92 -1.39
N TYR E 814 26.45 -19.37 -0.24
CA TYR E 814 26.46 -18.50 0.92
C TYR E 814 27.88 -18.15 1.39
N LYS E 815 28.81 -19.09 1.27
CA LYS E 815 30.18 -18.83 1.85
C LYS E 815 30.97 -17.73 1.21
N GLN E 816 30.79 -17.49 -0.09
CA GLN E 816 31.50 -16.41 -0.75
C GLN E 816 30.59 -15.19 -0.61
N THR E 817 30.82 -14.44 0.46
CA THR E 817 30.10 -13.23 0.72
C THR E 817 31.03 -12.15 1.19
N TRP E 818 30.89 -10.94 0.66
CA TRP E 818 31.74 -9.81 1.14
C TRP E 818 30.91 -8.60 1.51
N GLY E 819 31.42 -7.81 2.44
CA GLY E 819 30.63 -6.76 3.01
C GLY E 819 31.49 -5.72 3.69
N ASN E 820 30.82 -4.62 4.05
CA ASN E 820 31.40 -3.56 4.84
C ASN E 820 30.92 -3.68 6.23
N ILE E 821 31.64 -3.00 7.12
CA ILE E 821 31.30 -3.08 8.55
C ILE E 821 31.42 -1.69 9.15
N ARG E 822 30.46 -1.33 9.97
CA ARG E 822 30.49 -0.02 10.66
C ARG E 822 29.71 -0.15 11.94
N LYS E 823 30.07 0.64 12.91
CA LYS E 823 29.52 0.51 14.25
C LYS E 823 28.02 0.97 14.39
N ILE E 824 27.23 0.20 15.15
CA ILE E 824 25.88 0.61 15.54
C ILE E 824 25.89 1.16 16.95
N SER E 825 26.51 0.48 17.89
CA SER E 825 26.49 0.91 19.27
C SER E 825 27.75 0.44 20.00
N ASP E 826 28.22 1.20 21.00
CA ASP E 826 29.20 0.66 21.93
C ASP E 826 28.65 -0.64 22.49
N ALA E 827 29.58 -1.54 22.86
CA ALA E 827 29.19 -2.77 23.56
C ALA E 827 28.03 -2.54 24.53
N PRO E 828 26.89 -3.19 24.25
CA PRO E 828 25.76 -3.09 25.13
C PRO E 828 25.98 -3.76 26.48
N ARG E 829 25.33 -3.21 27.51
CA ARG E 829 25.37 -3.79 28.86
C ARG E 829 24.97 -5.24 28.90
N ASN E 830 24.06 -5.69 28.04
CA ASN E 830 23.64 -7.12 28.08
C ASN E 830 24.71 -8.08 27.59
N VAL E 831 25.85 -7.53 27.22
CA VAL E 831 27.00 -8.27 26.81
C VAL E 831 28.23 -8.08 27.76
N ALA E 832 28.12 -7.27 28.80
CA ALA E 832 29.26 -7.04 29.71
C ALA E 832 29.77 -8.34 30.43
N HIS E 833 28.89 -9.29 30.70
CA HIS E 833 29.23 -10.55 31.41
C HIS E 833 30.01 -11.59 30.57
N LEU E 834 30.12 -11.37 29.26
CA LEU E 834 30.68 -12.39 28.33
C LEU E 834 32.18 -12.49 28.37
N SER E 835 32.69 -13.70 28.20
CA SER E 835 34.08 -13.85 27.86
C SER E 835 34.30 -13.58 26.34
N PHE E 836 35.28 -12.73 26.03
CA PHE E 836 35.77 -12.56 24.66
C PHE E 836 37.13 -13.23 24.45
N LYS E 837 37.48 -14.20 25.30
CA LYS E 837 38.74 -14.91 25.18
C LYS E 837 38.76 -15.94 24.02
N SER E 838 39.95 -16.35 23.64
CA SER E 838 40.10 -17.34 22.56
C SER E 838 39.32 -18.63 22.82
N LYS E 839 38.70 -19.17 21.77
CA LYS E 839 38.02 -20.46 21.82
C LYS E 839 38.95 -21.68 21.73
N GLU E 840 40.22 -21.44 21.42
CA GLU E 840 41.20 -22.51 21.35
C GLU E 840 41.67 -23.00 22.75
N TYR E 841 41.44 -24.28 23.02
CA TYR E 841 42.17 -24.99 24.05
C TYR E 841 43.71 -24.71 24.02
N GLN E 842 44.25 -24.34 25.18
CA GLN E 842 45.70 -24.16 25.40
C GLN E 842 46.23 -25.29 26.28
N SER E 843 47.39 -25.80 25.90
CA SER E 843 48.02 -26.87 26.68
C SER E 843 48.72 -26.38 27.95
N ALA F 1 13.93 -32.47 54.19
CA ALA F 1 14.99 -31.49 53.75
C ALA F 1 14.80 -31.04 52.28
N ALA F 2 14.24 -29.85 52.03
CA ALA F 2 13.85 -29.43 50.65
C ALA F 2 14.99 -29.10 49.68
N GLY F 3 16.06 -28.52 50.23
CA GLY F 3 17.28 -28.20 49.50
C GLY F 3 18.45 -28.99 50.13
N VAL F 4 19.54 -29.10 49.36
CA VAL F 4 20.83 -29.63 49.79
C VAL F 4 21.37 -28.81 50.98
N GLU F 5 21.70 -29.50 52.07
CA GLU F 5 22.39 -28.86 53.25
C GLU F 5 23.92 -28.83 53.00
N TYR F 6 24.41 -27.68 52.57
CA TYR F 6 25.85 -27.49 52.35
C TYR F 6 26.61 -27.20 53.66
N PRO F 7 27.68 -27.95 53.93
CA PRO F 7 28.52 -27.57 55.08
C PRO F 7 29.30 -26.31 54.76
N ALA F 8 29.55 -25.47 55.77
CA ALA F 8 30.46 -24.31 55.66
C ALA F 8 31.85 -24.73 56.07
N ASN F 9 32.76 -24.85 55.08
CA ASN F 9 34.09 -25.49 55.28
C ASN F 9 35.22 -24.48 55.03
N ARG F 10 36.16 -24.46 55.98
CA ARG F 10 37.36 -23.65 55.87
C ARG F 10 38.17 -24.28 54.75
N LEU F 11 38.69 -23.46 53.84
CA LEU F 11 39.53 -23.96 52.73
C LEU F 11 41.00 -23.45 52.75
N ALA F 12 41.21 -22.26 53.33
CA ALA F 12 42.51 -21.57 53.30
C ALA F 12 42.36 -20.17 53.88
N ASN F 13 43.47 -19.46 53.96
CA ASN F 13 43.50 -18.11 54.49
C ASN F 13 43.92 -17.23 53.34
N ILE F 14 43.31 -16.05 53.25
CA ILE F 14 43.67 -15.03 52.28
C ILE F 14 45.19 -14.92 52.05
N SER F 15 45.99 -15.12 53.11
CA SER F 15 47.48 -15.02 53.08
C SER F 15 48.19 -16.16 52.36
N GLU F 16 47.59 -17.35 52.36
CA GLU F 16 48.13 -18.50 51.63
C GLU F 16 48.14 -18.36 50.09
N LEU F 17 47.48 -17.36 49.49
CA LEU F 17 47.23 -17.34 48.03
C LEU F 17 48.12 -16.36 47.36
N THR F 18 48.80 -16.77 46.28
CA THR F 18 49.62 -15.82 45.49
C THR F 18 48.93 -15.44 44.20
N LEU F 19 49.08 -14.19 43.80
CA LEU F 19 48.44 -13.67 42.59
C LEU F 19 48.65 -14.61 41.40
N ASN F 20 47.53 -15.01 40.81
CA ASN F 20 47.45 -15.79 39.57
C ASN F 20 47.99 -17.19 39.68
N GLU F 21 47.89 -17.77 40.86
CA GLU F 21 48.42 -19.09 41.13
C GLU F 21 47.37 -19.90 41.85
N PRO F 22 46.80 -20.90 41.17
CA PRO F 22 45.76 -21.67 41.85
C PRO F 22 46.33 -22.46 42.98
N LEU F 23 45.50 -22.75 43.97
CA LEU F 23 45.86 -23.57 45.11
C LEU F 23 44.84 -24.69 45.17
N ASP F 24 45.27 -25.93 45.31
CA ASP F 24 44.32 -27.04 45.26
C ASP F 24 43.48 -27.13 46.53
N VAL F 25 42.19 -27.40 46.35
CA VAL F 25 41.26 -27.43 47.45
C VAL F 25 40.24 -28.51 47.10
N ALA F 26 39.33 -28.82 48.01
CA ALA F 26 38.20 -29.67 47.73
C ALA F 26 36.96 -29.22 48.51
N TYR F 27 35.79 -29.32 47.86
CA TYR F 27 34.53 -28.82 48.43
C TYR F 27 33.37 -29.35 47.64
N PRO F 28 32.31 -29.86 48.25
CA PRO F 28 32.03 -29.92 49.72
C PRO F 28 32.55 -31.15 50.52
N ASP F 29 33.45 -31.92 49.91
CA ASP F 29 34.09 -33.07 50.55
C ASP F 29 35.43 -33.30 49.84
N GLU F 30 36.18 -34.31 50.30
CA GLU F 30 37.57 -34.52 49.85
C GLU F 30 37.66 -35.05 48.40
N ASP F 31 36.61 -35.73 47.94
CA ASP F 31 36.48 -36.29 46.60
C ASP F 31 36.12 -35.28 45.44
N ALA F 32 35.94 -33.99 45.72
CA ALA F 32 35.49 -33.00 44.71
C ALA F 32 36.53 -31.93 44.50
N ALA F 33 37.47 -32.16 43.57
CA ALA F 33 38.64 -31.28 43.46
C ALA F 33 38.25 -29.90 42.98
N GLY F 34 38.95 -28.91 43.48
CA GLY F 34 38.75 -27.55 43.05
C GLY F 34 39.96 -26.72 43.33
N VAL F 35 39.85 -25.43 43.06
CA VAL F 35 40.88 -24.48 43.42
C VAL F 35 40.27 -23.20 43.97
N LEU F 36 41.10 -22.47 44.70
CA LEU F 36 40.96 -21.05 44.86
C LEU F 36 41.96 -20.38 43.94
N LEU F 37 41.66 -19.17 43.57
CA LEU F 37 42.50 -18.48 42.64
C LEU F 37 42.27 -16.99 42.84
N LYS F 38 43.36 -16.25 42.96
CA LYS F 38 43.31 -14.79 43.12
C LYS F 38 43.71 -14.16 41.80
N LEU F 39 42.81 -13.39 41.20
CA LEU F 39 42.87 -13.01 39.77
C LEU F 39 43.40 -11.61 39.42
N GLY F 40 43.47 -10.73 40.43
CA GLY F 40 44.10 -9.43 40.26
C GLY F 40 43.15 -8.34 39.89
N THR F 41 41.85 -8.66 39.81
CA THR F 41 40.85 -7.70 39.34
C THR F 41 39.45 -8.11 39.88
N ARG F 42 38.52 -7.17 40.03
CA ARG F 42 37.16 -7.49 40.57
C ARG F 42 36.36 -8.36 39.59
N VAL F 43 35.92 -9.53 40.03
CA VAL F 43 35.19 -10.45 39.17
C VAL F 43 33.96 -11.05 39.84
N GLU F 44 33.10 -11.61 38.99
CA GLU F 44 31.87 -12.31 39.38
C GLU F 44 32.18 -13.41 40.37
N GLY F 45 31.51 -13.36 41.52
CA GLY F 45 31.71 -14.31 42.63
C GLY F 45 32.99 -14.12 43.45
N GLY F 46 33.75 -13.07 43.13
CA GLY F 46 35.04 -12.82 43.76
C GLY F 46 34.91 -12.20 45.14
N VAL F 47 35.73 -12.70 46.08
CA VAL F 47 35.79 -12.22 47.49
C VAL F 47 37.17 -11.70 47.89
N GLY F 48 37.24 -11.14 49.10
CA GLY F 48 38.46 -10.52 49.64
C GLY F 48 38.40 -9.02 49.53
N PRO F 49 39.41 -8.31 50.07
CA PRO F 49 39.56 -6.87 49.81
C PRO F 49 39.45 -6.46 48.33
N ASP F 50 40.11 -7.17 47.40
CA ASP F 50 40.07 -6.77 45.97
C ASP F 50 38.97 -7.40 45.13
N GLY F 51 38.06 -8.14 45.78
CA GLY F 51 36.96 -8.84 45.12
C GLY F 51 37.42 -9.78 44.02
N ASP F 52 38.59 -10.42 44.22
CA ASP F 52 39.27 -11.18 43.15
C ASP F 52 39.57 -12.63 43.46
N ILE F 53 39.11 -13.13 44.59
CA ILE F 53 39.32 -14.53 44.93
C ILE F 53 38.02 -15.30 44.62
N VAL F 54 38.18 -16.32 43.77
CA VAL F 54 37.12 -17.16 43.32
C VAL F 54 37.52 -18.60 43.58
N GLY F 55 36.52 -19.46 43.61
CA GLY F 55 36.73 -20.89 43.74
C GLY F 55 35.86 -21.63 42.75
N PHE F 56 36.41 -22.71 42.17
CA PHE F 56 35.77 -23.47 41.10
C PHE F 56 36.07 -24.95 41.23
N SER F 57 35.14 -25.83 40.86
CA SER F 57 35.47 -27.21 40.59
C SER F 57 36.50 -27.23 39.44
N THR F 58 37.44 -28.17 39.46
CA THR F 58 38.40 -28.33 38.34
C THR F 58 38.23 -29.65 37.64
N ILE F 59 37.03 -30.20 37.74
CA ILE F 59 36.67 -31.44 37.08
C ILE F 59 35.66 -31.07 35.99
N CYS F 60 36.07 -31.26 34.74
CA CYS F 60 35.28 -30.90 33.60
C CYS F 60 33.87 -31.45 33.76
N PRO F 61 32.85 -30.56 33.73
CA PRO F 61 31.46 -31.05 33.69
C PRO F 61 31.05 -31.83 32.41
N HIS F 62 31.87 -31.94 31.38
CA HIS F 62 31.52 -32.78 30.24
C HIS F 62 31.68 -34.26 30.64
N LYS F 63 32.93 -34.71 30.78
CA LYS F 63 33.23 -36.11 31.03
C LYS F 63 34.30 -36.34 32.15
N GLY F 64 34.67 -35.32 32.93
CA GLY F 64 35.43 -35.53 34.15
C GLY F 64 36.94 -35.38 34.14
N ALA F 65 37.55 -35.05 33.02
CA ALA F 65 39.00 -34.89 32.95
C ALA F 65 39.44 -33.73 33.85
N PRO F 66 40.55 -33.88 34.57
CA PRO F 66 40.95 -32.72 35.36
C PRO F 66 41.41 -31.53 34.48
N LEU F 67 40.96 -30.33 34.82
CA LEU F 67 41.28 -29.17 34.00
C LEU F 67 42.61 -28.60 34.38
N SER F 68 43.38 -28.21 33.38
CA SER F 68 44.61 -27.50 33.62
C SER F 68 44.31 -25.99 33.62
N TYR F 69 45.15 -25.20 34.29
CA TYR F 69 45.08 -23.74 34.25
C TYR F 69 46.21 -23.12 33.42
N SER F 70 45.87 -22.27 32.46
CA SER F 70 46.88 -21.49 31.75
C SER F 70 46.93 -20.12 32.42
N ALA F 71 48.10 -19.74 32.92
CA ALA F 71 48.29 -18.48 33.62
C ALA F 71 48.31 -17.28 32.70
N ASP F 72 48.83 -17.45 31.48
CA ASP F 72 49.03 -16.31 30.55
C ASP F 72 47.69 -15.77 30.04
N ASN F 73 46.70 -16.67 30.06
CA ASN F 73 45.36 -16.52 29.51
C ASN F 73 44.27 -16.35 30.60
N LYS F 74 44.54 -16.90 31.78
CA LYS F 74 43.63 -16.96 32.90
C LYS F 74 42.38 -17.75 32.52
N THR F 75 42.60 -18.94 31.97
CA THR F 75 41.54 -19.87 31.57
C THR F 75 41.76 -21.27 32.13
N PHE F 76 40.70 -22.04 32.30
CA PHE F 76 40.78 -23.46 32.53
C PHE F 76 40.54 -24.22 31.23
N ASN F 77 41.28 -25.32 31.04
CA ASN F 77 41.39 -25.99 29.76
C ASN F 77 41.26 -27.50 29.92
N CYS F 78 40.48 -28.10 29.06
CA CYS F 78 40.21 -29.52 29.18
C CYS F 78 40.95 -30.36 28.12
N PRO F 79 41.81 -31.30 28.57
CA PRO F 79 42.50 -32.20 27.63
C PRO F 79 41.61 -33.28 27.05
N GLY F 80 40.43 -33.52 27.61
CA GLY F 80 39.50 -34.49 27.05
C GLY F 80 39.06 -34.10 25.63
N HIS F 81 38.27 -33.03 25.53
CA HIS F 81 37.67 -32.61 24.24
C HIS F 81 37.67 -31.10 24.06
N PHE F 82 38.70 -30.47 24.60
CA PHE F 82 39.15 -29.13 24.19
C PHE F 82 38.33 -27.93 24.75
N SER F 83 37.52 -28.18 25.78
CA SER F 83 36.80 -27.10 26.46
C SER F 83 37.72 -26.08 27.16
N VAL F 84 37.22 -24.85 27.23
CA VAL F 84 37.89 -23.70 27.84
C VAL F 84 36.87 -22.98 28.68
N PHE F 85 37.24 -22.67 29.92
CA PHE F 85 36.39 -21.93 30.84
C PHE F 85 37.15 -20.71 31.35
N ASP F 86 36.40 -19.63 31.60
CA ASP F 86 36.94 -18.34 31.99
C ASP F 86 36.54 -18.07 33.41
N PRO F 87 37.44 -18.29 34.38
CA PRO F 87 37.12 -17.93 35.76
C PRO F 87 37.03 -16.38 36.02
N GLU F 88 37.50 -15.54 35.09
CA GLU F 88 37.26 -14.08 35.17
C GLU F 88 35.80 -13.64 34.87
N LYS F 89 34.98 -14.60 34.41
CA LYS F 89 33.56 -14.40 34.06
C LYS F 89 32.72 -15.55 34.56
N GLY F 90 32.81 -15.78 35.86
CA GLY F 90 31.94 -16.73 36.52
C GLY F 90 32.11 -18.15 36.04
N GLY F 91 33.25 -18.43 35.40
CA GLY F 91 33.50 -19.75 34.79
C GLY F 91 32.84 -20.06 33.47
N GLN F 92 32.37 -19.04 32.77
CA GLN F 92 31.62 -19.25 31.53
C GLN F 92 32.37 -20.14 30.57
N GLN F 93 31.75 -21.18 30.05
CA GLN F 93 32.42 -21.97 29.01
C GLN F 93 32.61 -21.15 27.74
N VAL F 94 33.85 -20.76 27.49
CA VAL F 94 34.22 -19.91 26.34
C VAL F 94 33.92 -20.65 25.03
N TRP F 95 34.31 -21.91 25.01
CA TRP F 95 34.05 -22.87 23.95
C TRP F 95 34.12 -24.23 24.63
N GLY F 96 33.20 -25.15 24.36
CA GLY F 96 33.29 -26.49 24.96
C GLY F 96 32.12 -27.41 24.74
N GLN F 97 32.23 -28.59 25.32
CA GLN F 97 31.25 -29.63 25.19
C GLN F 97 30.32 -29.81 26.41
N ALA F 98 30.63 -29.17 27.54
CA ALA F 98 29.73 -29.26 28.72
C ALA F 98 28.51 -28.39 28.53
N THR F 99 27.39 -28.83 29.10
CA THR F 99 26.16 -28.04 29.13
C THR F 99 26.08 -27.10 30.37
N GLN F 100 27.21 -26.90 31.04
CA GLN F 100 27.27 -26.15 32.27
C GLN F 100 28.45 -25.23 32.27
N ASN F 101 28.26 -24.07 32.84
CA ASN F 101 29.38 -23.22 33.12
C ASN F 101 30.04 -23.79 34.40
N LEU F 102 31.30 -23.46 34.60
CA LEU F 102 32.10 -24.18 35.60
C LEU F 102 31.52 -23.96 37.02
N PRO F 103 31.15 -25.05 37.74
CA PRO F 103 30.62 -24.94 39.09
C PRO F 103 31.54 -24.05 39.92
N GLN F 104 30.94 -23.02 40.50
CA GLN F 104 31.63 -22.04 41.28
C GLN F 104 31.13 -22.00 42.74
N TYR F 105 32.09 -21.76 43.63
CA TYR F 105 31.84 -21.80 45.06
C TYR F 105 31.33 -20.45 45.54
N VAL F 106 30.35 -20.50 46.43
CA VAL F 106 29.94 -19.33 47.20
C VAL F 106 30.91 -19.25 48.38
N LEU F 107 31.72 -18.20 48.34
CA LEU F 107 32.79 -17.96 49.28
C LEU F 107 32.49 -16.79 50.25
N ARG F 108 33.07 -16.87 51.44
CA ARG F 108 33.03 -15.81 52.44
C ARG F 108 34.43 -15.67 53.07
N VAL F 109 34.91 -14.44 53.26
CA VAL F 109 36.17 -14.17 53.93
C VAL F 109 35.86 -13.76 55.38
N ALA F 110 36.36 -14.51 56.37
CA ALA F 110 36.16 -14.17 57.80
C ALA F 110 37.04 -12.98 58.20
N ASP F 111 36.70 -12.39 59.35
CA ASP F 111 37.38 -11.18 59.83
C ASP F 111 38.88 -11.46 60.04
N ASN F 112 39.22 -12.73 60.32
CA ASN F 112 40.61 -13.22 60.45
C ASN F 112 41.31 -13.73 59.16
N GLY F 113 40.84 -13.35 57.97
CA GLY F 113 41.42 -13.84 56.72
C GLY F 113 41.00 -15.22 56.23
N ASP F 114 40.31 -16.02 57.04
CA ASP F 114 39.90 -17.39 56.63
C ASP F 114 38.87 -17.37 55.51
N ILE F 115 38.92 -18.38 54.65
CA ILE F 115 38.07 -18.47 53.45
C ILE F 115 37.17 -19.69 53.54
N PHE F 116 35.87 -19.46 53.68
CA PHE F 116 34.90 -20.53 53.75
C PHE F 116 34.23 -20.68 52.38
N ALA F 117 33.71 -21.88 52.13
CA ALA F 117 32.85 -22.15 50.99
C ALA F 117 31.57 -22.63 51.61
N GLU F 118 30.41 -22.15 51.13
CA GLU F 118 29.13 -22.61 51.70
C GLU F 118 28.08 -22.92 50.66
N GLY F 119 28.53 -23.10 49.42
CA GLY F 119 27.64 -23.27 48.28
C GLY F 119 28.40 -23.55 47.01
N VAL F 120 27.68 -24.18 46.08
CA VAL F 120 28.12 -24.33 44.69
C VAL F 120 26.95 -24.08 43.77
N ASP F 121 27.16 -23.32 42.70
CA ASP F 121 26.07 -22.84 41.85
C ASP F 121 25.68 -23.79 40.66
N GLU F 122 26.32 -24.97 40.50
CA GLU F 122 25.98 -25.95 39.41
C GLU F 122 26.26 -27.36 39.90
N LEU F 123 25.89 -28.38 39.11
CA LEU F 123 26.07 -29.76 39.57
C LEU F 123 27.49 -30.22 39.23
N ILE F 124 28.23 -30.62 40.26
CA ILE F 124 29.66 -31.05 40.13
C ILE F 124 29.68 -32.39 39.35
N TYR F 125 30.67 -32.53 38.45
CA TYR F 125 30.80 -33.80 37.70
C TYR F 125 30.92 -34.96 38.68
N GLY F 126 30.14 -35.99 38.44
CA GLY F 126 30.32 -37.29 39.05
C GLY F 126 29.50 -37.57 40.27
N ARG F 127 28.58 -36.65 40.58
CA ARG F 127 27.65 -36.81 41.67
C ARG F 127 26.28 -36.23 41.28
N LEU F 128 25.21 -36.95 41.63
CA LEU F 128 23.86 -36.51 41.38
C LEU F 128 23.36 -35.62 42.53
N SER F 129 24.20 -35.38 43.54
CA SER F 129 23.91 -34.42 44.58
C SER F 129 25.23 -33.80 45.00
N ASN F 130 25.29 -32.49 45.13
CA ASN F 130 26.57 -31.84 45.33
C ASN F 130 27.09 -32.20 46.72
N VAL F 131 26.19 -32.34 47.69
CA VAL F 131 26.51 -32.94 48.97
C VAL F 131 26.11 -34.39 48.96
N LEU F 132 27.09 -35.26 49.21
CA LEU F 132 26.90 -36.74 49.17
C LEU F 132 26.70 -37.35 50.56
N ALA G 1 -21.54 9.44 -40.89
CA ALA G 1 -20.15 9.46 -41.39
C ALA G 1 -19.63 10.85 -41.08
N PHE G 2 -18.39 10.94 -40.66
CA PHE G 2 -17.71 12.26 -40.46
C PHE G 2 -17.43 13.00 -41.75
N LYS G 3 -17.79 14.28 -41.79
CA LYS G 3 -17.64 15.13 -42.96
C LYS G 3 -17.17 16.46 -42.41
N ARG G 4 -16.09 16.99 -42.96
CA ARG G 4 -15.50 18.24 -42.50
C ARG G 4 -16.25 19.52 -42.87
N HIS G 5 -17.08 19.47 -43.90
CA HIS G 5 -17.75 20.68 -44.40
C HIS G 5 -16.78 21.80 -44.80
N ILE G 6 -15.62 21.43 -45.33
CA ILE G 6 -14.69 22.40 -45.91
C ILE G 6 -14.93 22.38 -47.42
N ASP G 7 -15.62 23.41 -47.86
CA ASP G 7 -16.13 23.62 -49.21
C ASP G 7 -15.06 24.12 -50.20
N ARG G 8 -14.01 24.75 -49.68
CA ARG G 8 -12.92 25.22 -50.50
C ARG G 8 -11.74 25.40 -49.62
N LEU G 9 -10.55 25.44 -50.24
CA LEU G 9 -9.25 25.55 -49.55
C LEU G 9 -8.51 26.73 -50.12
N PRO G 10 -7.65 27.36 -49.31
CA PRO G 10 -6.72 28.35 -49.87
C PRO G 10 -5.79 27.76 -50.94
N ILE G 11 -5.47 28.57 -51.93
CA ILE G 11 -4.71 28.13 -53.07
C ILE G 11 -3.25 28.41 -52.81
N ILE G 12 -2.39 27.42 -53.07
CA ILE G 12 -0.94 27.61 -52.91
C ILE G 12 -0.53 28.65 -53.95
N PRO G 13 0.03 29.78 -53.53
CA PRO G 13 0.52 30.78 -54.49
C PRO G 13 1.82 30.36 -55.18
N ALA G 14 2.12 31.02 -56.29
CA ALA G 14 3.27 30.66 -57.12
C ALA G 14 4.59 30.92 -56.37
N ASP G 15 4.60 31.81 -55.38
CA ASP G 15 5.84 32.08 -54.57
C ASP G 15 5.85 31.40 -53.15
N ALA G 16 5.09 30.32 -52.99
CA ALA G 16 5.09 29.59 -51.74
C ALA G 16 6.49 28.99 -51.52
N LYS G 17 6.90 28.87 -50.28
CA LYS G 17 8.13 28.23 -49.90
C LYS G 17 7.96 26.72 -49.95
N LYS G 18 8.83 26.01 -50.69
CA LYS G 18 8.73 24.57 -50.85
C LYS G 18 9.73 23.84 -49.96
N HIS G 19 9.29 22.77 -49.30
CA HIS G 19 10.11 21.98 -48.38
C HIS G 19 9.99 20.53 -48.78
N ASN G 20 11.09 19.79 -48.92
CA ASN G 20 11.02 18.31 -49.15
C ASN G 20 10.65 17.64 -47.86
N VAL G 21 9.70 16.73 -47.96
CA VAL G 21 9.15 16.06 -46.78
C VAL G 21 8.97 14.60 -47.10
N THR G 22 9.62 13.75 -46.31
CA THR G 22 9.27 12.35 -46.30
C THR G 22 8.07 12.15 -45.37
N CYS G 23 7.16 11.26 -45.76
CA CYS G 23 6.07 10.84 -44.89
C CYS G 23 6.57 10.62 -43.44
N HIS G 24 5.86 11.20 -42.47
CA HIS G 24 6.11 10.87 -41.05
C HIS G 24 6.08 9.37 -40.71
N PHE G 25 5.34 8.61 -41.49
CA PHE G 25 4.83 7.34 -40.98
C PHE G 25 5.55 6.08 -41.41
N CYS G 26 5.06 5.36 -42.42
CA CYS G 26 5.56 4.00 -42.64
C CYS G 26 6.85 3.91 -43.42
N ILE G 27 7.41 2.69 -43.36
CA ILE G 27 8.60 2.28 -44.06
C ILE G 27 8.68 2.74 -45.48
N VAL G 28 7.56 2.83 -46.18
CA VAL G 28 7.61 3.19 -47.62
C VAL G 28 8.34 4.52 -47.90
N GLY G 29 8.15 5.49 -47.04
CA GLY G 29 8.83 6.75 -47.14
C GLY G 29 8.43 7.51 -48.39
N CYS G 30 7.14 7.55 -48.68
CA CYS G 30 6.60 8.36 -49.81
C CYS G 30 7.01 9.81 -49.71
N GLY G 31 7.34 10.41 -50.85
CA GLY G 31 7.92 11.72 -50.87
C GLY G 31 6.79 12.71 -50.93
N TYR G 32 6.96 13.85 -50.27
CA TYR G 32 5.97 14.93 -50.27
C TYR G 32 6.71 16.27 -50.36
N HIS G 33 5.95 17.35 -50.57
CA HIS G 33 6.44 18.72 -50.34
C HIS G 33 5.48 19.41 -49.42
N ALA G 34 6.03 20.18 -48.48
CA ALA G 34 5.27 21.14 -47.74
C ALA G 34 5.49 22.55 -48.31
N TYR G 35 4.39 23.18 -48.72
CA TYR G 35 4.38 24.50 -49.32
C TYR G 35 3.80 25.36 -48.25
N THR G 36 4.54 26.40 -47.83
CA THR G 36 4.00 27.37 -46.88
C THR G 36 4.02 28.81 -47.37
N TRP G 37 3.10 29.60 -46.86
CA TRP G 37 3.00 31.00 -47.27
C TRP G 37 2.26 31.83 -46.26
N PRO G 38 2.46 33.18 -46.31
CA PRO G 38 1.91 34.00 -45.20
C PRO G 38 0.37 33.91 -45.07
N ILE G 39 -0.09 33.91 -43.81
CA ILE G 39 -1.51 33.76 -43.46
C ILE G 39 -2.14 34.93 -44.17
N ASN G 40 -3.38 34.93 -44.58
CA ASN G 40 -3.76 36.22 -45.30
C ASN G 40 -2.93 36.70 -46.58
N LYS G 41 -2.19 35.78 -47.19
CA LYS G 41 -1.87 35.83 -48.59
C LYS G 41 -2.51 34.57 -49.18
N GLN G 42 -2.68 34.52 -50.48
CA GLN G 42 -3.21 33.32 -51.07
C GLN G 42 -2.94 33.31 -52.58
N GLY G 43 -3.01 32.13 -53.18
CA GLY G 43 -2.97 32.01 -54.63
C GLY G 43 -4.29 32.31 -55.29
N GLY G 44 -4.29 32.32 -56.62
CA GLY G 44 -5.48 32.56 -57.45
C GLY G 44 -5.67 31.41 -58.43
N THR G 45 -6.80 31.39 -59.11
CA THR G 45 -7.07 30.33 -60.04
C THR G 45 -6.35 30.46 -61.39
N ASP G 46 -5.94 31.68 -61.77
CA ASP G 46 -5.21 31.85 -63.05
C ASP G 46 -3.85 31.18 -62.95
N PRO G 47 -3.35 30.55 -64.04
CA PRO G 47 -2.00 29.92 -64.06
C PRO G 47 -0.84 30.64 -63.35
N GLN G 48 -0.75 31.94 -63.54
CA GLN G 48 0.36 32.71 -62.99
C GLN G 48 0.22 32.99 -61.50
N ASN G 49 -0.95 32.78 -60.92
CA ASN G 49 -1.17 33.05 -59.48
C ASN G 49 -1.13 31.81 -58.51
N ASN G 50 -0.76 30.63 -59.02
CA ASN G 50 -0.59 29.46 -58.16
C ASN G 50 0.62 28.62 -58.56
N ILE G 51 1.09 27.83 -57.62
CA ILE G 51 2.29 27.02 -57.74
C ILE G 51 2.19 25.94 -58.86
N PHE G 52 1.01 25.56 -59.32
CA PHE G 52 0.89 24.56 -60.40
C PHE G 52 1.00 25.13 -61.81
N GLY G 53 0.86 26.45 -61.96
CA GLY G 53 0.71 27.03 -63.30
C GLY G 53 -0.45 26.48 -64.13
N VAL G 54 -1.58 26.22 -63.50
CA VAL G 54 -2.73 25.63 -64.18
C VAL G 54 -3.92 26.55 -63.91
N ASP G 55 -4.91 26.49 -64.78
CA ASP G 55 -6.18 27.19 -64.52
C ASP G 55 -7.03 26.38 -63.51
N LEU G 56 -7.11 26.84 -62.28
CA LEU G 56 -7.82 26.08 -61.25
C LEU G 56 -9.35 26.38 -61.23
N SER G 57 -9.83 27.24 -62.14
CA SER G 57 -11.28 27.44 -62.37
C SER G 57 -11.93 26.27 -63.11
N GLU G 58 -11.13 25.39 -63.71
CA GLU G 58 -11.61 24.16 -64.36
C GLU G 58 -11.37 22.93 -63.45
N GLN G 59 -12.32 22.01 -63.47
CA GLN G 59 -12.20 20.66 -62.92
C GLN G 59 -10.93 19.98 -63.42
N GLN G 60 -10.18 19.36 -62.50
CA GLN G 60 -8.99 18.62 -62.88
C GLN G 60 -9.39 17.19 -63.15
N GLN G 61 -8.62 16.49 -63.95
CA GLN G 61 -8.89 15.10 -64.22
C GLN G 61 -8.21 14.26 -63.16
N ALA G 62 -8.34 12.94 -63.28
CA ALA G 62 -7.78 12.01 -62.38
C ALA G 62 -6.25 12.13 -62.30
N GLU G 63 -5.73 11.84 -61.10
CA GLU G 63 -4.28 11.83 -60.82
C GLU G 63 -3.64 13.21 -60.94
N SER G 64 -4.41 14.28 -60.79
CA SER G 64 -3.86 15.62 -60.91
C SER G 64 -2.99 16.01 -59.72
N ASP G 65 -1.84 16.61 -60.06
CA ASP G 65 -0.97 17.31 -59.14
C ASP G 65 -1.62 18.57 -58.66
N ALA G 66 -2.59 19.11 -59.40
CA ALA G 66 -3.19 20.42 -59.07
C ALA G 66 -4.50 20.29 -58.26
N TRP G 67 -4.42 19.49 -57.20
CA TRP G 67 -5.42 19.32 -56.17
C TRP G 67 -4.76 18.75 -54.91
N TYR G 68 -5.42 18.99 -53.80
CA TYR G 68 -5.01 18.45 -52.55
C TYR G 68 -6.28 18.44 -51.72
N SER G 69 -6.32 17.47 -50.79
CA SER G 69 -7.50 17.19 -49.99
C SER G 69 -7.41 18.05 -48.74
N PRO G 70 -8.55 18.16 -48.03
CA PRO G 70 -8.57 18.93 -46.80
C PRO G 70 -7.58 18.49 -45.73
N SER G 71 -7.32 17.20 -45.61
CA SER G 71 -6.34 16.70 -44.65
C SER G 71 -4.89 17.12 -44.94
N MET G 72 -4.63 17.63 -46.14
CA MET G 72 -3.34 18.03 -46.58
C MET G 72 -3.12 19.50 -46.34
N TYR G 73 -4.14 20.19 -45.79
CA TYR G 73 -4.12 21.66 -45.62
C TYR G 73 -4.18 22.01 -44.13
N ASN G 74 -3.35 22.94 -43.66
CA ASN G 74 -3.57 23.47 -42.30
C ASN G 74 -2.98 24.87 -42.15
N VAL G 75 -3.09 25.41 -40.95
CA VAL G 75 -2.34 26.58 -40.54
C VAL G 75 -1.37 26.23 -39.39
N VAL G 76 -0.08 26.59 -39.52
CA VAL G 76 0.89 26.30 -38.49
C VAL G 76 1.84 27.44 -38.25
N LYS G 77 2.52 27.38 -37.11
CA LYS G 77 3.50 28.40 -36.76
C LYS G 77 4.80 28.08 -37.49
N GLN G 78 5.39 29.11 -38.10
CA GLN G 78 6.74 29.05 -38.69
C GLN G 78 7.50 30.31 -38.38
N ASP G 79 8.62 30.18 -37.67
CA ASP G 79 9.40 31.31 -37.20
C ASP G 79 8.54 32.33 -36.47
N GLY G 80 7.69 31.80 -35.60
CA GLY G 80 6.77 32.56 -34.77
C GLY G 80 5.54 33.13 -35.45
N ARG G 81 5.34 32.84 -36.73
CA ARG G 81 4.27 33.44 -37.57
C ARG G 81 3.33 32.35 -38.10
N ASP G 82 2.03 32.57 -37.99
CA ASP G 82 1.08 31.68 -38.64
C ASP G 82 1.24 31.71 -40.17
N VAL G 83 1.40 30.53 -40.78
CA VAL G 83 1.50 30.38 -42.22
C VAL G 83 0.49 29.33 -42.64
N HIS G 84 -0.13 29.50 -43.81
CA HIS G 84 -0.76 28.38 -44.50
C HIS G 84 0.28 27.29 -44.79
N VAL G 85 -0.17 26.04 -44.77
CA VAL G 85 0.66 24.91 -45.17
C VAL G 85 -0.16 23.88 -45.92
N VAL G 86 0.42 23.36 -47.00
CA VAL G 86 -0.08 22.17 -47.69
C VAL G 86 1.04 21.16 -47.77
N ILE G 87 0.74 19.94 -47.35
CA ILE G 87 1.70 18.85 -47.41
C ILE G 87 1.06 17.82 -48.28
N LYS G 88 1.73 17.54 -49.38
CA LYS G 88 1.14 17.05 -50.60
C LYS G 88 2.11 16.06 -51.27
N PRO G 89 1.63 14.92 -51.74
CA PRO G 89 2.58 13.97 -52.29
C PRO G 89 3.23 14.40 -53.59
N ASP G 90 4.49 14.00 -53.75
CA ASP G 90 5.38 14.36 -54.86
C ASP G 90 5.24 13.37 -56.04
N HIS G 91 4.70 13.86 -57.13
CA HIS G 91 4.61 13.12 -58.37
C HIS G 91 5.92 12.60 -58.91
N GLU G 92 7.01 13.35 -58.70
CA GLU G 92 8.34 13.02 -59.25
C GLU G 92 9.13 12.05 -58.35
N CYS G 93 8.58 11.68 -57.19
CA CYS G 93 9.28 10.82 -56.26
C CYS G 93 9.07 9.41 -56.78
N VAL G 94 10.17 8.72 -57.07
CA VAL G 94 10.06 7.36 -57.65
C VAL G 94 9.39 6.32 -56.73
N VAL G 95 9.33 6.61 -55.44
CA VAL G 95 8.78 5.67 -54.45
C VAL G 95 7.29 5.53 -54.66
N ASN G 96 6.61 6.67 -54.65
CA ASN G 96 5.18 6.74 -54.60
C ASN G 96 4.56 7.30 -55.89
N SER G 97 5.35 7.96 -56.74
CA SER G 97 4.81 8.51 -57.99
C SER G 97 3.51 9.33 -57.75
N GLY G 98 3.56 10.18 -56.72
CA GLY G 98 2.43 11.01 -56.38
C GLY G 98 1.35 10.43 -55.47
N LEU G 99 1.43 9.13 -55.17
CA LEU G 99 0.43 8.51 -54.28
C LEU G 99 0.68 9.01 -52.86
N GLY G 100 -0.39 9.35 -52.17
CA GLY G 100 -0.40 9.62 -50.72
C GLY G 100 -1.47 8.76 -50.07
N SER G 101 -1.03 7.91 -49.15
CA SER G 101 -1.91 6.99 -48.43
C SER G 101 -2.89 7.71 -47.52
N VAL G 102 -3.89 6.99 -47.05
CA VAL G 102 -4.84 7.53 -46.07
C VAL G 102 -4.17 8.11 -44.81
N ARG G 103 -2.99 7.63 -44.47
CA ARG G 103 -2.23 8.12 -43.33
C ARG G 103 -1.34 9.29 -43.67
N GLY G 104 -0.50 9.14 -44.69
CA GLY G 104 0.39 10.25 -45.10
C GLY G 104 -0.35 11.51 -45.59
N ALA G 105 -1.49 11.33 -46.23
CA ALA G 105 -2.29 12.47 -46.71
C ALA G 105 -2.95 13.31 -45.61
N ARG G 106 -2.88 12.83 -44.36
CA ARG G 106 -3.39 13.60 -43.24
C ARG G 106 -2.27 14.10 -42.37
N MET G 107 -1.05 14.13 -42.87
CA MET G 107 0.00 14.79 -42.13
C MET G 107 -0.36 16.21 -41.74
N ALA G 108 -0.85 17.01 -42.67
CA ALA G 108 -1.14 18.39 -42.32
C ALA G 108 -2.22 18.55 -41.20
N GLU G 109 -3.31 17.80 -41.36
CA GLU G 109 -4.45 17.83 -40.46
C GLU G 109 -4.10 17.30 -39.08
N THR G 110 -3.09 16.42 -38.99
CA THR G 110 -2.54 15.89 -37.71
C THR G 110 -1.33 16.67 -37.17
N SER G 111 -1.04 17.81 -37.78
CA SER G 111 -0.08 18.77 -37.21
C SER G 111 -0.79 19.61 -36.15
N PHE G 112 0.00 20.19 -35.26
CA PHE G 112 -0.48 21.12 -34.29
C PHE G 112 -0.78 22.50 -34.94
N SER G 113 -2.02 22.92 -34.82
CA SER G 113 -2.46 24.24 -35.24
C SER G 113 -3.23 24.88 -34.14
N GLU G 114 -2.74 25.99 -33.59
CA GLU G 114 -3.58 26.84 -32.72
C GLU G 114 -4.71 27.47 -33.53
N ALA G 115 -4.41 27.96 -34.70
CA ALA G 115 -5.41 28.67 -35.49
C ALA G 115 -6.62 27.78 -35.83
N ARG G 116 -6.38 26.52 -36.21
CA ARG G 116 -7.46 25.65 -36.67
C ARG G 116 -7.76 24.52 -35.69
N ASN G 117 -7.19 24.65 -34.52
CA ASN G 117 -7.50 23.81 -33.38
C ASN G 117 -7.29 22.28 -33.60
N THR G 118 -6.30 21.92 -34.41
CA THR G 118 -5.94 20.51 -34.61
C THR G 118 -4.87 20.09 -33.58
N GLN G 119 -5.01 18.90 -33.05
CA GLN G 119 -4.00 18.31 -32.18
C GLN G 119 -3.68 19.15 -30.98
N GLN G 120 -4.76 19.65 -30.31
CA GLN G 120 -4.65 20.41 -29.06
C GLN G 120 -4.13 19.56 -27.91
N GLN G 121 -4.20 18.24 -28.02
CA GLN G 121 -3.53 17.34 -27.08
C GLN G 121 -2.00 17.48 -27.10
N ARG G 122 -1.39 18.01 -28.15
CA ARG G 122 0.12 18.01 -28.16
C ARG G 122 0.72 18.65 -26.90
N LEU G 123 1.79 18.03 -26.40
CA LEU G 123 2.51 18.59 -25.25
C LEU G 123 3.26 19.86 -25.59
N THR G 124 3.19 20.83 -24.69
CA THR G 124 3.83 22.12 -24.88
C THR G 124 4.84 22.41 -23.77
N ASP G 125 4.66 21.83 -22.59
CA ASP G 125 5.54 22.19 -21.45
C ASP G 125 5.94 20.91 -20.71
N PRO G 126 7.15 20.91 -20.10
CA PRO G 126 7.47 19.96 -19.09
C PRO G 126 6.41 19.88 -18.00
N LEU G 127 5.99 18.66 -17.63
CA LEU G 127 5.06 18.44 -16.53
C LEU G 127 5.75 17.65 -15.39
N VAL G 128 5.42 18.02 -14.16
CA VAL G 128 5.91 17.35 -12.93
C VAL G 128 4.73 17.04 -11.99
N TRP G 129 4.73 15.81 -11.48
CA TRP G 129 3.83 15.40 -10.41
C TRP G 129 4.17 16.07 -9.08
N ARG G 130 3.33 17.02 -8.67
CA ARG G 130 3.57 17.71 -7.43
C ARG G 130 2.29 18.37 -7.03
N TYR G 131 2.13 18.55 -5.72
CA TYR G 131 0.91 19.20 -5.23
C TYR G 131 -0.40 18.45 -5.54
N GLY G 132 -0.34 17.16 -5.79
CA GLY G 132 -1.56 16.36 -5.96
C GLY G 132 -1.91 16.00 -7.39
N GLN G 133 -1.24 16.61 -8.36
CA GLN G 133 -1.48 16.29 -9.78
C GLN G 133 -0.27 16.72 -10.62
N MET G 134 -0.32 16.46 -11.91
CA MET G 134 0.68 16.96 -12.86
C MET G 134 0.58 18.47 -12.95
N GLN G 135 1.73 19.13 -13.05
CA GLN G 135 1.78 20.56 -13.06
C GLN G 135 2.84 20.97 -14.08
N PRO G 136 2.54 22.02 -14.86
CA PRO G 136 3.52 22.51 -15.76
C PRO G 136 4.63 23.27 -15.04
N THR G 137 5.80 23.33 -15.69
CA THR G 137 6.99 23.93 -15.14
C THR G 137 7.96 24.26 -16.28
N SER G 138 9.12 24.76 -15.90
CA SER G 138 10.21 25.04 -16.84
C SER G 138 11.02 23.76 -17.16
N TRP G 139 11.78 23.81 -18.24
CA TRP G 139 12.78 22.81 -18.49
C TRP G 139 13.88 22.74 -17.40
N ASP G 140 14.34 23.91 -16.96
CA ASP G 140 15.44 23.94 -15.99
C ASP G 140 15.04 23.14 -14.76
N ASP G 141 13.82 23.41 -14.27
CA ASP G 141 13.27 22.67 -13.12
C ASP G 141 13.09 21.16 -13.45
N ALA G 142 12.37 20.80 -14.48
CA ALA G 142 12.13 19.43 -14.77
C ALA G 142 13.40 18.62 -15.00
N LEU G 143 14.30 19.18 -15.78
CA LEU G 143 15.53 18.46 -16.07
C LEU G 143 16.35 18.29 -14.79
N ASP G 144 16.43 19.33 -13.97
CA ASP G 144 17.13 19.22 -12.68
C ASP G 144 16.57 18.06 -11.88
N LEU G 145 15.24 17.95 -11.77
CA LEU G 145 14.64 16.91 -10.99
C LEU G 145 15.01 15.54 -11.57
N VAL G 146 14.91 15.40 -12.86
CA VAL G 146 15.18 14.12 -13.51
C VAL G 146 16.63 13.74 -13.31
N ALA G 147 17.53 14.70 -13.51
CA ALA G 147 18.95 14.40 -13.36
C ALA G 147 19.28 13.94 -11.94
N ARG G 148 18.76 14.68 -10.96
CA ARG G 148 19.07 14.41 -9.58
C ARG G 148 18.63 13.03 -9.09
N VAL G 149 17.42 12.61 -9.47
CA VAL G 149 16.96 11.27 -9.15
C VAL G 149 17.83 10.24 -9.89
N THR G 150 18.04 10.50 -11.18
CA THR G 150 18.82 9.57 -11.98
C THR G 150 20.24 9.35 -11.45
N ALA G 151 20.92 10.42 -11.14
CA ALA G 151 22.30 10.35 -10.65
C ALA G 151 22.38 9.73 -9.27
N LYS G 152 21.44 10.07 -8.40
CA LYS G 152 21.47 9.52 -7.06
C LYS G 152 21.19 7.99 -7.10
N ILE G 153 20.23 7.59 -7.92
CA ILE G 153 19.93 6.19 -8.04
C ILE G 153 21.09 5.42 -8.63
N VAL G 154 21.68 5.97 -9.70
CA VAL G 154 22.73 5.29 -10.48
C VAL G 154 24.02 5.25 -9.67
N LYS G 155 24.25 6.28 -8.86
CA LYS G 155 25.40 6.29 -7.96
C LYS G 155 25.28 5.27 -6.84
N GLU G 156 24.07 5.08 -6.32
CA GLU G 156 23.87 4.13 -5.20
C GLU G 156 23.71 2.68 -5.61
N LYS G 157 23.07 2.42 -6.75
CA LYS G 157 22.72 1.07 -7.14
C LYS G 157 23.33 0.63 -8.44
N GLY G 158 24.17 1.47 -9.07
CA GLY G 158 24.73 1.26 -10.41
C GLY G 158 23.74 1.62 -11.50
N GLU G 159 24.26 1.66 -12.74
CA GLU G 159 23.50 1.96 -13.93
C GLU G 159 22.45 0.88 -14.25
N ASP G 160 22.58 -0.30 -13.66
CA ASP G 160 21.61 -1.34 -13.90
C ASP G 160 20.25 -0.94 -13.31
N ALA G 161 20.25 -0.05 -12.31
CA ALA G 161 18.99 0.50 -11.78
C ALA G 161 18.26 1.48 -12.74
N LEU G 162 18.96 1.97 -13.77
CA LEU G 162 18.34 2.81 -14.78
C LEU G 162 17.76 1.93 -15.84
N ILE G 163 16.46 2.01 -16.05
CA ILE G 163 15.75 1.26 -17.09
C ILE G 163 15.39 2.26 -18.19
N VAL G 164 15.52 1.84 -19.45
CA VAL G 164 15.18 2.70 -20.59
C VAL G 164 14.34 1.94 -21.57
N SER G 165 13.35 2.64 -22.11
CA SER G 165 12.53 2.11 -23.16
C SER G 165 12.62 3.18 -24.22
N ALA G 166 13.05 2.81 -25.43
CA ALA G 166 13.15 3.81 -26.47
C ALA G 166 12.95 3.27 -27.89
N PHE G 167 12.40 4.14 -28.73
CA PHE G 167 12.41 3.96 -30.18
C PHE G 167 13.85 3.62 -30.66
N ASP G 168 13.98 2.78 -31.69
CA ASP G 168 15.26 2.59 -32.42
C ASP G 168 15.02 2.80 -33.94
N HIS G 169 13.88 3.36 -34.28
CA HIS G 169 13.42 3.40 -35.65
C HIS G 169 13.70 4.78 -36.25
N GLY G 170 13.27 4.91 -37.50
CA GLY G 170 13.32 6.13 -38.25
C GLY G 170 12.01 6.83 -38.34
N GLY G 171 12.01 7.92 -39.13
CA GLY G 171 10.82 8.76 -39.29
C GLY G 171 10.46 9.51 -38.03
N ALA G 172 9.23 9.99 -38.00
CA ALA G 172 8.75 10.79 -36.87
C ALA G 172 8.81 9.95 -35.61
N GLY G 173 9.37 10.53 -34.55
CA GLY G 173 9.64 9.77 -33.33
C GLY G 173 10.86 8.91 -33.38
N GLY G 174 11.72 9.18 -34.34
CA GLY G 174 12.90 8.37 -34.56
C GLY G 174 13.90 9.15 -35.40
N GLY G 175 14.72 8.38 -36.13
CA GLY G 175 15.66 8.95 -37.10
C GLY G 175 17.07 9.10 -36.56
N TYR G 176 18.00 9.41 -37.48
CA TYR G 176 19.45 9.34 -37.21
C TYR G 176 19.87 10.34 -36.15
N GLU G 177 19.27 11.53 -36.23
CA GLU G 177 19.56 12.54 -35.22
C GLU G 177 19.11 11.99 -33.87
N ASN G 178 17.88 11.44 -33.79
CA ASN G 178 17.29 11.08 -32.51
C ASN G 178 17.79 9.76 -31.91
N THR G 179 18.05 8.75 -32.74
CA THR G 179 18.66 7.50 -32.28
C THR G 179 20.10 7.74 -31.80
N TRP G 180 20.84 8.65 -32.44
CA TRP G 180 22.19 8.97 -31.99
C TRP G 180 22.17 9.66 -30.62
N GLY G 181 21.34 10.68 -30.51
CA GLY G 181 21.22 11.44 -29.29
C GLY G 181 20.90 10.55 -28.13
N THR G 182 19.87 9.71 -28.25
CA THR G 182 19.57 8.77 -27.17
C THR G 182 20.62 7.72 -26.98
N GLY G 183 21.07 7.15 -28.08
CA GLY G 183 22.09 6.15 -28.01
C GLY G 183 23.38 6.66 -27.38
N LYS G 184 23.79 7.85 -27.75
CA LYS G 184 25.02 8.39 -27.16
C LYS G 184 24.87 8.59 -25.66
N LEU G 185 23.71 9.08 -25.24
CA LEU G 185 23.44 9.28 -23.80
C LEU G 185 23.56 7.98 -23.00
N TYR G 186 22.92 6.93 -23.52
CA TYR G 186 22.79 5.70 -22.76
C TYR G 186 23.85 4.66 -23.00
N PHE G 187 24.50 4.70 -24.18
CA PHE G 187 25.59 3.79 -24.52
C PHE G 187 27.00 4.36 -24.54
N GLU G 188 27.16 5.68 -24.58
CA GLU G 188 28.48 6.28 -24.54
C GLU G 188 28.76 6.94 -23.20
N ALA G 189 27.92 7.91 -22.80
CA ALA G 189 28.06 8.47 -21.47
C ALA G 189 27.85 7.44 -20.36
N MET G 190 26.99 6.49 -20.65
CA MET G 190 26.66 5.39 -19.77
C MET G 190 26.79 4.06 -20.53
N LYS G 191 26.59 2.97 -19.78
CA LYS G 191 26.56 1.58 -20.30
C LYS G 191 25.29 0.92 -19.72
N VAL G 192 24.13 1.45 -20.15
CA VAL G 192 22.82 0.90 -19.75
C VAL G 192 22.56 -0.45 -20.42
N LYS G 193 22.46 -1.53 -19.64
CA LYS G 193 22.08 -2.85 -20.14
C LYS G 193 20.55 -3.04 -20.18
N ASN G 194 19.86 -2.42 -19.22
CA ASN G 194 18.43 -2.70 -19.07
C ASN G 194 17.62 -1.72 -19.89
N ILE G 195 17.81 -1.87 -21.20
CA ILE G 195 17.19 -1.07 -22.24
C ILE G 195 16.39 -1.96 -23.15
N ARG G 196 15.21 -1.51 -23.50
CA ARG G 196 14.37 -2.19 -24.49
C ARG G 196 13.99 -1.18 -25.61
N ILE G 197 13.42 -1.71 -26.64
CA ILE G 197 13.13 -1.00 -27.84
C ILE G 197 11.59 -0.83 -27.88
N HIS G 198 11.10 0.06 -28.73
CA HIS G 198 9.65 0.43 -28.75
C HIS G 198 8.70 -0.75 -28.97
N ASN G 199 9.14 -1.77 -29.73
CA ASN G 199 8.29 -2.88 -30.08
C ASN G 199 8.61 -4.27 -29.50
N ARG G 200 9.66 -4.38 -28.72
CA ARG G 200 10.10 -5.63 -28.20
C ARG G 200 10.81 -5.37 -26.89
N PRO G 201 10.71 -6.33 -25.96
CA PRO G 201 11.04 -6.04 -24.58
C PRO G 201 12.47 -6.30 -24.17
N ALA G 202 13.38 -6.33 -25.14
CA ALA G 202 14.82 -6.43 -24.88
C ALA G 202 15.55 -5.72 -25.98
N TYR G 203 16.84 -5.45 -25.78
CA TYR G 203 17.68 -4.79 -26.83
C TYR G 203 18.27 -5.85 -27.78
N ASN G 204 17.42 -6.31 -28.69
CA ASN G 204 17.72 -7.36 -29.66
C ASN G 204 17.42 -6.85 -31.09
N SER G 205 17.68 -7.69 -32.07
CA SER G 205 17.24 -7.45 -33.43
C SER G 205 15.96 -8.29 -33.64
N GLU G 206 15.04 -7.75 -34.43
CA GLU G 206 13.95 -8.50 -34.97
C GLU G 206 14.40 -9.71 -35.77
N VAL G 207 15.58 -9.62 -36.41
CA VAL G 207 15.97 -10.60 -37.44
C VAL G 207 17.43 -11.11 -37.33
N HIS G 208 17.77 -11.59 -36.14
CA HIS G 208 19.06 -12.17 -35.92
C HIS G 208 19.36 -13.30 -36.92
N GLY G 209 18.33 -14.02 -37.35
CA GLY G 209 18.54 -15.17 -38.22
C GLY G 209 19.19 -14.80 -39.55
N THR G 210 18.53 -13.87 -40.27
CA THR G 210 19.02 -13.43 -41.55
C THR G 210 20.40 -12.77 -41.32
N ARG G 211 20.53 -11.96 -40.27
CA ARG G 211 21.80 -11.30 -40.03
C ARG G 211 22.98 -12.24 -39.79
N ASP G 212 22.78 -13.20 -38.89
CA ASP G 212 23.73 -14.26 -38.57
C ASP G 212 24.10 -15.04 -39.80
N MET G 213 23.13 -15.26 -40.67
CA MET G 213 23.37 -15.82 -41.97
C MET G 213 24.19 -14.93 -42.93
N GLY G 214 24.37 -13.65 -42.64
CA GLY G 214 25.17 -12.78 -43.47
C GLY G 214 24.30 -11.96 -44.40
N VAL G 215 22.98 -11.99 -44.17
CA VAL G 215 22.04 -11.36 -45.08
C VAL G 215 21.27 -10.26 -44.34
N GLY G 216 21.83 -9.04 -44.39
CA GLY G 216 21.12 -7.78 -44.04
C GLY G 216 19.72 -7.84 -44.63
N GLU G 217 18.73 -7.43 -43.83
CA GLU G 217 17.34 -7.69 -44.12
C GLU G 217 16.72 -6.67 -45.08
N LEU G 218 17.36 -5.53 -45.35
CA LEU G 218 16.99 -4.67 -46.49
C LEU G 218 18.03 -4.69 -47.62
N ASN G 219 17.95 -5.73 -48.44
CA ASN G 219 19.05 -6.02 -49.35
C ASN G 219 18.81 -5.66 -50.80
N ASN G 220 17.62 -5.14 -51.08
CA ASN G 220 17.11 -5.07 -52.44
C ASN G 220 16.54 -3.69 -52.71
N CYS G 221 15.76 -3.54 -53.75
CA CYS G 221 15.21 -2.24 -54.13
C CYS G 221 13.78 -2.46 -54.64
N TYR G 222 13.01 -1.36 -54.66
CA TYR G 222 11.58 -1.44 -54.86
C TYR G 222 11.30 -1.83 -56.31
N GLU G 223 12.21 -1.43 -57.23
CA GLU G 223 12.16 -1.92 -58.63
C GLU G 223 12.10 -3.45 -58.65
N ASP G 224 12.74 -4.15 -57.71
CA ASP G 224 12.71 -5.60 -57.70
C ASP G 224 11.30 -6.14 -57.67
N ALA G 225 10.41 -5.50 -56.90
CA ALA G 225 9.00 -5.91 -56.90
C ALA G 225 8.34 -5.75 -58.27
N GLU G 226 8.80 -4.81 -59.08
CA GLU G 226 8.34 -4.66 -60.49
C GLU G 226 8.92 -5.70 -61.41
N LEU G 227 10.09 -6.21 -61.08
CA LEU G 227 10.79 -7.15 -61.96
C LEU G 227 10.70 -8.63 -61.69
N ALA G 228 10.25 -9.03 -60.53
CA ALA G 228 10.28 -10.42 -60.18
C ALA G 228 9.31 -11.20 -61.03
N ASP G 229 9.57 -12.49 -61.22
CA ASP G 229 8.57 -13.38 -61.81
C ASP G 229 7.53 -13.76 -60.80
N THR G 230 8.00 -14.05 -59.60
CA THR G 230 7.13 -14.44 -58.54
C THR G 230 7.48 -13.61 -57.30
N ILE G 231 6.47 -13.00 -56.67
CA ILE G 231 6.62 -12.40 -55.34
C ILE G 231 6.10 -13.37 -54.29
N VAL G 232 6.84 -13.52 -53.23
CA VAL G 232 6.46 -14.38 -52.12
C VAL G 232 6.39 -13.48 -50.91
N ALA G 233 5.15 -13.30 -50.41
CA ALA G 233 4.80 -12.30 -49.38
C ALA G 233 4.31 -13.03 -48.15
N VAL G 234 5.12 -13.00 -47.11
CA VAL G 234 4.89 -13.81 -45.92
C VAL G 234 4.63 -12.86 -44.76
N GLY G 235 3.50 -13.02 -44.11
CA GLY G 235 3.19 -12.27 -42.92
C GLY G 235 3.16 -10.77 -43.14
N THR G 236 2.58 -10.38 -44.27
CA THR G 236 2.44 -9.01 -44.68
C THR G 236 1.04 -8.79 -45.26
N ASN G 237 0.42 -7.68 -44.87
CA ASN G 237 -0.85 -7.18 -45.41
C ASN G 237 -0.56 -5.87 -46.08
N ALA G 238 0.33 -5.94 -47.07
CA ALA G 238 0.97 -4.79 -47.65
C ALA G 238 0.07 -3.70 -48.23
N LEU G 239 -1.09 -4.05 -48.77
CA LEU G 239 -2.06 -3.05 -49.16
C LEU G 239 -2.43 -2.10 -47.98
N GLU G 240 -2.56 -2.63 -46.79
CA GLU G 240 -2.84 -1.87 -45.59
C GLU G 240 -1.58 -1.36 -44.90
N THR G 241 -0.46 -2.10 -44.99
CA THR G 241 0.73 -1.86 -44.15
C THR G 241 2.02 -1.39 -44.83
N GLN G 242 2.10 -1.58 -46.15
CA GLN G 242 3.15 -1.01 -46.97
C GLN G 242 2.51 -0.49 -48.28
N THR G 243 1.51 0.35 -48.07
CA THR G 243 0.51 0.61 -49.09
C THR G 243 1.11 1.07 -50.38
N ASN G 244 1.95 2.08 -50.35
CA ASN G 244 2.38 2.64 -51.64
C ASN G 244 3.48 1.90 -52.33
N TYR G 245 4.14 1.02 -51.62
CA TYR G 245 5.09 0.15 -52.21
C TYR G 245 4.27 -0.85 -53.00
N PHE G 246 3.21 -1.35 -52.39
CA PHE G 246 2.35 -2.32 -53.03
C PHE G 246 1.68 -1.71 -54.25
N LEU G 247 1.19 -0.49 -54.13
CA LEU G 247 0.37 0.03 -55.22
C LEU G 247 1.25 0.50 -56.35
N ASN G 248 2.35 1.20 -56.04
CA ASN G 248 3.23 1.73 -57.08
C ASN G 248 4.28 0.75 -57.63
N HIS G 249 4.53 -0.40 -56.99
CA HIS G 249 5.54 -1.35 -57.48
C HIS G 249 5.09 -2.77 -57.60
N TRP G 250 4.31 -3.29 -56.66
CA TRP G 250 3.85 -4.68 -56.80
C TRP G 250 2.73 -4.76 -57.87
N ILE G 251 1.72 -3.91 -57.76
CA ILE G 251 0.59 -3.91 -58.66
C ILE G 251 0.97 -3.84 -60.14
N PRO G 252 1.91 -2.93 -60.53
CA PRO G 252 2.42 -2.89 -61.93
C PRO G 252 2.94 -4.25 -62.46
N ASN G 253 3.58 -5.01 -61.59
CA ASN G 253 4.08 -6.30 -61.95
C ASN G 253 2.93 -7.28 -62.22
N LEU G 254 2.04 -7.38 -61.24
CA LEU G 254 0.88 -8.26 -61.29
C LEU G 254 -0.04 -7.97 -62.48
N ARG G 255 -0.16 -6.69 -62.83
CA ARG G 255 -1.03 -6.32 -63.89
C ARG G 255 -0.33 -6.46 -65.26
N GLY G 256 0.92 -6.95 -65.29
CA GLY G 256 1.73 -6.98 -66.51
C GLY G 256 2.18 -5.63 -67.08
N GLU G 257 2.00 -4.51 -66.37
CA GLU G 257 2.45 -3.18 -66.85
C GLU G 257 3.96 -3.07 -66.87
N SER G 258 4.65 -3.89 -66.09
CA SER G 258 6.08 -3.80 -66.01
C SER G 258 6.75 -4.71 -67.06
N LEU G 259 5.98 -5.45 -67.87
CA LEU G 259 6.53 -6.32 -68.91
C LEU G 259 7.52 -5.61 -69.84
N GLY G 260 7.16 -4.41 -70.33
CA GLY G 260 8.03 -3.65 -71.20
C GLY G 260 9.40 -3.44 -70.59
N LYS G 261 9.41 -2.92 -69.35
CA LYS G 261 10.65 -2.71 -68.58
C LYS G 261 11.37 -4.04 -68.27
N LYS G 262 10.64 -5.12 -68.00
CA LYS G 262 11.28 -6.42 -67.78
C LYS G 262 12.07 -6.87 -69.00
N LYS G 263 11.47 -6.75 -70.19
CA LYS G 263 12.13 -7.20 -71.41
C LYS G 263 13.29 -6.29 -71.79
N GLU G 264 13.13 -4.98 -71.58
CA GLU G 264 14.21 -4.05 -71.84
C GLU G 264 15.43 -4.41 -70.97
N LEU G 265 15.24 -4.52 -69.65
CA LEU G 265 16.37 -4.72 -68.71
C LEU G 265 16.95 -6.16 -68.69
N MET G 266 16.15 -7.15 -69.09
CA MET G 266 16.60 -8.56 -69.05
C MET G 266 16.12 -9.24 -70.33
N PRO G 267 16.68 -8.84 -71.51
CA PRO G 267 16.20 -9.32 -72.83
C PRO G 267 16.44 -10.75 -73.16
N GLU G 268 17.27 -11.46 -72.43
CA GLU G 268 17.68 -12.77 -72.88
C GLU G 268 17.09 -13.84 -72.03
N GLU G 269 15.85 -13.60 -71.60
CA GLU G 269 15.08 -14.56 -70.83
C GLU G 269 13.61 -14.26 -71.01
N PRO G 270 12.72 -15.24 -70.82
CA PRO G 270 11.28 -14.95 -70.91
C PRO G 270 10.68 -14.27 -69.65
N HIS G 271 9.52 -13.65 -69.84
CA HIS G 271 8.87 -12.80 -68.85
C HIS G 271 7.34 -12.88 -68.98
N GLU G 272 6.65 -12.97 -67.86
CA GLU G 272 5.18 -13.01 -67.82
C GLU G 272 4.76 -12.02 -66.78
N ALA G 273 3.46 -11.76 -66.67
CA ALA G 273 2.94 -10.95 -65.54
C ALA G 273 3.29 -11.70 -64.26
N GLY G 274 3.60 -10.93 -63.23
CA GLY G 274 3.95 -11.46 -61.94
C GLY G 274 2.88 -12.33 -61.34
N ARG G 275 3.36 -13.32 -60.59
CA ARG G 275 2.50 -14.19 -59.80
C ARG G 275 2.90 -13.93 -58.36
N ILE G 276 2.04 -14.26 -57.40
CA ILE G 276 2.33 -13.90 -56.00
C ILE G 276 1.80 -14.99 -55.12
N ILE G 277 2.64 -15.38 -54.15
CA ILE G 277 2.27 -16.32 -53.13
C ILE G 277 2.11 -15.45 -51.87
N ILE G 278 0.97 -15.60 -51.20
CA ILE G 278 0.72 -14.82 -49.97
C ILE G 278 0.63 -15.84 -48.89
N VAL G 279 1.54 -15.78 -47.95
CA VAL G 279 1.47 -16.71 -46.81
C VAL G 279 0.96 -15.93 -45.59
N ASP G 280 -0.33 -16.13 -45.30
CA ASP G 280 -1.05 -15.48 -44.21
C ASP G 280 -2.24 -16.38 -43.81
N PRO G 281 -2.39 -16.68 -42.51
CA PRO G 281 -3.60 -17.48 -42.13
C PRO G 281 -4.92 -16.81 -42.47
N ARG G 282 -4.90 -15.47 -42.61
CA ARG G 282 -6.10 -14.68 -42.88
C ARG G 282 -6.17 -14.22 -44.33
N ARG G 283 -7.35 -14.27 -44.94
CA ARG G 283 -7.60 -13.67 -46.24
C ARG G 283 -7.80 -12.20 -46.02
N THR G 284 -6.86 -11.41 -46.51
CA THR G 284 -6.83 -9.97 -46.27
C THR G 284 -7.23 -9.21 -47.52
N VAL G 285 -7.41 -7.89 -47.38
CA VAL G 285 -7.70 -7.07 -48.55
C VAL G 285 -6.51 -7.11 -49.55
N THR G 286 -5.30 -7.44 -49.08
CA THR G 286 -4.16 -7.59 -49.97
C THR G 286 -4.40 -8.76 -50.92
N VAL G 287 -4.84 -9.89 -50.37
CA VAL G 287 -5.18 -11.04 -51.17
C VAL G 287 -6.22 -10.70 -52.25
N ASN G 288 -7.33 -10.12 -51.82
CA ASN G 288 -8.40 -9.68 -52.70
C ASN G 288 -7.89 -8.75 -53.81
N ALA G 289 -7.02 -7.78 -53.50
CA ALA G 289 -6.52 -6.83 -54.50
C ALA G 289 -5.59 -7.50 -55.52
N CYS G 290 -4.76 -8.40 -54.99
CA CYS G 290 -3.96 -9.27 -55.84
C CYS G 290 -4.82 -10.08 -56.82
N GLU G 291 -5.88 -10.72 -56.35
CA GLU G 291 -6.77 -11.50 -57.21
C GLU G 291 -7.45 -10.64 -58.26
N GLN G 292 -7.89 -9.48 -57.81
CA GLN G 292 -8.53 -8.53 -58.68
C GLN G 292 -7.59 -7.98 -59.72
N THR G 293 -6.29 -7.92 -59.43
CA THR G 293 -5.30 -7.30 -60.30
C THR G 293 -4.70 -8.28 -61.29
N ALA G 294 -4.30 -9.44 -60.78
CA ALA G 294 -3.53 -10.41 -61.54
C ALA G 294 -4.41 -11.51 -62.05
N GLY G 295 -5.63 -11.64 -61.50
CA GLY G 295 -6.55 -12.80 -61.77
C GLY G 295 -6.27 -13.92 -60.76
N ALA G 296 -7.30 -14.58 -60.25
CA ALA G 296 -7.17 -15.66 -59.25
C ALA G 296 -6.16 -16.77 -59.62
N ASP G 297 -6.04 -17.09 -60.91
CA ASP G 297 -5.00 -18.05 -61.43
C ASP G 297 -3.56 -17.70 -61.07
N ASN G 298 -3.29 -16.42 -60.81
CA ASN G 298 -1.93 -15.96 -60.55
C ASN G 298 -1.65 -15.53 -59.12
N VAL G 299 -2.56 -15.94 -58.22
CA VAL G 299 -2.41 -15.70 -56.81
C VAL G 299 -2.56 -17.02 -56.10
N LEU G 300 -1.58 -17.36 -55.29
CA LEU G 300 -1.67 -18.53 -54.43
C LEU G 300 -1.67 -18.06 -52.96
N HIS G 301 -2.89 -17.95 -52.39
CA HIS G 301 -3.10 -17.73 -50.96
C HIS G 301 -2.91 -18.98 -50.14
N LEU G 302 -1.76 -19.08 -49.49
CA LEU G 302 -1.50 -20.20 -48.64
C LEU G 302 -2.00 -19.80 -47.23
N ALA G 303 -3.23 -20.20 -46.91
CA ALA G 303 -3.89 -19.85 -45.64
C ALA G 303 -3.48 -20.86 -44.56
N ILE G 304 -2.18 -20.88 -44.25
CA ILE G 304 -1.59 -21.75 -43.23
C ILE G 304 -2.27 -21.64 -41.87
N ASN G 305 -2.22 -22.70 -41.10
CA ASN G 305 -2.49 -22.61 -39.68
C ASN G 305 -1.50 -21.64 -39.05
N SER G 306 -2.00 -20.89 -38.07
CA SER G 306 -1.23 -19.87 -37.39
C SER G 306 0.08 -20.45 -36.86
N GLY G 307 1.20 -19.81 -37.16
CA GLY G 307 2.49 -20.23 -36.64
C GLY G 307 3.17 -21.47 -37.21
N THR G 308 2.78 -21.83 -38.44
CA THR G 308 3.31 -23.05 -39.14
C THR G 308 4.21 -22.71 -40.37
N ASP G 309 4.52 -21.42 -40.52
CA ASP G 309 5.35 -20.96 -41.61
C ASP G 309 6.62 -21.81 -41.76
N LEU G 310 7.27 -22.09 -40.64
CA LEU G 310 8.51 -22.82 -40.69
C LEU G 310 8.35 -24.20 -41.38
N ALA G 311 7.26 -24.90 -41.10
CA ALA G 311 7.00 -26.19 -41.75
C ALA G 311 6.82 -26.02 -43.26
N LEU G 312 6.07 -24.99 -43.66
CA LEU G 312 5.92 -24.69 -45.07
C LEU G 312 7.28 -24.49 -45.74
N PHE G 313 8.12 -23.65 -45.12
CA PHE G 313 9.34 -23.25 -45.78
C PHE G 313 10.33 -24.39 -45.84
N ASN G 314 10.49 -25.14 -44.75
CA ASN G 314 11.28 -26.34 -44.78
C ASN G 314 10.83 -27.33 -45.85
N ALA G 315 9.53 -27.54 -46.03
CA ALA G 315 9.06 -28.44 -47.11
C ALA G 315 9.36 -27.90 -48.50
N LEU G 316 9.24 -26.58 -48.68
CA LEU G 316 9.63 -25.97 -49.98
C LEU G 316 11.14 -26.09 -50.27
N PHE G 317 11.95 -25.87 -49.25
CA PHE G 317 13.41 -25.99 -49.33
C PHE G 317 13.79 -27.42 -49.72
N THR G 318 13.20 -28.39 -49.02
CA THR G 318 13.29 -29.81 -49.36
C THR G 318 12.91 -30.14 -50.82
N TYR G 319 11.77 -29.67 -51.32
CA TYR G 319 11.29 -30.08 -52.66
C TYR G 319 12.15 -29.50 -53.76
N ILE G 320 12.50 -28.23 -53.59
CA ILE G 320 13.34 -27.47 -54.50
C ILE G 320 14.77 -28.01 -54.61
N ALA G 321 15.34 -28.38 -53.46
CA ALA G 321 16.69 -28.94 -53.40
C ALA G 321 16.72 -30.32 -54.05
N ASP G 322 15.75 -31.18 -53.73
CA ASP G 322 15.63 -32.52 -54.32
C ASP G 322 15.48 -32.45 -55.85
N LYS G 323 14.69 -31.50 -56.32
CA LYS G 323 14.52 -31.23 -57.74
C LYS G 323 15.72 -30.62 -58.43
N GLY G 324 16.66 -30.05 -57.68
CA GLY G 324 17.81 -29.35 -58.30
C GLY G 324 17.50 -27.95 -58.80
N TRP G 325 16.34 -27.40 -58.44
CA TRP G 325 15.90 -26.07 -58.87
C TRP G 325 16.60 -24.97 -58.05
N VAL G 326 17.93 -25.03 -58.09
CA VAL G 326 18.79 -24.23 -57.27
C VAL G 326 19.88 -23.68 -58.18
N ASP G 327 20.48 -22.58 -57.76
CA ASP G 327 21.54 -21.88 -58.47
C ASP G 327 22.87 -22.42 -57.92
N ARG G 328 23.28 -23.56 -58.49
CA ARG G 328 24.52 -24.27 -58.14
C ARG G 328 25.70 -23.36 -58.03
N ASP G 329 25.86 -22.43 -58.97
CA ASP G 329 27.04 -21.54 -58.98
C ASP G 329 27.05 -20.56 -57.82
N PHE G 330 25.86 -20.02 -57.49
CA PHE G 330 25.74 -19.08 -56.38
C PHE G 330 26.11 -19.83 -55.12
N ILE G 331 25.57 -21.06 -54.98
CA ILE G 331 25.86 -21.91 -53.81
C ILE G 331 27.33 -22.23 -53.65
N ASP G 332 27.97 -22.67 -54.73
CA ASP G 332 29.40 -23.08 -54.68
C ASP G 332 30.30 -21.85 -54.43
N LYS G 333 29.93 -20.70 -54.99
CA LYS G 333 30.79 -19.50 -55.01
C LYS G 333 30.65 -18.59 -53.78
N SER G 334 29.45 -18.52 -53.21
CA SER G 334 29.04 -17.43 -52.27
C SER G 334 28.48 -17.87 -50.91
N THR G 335 28.35 -19.18 -50.70
CA THR G 335 27.82 -19.73 -49.47
C THR G 335 28.77 -20.76 -48.88
N LEU G 336 28.64 -20.97 -47.57
CA LEU G 336 29.55 -21.86 -46.82
C LEU G 336 29.48 -23.30 -47.32
N ARG G 337 30.66 -23.78 -47.68
CA ARG G 337 30.85 -25.15 -48.22
C ARG G 337 31.25 -26.16 -47.14
N GLU G 338 32.00 -25.69 -46.15
CA GLU G 338 32.47 -26.46 -45.00
C GLU G 338 31.33 -27.00 -44.11
N GLY G 339 31.15 -28.32 -44.08
CA GLY G 339 30.28 -28.99 -43.08
C GLY G 339 30.62 -28.61 -41.63
N THR G 340 29.64 -28.73 -40.75
CA THR G 340 29.85 -28.43 -39.33
C THR G 340 28.74 -29.07 -38.52
N ALA G 341 29.10 -29.59 -37.36
CA ALA G 341 28.26 -30.55 -36.65
C ALA G 341 27.17 -29.93 -35.79
N ARG G 342 26.02 -30.59 -35.76
CA ARG G 342 24.91 -30.18 -34.90
C ARG G 342 25.34 -30.07 -33.40
N PRO G 343 24.80 -29.06 -32.66
CA PRO G 343 25.10 -28.99 -31.22
C PRO G 343 24.41 -30.13 -30.50
N PRO G 344 24.83 -30.49 -29.29
CA PRO G 344 24.31 -31.67 -28.58
C PRO G 344 22.81 -31.71 -28.39
N LEU G 345 22.20 -30.55 -28.10
CA LEU G 345 20.76 -30.51 -27.81
C LEU G 345 19.88 -30.41 -29.06
N TYR G 346 20.49 -30.42 -30.26
CA TYR G 346 19.69 -30.42 -31.53
C TYR G 346 18.92 -31.74 -31.68
N PRO G 347 17.75 -31.79 -32.33
CA PRO G 347 17.03 -30.65 -32.93
C PRO G 347 16.20 -29.75 -32.00
N ALA G 348 15.90 -30.17 -30.76
CA ALA G 348 14.98 -29.39 -29.94
C ALA G 348 15.52 -27.98 -29.56
N ARG G 349 16.82 -27.88 -29.30
CA ARG G 349 17.41 -26.63 -28.79
C ARG G 349 18.79 -26.37 -29.43
N GLY G 350 19.12 -25.11 -29.67
CA GLY G 350 20.41 -24.77 -30.17
C GLY G 350 21.53 -24.94 -29.17
N VAL G 351 22.70 -24.48 -29.58
CA VAL G 351 23.88 -24.58 -28.77
C VAL G 351 23.71 -23.80 -27.46
N SER G 352 23.08 -22.64 -27.52
CA SER G 352 22.68 -21.90 -26.32
C SER G 352 21.43 -21.10 -26.66
N GLU G 353 20.94 -20.33 -25.69
CA GLU G 353 19.85 -19.37 -25.93
C GLU G 353 20.22 -18.29 -26.95
N ALA G 354 21.51 -17.93 -26.97
CA ALA G 354 22.06 -17.01 -27.94
C ALA G 354 21.89 -17.43 -29.40
N ASN G 355 21.85 -18.75 -29.65
CA ASN G 355 21.84 -19.32 -31.03
C ASN G 355 20.80 -20.43 -31.14
N PRO G 356 19.56 -20.07 -31.46
CA PRO G 356 18.50 -21.06 -31.55
C PRO G 356 18.59 -22.00 -32.73
N GLY G 357 19.38 -21.64 -33.73
CA GLY G 357 19.51 -22.44 -34.95
C GLY G 357 20.98 -22.70 -35.29
N HIS G 358 21.18 -23.68 -36.15
CA HIS G 358 22.51 -24.13 -36.54
C HIS G 358 22.83 -23.65 -37.96
N LEU G 359 23.82 -22.77 -38.04
CA LEU G 359 24.33 -22.28 -39.31
C LEU G 359 25.21 -23.36 -39.93
N SER G 360 25.02 -23.59 -41.23
CA SER G 360 25.79 -24.59 -41.96
C SER G 360 25.72 -24.41 -43.50
N SER G 361 26.21 -25.46 -44.18
CA SER G 361 26.20 -25.54 -45.63
C SER G 361 24.81 -25.80 -46.14
N PHE G 362 24.62 -25.53 -47.43
CA PHE G 362 23.42 -25.91 -48.15
C PHE G 362 23.00 -27.36 -47.88
N GLU G 363 23.94 -28.31 -48.05
CA GLU G 363 23.63 -29.74 -48.05
C GLU G 363 23.21 -30.18 -46.68
N ASP G 364 23.94 -29.74 -45.67
CA ASP G 364 23.57 -30.07 -44.25
C ASP G 364 22.27 -29.42 -43.77
N ALA G 365 21.99 -28.22 -44.28
CA ALA G 365 20.72 -27.52 -44.04
C ALA G 365 19.51 -28.21 -44.73
N VAL G 366 19.70 -28.63 -45.98
CA VAL G 366 18.66 -29.44 -46.62
C VAL G 366 18.32 -30.66 -45.75
N GLU G 367 19.33 -31.42 -45.34
CA GLU G 367 19.10 -32.65 -44.60
C GLU G 367 18.52 -32.35 -43.23
N GLY G 368 18.96 -31.26 -42.60
CA GLY G 368 18.40 -30.82 -41.31
C GLY G 368 16.96 -30.32 -41.34
N CYS G 369 16.65 -29.48 -42.35
CA CYS G 369 15.29 -28.95 -42.55
C CYS G 369 14.28 -29.98 -43.11
N ARG G 370 14.79 -31.11 -43.60
CA ARG G 370 14.02 -32.04 -44.46
C ARG G 370 12.64 -32.35 -43.92
N MET G 371 11.63 -32.08 -44.75
CA MET G 371 10.27 -32.32 -44.37
C MET G 371 9.51 -32.68 -45.62
N SER G 372 8.76 -33.78 -45.58
CA SER G 372 7.95 -34.18 -46.72
C SER G 372 6.79 -33.20 -46.95
N ILE G 373 6.32 -33.13 -48.19
CA ILE G 373 5.10 -32.44 -48.57
C ILE G 373 3.93 -32.87 -47.67
N GLU G 374 3.77 -34.17 -47.51
CA GLU G 374 2.71 -34.79 -46.69
C GLU G 374 2.82 -34.32 -45.23
N GLU G 375 4.02 -34.33 -44.65
CA GLU G 375 4.17 -33.93 -43.25
C GLU G 375 3.84 -32.43 -43.10
N ALA G 376 4.25 -31.60 -44.05
CA ALA G 376 3.97 -30.14 -43.97
C ALA G 376 2.53 -29.83 -44.23
N ALA G 377 1.92 -30.50 -45.21
CA ALA G 377 0.47 -30.39 -45.38
C ALA G 377 -0.35 -30.71 -44.10
N GLU G 378 0.09 -31.69 -43.31
CA GLU G 378 -0.58 -32.05 -42.05
C GLU G 378 -0.38 -30.92 -41.02
N ILE G 379 0.85 -30.42 -40.84
CA ILE G 379 1.13 -29.34 -39.89
C ILE G 379 0.46 -27.98 -40.27
N THR G 380 0.63 -27.58 -41.53
CA THR G 380 0.16 -26.28 -42.01
C THR G 380 -1.34 -26.24 -42.33
N GLY G 381 -1.99 -27.42 -42.50
CA GLY G 381 -3.36 -27.52 -43.01
C GLY G 381 -3.51 -27.27 -44.51
N LEU G 382 -2.43 -26.99 -45.20
CA LEU G 382 -2.53 -26.78 -46.67
C LEU G 382 -2.75 -28.12 -47.35
N ASP G 383 -3.15 -28.07 -48.61
CA ASP G 383 -3.17 -29.29 -49.43
C ASP G 383 -1.76 -29.52 -49.99
N ALA G 384 -1.39 -30.80 -50.06
CA ALA G 384 -0.23 -31.27 -50.82
C ALA G 384 -0.06 -30.48 -52.11
N ALA G 385 -1.12 -30.38 -52.94
CA ALA G 385 -1.02 -29.72 -54.23
C ALA G 385 -0.65 -28.21 -54.11
N GLN G 386 -1.14 -27.51 -53.07
CA GLN G 386 -0.76 -26.09 -52.85
C GLN G 386 0.70 -25.90 -52.55
N ILE G 387 1.28 -26.79 -51.74
CA ILE G 387 2.68 -26.67 -51.37
C ILE G 387 3.57 -26.95 -52.59
N ILE G 388 3.21 -27.98 -53.38
CA ILE G 388 3.95 -28.31 -54.61
C ILE G 388 3.89 -27.16 -55.62
N LYS G 389 2.68 -26.65 -55.82
CA LYS G 389 2.51 -25.56 -56.77
C LYS G 389 3.38 -24.36 -56.32
N ALA G 390 3.40 -24.06 -55.03
CA ALA G 390 4.26 -22.97 -54.56
C ALA G 390 5.74 -23.22 -54.91
N ALA G 391 6.21 -24.46 -54.72
CA ALA G 391 7.60 -24.78 -55.03
C ALA G 391 7.88 -24.54 -56.50
N GLU G 392 6.95 -24.93 -57.35
CA GLU G 392 7.09 -24.67 -58.79
C GLU G 392 7.15 -23.19 -59.08
N TRP G 393 6.32 -22.36 -58.43
CA TRP G 393 6.30 -20.91 -58.68
C TRP G 393 7.52 -20.19 -58.16
N ILE G 394 8.23 -20.85 -57.25
CA ILE G 394 9.46 -20.32 -56.70
C ILE G 394 10.70 -20.86 -57.43
N GLY G 395 10.83 -22.19 -57.49
CA GLY G 395 12.05 -22.85 -58.00
C GLY G 395 12.11 -23.23 -59.50
N MET G 396 10.99 -23.57 -60.11
CA MET G 396 11.05 -24.24 -61.42
C MET G 396 11.63 -23.29 -62.46
N PRO G 397 12.68 -23.72 -63.19
CA PRO G 397 13.23 -22.87 -64.24
C PRO G 397 12.18 -22.49 -65.28
N LYS G 398 12.33 -21.30 -65.88
CA LYS G 398 11.49 -20.84 -66.97
C LYS G 398 11.85 -21.61 -68.27
N GLU G 399 11.19 -21.28 -69.38
CA GLU G 399 11.46 -21.93 -70.68
C GLU G 399 12.89 -21.62 -71.10
N GLY G 400 13.59 -22.65 -71.56
CA GLY G 400 14.99 -22.53 -71.92
C GLY G 400 15.98 -22.54 -70.76
N GLY G 401 15.61 -23.23 -69.67
CA GLY G 401 16.46 -23.34 -68.47
C GLY G 401 16.80 -22.11 -67.60
N LYS G 402 16.19 -20.97 -67.87
CA LYS G 402 16.52 -19.74 -67.13
C LYS G 402 16.00 -19.69 -65.67
N ARG G 403 16.82 -19.16 -64.76
CA ARG G 403 16.50 -19.10 -63.33
C ARG G 403 15.27 -18.18 -63.05
N ARG G 404 14.33 -18.66 -62.24
CA ARG G 404 13.15 -17.87 -61.85
C ARG G 404 13.54 -16.83 -60.80
N ARG G 405 13.16 -15.59 -61.07
CA ARG G 405 13.45 -14.45 -60.20
C ARG G 405 12.30 -14.26 -59.22
N VAL G 406 12.63 -14.29 -57.93
CA VAL G 406 11.68 -14.35 -56.86
C VAL G 406 12.08 -13.33 -55.78
N MET G 407 11.17 -12.39 -55.47
CA MET G 407 11.34 -11.50 -54.35
C MET G 407 10.57 -12.10 -53.19
N PHE G 408 11.29 -12.48 -52.13
CA PHE G 408 10.72 -13.01 -50.91
C PHE G 408 10.67 -11.83 -49.96
N GLY G 409 9.45 -11.42 -49.62
CA GLY G 409 9.25 -10.36 -48.63
C GLY G 409 8.44 -10.78 -47.45
N TYR G 410 8.93 -10.43 -46.27
CA TYR G 410 8.21 -10.82 -45.06
C TYR G 410 8.14 -9.67 -44.06
N GLU G 411 7.07 -9.63 -43.25
CA GLU G 411 6.98 -8.72 -42.12
C GLU G 411 6.49 -9.41 -40.81
N LYS G 412 5.54 -8.83 -40.07
CA LYS G 412 5.37 -9.22 -38.66
C LYS G 412 4.62 -10.50 -38.42
N GLY G 413 3.90 -10.96 -39.43
CA GLY G 413 3.39 -12.31 -39.40
C GLY G 413 4.44 -13.36 -39.18
N LEU G 414 5.66 -13.12 -39.70
CA LEU G 414 6.82 -13.99 -39.49
C LEU G 414 7.53 -13.55 -38.25
N ILE G 415 7.83 -12.25 -38.15
CA ILE G 415 8.72 -11.76 -37.13
C ILE G 415 8.16 -11.87 -35.73
N TRP G 416 6.88 -11.58 -35.59
CA TRP G 416 6.16 -11.86 -34.38
C TRP G 416 5.44 -13.24 -34.42
N GLY G 417 5.78 -14.09 -35.39
CA GLY G 417 5.21 -15.44 -35.52
C GLY G 417 6.07 -16.47 -34.82
N ASN G 418 5.73 -17.72 -35.02
CA ASN G 418 6.37 -18.81 -34.28
C ASN G 418 7.85 -18.98 -34.63
N ASP G 419 8.66 -19.14 -33.59
CA ASP G 419 10.06 -19.50 -33.73
C ASP G 419 10.79 -18.58 -34.72
N ASN G 420 10.77 -17.30 -34.36
CA ASN G 420 11.32 -16.23 -35.16
C ASN G 420 12.67 -16.59 -35.83
N TYR G 421 13.62 -17.09 -35.05
CA TYR G 421 14.97 -17.30 -35.54
C TYR G 421 15.03 -18.36 -36.65
N ARG G 422 14.32 -19.46 -36.46
CA ARG G 422 14.39 -20.56 -37.40
C ARG G 422 13.51 -20.27 -38.59
N THR G 423 12.32 -19.70 -38.34
CA THR G 423 11.43 -19.36 -39.42
C THR G 423 12.06 -18.37 -40.36
N ASN G 424 12.66 -17.32 -39.80
CA ASN G 424 13.45 -16.34 -40.59
C ASN G 424 14.57 -17.01 -41.43
N GLY G 425 15.32 -17.91 -40.82
CA GLY G 425 16.38 -18.62 -41.47
C GLY G 425 15.86 -19.54 -42.55
N ALA G 426 14.71 -20.22 -42.29
CA ALA G 426 14.15 -21.17 -43.27
C ALA G 426 13.65 -20.49 -44.53
N LEU G 427 13.15 -19.27 -44.36
CA LEU G 427 12.76 -18.47 -45.53
C LEU G 427 14.00 -18.02 -46.28
N VAL G 428 15.02 -17.59 -45.54
CA VAL G 428 16.26 -17.08 -46.15
C VAL G 428 16.93 -18.20 -46.99
N ASN G 429 16.92 -19.44 -46.52
CA ASN G 429 17.30 -20.62 -47.28
C ASN G 429 16.74 -20.64 -48.69
N LEU G 430 15.43 -20.47 -48.83
CA LEU G 430 14.80 -20.47 -50.13
C LEU G 430 15.44 -19.47 -51.05
N ALA G 431 15.76 -18.29 -50.53
CA ALA G 431 16.34 -17.23 -51.35
C ALA G 431 17.82 -17.51 -51.68
N LEU G 432 18.60 -17.96 -50.72
CA LEU G 432 19.98 -18.33 -51.00
C LEU G 432 20.07 -19.43 -52.04
N ALA G 433 19.36 -20.52 -51.81
CA ALA G 433 19.31 -21.63 -52.73
C ALA G 433 18.95 -21.27 -54.16
N THR G 434 18.03 -20.32 -54.36
CA THR G 434 17.56 -19.97 -55.71
C THR G 434 18.36 -18.79 -56.25
N GLY G 435 19.41 -18.37 -55.54
CA GLY G 435 20.25 -17.29 -56.00
C GLY G 435 19.54 -15.97 -56.15
N ASN G 436 18.47 -15.80 -55.37
CA ASN G 436 17.66 -14.60 -55.38
C ASN G 436 18.09 -13.50 -54.37
N ILE G 437 19.38 -13.37 -54.13
CA ILE G 437 19.92 -12.27 -53.35
C ILE G 437 20.98 -11.51 -54.19
N GLY G 438 20.84 -10.20 -54.23
CA GLY G 438 21.75 -9.30 -54.86
C GLY G 438 21.53 -9.15 -56.32
N ARG G 439 20.34 -9.57 -56.77
CA ARG G 439 20.03 -9.62 -58.20
C ARG G 439 18.70 -8.99 -58.53
N PRO G 440 18.57 -8.42 -59.76
CA PRO G 440 17.31 -7.90 -60.21
C PRO G 440 16.15 -8.84 -60.01
N GLY G 441 15.01 -8.32 -59.62
CA GLY G 441 13.83 -9.16 -59.38
C GLY G 441 13.92 -10.13 -58.19
N GLY G 442 14.91 -9.98 -57.34
CA GLY G 442 15.10 -10.87 -56.17
C GLY G 442 14.98 -10.10 -54.86
N GLY G 443 15.65 -10.64 -53.85
CA GLY G 443 15.63 -10.13 -52.49
C GLY G 443 14.96 -11.11 -51.52
N VAL G 444 15.48 -11.12 -50.29
CA VAL G 444 14.81 -11.70 -49.13
C VAL G 444 14.89 -10.65 -48.05
N VAL G 445 13.76 -9.94 -47.89
CA VAL G 445 13.71 -8.71 -47.15
C VAL G 445 12.52 -8.55 -46.20
N ARG G 446 12.78 -7.84 -45.09
CA ARG G 446 11.71 -7.17 -44.36
C ARG G 446 11.02 -6.23 -45.34
N LEU G 447 9.70 -6.18 -45.25
CA LEU G 447 8.90 -5.15 -45.95
C LEU G 447 8.78 -3.89 -45.12
N GLY G 448 8.98 -4.06 -43.82
CA GLY G 448 9.19 -2.94 -42.92
C GLY G 448 7.99 -2.49 -42.14
N GLY G 449 8.26 -1.66 -41.16
CA GLY G 449 7.25 -1.06 -40.30
C GLY G 449 7.36 0.45 -40.33
N HIS G 450 8.21 0.99 -39.47
CA HIS G 450 8.64 2.34 -39.54
C HIS G 450 9.75 2.44 -40.62
N GLN G 451 10.11 3.66 -40.98
CA GLN G 451 11.38 3.90 -41.68
C GLN G 451 12.55 3.63 -40.75
N GLU G 452 13.74 3.49 -41.31
CA GLU G 452 14.93 3.18 -40.56
C GLU G 452 15.77 4.45 -40.39
N GLY G 453 16.39 4.60 -39.21
CA GLY G 453 17.30 5.71 -38.95
C GLY G 453 18.11 5.46 -37.70
N TYR G 454 18.82 4.35 -37.71
CA TYR G 454 19.54 3.93 -36.56
C TYR G 454 21.00 4.30 -36.71
N VAL G 455 21.48 5.06 -35.75
CA VAL G 455 22.91 5.11 -35.51
C VAL G 455 23.21 5.40 -34.05
N ARG G 456 24.00 4.55 -33.43
CA ARG G 456 24.25 4.54 -31.96
C ARG G 456 25.59 3.98 -31.66
N PRO G 457 26.17 4.33 -30.52
CA PRO G 457 27.44 3.63 -30.14
C PRO G 457 27.24 2.13 -30.01
N SER G 458 28.33 1.42 -29.89
CA SER G 458 28.29 -0.02 -29.59
C SER G 458 27.29 -0.44 -28.50
N ASP G 459 26.51 -1.51 -28.76
CA ASP G 459 25.62 -2.08 -27.74
C ASP G 459 26.21 -3.38 -27.12
N ALA G 460 27.54 -3.54 -27.20
CA ALA G 460 28.15 -4.86 -26.83
C ALA G 460 27.86 -5.22 -25.39
N HIS G 461 27.83 -4.23 -24.51
CA HIS G 461 27.53 -4.45 -23.07
C HIS G 461 26.12 -5.03 -22.76
N VAL G 462 25.22 -5.01 -23.73
CA VAL G 462 23.83 -5.39 -23.53
C VAL G 462 23.66 -6.92 -23.43
N GLY G 463 24.54 -7.68 -24.07
CA GLY G 463 24.49 -9.11 -24.04
C GLY G 463 23.59 -9.67 -25.11
N ARG G 464 23.61 -10.98 -25.27
CA ARG G 464 22.76 -11.70 -26.19
C ARG G 464 22.61 -13.10 -25.62
N PRO G 465 21.41 -13.53 -25.23
CA PRO G 465 20.18 -12.71 -25.14
C PRO G 465 20.35 -11.50 -24.23
N ALA G 466 19.69 -10.41 -24.56
CA ALA G 466 19.66 -9.21 -23.72
C ALA G 466 18.58 -9.35 -22.61
N ALA G 467 18.64 -8.48 -21.62
CA ALA G 467 17.69 -8.47 -20.48
C ALA G 467 16.21 -8.28 -20.87
N TYR G 468 15.33 -9.12 -20.32
CA TYR G 468 13.91 -9.01 -20.61
C TYR G 468 13.32 -7.88 -19.71
N VAL G 469 13.21 -6.66 -20.25
CA VAL G 469 12.97 -5.50 -19.38
C VAL G 469 11.59 -5.54 -18.71
N ASP G 470 10.57 -6.02 -19.42
CA ASP G 470 9.21 -6.05 -18.86
C ASP G 470 9.21 -6.98 -17.66
N GLN G 471 9.90 -8.12 -17.74
CA GLN G 471 10.01 -9.03 -16.60
C GLN G 471 10.75 -8.40 -15.44
N LEU G 472 11.77 -7.61 -15.70
CA LEU G 472 12.43 -6.96 -14.59
C LEU G 472 11.42 -6.04 -13.89
N LEU G 473 10.66 -5.28 -14.67
CA LEU G 473 9.78 -4.28 -14.13
C LEU G 473 8.62 -4.94 -13.36
N ILE G 474 8.05 -5.96 -13.98
CA ILE G 474 6.97 -6.72 -13.42
C ILE G 474 7.41 -7.42 -12.16
N GLY G 475 8.64 -7.92 -12.14
CA GLY G 475 9.20 -8.54 -10.94
C GLY G 475 9.71 -7.58 -9.88
N GLY G 476 9.46 -6.27 -10.02
CA GLY G 476 9.90 -5.27 -9.00
C GLY G 476 11.36 -4.75 -9.04
N GLN G 477 12.11 -4.99 -10.12
CA GLN G 477 13.51 -4.50 -10.23
C GLN G 477 13.55 -3.16 -11.01
N GLY G 478 14.68 -2.46 -10.93
CA GLY G 478 14.79 -1.16 -11.52
C GLY G 478 14.31 -0.08 -10.60
N GLY G 479 14.98 1.08 -10.64
CA GLY G 479 14.65 2.23 -9.83
C GLY G 479 14.04 3.41 -10.62
N VAL G 480 14.62 3.70 -11.77
CA VAL G 480 14.24 4.81 -12.60
C VAL G 480 14.06 4.31 -14.04
N HIS G 481 13.02 4.80 -14.70
CA HIS G 481 12.67 4.43 -16.02
C HIS G 481 12.57 5.65 -16.93
N HIS G 482 13.28 5.68 -18.05
CA HIS G 482 13.17 6.77 -19.03
C HIS G 482 12.50 6.19 -20.22
N ILE G 483 11.38 6.77 -20.62
CA ILE G 483 10.60 6.25 -21.71
C ILE G 483 10.59 7.24 -22.85
N TRP G 484 11.06 6.81 -24.01
CA TRP G 484 11.14 7.72 -25.15
C TRP G 484 10.31 7.18 -26.29
N GLY G 485 9.22 7.87 -26.64
CA GLY G 485 8.49 7.59 -27.88
C GLY G 485 7.97 6.16 -28.09
N CYS G 486 7.47 5.58 -27.01
CA CYS G 486 6.68 4.36 -27.07
C CYS G 486 5.73 4.32 -25.85
N ASP G 487 4.69 3.52 -26.01
CA ASP G 487 3.61 3.44 -25.02
C ASP G 487 3.28 2.00 -24.74
N HIS G 488 4.03 1.39 -23.81
CA HIS G 488 3.83 -0.02 -23.50
C HIS G 488 2.43 -0.40 -23.04
N TYR G 489 1.76 0.55 -22.42
CA TYR G 489 0.39 0.37 -21.97
C TYR G 489 -0.55 -0.14 -23.08
N LYS G 490 -0.28 0.28 -24.31
CA LYS G 490 -1.08 -0.10 -25.44
C LYS G 490 -0.44 -1.13 -26.36
N THR G 491 0.88 -1.25 -26.33
CA THR G 491 1.58 -2.03 -27.32
C THR G 491 2.53 -3.10 -26.82
N THR G 492 2.77 -3.25 -25.53
CA THR G 492 3.66 -4.37 -25.12
C THR G 492 2.91 -5.72 -25.07
N LEU G 493 3.66 -6.79 -24.91
CA LEU G 493 3.07 -8.09 -24.63
C LEU G 493 2.70 -8.19 -23.13
N ASN G 494 1.75 -9.06 -22.80
CA ASN G 494 1.39 -9.33 -21.43
C ASN G 494 1.05 -8.01 -20.75
N ALA G 495 0.31 -7.21 -21.48
CA ALA G 495 0.15 -5.81 -21.11
C ALA G 495 -0.77 -5.54 -19.94
N HIS G 496 -1.68 -6.50 -19.66
CA HIS G 496 -2.59 -6.37 -18.56
C HIS G 496 -1.80 -6.38 -17.26
N GLU G 497 -1.01 -7.44 -17.08
CA GLU G 497 -0.15 -7.55 -15.91
C GLU G 497 0.87 -6.43 -15.89
N PHE G 498 1.37 -6.07 -17.08
CA PHE G 498 2.35 -4.98 -17.15
C PHE G 498 1.75 -3.77 -16.46
N LYS G 499 0.55 -3.35 -16.91
CA LYS G 499 -0.13 -2.13 -16.38
C LYS G 499 -0.45 -2.18 -14.86
N ARG G 500 -0.89 -3.34 -14.40
CA ARG G 500 -1.14 -3.58 -12.97
C ARG G 500 0.05 -3.27 -12.11
N VAL G 501 1.20 -3.83 -12.44
CA VAL G 501 2.40 -3.60 -11.60
C VAL G 501 2.99 -2.19 -11.78
N TYR G 502 2.93 -1.72 -13.00
CA TYR G 502 3.51 -0.43 -13.36
C TYR G 502 2.73 0.67 -12.59
N LYS G 503 1.42 0.57 -12.58
CA LYS G 503 0.62 1.42 -11.74
C LYS G 503 1.02 1.40 -10.27
N LYS G 504 1.10 0.21 -9.68
CA LYS G 504 1.44 0.11 -8.27
C LYS G 504 2.79 0.72 -7.94
N ARG G 505 3.79 0.40 -8.76
CA ARG G 505 5.14 0.82 -8.47
C ARG G 505 5.31 2.33 -8.60
N THR G 506 4.71 2.93 -9.64
CA THR G 506 4.73 4.37 -9.75
C THR G 506 3.86 5.11 -8.71
N ASP G 507 2.71 4.50 -8.33
CA ASP G 507 1.90 5.07 -7.25
C ASP G 507 2.72 5.28 -5.96
N MET G 508 3.65 4.36 -5.69
CA MET G 508 4.47 4.45 -4.46
C MET G 508 5.26 5.76 -4.49
N VAL G 509 5.81 6.08 -5.65
CA VAL G 509 6.60 7.31 -5.80
C VAL G 509 5.68 8.51 -5.84
N LYS G 510 4.55 8.40 -6.51
CA LYS G 510 3.56 9.49 -6.50
C LYS G 510 3.11 9.86 -5.09
N ASP G 511 2.80 8.84 -4.29
CA ASP G 511 2.36 9.06 -2.93
C ASP G 511 3.49 9.71 -2.08
N ALA G 512 4.76 9.35 -2.30
CA ALA G 512 5.92 10.06 -1.69
C ALA G 512 6.06 11.52 -2.13
N MET G 513 5.87 11.73 -3.42
CA MET G 513 6.03 13.07 -3.97
C MET G 513 4.91 13.98 -3.50
N SER G 514 3.68 13.46 -3.40
CA SER G 514 2.57 14.28 -2.95
C SER G 514 2.73 14.74 -1.52
N ALA G 515 3.47 14.00 -0.71
CA ALA G 515 3.55 14.29 0.72
C ALA G 515 4.79 15.06 1.16
N ALA G 516 5.69 15.33 0.21
CA ALA G 516 6.95 15.96 0.49
C ALA G 516 6.95 17.37 -0.10
N PRO G 517 7.81 18.25 0.42
CA PRO G 517 7.74 19.63 -0.08
C PRO G 517 8.62 19.74 -1.31
N TYR G 518 8.02 20.09 -2.44
CA TYR G 518 8.75 20.27 -3.70
C TYR G 518 9.82 21.38 -3.64
N GLY G 519 9.51 22.51 -3.01
CA GLY G 519 10.45 23.63 -2.98
C GLY G 519 11.75 23.33 -2.24
N ASP G 520 11.71 22.37 -1.34
CA ASP G 520 12.89 21.79 -0.70
C ASP G 520 13.24 20.58 -1.57
N ARG G 521 13.99 20.85 -2.62
CA ARG G 521 14.19 19.87 -3.65
C ARG G 521 15.02 18.64 -3.16
N GLU G 522 16.00 18.87 -2.27
CA GLU G 522 16.81 17.82 -1.68
C GLU G 522 15.91 16.84 -0.92
N ALA G 523 14.95 17.35 -0.15
CA ALA G 523 14.00 16.47 0.56
C ALA G 523 13.11 15.67 -0.43
N MET G 524 12.62 16.32 -1.49
CA MET G 524 11.82 15.68 -2.55
C MET G 524 12.58 14.53 -3.17
N VAL G 525 13.82 14.81 -3.58
CA VAL G 525 14.63 13.77 -4.18
C VAL G 525 14.80 12.61 -3.21
N ASN G 526 15.07 12.86 -1.91
CA ASN G 526 15.35 11.76 -0.93
C ASN G 526 14.12 10.85 -0.71
N ALA G 527 12.96 11.49 -0.74
CA ALA G 527 11.68 10.82 -0.59
C ALA G 527 11.36 9.95 -1.79
N ILE G 528 11.69 10.45 -2.98
CA ILE G 528 11.56 9.66 -4.21
C ILE G 528 12.47 8.43 -4.18
N VAL G 529 13.71 8.60 -3.71
CA VAL G 529 14.66 7.49 -3.69
C VAL G 529 14.30 6.44 -2.63
N ASP G 530 13.86 6.90 -1.46
CA ASP G 530 13.29 6.01 -0.43
C ASP G 530 12.12 5.21 -0.99
N ALA G 531 11.26 5.84 -1.76
CA ALA G 531 10.12 5.09 -2.34
C ALA G 531 10.61 4.02 -3.33
N ILE G 532 11.65 4.36 -4.10
CA ILE G 532 12.26 3.45 -5.06
C ILE G 532 12.91 2.29 -4.28
N ASN G 533 13.59 2.61 -3.19
CA ASN G 533 14.23 1.57 -2.41
C ASN G 533 13.18 0.56 -1.87
N GLN G 534 11.93 0.99 -1.68
CA GLN G 534 10.87 0.15 -1.15
C GLN G 534 10.16 -0.67 -2.23
N GLY G 535 10.60 -0.58 -3.48
CA GLY G 535 9.96 -1.31 -4.56
C GLY G 535 9.30 -0.37 -5.55
N GLY G 536 9.28 0.94 -5.30
CA GLY G 536 8.73 1.89 -6.28
C GLY G 536 9.52 2.05 -7.57
N LEU G 537 9.01 2.87 -8.52
CA LEU G 537 9.65 3.21 -9.77
C LEU G 537 9.33 4.68 -10.04
N PHE G 538 10.39 5.47 -10.22
CA PHE G 538 10.32 6.82 -10.78
C PHE G 538 10.49 6.75 -12.31
N ALA G 539 9.51 7.31 -13.01
CA ALA G 539 9.29 7.12 -14.45
C ALA G 539 9.29 8.49 -15.14
N VAL G 540 10.08 8.65 -16.20
CA VAL G 540 10.09 9.88 -16.96
C VAL G 540 9.62 9.54 -18.37
N ASN G 541 8.73 10.37 -18.95
CA ASN G 541 8.18 10.15 -20.32
C ASN G 541 8.57 11.32 -21.22
N VAL G 542 9.21 10.98 -22.32
CA VAL G 542 9.52 11.94 -23.41
C VAL G 542 8.59 11.57 -24.56
N ASP G 543 7.67 12.50 -24.95
CA ASP G 543 6.69 12.15 -25.94
C ASP G 543 6.15 13.44 -26.52
N ILE G 544 5.20 13.30 -27.46
CA ILE G 544 4.53 14.43 -28.08
C ILE G 544 3.10 14.65 -27.62
N ILE G 545 2.51 13.63 -26.98
CA ILE G 545 1.14 13.73 -26.38
C ILE G 545 1.09 13.17 -24.98
N PRO G 546 -0.07 13.31 -24.27
CA PRO G 546 -0.19 12.63 -23.00
C PRO G 546 -0.46 11.17 -23.29
N THR G 547 0.46 10.31 -22.89
CA THR G 547 0.41 8.89 -23.28
C THR G 547 -0.38 8.10 -22.23
N LYS G 548 -0.72 6.86 -22.57
CA LYS G 548 -1.29 5.98 -21.59
C LYS G 548 -0.27 5.65 -20.45
N ILE G 549 0.96 5.25 -20.77
CA ILE G 549 1.94 5.01 -19.72
C ILE G 549 2.26 6.32 -19.00
N GLY G 550 2.18 7.42 -19.74
CA GLY G 550 2.34 8.75 -19.13
C GLY G 550 1.40 9.08 -17.97
N GLU G 551 0.21 8.44 -17.90
CA GLU G 551 -0.67 8.59 -16.72
C GLU G 551 0.00 8.04 -15.46
N ALA G 552 1.01 7.17 -15.62
CA ALA G 552 1.79 6.68 -14.51
C ALA G 552 3.12 7.44 -14.22
N CYS G 553 3.57 8.31 -15.15
CA CYS G 553 4.89 8.93 -15.02
C CYS G 553 4.91 10.16 -14.11
N HIS G 554 6.08 10.46 -13.58
CA HIS G 554 6.27 11.59 -12.65
C HIS G 554 6.79 12.85 -13.30
N VAL G 555 7.42 12.70 -14.45
CA VAL G 555 7.90 13.80 -15.22
C VAL G 555 7.61 13.50 -16.71
N ILE G 556 7.09 14.51 -17.38
CA ILE G 556 6.79 14.48 -18.80
C ILE G 556 7.56 15.61 -19.50
N LEU G 557 8.31 15.25 -20.57
CA LEU G 557 9.18 16.15 -21.31
C LEU G 557 8.66 16.20 -22.76
N PRO G 558 8.24 17.39 -23.23
CA PRO G 558 7.60 17.54 -24.51
C PRO G 558 8.57 17.60 -25.67
N ALA G 559 8.32 16.71 -26.62
CA ALA G 559 9.17 16.55 -27.77
C ALA G 559 8.59 17.25 -28.97
N ALA G 560 9.48 17.60 -29.89
CA ALA G 560 9.11 18.07 -31.20
C ALA G 560 9.38 16.92 -32.17
N THR G 561 8.52 16.72 -33.16
CA THR G 561 8.62 15.61 -34.10
C THR G 561 8.90 16.14 -35.54
N SER G 562 9.02 15.21 -36.50
CA SER G 562 9.47 15.50 -37.86
C SER G 562 8.66 16.61 -38.47
N GLY G 563 9.32 17.56 -39.10
CA GLY G 563 8.63 18.68 -39.73
C GLY G 563 8.73 19.90 -38.86
N GLU G 564 8.73 19.68 -37.54
CA GLU G 564 9.04 20.71 -36.55
C GLU G 564 10.53 20.76 -36.33
N MET G 565 11.21 19.84 -36.97
CA MET G 565 12.65 19.68 -36.91
C MET G 565 13.06 19.10 -38.24
N ASN G 566 14.35 19.19 -38.54
CA ASN G 566 14.90 18.44 -39.67
C ASN G 566 15.10 17.02 -39.22
N LEU G 567 14.95 16.10 -40.14
CA LEU G 567 15.05 14.68 -39.83
C LEU G 567 15.55 13.88 -41.00
N THR G 568 16.37 12.88 -40.70
CA THR G 568 16.91 11.99 -41.71
C THR G 568 16.53 10.56 -41.42
N SER G 569 16.17 9.87 -42.49
CA SER G 569 15.90 8.46 -42.36
C SER G 569 15.88 7.83 -43.74
N MET G 570 15.90 6.50 -43.77
CA MET G 570 15.81 5.77 -45.03
C MET G 570 14.60 4.87 -45.01
N ASN G 571 14.13 4.48 -46.20
CA ASN G 571 13.02 3.59 -46.35
C ASN G 571 13.44 2.10 -46.54
N GLY G 572 12.51 1.27 -47.04
CA GLY G 572 12.67 -0.18 -47.13
C GLY G 572 13.55 -0.66 -48.28
N GLU G 573 14.04 0.32 -49.00
CA GLU G 573 14.90 0.23 -50.11
C GLU G 573 16.19 0.95 -49.80
N ARG G 574 16.36 1.33 -48.54
CA ARG G 574 17.48 2.15 -48.04
C ARG G 574 17.56 3.56 -48.58
N ARG G 575 16.47 4.06 -49.10
CA ARG G 575 16.48 5.41 -49.68
C ARG G 575 16.44 6.52 -48.59
N MET G 576 17.61 7.15 -48.37
CA MET G 576 17.81 8.13 -47.33
C MET G 576 17.37 9.55 -47.77
N ARG G 577 16.55 10.20 -46.97
CA ARG G 577 16.08 11.56 -47.29
C ARG G 577 16.16 12.44 -46.07
N LEU G 578 16.25 13.74 -46.34
CA LEU G 578 16.13 14.79 -45.38
C LEU G 578 14.71 15.31 -45.47
N THR G 579 14.03 15.35 -44.33
CA THR G 579 12.78 16.09 -44.21
C THR G 579 13.15 17.47 -43.70
N GLU G 580 12.88 18.51 -44.47
CA GLU G 580 13.29 19.87 -44.10
C GLU G 580 12.24 20.46 -43.19
N ARG G 581 12.67 21.09 -42.11
CA ARG G 581 11.73 21.69 -41.18
C ARG G 581 10.86 22.72 -41.88
N TYR G 582 9.55 22.61 -41.67
CA TYR G 582 8.63 23.59 -42.16
C TYR G 582 7.75 24.30 -41.10
N MET G 583 7.84 23.95 -39.84
CA MET G 583 7.03 24.56 -38.79
C MET G 583 7.79 24.54 -37.48
N ASP G 584 7.21 25.20 -36.46
CA ASP G 584 7.78 25.26 -35.12
C ASP G 584 7.25 24.17 -34.19
N PRO G 585 8.10 23.68 -33.25
CA PRO G 585 7.62 22.86 -32.14
C PRO G 585 6.47 23.60 -31.40
N PRO G 586 5.42 22.87 -31.03
CA PRO G 586 4.41 23.48 -30.18
C PRO G 586 5.04 23.91 -28.85
N GLY G 587 4.70 25.09 -28.36
CA GLY G 587 5.14 25.57 -27.07
C GLY G 587 6.64 25.51 -26.93
N GLN G 588 7.10 24.88 -25.83
CA GLN G 588 8.51 24.75 -25.48
C GLN G 588 9.10 23.40 -25.80
N SER G 589 8.44 22.63 -26.65
CA SER G 589 8.90 21.31 -26.96
C SER G 589 10.23 21.40 -27.75
N MET G 590 11.07 20.35 -27.61
CA MET G 590 12.27 20.29 -28.32
C MET G 590 12.51 18.91 -28.93
N PRO G 591 13.31 18.83 -30.01
CA PRO G 591 13.63 17.55 -30.64
C PRO G 591 14.27 16.53 -29.68
N ASP G 592 14.03 15.23 -29.89
CA ASP G 592 14.51 14.24 -28.92
C ASP G 592 16.05 14.29 -28.69
N CYS G 593 16.79 14.48 -29.77
CA CYS G 593 18.27 14.58 -29.65
C CYS G 593 18.71 15.77 -28.79
N LEU G 594 17.97 16.88 -28.85
CA LEU G 594 18.31 18.03 -28.02
C LEU G 594 17.85 17.82 -26.59
N ILE G 595 16.77 17.08 -26.37
CA ILE G 595 16.37 16.70 -25.00
C ILE G 595 17.47 15.83 -24.36
N ALA G 596 17.96 14.85 -25.10
CA ALA G 596 19.03 13.98 -24.64
C ALA G 596 20.26 14.80 -24.28
N ALA G 597 20.55 15.77 -25.13
CA ALA G 597 21.73 16.57 -24.93
C ALA G 597 21.58 17.44 -23.70
N ARG G 598 20.39 18.02 -23.49
CA ARG G 598 20.11 18.84 -22.32
C ARG G 598 20.11 18.01 -21.06
N LEU G 599 19.61 16.81 -21.20
CA LEU G 599 19.67 15.88 -20.10
C LEU G 599 21.09 15.58 -19.73
N ALA G 600 21.90 15.23 -20.74
CA ALA G 600 23.34 15.00 -20.54
C ALA G 600 24.04 16.19 -19.87
N ASN G 601 23.73 17.41 -20.29
CA ASN G 601 24.30 18.60 -19.65
C ASN G 601 23.89 18.72 -18.20
N THR G 602 22.64 18.33 -17.92
CA THR G 602 22.11 18.45 -16.56
C THR G 602 22.81 17.42 -15.65
N MET G 603 22.97 16.22 -16.18
CA MET G 603 23.72 15.17 -15.49
C MET G 603 25.17 15.62 -15.16
N GLU G 604 25.84 16.23 -16.13
CA GLU G 604 27.20 16.76 -15.87
C GLU G 604 27.20 17.72 -14.70
N ARG G 605 26.31 18.71 -14.78
CA ARG G 605 26.18 19.69 -13.75
C ARG G 605 25.86 19.02 -12.41
N VAL G 606 24.79 18.26 -12.36
CA VAL G 606 24.41 17.64 -11.08
C VAL G 606 25.52 16.76 -10.46
N LEU G 607 26.14 15.90 -11.27
CA LEU G 607 27.19 15.04 -10.78
C LEU G 607 28.41 15.85 -10.31
N THR G 608 28.69 16.97 -10.95
CA THR G 608 29.79 17.83 -10.58
C THR G 608 29.48 18.42 -9.23
N GLU G 609 28.26 18.92 -9.06
CA GLU G 609 27.81 19.47 -7.79
C GLU G 609 27.81 18.46 -6.65
N MET G 610 27.58 17.18 -6.94
CA MET G 610 27.76 16.09 -5.95
C MET G 610 29.23 15.69 -5.71
N GLY G 611 30.18 16.38 -6.35
CA GLY G 611 31.61 16.04 -6.28
C GLY G 611 32.06 14.77 -7.00
N ASP G 612 31.26 14.23 -7.92
CA ASP G 612 31.74 13.15 -8.75
C ASP G 612 32.15 13.67 -10.11
N VAL G 613 33.34 14.28 -10.19
CA VAL G 613 33.80 14.87 -11.46
C VAL G 613 34.15 13.83 -12.52
N GLY G 614 34.70 12.69 -12.12
CA GLY G 614 35.05 11.62 -13.07
C GLY G 614 33.80 11.19 -13.83
N TYR G 615 32.71 10.99 -13.09
CA TYR G 615 31.47 10.53 -13.69
C TYR G 615 30.79 11.59 -14.56
N ALA G 616 30.72 12.83 -14.04
CA ALA G 616 30.26 13.99 -14.80
C ALA G 616 30.89 14.10 -16.17
N ALA G 617 32.20 13.88 -16.21
CA ALA G 617 32.98 14.01 -17.45
C ALA G 617 32.45 13.10 -18.56
N GLN G 618 31.91 11.95 -18.17
CA GLN G 618 31.42 10.98 -19.20
C GLN G 618 30.25 11.57 -20.02
N PHE G 619 29.53 12.55 -19.43
CA PHE G 619 28.40 13.22 -20.06
C PHE G 619 28.76 14.46 -20.89
N LYS G 620 30.04 14.77 -21.06
CA LYS G 620 30.49 15.74 -22.07
C LYS G 620 30.26 15.19 -23.49
N GLY G 621 30.33 16.06 -24.49
CA GLY G 621 30.06 15.68 -25.87
C GLY G 621 28.65 16.01 -26.34
N PHE G 622 27.94 16.88 -25.61
CA PHE G 622 26.60 17.17 -25.94
C PHE G 622 26.31 18.68 -26.04
N ASP G 623 27.08 19.41 -26.84
CA ASP G 623 26.88 20.89 -26.95
C ASP G 623 26.04 21.25 -28.14
N TRP G 624 25.15 20.34 -28.52
CA TRP G 624 24.38 20.50 -29.73
C TRP G 624 23.36 21.59 -29.54
N GLN G 625 23.25 22.49 -30.51
CA GLN G 625 22.26 23.58 -30.50
C GLN G 625 21.11 23.28 -31.42
N THR G 626 21.32 22.42 -32.40
CA THR G 626 20.30 22.13 -33.38
C THR G 626 20.51 20.68 -33.80
N GLU G 627 19.50 20.08 -34.42
CA GLU G 627 19.47 18.67 -34.68
C GLU G 627 20.50 18.22 -35.68
N GLU G 628 20.85 19.09 -36.59
CA GLU G 628 21.99 18.87 -37.48
C GLU G 628 23.26 18.54 -36.72
N ASP G 629 23.46 19.14 -35.56
CA ASP G 629 24.69 18.91 -34.81
C ASP G 629 24.70 17.44 -34.42
N ALA G 630 23.50 16.87 -34.15
CA ALA G 630 23.41 15.43 -33.82
C ALA G 630 23.62 14.55 -35.07
N PHE G 631 23.09 14.98 -36.22
CA PHE G 631 23.39 14.35 -37.50
C PHE G 631 24.91 14.21 -37.78
N MET G 632 25.58 15.33 -37.70
CA MET G 632 27.03 15.45 -37.90
C MET G 632 27.86 14.67 -36.89
N ASP G 633 27.45 14.62 -35.60
CA ASP G 633 28.18 13.83 -34.59
C ASP G 633 27.91 12.34 -34.77
N GLY G 634 26.77 12.01 -35.35
CA GLY G 634 26.34 10.62 -35.44
C GLY G 634 26.48 9.96 -36.81
N TYR G 635 25.43 10.07 -37.63
CA TYR G 635 25.44 9.54 -38.99
C TYR G 635 26.74 9.88 -39.74
N ASN G 636 27.06 11.17 -39.77
CA ASN G 636 28.14 11.69 -40.59
C ASN G 636 29.50 11.07 -40.17
N LYS G 637 29.75 10.90 -38.87
CA LYS G 637 31.02 10.32 -38.38
C LYS G 637 31.02 8.83 -38.27
N ASN G 638 29.89 8.17 -38.43
CA ASN G 638 29.82 6.71 -38.14
C ASN G 638 29.23 5.82 -39.18
N ALA G 639 28.35 6.32 -40.02
CA ALA G 639 27.77 5.46 -41.01
C ALA G 639 28.83 5.17 -42.05
N HIS G 640 28.66 4.05 -42.75
CA HIS G 640 29.50 3.70 -43.90
C HIS G 640 29.29 4.70 -44.98
N GLY G 641 30.34 5.42 -45.31
CA GLY G 641 30.24 6.49 -46.30
C GLY G 641 29.57 7.74 -45.76
N GLY G 642 29.46 7.84 -44.44
CA GLY G 642 28.86 9.00 -43.81
C GLY G 642 29.45 10.33 -44.22
N GLU G 643 30.76 10.38 -44.46
CA GLU G 643 31.40 11.68 -44.80
C GLU G 643 30.84 12.32 -46.10
N PHE G 644 30.22 11.51 -46.94
CA PHE G 644 29.62 12.00 -48.15
C PHE G 644 28.28 12.65 -47.96
N VAL G 645 27.66 12.52 -46.80
CA VAL G 645 26.25 12.95 -46.62
C VAL G 645 26.20 14.14 -45.69
N THR G 646 25.59 15.19 -46.17
CA THR G 646 25.28 16.37 -45.36
C THR G 646 23.86 16.77 -45.70
N TYR G 647 23.33 17.70 -44.93
CA TYR G 647 21.97 18.18 -45.09
C TYR G 647 21.81 18.93 -46.42
N GLU G 648 22.79 19.80 -46.75
CA GLU G 648 22.77 20.53 -48.06
C GLU G 648 22.72 19.59 -49.24
N ARG G 649 23.53 18.57 -49.17
CA ARG G 649 23.60 17.60 -50.26
C ARG G 649 22.34 16.77 -50.33
N LEU G 650 21.81 16.34 -49.18
CA LEU G 650 20.52 15.66 -49.15
C LEU G 650 19.38 16.53 -49.69
N SER G 651 19.38 17.78 -49.30
CA SER G 651 18.40 18.74 -49.76
C SER G 651 18.40 18.87 -51.28
N ALA G 652 19.60 18.95 -51.88
CA ALA G 652 19.74 19.10 -53.31
C ALA G 652 19.23 17.89 -54.07
N MET G 653 19.30 16.70 -53.49
CA MET G 653 18.77 15.49 -54.14
C MET G 653 17.22 15.32 -54.04
N GLY G 654 16.56 16.14 -53.21
CA GLY G 654 15.09 16.06 -53.11
C GLY G 654 14.54 14.80 -52.48
N THR G 655 13.29 14.47 -52.83
CA THR G 655 12.58 13.38 -52.16
C THR G 655 13.07 12.03 -52.60
N ASN G 656 13.78 11.99 -53.74
CA ASN G 656 14.37 10.74 -54.20
C ASN G 656 15.67 10.43 -53.45
N GLY G 657 16.30 11.42 -52.82
CA GLY G 657 17.47 11.14 -51.97
C GLY G 657 18.50 10.26 -52.65
N PHE G 658 19.01 9.29 -51.92
CA PHE G 658 19.94 8.34 -52.51
C PHE G 658 19.86 7.06 -51.69
N GLN G 659 20.29 5.93 -52.26
CA GLN G 659 20.22 4.66 -51.56
C GLN G 659 21.51 4.35 -50.79
N GLU G 660 21.36 4.03 -49.52
CA GLU G 660 22.49 3.78 -48.61
C GLU G 660 23.06 2.37 -48.84
N PRO G 661 24.35 2.13 -48.60
CA PRO G 661 25.34 3.14 -48.24
C PRO G 661 25.83 4.03 -49.41
N ALA G 662 26.16 5.24 -49.07
CA ALA G 662 26.89 6.08 -49.98
C ALA G 662 28.31 5.58 -50.19
N THR G 663 28.73 5.62 -51.44
CA THR G 663 30.13 5.29 -51.78
C THR G 663 30.90 6.49 -52.39
N GLY G 664 30.24 7.62 -52.61
CA GLY G 664 30.90 8.77 -53.24
C GLY G 664 30.00 9.97 -53.53
N PHE G 665 30.59 10.96 -54.20
CA PHE G 665 29.92 12.24 -54.52
C PHE G 665 30.65 12.93 -55.68
N THR G 666 29.89 13.26 -56.70
CA THR G 666 30.34 14.01 -57.85
C THR G 666 29.16 14.84 -58.34
N ASP G 667 29.38 16.12 -58.65
CA ASP G 667 28.47 16.88 -59.50
C ASP G 667 27.10 16.96 -58.78
N GLY G 668 27.15 17.42 -57.51
CA GLY G 668 25.99 17.39 -56.59
C GLY G 668 25.14 16.11 -56.42
N LYS G 669 25.67 14.91 -56.74
CA LYS G 669 24.96 13.61 -56.56
C LYS G 669 25.73 12.71 -55.60
N ILE G 670 25.13 12.44 -54.44
CA ILE G 670 25.66 11.40 -53.58
C ILE G 670 25.49 10.08 -54.34
N GLU G 671 26.56 9.30 -54.43
CA GLU G 671 26.54 8.04 -55.17
C GLU G 671 26.08 6.98 -54.17
N GLY G 672 25.13 6.15 -54.57
CA GLY G 672 24.56 5.17 -53.66
C GLY G 672 24.80 3.73 -54.02
N THR G 673 24.06 2.83 -53.34
CA THR G 673 24.07 1.40 -53.59
C THR G 673 22.65 0.87 -53.76
N GLN G 674 22.33 0.45 -54.97
CA GLN G 674 20.97 0.22 -55.35
C GLN G 674 20.45 -1.09 -54.79
N ARG G 675 21.27 -2.14 -54.85
CA ARG G 675 21.02 -3.40 -54.23
C ARG G 675 22.23 -3.79 -53.44
N LEU G 676 22.05 -4.59 -52.38
CA LEU G 676 23.22 -5.08 -51.59
C LEU G 676 23.62 -6.45 -52.10
N TYR G 677 24.85 -6.82 -51.77
CA TYR G 677 25.39 -8.11 -52.10
C TYR G 677 25.46 -8.36 -53.63
N THR G 678 25.58 -7.33 -54.45
CA THR G 678 25.71 -7.55 -55.92
C THR G 678 27.06 -8.23 -56.29
N ASP G 679 28.05 -8.16 -55.38
CA ASP G 679 29.36 -8.77 -55.53
C ASP G 679 29.41 -10.20 -54.98
N GLY G 680 28.30 -10.69 -54.45
CA GLY G 680 28.21 -12.02 -53.83
C GLY G 680 29.00 -12.14 -52.52
N VAL G 681 29.36 -11.04 -51.91
CA VAL G 681 30.12 -11.03 -50.68
C VAL G 681 29.21 -10.62 -49.49
N PHE G 682 28.94 -11.55 -48.59
CA PHE G 682 27.94 -11.40 -47.53
C PHE G 682 28.53 -10.90 -46.22
N SER G 683 27.69 -10.45 -45.28
CA SER G 683 28.17 -9.81 -44.05
C SER G 683 28.51 -10.82 -42.97
N THR G 684 29.48 -11.69 -43.23
CA THR G 684 30.03 -12.63 -42.25
C THR G 684 31.52 -12.39 -42.24
N ASP G 685 32.24 -12.96 -41.28
CA ASP G 685 33.69 -12.82 -41.29
C ASP G 685 34.28 -13.26 -42.63
N ASP G 686 34.06 -14.50 -43.02
CA ASP G 686 34.64 -14.99 -44.29
C ASP G 686 33.93 -14.51 -45.60
N GLY G 687 32.87 -13.71 -45.46
CA GLY G 687 32.12 -13.26 -46.62
C GLY G 687 31.22 -14.28 -47.30
N LYS G 688 31.02 -15.48 -46.73
CA LYS G 688 30.07 -16.44 -47.28
C LYS G 688 28.74 -16.36 -46.50
N ALA G 689 27.60 -16.35 -47.22
CA ALA G 689 26.32 -16.59 -46.59
C ALA G 689 26.30 -17.98 -45.97
N ARG G 690 25.55 -18.15 -44.87
CA ARG G 690 25.29 -19.48 -44.29
C ARG G 690 23.86 -19.87 -44.57
N PHE G 691 23.64 -21.13 -44.79
CA PHE G 691 22.30 -21.66 -44.77
C PHE G 691 21.95 -21.94 -43.29
N MET G 692 20.69 -22.27 -43.02
CA MET G 692 20.30 -22.56 -41.64
C MET G 692 19.64 -23.89 -41.61
N ASP G 693 20.19 -24.71 -40.73
CA ASP G 693 19.65 -26.01 -40.39
C ASP G 693 18.66 -25.75 -39.23
N ALA G 694 17.37 -25.78 -39.56
CA ALA G 694 16.33 -25.14 -38.74
C ALA G 694 15.06 -25.99 -38.73
N PRO G 695 15.12 -27.18 -38.09
CA PRO G 695 13.98 -28.09 -38.13
C PRO G 695 12.78 -27.58 -37.32
N TRP G 696 11.60 -27.93 -37.79
CA TRP G 696 10.37 -27.66 -37.10
C TRP G 696 10.38 -28.32 -35.71
N ARG G 697 9.94 -27.58 -34.69
CA ARG G 697 9.85 -28.09 -33.31
C ARG G 697 8.55 -27.61 -32.63
N GLY G 698 7.47 -27.52 -33.41
CA GLY G 698 6.19 -27.02 -32.91
C GLY G 698 6.18 -25.51 -32.49
N LEU G 699 5.27 -25.17 -31.58
CA LEU G 699 5.17 -23.79 -31.01
C LEU G 699 6.27 -23.67 -30.01
N GLN G 700 7.22 -22.79 -30.26
CA GLN G 700 8.45 -22.81 -29.51
C GLN G 700 8.34 -22.04 -28.23
N ALA G 701 7.52 -20.97 -28.25
CA ALA G 701 7.51 -20.09 -27.12
C ALA G 701 6.77 -20.72 -25.92
N PRO G 702 7.24 -20.47 -24.69
CA PRO G 702 6.52 -21.00 -23.50
C PRO G 702 5.03 -20.61 -23.35
N GLY G 703 4.20 -21.63 -23.14
CA GLY G 703 2.79 -21.53 -22.81
C GLY G 703 1.88 -21.57 -24.00
N LYS G 704 2.46 -21.47 -25.19
CA LYS G 704 1.66 -21.14 -26.37
C LYS G 704 0.73 -22.27 -26.79
N GLN G 705 1.27 -23.49 -26.80
CA GLN G 705 0.52 -24.71 -27.08
C GLN G 705 -0.64 -24.88 -26.08
N GLN G 706 -0.32 -24.78 -24.79
CA GLN G 706 -1.36 -24.86 -23.78
C GLN G 706 -2.38 -23.71 -23.96
N GLN G 707 -1.93 -22.48 -24.31
CA GLN G 707 -2.90 -21.41 -24.57
C GLN G 707 -3.80 -21.76 -25.74
N LYS G 708 -3.25 -22.34 -26.81
CA LYS G 708 -4.09 -22.81 -27.91
C LYS G 708 -5.06 -23.91 -27.48
N ASP G 709 -4.58 -24.90 -26.72
CA ASP G 709 -5.39 -26.06 -26.37
C ASP G 709 -6.50 -25.73 -25.36
N SER G 710 -6.36 -24.63 -24.59
CA SER G 710 -7.37 -24.33 -23.56
C SER G 710 -8.27 -23.14 -23.82
N HIS G 711 -8.28 -22.59 -25.06
CA HIS G 711 -9.15 -21.45 -25.42
C HIS G 711 -9.78 -21.67 -26.78
N LYS G 712 -10.83 -20.92 -27.06
CA LYS G 712 -11.73 -21.26 -28.14
C LYS G 712 -11.26 -20.71 -29.48
N TYR G 713 -10.68 -19.50 -29.47
CA TYR G 713 -10.45 -18.70 -30.69
C TYR G 713 -8.99 -18.33 -30.87
N LEU G 714 -8.50 -18.39 -32.10
CA LEU G 714 -7.27 -17.71 -32.45
C LEU G 714 -7.53 -16.19 -32.31
N ILE G 715 -6.68 -15.49 -31.57
CA ILE G 715 -6.77 -14.02 -31.53
C ILE G 715 -5.59 -13.46 -32.30
N ASN G 716 -5.68 -13.56 -33.61
CA ASN G 716 -4.78 -12.87 -34.54
C ASN G 716 -4.94 -11.36 -34.28
N ASN G 717 -3.94 -10.61 -34.71
CA ASN G 717 -3.86 -9.21 -34.37
C ASN G 717 -2.88 -8.53 -35.29
N GLY G 718 -3.06 -7.22 -35.41
CA GLY G 718 -2.27 -6.42 -36.30
C GLY G 718 -2.96 -5.14 -36.67
N ARG G 719 -2.69 -4.71 -37.88
CA ARG G 719 -2.95 -3.35 -38.35
C ARG G 719 -4.27 -3.24 -39.07
N ALA G 720 -4.71 -1.99 -39.14
CA ALA G 720 -5.76 -1.55 -40.02
C ALA G 720 -5.23 -0.38 -40.86
N ASN G 721 -5.68 -0.33 -42.11
CA ASN G 721 -5.26 0.72 -43.05
C ASN G 721 -5.47 2.14 -42.47
N VAL G 722 -6.65 2.43 -41.91
CA VAL G 722 -6.92 3.82 -41.50
C VAL G 722 -6.13 4.26 -40.33
N VAL G 723 -5.76 3.31 -39.47
CA VAL G 723 -5.13 3.63 -38.23
C VAL G 723 -3.61 3.62 -38.30
N TRP G 724 -2.98 4.69 -37.80
CA TRP G 724 -1.55 4.70 -37.61
C TRP G 724 -1.19 4.29 -36.19
N GLN G 725 -0.58 3.13 -36.06
CA GLN G 725 -0.01 2.67 -34.80
C GLN G 725 -1.00 2.66 -33.58
N SER G 726 -0.55 3.14 -32.40
CA SER G 726 -1.40 3.15 -31.22
C SER G 726 -2.40 4.34 -31.23
N ALA G 727 -2.64 4.90 -32.43
CA ALA G 727 -3.62 5.96 -32.59
C ALA G 727 -3.22 7.18 -31.71
N TYR G 728 -1.93 7.40 -31.52
CA TYR G 728 -1.49 8.52 -30.69
C TYR G 728 -1.89 9.89 -31.28
N LEU G 729 -1.86 10.01 -32.60
CA LEU G 729 -2.37 11.16 -33.29
C LEU G 729 -3.81 11.00 -33.63
N ASP G 730 -4.18 9.77 -33.96
CA ASP G 730 -5.47 9.50 -34.55
C ASP G 730 -6.63 9.68 -33.58
N GLN G 731 -6.37 9.46 -32.29
CA GLN G 731 -7.36 9.64 -31.27
C GLN G 731 -7.89 11.08 -31.20
N GLU G 732 -7.15 12.07 -31.71
CA GLU G 732 -7.70 13.41 -31.91
C GLU G 732 -7.96 13.70 -33.36
N ASN G 733 -8.34 12.68 -34.12
CA ASN G 733 -8.66 12.84 -35.54
C ASN G 733 -10.03 12.19 -35.79
N ASP G 734 -11.04 13.04 -35.98
CA ASP G 734 -12.38 12.57 -36.12
C ASP G 734 -12.63 11.62 -37.27
N PHE G 735 -11.90 11.79 -38.37
CA PHE G 735 -12.04 10.90 -39.50
C PHE G 735 -11.71 9.44 -39.14
N VAL G 736 -10.62 9.26 -38.38
CA VAL G 736 -10.27 7.94 -37.96
C VAL G 736 -11.22 7.48 -36.87
N MET G 737 -11.39 8.30 -35.82
CA MET G 737 -12.18 7.83 -34.65
C MET G 737 -13.68 7.56 -34.92
N ASP G 738 -14.25 8.27 -35.88
CA ASP G 738 -15.60 8.07 -36.36
C ASP G 738 -15.73 6.72 -37.05
N ARG G 739 -14.67 6.29 -37.75
CA ARG G 739 -14.68 4.98 -38.34
C ARG G 739 -14.61 3.80 -37.30
N PHE G 740 -13.75 3.91 -36.28
CA PHE G 740 -13.49 2.84 -35.28
C PHE G 740 -13.32 3.49 -33.89
N PRO G 741 -14.42 3.70 -33.16
CA PRO G 741 -14.34 4.25 -31.79
C PRO G 741 -13.76 3.23 -30.84
N TYR G 742 -14.14 1.99 -31.11
CA TYR G 742 -13.50 0.81 -30.56
C TYR G 742 -12.65 0.11 -31.62
N PRO G 743 -11.64 -0.65 -31.16
CA PRO G 743 -10.94 -1.56 -32.05
C PRO G 743 -11.90 -2.60 -32.54
N PHE G 744 -11.76 -2.99 -33.81
CA PHE G 744 -12.60 -4.02 -34.34
C PHE G 744 -12.00 -5.34 -33.89
N ILE G 745 -12.88 -6.32 -33.73
CA ILE G 745 -12.44 -7.70 -33.79
C ILE G 745 -13.18 -8.40 -34.94
N GLU G 746 -12.43 -8.73 -35.99
CA GLU G 746 -13.01 -9.46 -37.13
C GLU G 746 -13.42 -10.86 -36.70
N MET G 747 -14.70 -11.21 -36.89
CA MET G 747 -15.19 -12.50 -36.54
C MET G 747 -16.00 -13.08 -37.66
N ASN G 748 -15.89 -14.38 -37.79
CA ASN G 748 -16.69 -15.12 -38.77
C ASN G 748 -18.18 -15.07 -38.37
N PRO G 749 -19.08 -14.87 -39.33
CA PRO G 749 -20.49 -14.68 -38.98
C PRO G 749 -21.14 -15.88 -38.35
N GLU G 750 -20.75 -17.07 -38.79
CA GLU G 750 -21.17 -18.28 -38.11
C GLU G 750 -20.63 -18.37 -36.68
N ASP G 751 -19.36 -18.03 -36.45
CA ASP G 751 -18.87 -17.89 -35.08
C ASP G 751 -19.72 -16.95 -34.22
N MET G 752 -20.06 -15.80 -34.80
CA MET G 752 -20.88 -14.79 -34.11
C MET G 752 -22.22 -15.35 -33.73
N ALA G 753 -22.94 -15.84 -34.73
CA ALA G 753 -24.24 -16.46 -34.49
C ALA G 753 -24.19 -17.54 -33.42
N GLU G 754 -23.27 -18.49 -33.48
CA GLU G 754 -23.21 -19.52 -32.43
C GLU G 754 -22.98 -18.95 -31.05
N ALA G 755 -22.22 -17.87 -30.94
CA ALA G 755 -22.00 -17.26 -29.65
C ALA G 755 -23.06 -16.23 -29.23
N GLY G 756 -24.10 -15.98 -30.04
CA GLY G 756 -25.11 -14.99 -29.71
C GLY G 756 -24.65 -13.53 -29.76
N LEU G 757 -23.70 -13.24 -30.65
CA LEU G 757 -23.11 -11.91 -30.84
C LEU G 757 -23.61 -11.25 -32.12
N LYS G 758 -23.82 -9.94 -32.09
CA LYS G 758 -24.29 -9.18 -33.26
C LYS G 758 -23.22 -8.17 -33.64
N GLU G 759 -23.27 -7.71 -34.90
CA GLU G 759 -22.39 -6.65 -35.35
C GLU G 759 -22.40 -5.48 -34.38
N GLY G 760 -21.22 -5.04 -33.98
CA GLY G 760 -21.04 -3.90 -33.12
C GLY G 760 -21.08 -4.20 -31.63
N ASP G 761 -21.39 -5.44 -31.21
CA ASP G 761 -21.40 -5.72 -29.79
C ASP G 761 -20.02 -5.50 -29.24
N LEU G 762 -20.01 -5.01 -28.01
CA LEU G 762 -18.78 -4.80 -27.30
C LEU G 762 -18.53 -6.13 -26.62
N VAL G 763 -17.39 -6.75 -26.92
CA VAL G 763 -17.04 -8.08 -26.43
C VAL G 763 -15.77 -8.00 -25.57
N GLU G 764 -15.69 -8.86 -24.55
CA GLU G 764 -14.47 -9.13 -23.82
C GLU G 764 -13.73 -10.36 -24.44
N ILE G 765 -12.43 -10.18 -24.69
CA ILE G 765 -11.53 -11.26 -25.05
C ILE G 765 -10.79 -11.50 -23.79
N TYR G 766 -10.66 -12.75 -23.35
CA TYR G 766 -9.95 -13.07 -22.10
C TYR G 766 -9.30 -14.41 -22.15
N ASN G 767 -8.29 -14.57 -21.31
CA ASN G 767 -7.56 -15.80 -21.23
C ASN G 767 -6.68 -15.77 -19.99
N ASP G 768 -5.62 -16.61 -19.93
CA ASP G 768 -4.66 -16.66 -18.83
C ASP G 768 -3.80 -15.41 -18.66
N ALA G 769 -3.64 -14.61 -19.70
CA ALA G 769 -2.81 -13.44 -19.58
C ALA G 769 -3.58 -12.17 -19.13
N GLY G 770 -4.87 -12.11 -19.36
CA GLY G 770 -5.58 -10.89 -19.09
C GLY G 770 -6.85 -10.82 -19.86
N ALA G 771 -7.30 -9.58 -20.12
CA ALA G 771 -8.64 -9.31 -20.62
C ALA G 771 -8.71 -7.96 -21.25
N THR G 772 -9.52 -7.85 -22.28
CA THR G 772 -9.62 -6.60 -23.01
C THR G 772 -10.92 -6.56 -23.75
N GLN G 773 -11.13 -5.49 -24.48
CA GLN G 773 -12.38 -5.32 -25.17
C GLN G 773 -12.16 -4.92 -26.60
N ALA G 774 -13.13 -5.29 -27.43
CA ALA G 774 -13.19 -4.97 -28.85
C ALA G 774 -14.68 -4.95 -29.33
N MET G 775 -14.89 -4.37 -30.51
CA MET G 775 -16.19 -4.32 -31.15
C MET G 775 -16.26 -5.42 -32.19
N ALA G 776 -17.31 -6.24 -32.15
CA ALA G 776 -17.37 -7.40 -33.05
C ALA G 776 -17.76 -6.93 -34.44
N TYR G 777 -16.94 -7.32 -35.43
CA TYR G 777 -17.09 -6.89 -36.81
C TYR G 777 -17.26 -8.10 -37.70
N PRO G 778 -18.49 -8.38 -38.19
CA PRO G 778 -18.64 -9.66 -38.90
C PRO G 778 -17.81 -9.63 -40.15
N THR G 779 -17.03 -10.68 -40.38
CA THR G 779 -16.07 -10.72 -41.48
C THR G 779 -16.24 -12.05 -42.16
N PRO G 780 -17.01 -12.08 -43.26
CA PRO G 780 -17.28 -13.36 -43.91
C PRO G 780 -16.02 -14.11 -44.37
N THR G 781 -14.92 -13.39 -44.62
CA THR G 781 -13.68 -14.00 -45.07
C THR G 781 -12.89 -14.66 -43.93
N ALA G 782 -13.27 -14.48 -42.67
CA ALA G 782 -12.54 -15.06 -41.58
C ALA G 782 -12.87 -16.52 -41.53
N ARG G 783 -11.85 -17.31 -41.24
CA ARG G 783 -12.02 -18.72 -40.99
C ARG G 783 -12.70 -18.96 -39.67
N ARG G 784 -13.52 -20.01 -39.63
CA ARG G 784 -14.20 -20.46 -38.43
C ARG G 784 -13.15 -20.74 -37.33
N GLY G 785 -13.44 -20.23 -36.13
CA GLY G 785 -12.52 -20.18 -35.00
C GLY G 785 -11.37 -19.17 -35.02
N GLU G 786 -11.23 -18.34 -36.06
CA GLU G 786 -10.13 -17.35 -36.14
C GLU G 786 -10.60 -15.89 -36.19
N THR G 787 -10.20 -15.12 -35.18
CA THR G 787 -10.55 -13.73 -35.10
C THR G 787 -9.31 -12.87 -35.40
N PHE G 788 -9.52 -11.63 -35.78
CA PHE G 788 -8.43 -10.67 -35.90
C PHE G 788 -8.84 -9.39 -35.19
N MET G 789 -8.14 -9.08 -34.09
CA MET G 789 -8.30 -7.79 -33.36
C MET G 789 -7.22 -6.73 -33.70
N LEU G 790 -7.64 -5.51 -33.94
CA LEU G 790 -6.79 -4.41 -34.15
C LEU G 790 -5.90 -4.23 -32.93
N PHE G 791 -4.62 -4.10 -33.18
CA PHE G 791 -3.57 -3.98 -32.18
C PHE G 791 -3.43 -2.54 -31.68
N GLY G 792 -2.88 -2.42 -30.49
CA GLY G 792 -2.45 -1.14 -29.97
C GLY G 792 -3.45 -0.03 -29.74
N PHE G 793 -4.76 -0.31 -29.71
CA PHE G 793 -5.75 0.77 -29.77
C PHE G 793 -6.16 1.24 -28.34
N PRO G 794 -6.26 2.55 -28.13
CA PRO G 794 -6.46 3.05 -26.78
C PRO G 794 -7.79 2.58 -26.12
N THR G 795 -8.83 2.36 -26.89
CA THR G 795 -10.13 2.05 -26.34
C THR G 795 -10.34 0.51 -26.30
N GLY G 796 -9.27 -0.26 -26.44
CA GLY G 796 -9.30 -1.69 -26.22
C GLY G 796 -8.01 -2.28 -26.68
N VAL G 797 -7.17 -2.61 -25.72
CA VAL G 797 -5.80 -2.94 -25.99
C VAL G 797 -5.66 -4.42 -26.20
N GLN G 798 -5.28 -4.81 -27.40
CA GLN G 798 -5.17 -6.24 -27.69
C GLN G 798 -4.08 -6.92 -26.92
N GLY G 799 -2.99 -6.21 -26.70
CA GLY G 799 -1.86 -6.79 -26.05
C GLY G 799 -2.11 -7.32 -24.64
N ASN G 800 -3.22 -6.89 -24.02
CA ASN G 800 -3.66 -7.42 -22.72
C ASN G 800 -3.81 -8.92 -22.74
N VAL G 801 -4.12 -9.49 -23.91
CA VAL G 801 -4.32 -10.94 -24.01
C VAL G 801 -3.14 -11.72 -24.60
N THR G 802 -2.03 -11.04 -24.89
CA THR G 802 -0.85 -11.76 -25.28
C THR G 802 -0.07 -12.18 -24.07
N SER G 803 0.37 -13.44 -24.06
CA SER G 803 1.18 -13.92 -22.94
C SER G 803 2.55 -13.26 -22.97
N ALA G 804 3.33 -13.54 -21.94
CA ALA G 804 4.69 -13.12 -21.81
C ALA G 804 5.68 -13.91 -22.64
N GLY G 805 5.20 -14.85 -23.45
CA GLY G 805 6.08 -15.75 -24.20
C GLY G 805 6.88 -15.09 -25.30
N THR G 806 8.19 -15.31 -25.23
CA THR G 806 9.14 -14.86 -26.21
C THR G 806 9.93 -16.08 -26.66
N ASN G 807 10.63 -15.94 -27.76
CA ASN G 807 11.62 -16.97 -28.14
C ASN G 807 12.87 -16.77 -27.28
N GLU G 808 13.95 -17.44 -27.67
CA GLU G 808 15.16 -17.47 -26.84
C GLU G 808 15.87 -16.12 -26.80
N LEU G 809 15.64 -15.32 -27.84
CA LEU G 809 16.25 -14.02 -27.98
C LEU G 809 15.35 -12.87 -27.57
N ILE G 810 14.23 -13.23 -26.95
CA ILE G 810 13.33 -12.36 -26.28
C ILE G 810 12.52 -11.56 -27.34
N ILE G 811 12.20 -12.21 -28.47
CA ILE G 811 11.33 -11.69 -29.46
C ILE G 811 9.89 -11.95 -29.03
N PRO G 812 9.03 -10.93 -29.04
CA PRO G 812 7.64 -11.17 -28.61
C PRO G 812 6.80 -11.96 -29.65
N ASN G 813 6.24 -13.08 -29.23
CA ASN G 813 5.42 -13.87 -30.14
C ASN G 813 3.95 -13.39 -30.05
N TYR G 814 3.68 -12.16 -30.55
CA TYR G 814 2.33 -11.58 -30.42
C TYR G 814 1.27 -12.32 -31.23
N LYS G 815 1.60 -12.80 -32.44
CA LYS G 815 0.59 -13.33 -33.39
C LYS G 815 -0.10 -14.63 -32.99
N GLN G 816 0.65 -15.48 -32.29
CA GLN G 816 0.15 -16.69 -31.67
C GLN G 816 -0.43 -16.40 -30.30
N THR G 817 -1.68 -16.00 -30.33
CA THR G 817 -2.48 -15.74 -29.16
C THR G 817 -3.83 -16.40 -29.37
N TRP G 818 -4.29 -17.07 -28.34
CA TRP G 818 -5.60 -17.60 -28.28
C TRP G 818 -6.41 -17.15 -27.05
N GLY G 819 -7.70 -17.03 -27.23
CA GLY G 819 -8.60 -16.67 -26.12
C GLY G 819 -10.05 -17.01 -26.30
N ASN G 820 -10.81 -16.71 -25.25
CA ASN G 820 -12.25 -16.86 -25.28
C ASN G 820 -12.92 -15.46 -25.46
N ILE G 821 -14.20 -15.45 -25.86
CA ILE G 821 -14.92 -14.24 -26.15
C ILE G 821 -16.30 -14.31 -25.53
N ARG G 822 -16.66 -13.27 -24.76
CA ARG G 822 -18.02 -13.13 -24.21
C ARG G 822 -18.52 -11.71 -24.34
N LYS G 823 -19.83 -11.53 -24.32
CA LYS G 823 -20.39 -10.19 -24.52
C LYS G 823 -20.25 -9.36 -23.28
N ILE G 824 -19.79 -8.12 -23.42
CA ILE G 824 -19.88 -7.12 -22.36
C ILE G 824 -21.16 -6.36 -22.49
N SER G 825 -21.41 -5.83 -23.68
CA SER G 825 -22.60 -5.01 -23.90
C SER G 825 -23.14 -5.25 -25.31
N ASP G 826 -24.46 -5.19 -25.42
CA ASP G 826 -25.12 -4.96 -26.68
C ASP G 826 -24.48 -3.75 -27.42
N ALA G 827 -24.38 -3.85 -28.75
CA ALA G 827 -23.80 -2.80 -29.60
C ALA G 827 -24.14 -1.43 -29.04
N PRO G 828 -23.13 -0.69 -28.57
CA PRO G 828 -23.47 0.61 -28.01
C PRO G 828 -23.99 1.59 -29.07
N ARG G 829 -24.72 2.62 -28.66
CA ARG G 829 -25.27 3.60 -29.58
C ARG G 829 -24.15 4.38 -30.26
N ASN G 830 -23.01 4.56 -29.61
CA ASN G 830 -21.86 5.30 -30.20
C ASN G 830 -21.23 4.61 -31.44
N VAL G 831 -21.81 3.48 -31.83
CA VAL G 831 -21.43 2.69 -32.99
C VAL G 831 -22.60 2.49 -33.98
N ALA G 832 -23.76 3.10 -33.77
CA ALA G 832 -24.90 2.94 -34.72
C ALA G 832 -24.66 3.52 -36.09
N HIS G 833 -23.78 4.50 -36.21
CA HIS G 833 -23.47 5.18 -37.48
C HIS G 833 -22.45 4.43 -38.36
N LEU G 834 -21.82 3.40 -37.79
CA LEU G 834 -20.80 2.58 -38.48
C LEU G 834 -21.26 1.67 -39.58
N SER G 835 -20.48 1.63 -40.66
CA SER G 835 -20.65 0.56 -41.64
C SER G 835 -19.98 -0.68 -41.12
N PHE G 836 -20.65 -1.79 -41.28
CA PHE G 836 -20.07 -3.10 -40.95
C PHE G 836 -19.95 -3.97 -42.20
N LYS G 837 -19.98 -3.36 -43.38
CA LYS G 837 -19.85 -4.10 -44.65
C LYS G 837 -18.45 -4.61 -44.85
N SER G 838 -18.31 -5.46 -45.85
CA SER G 838 -17.00 -6.00 -46.23
C SER G 838 -16.02 -4.91 -46.61
N LYS G 839 -14.80 -5.05 -46.12
CA LYS G 839 -13.66 -4.21 -46.57
C LYS G 839 -13.12 -4.54 -48.01
N GLU G 840 -13.54 -5.65 -48.60
CA GLU G 840 -13.08 -6.04 -49.93
C GLU G 840 -13.77 -5.32 -51.05
N TYR G 841 -13.00 -4.53 -51.79
CA TYR G 841 -13.36 -4.08 -53.17
C TYR G 841 -14.11 -5.16 -53.95
N GLN G 842 -15.27 -4.78 -54.48
CA GLN G 842 -16.02 -5.63 -55.43
C GLN G 842 -15.91 -5.07 -56.81
N SER G 843 -15.75 -5.99 -57.72
CA SER G 843 -15.49 -5.73 -59.13
C SER G 843 -16.63 -4.95 -59.80
N ALA H 1 -17.83 37.31 -49.72
CA ALA H 1 -18.68 36.11 -49.35
C ALA H 1 -17.89 35.08 -48.48
N ALA H 2 -18.28 34.92 -47.21
CA ALA H 2 -17.48 34.17 -46.25
C ALA H 2 -17.48 32.67 -46.47
N GLY H 3 -18.59 32.13 -46.98
CA GLY H 3 -18.71 30.75 -47.42
C GLY H 3 -18.95 30.66 -48.93
N VAL H 4 -18.78 29.45 -49.42
CA VAL H 4 -19.16 29.09 -50.77
C VAL H 4 -20.69 29.25 -50.98
N GLU H 5 -21.06 29.86 -52.09
CA GLU H 5 -22.45 30.11 -52.51
C GLU H 5 -22.85 28.99 -53.46
N TYR H 6 -23.61 28.03 -52.93
CA TYR H 6 -24.05 26.82 -53.66
C TYR H 6 -25.30 27.13 -54.43
N PRO H 7 -25.34 26.76 -55.72
CA PRO H 7 -26.63 26.89 -56.42
C PRO H 7 -27.62 25.84 -55.98
N ALA H 8 -28.88 26.14 -56.18
CA ALA H 8 -29.94 25.21 -55.88
C ALA H 8 -30.51 24.68 -57.23
N ASN H 9 -29.91 23.59 -57.73
CA ASN H 9 -30.22 23.01 -59.04
C ASN H 9 -31.14 21.83 -58.88
N ARG H 10 -32.08 21.72 -59.82
CA ARG H 10 -33.00 20.60 -59.97
C ARG H 10 -32.18 19.47 -60.56
N LEU H 11 -32.25 18.28 -59.97
CA LEU H 11 -31.55 17.11 -60.50
C LEU H 11 -32.48 16.08 -61.13
N ALA H 12 -33.67 15.92 -60.57
CA ALA H 12 -34.58 14.88 -61.04
C ALA H 12 -35.90 15.00 -60.28
N ASN H 13 -36.88 14.17 -60.65
CA ASN H 13 -38.06 13.94 -59.82
C ASN H 13 -37.94 12.61 -59.11
N ILE H 14 -38.49 12.59 -57.90
CA ILE H 14 -38.65 11.36 -57.14
C ILE H 14 -39.28 10.22 -57.98
N SER H 15 -40.23 10.55 -58.86
CA SER H 15 -40.84 9.54 -59.77
C SER H 15 -39.83 8.87 -60.72
N GLU H 16 -38.72 9.55 -61.02
CA GLU H 16 -37.67 8.95 -61.87
C GLU H 16 -36.88 7.75 -61.24
N LEU H 17 -36.82 7.65 -59.89
CA LEU H 17 -35.87 6.74 -59.21
C LEU H 17 -36.41 5.37 -58.94
N THR H 18 -35.72 4.32 -59.42
CA THR H 18 -36.07 2.95 -59.04
C THR H 18 -35.22 2.54 -57.86
N LEU H 19 -35.78 1.70 -56.97
CA LEU H 19 -35.08 1.20 -55.75
C LEU H 19 -33.71 0.59 -56.13
N ASN H 20 -32.62 1.08 -55.52
CA ASN H 20 -31.27 0.51 -55.70
C ASN H 20 -30.68 0.61 -57.13
N GLU H 21 -31.10 1.64 -57.87
CA GLU H 21 -30.60 1.92 -59.20
C GLU H 21 -30.18 3.38 -59.23
N PRO H 22 -28.86 3.61 -59.34
CA PRO H 22 -28.38 4.96 -59.38
C PRO H 22 -28.79 5.65 -60.67
N LEU H 23 -29.15 6.93 -60.53
CA LEU H 23 -29.45 7.81 -61.64
C LEU H 23 -28.30 8.83 -61.74
N ASP H 24 -27.58 8.82 -62.86
CA ASP H 24 -26.43 9.73 -63.07
C ASP H 24 -26.89 11.20 -63.03
N VAL H 25 -26.13 12.03 -62.31
CA VAL H 25 -26.39 13.47 -62.19
C VAL H 25 -25.04 14.16 -62.18
N ALA H 26 -25.08 15.49 -62.04
CA ALA H 26 -23.90 16.30 -61.88
C ALA H 26 -24.23 17.47 -60.96
N TYR H 27 -23.39 17.72 -59.96
CA TYR H 27 -23.61 18.84 -59.01
C TYR H 27 -22.32 19.23 -58.33
N PRO H 28 -21.95 20.50 -58.29
CA PRO H 28 -22.78 21.69 -58.63
C PRO H 28 -22.59 22.33 -60.02
N ASP H 29 -21.98 21.60 -60.93
CA ASP H 29 -21.93 21.99 -62.32
C ASP H 29 -21.84 20.71 -63.09
N GLU H 30 -21.75 20.76 -64.43
CA GLU H 30 -21.75 19.56 -65.26
C GLU H 30 -20.49 18.70 -65.16
N ASP H 31 -19.42 19.26 -64.60
CA ASP H 31 -18.13 18.59 -64.53
C ASP H 31 -17.91 17.79 -63.24
N ALA H 32 -18.91 17.78 -62.34
CA ALA H 32 -18.85 17.04 -61.07
C ALA H 32 -19.82 15.85 -61.00
N ALA H 33 -19.46 14.77 -61.66
CA ALA H 33 -20.28 13.55 -61.70
C ALA H 33 -20.73 13.03 -60.31
N GLY H 34 -22.00 12.61 -60.27
CA GLY H 34 -22.55 11.89 -59.15
C GLY H 34 -23.77 11.09 -59.55
N VAL H 35 -24.47 10.62 -58.51
CA VAL H 35 -25.69 9.87 -58.65
C VAL H 35 -26.65 10.22 -57.54
N LEU H 36 -27.93 10.04 -57.89
CA LEU H 36 -28.96 9.90 -56.93
C LEU H 36 -29.26 8.43 -56.78
N LEU H 37 -29.57 8.03 -55.56
CA LEU H 37 -29.88 6.64 -55.28
C LEU H 37 -30.95 6.52 -54.20
N LYS H 38 -31.93 5.68 -54.44
CA LYS H 38 -33.00 5.43 -53.49
C LYS H 38 -32.69 4.06 -52.90
N LEU H 39 -32.58 4.00 -51.58
CA LEU H 39 -31.98 2.86 -50.87
C LEU H 39 -32.92 1.88 -50.17
N GLY H 40 -34.17 2.30 -49.96
CA GLY H 40 -35.22 1.43 -49.44
C GLY H 40 -35.36 1.42 -47.94
N THR H 41 -34.56 2.25 -47.27
CA THR H 41 -34.54 2.30 -45.83
C THR H 41 -34.03 3.67 -45.37
N ARG H 42 -34.40 4.07 -44.18
CA ARG H 42 -34.13 5.42 -43.70
C ARG H 42 -32.62 5.60 -43.47
N VAL H 43 -31.99 6.60 -44.09
CA VAL H 43 -30.55 6.76 -43.92
C VAL H 43 -30.13 8.21 -43.74
N GLU H 44 -28.89 8.36 -43.30
CA GLU H 44 -28.23 9.64 -43.13
C GLU H 44 -28.15 10.52 -44.41
N GLY H 45 -28.68 11.74 -44.33
CA GLY H 45 -28.85 12.64 -45.49
C GLY H 45 -29.90 12.20 -46.54
N GLY H 46 -30.67 11.17 -46.20
CA GLY H 46 -31.67 10.64 -47.12
C GLY H 46 -32.94 11.46 -47.02
N VAL H 47 -33.55 11.71 -48.16
CA VAL H 47 -34.74 12.59 -48.25
C VAL H 47 -35.87 11.85 -48.97
N GLY H 48 -36.99 12.57 -49.17
CA GLY H 48 -38.26 11.99 -49.66
C GLY H 48 -39.06 11.39 -48.52
N PRO H 49 -40.27 10.86 -48.80
CA PRO H 49 -41.15 10.28 -47.74
C PRO H 49 -40.56 9.10 -46.90
N ASP H 50 -39.72 8.25 -47.49
CA ASP H 50 -39.07 7.15 -46.75
C ASP H 50 -37.68 7.52 -46.18
N GLY H 51 -37.25 8.78 -46.36
CA GLY H 51 -35.93 9.26 -45.94
C GLY H 51 -34.73 8.48 -46.50
N ASP H 52 -34.85 7.94 -47.72
CA ASP H 52 -33.93 6.94 -48.29
C ASP H 52 -33.28 7.30 -49.63
N ILE H 53 -33.50 8.53 -50.10
CA ILE H 53 -32.94 9.06 -51.34
C ILE H 53 -31.71 9.93 -51.03
N VAL H 54 -30.58 9.55 -51.61
CA VAL H 54 -29.29 10.16 -51.31
C VAL H 54 -28.63 10.53 -52.58
N GLY H 55 -27.76 11.50 -52.46
CA GLY H 55 -26.96 11.95 -53.57
C GLY H 55 -25.52 12.07 -53.17
N PHE H 56 -24.65 11.54 -54.03
CA PHE H 56 -23.22 11.46 -53.80
C PHE H 56 -22.42 11.81 -55.08
N SER H 57 -21.29 12.49 -54.93
CA SER H 57 -20.22 12.43 -55.93
C SER H 57 -19.74 10.98 -56.10
N THR H 58 -19.52 10.55 -57.36
CA THR H 58 -18.99 9.22 -57.70
C THR H 58 -17.54 9.30 -58.29
N ILE H 59 -16.80 10.31 -57.90
CA ILE H 59 -15.41 10.42 -58.31
C ILE H 59 -14.62 10.21 -57.02
N CYS H 60 -13.69 9.24 -57.02
CA CYS H 60 -12.96 8.85 -55.80
C CYS H 60 -12.16 10.05 -55.23
N PRO H 61 -12.36 10.38 -53.94
CA PRO H 61 -11.63 11.51 -53.35
C PRO H 61 -10.13 11.29 -53.04
N HIS H 62 -9.61 10.09 -53.30
CA HIS H 62 -8.18 9.78 -53.30
C HIS H 62 -7.50 10.30 -54.58
N LYS H 63 -7.71 9.62 -55.72
CA LYS H 63 -7.10 10.03 -57.04
C LYS H 63 -8.09 10.20 -58.23
N GLY H 64 -9.37 10.34 -57.95
CA GLY H 64 -10.34 10.66 -58.98
C GLY H 64 -10.83 9.60 -59.95
N ALA H 65 -10.65 8.34 -59.62
CA ALA H 65 -11.16 7.29 -60.49
C ALA H 65 -12.67 7.29 -60.30
N PRO H 66 -13.42 6.96 -61.38
CA PRO H 66 -14.87 6.86 -61.23
C PRO H 66 -15.28 5.60 -60.48
N LEU H 67 -16.13 5.77 -59.48
CA LEU H 67 -16.60 4.68 -58.67
C LEU H 67 -17.77 3.99 -59.37
N SER H 68 -17.82 2.68 -59.23
CA SER H 68 -18.90 1.83 -59.72
C SER H 68 -19.79 1.47 -58.51
N TYR H 69 -21.03 1.14 -58.77
CA TYR H 69 -21.94 0.71 -57.72
C TYR H 69 -22.07 -0.78 -57.75
N SER H 70 -22.04 -1.44 -56.57
CA SER H 70 -22.42 -2.85 -56.46
C SER H 70 -23.81 -2.91 -55.80
N ALA H 71 -24.81 -3.30 -56.59
CA ALA H 71 -26.18 -3.39 -56.10
C ALA H 71 -26.35 -4.49 -55.07
N ASP H 72 -25.58 -5.59 -55.12
CA ASP H 72 -25.62 -6.63 -54.08
C ASP H 72 -25.27 -6.10 -52.66
N ASN H 73 -24.22 -5.32 -52.55
CA ASN H 73 -23.70 -4.89 -51.25
C ASN H 73 -24.14 -3.48 -50.93
N LYS H 74 -24.75 -2.80 -51.89
CA LYS H 74 -25.08 -1.39 -51.79
C LYS H 74 -23.85 -0.55 -51.37
N THR H 75 -22.77 -0.65 -52.14
CA THR H 75 -21.54 0.07 -51.95
C THR H 75 -21.04 0.65 -53.26
N PHE H 76 -20.25 1.72 -53.12
CA PHE H 76 -19.41 2.25 -54.20
C PHE H 76 -17.97 1.73 -54.03
N ASN H 77 -17.38 1.38 -55.19
CA ASN H 77 -16.11 0.64 -55.26
C ASN H 77 -15.15 1.32 -56.29
N CYS H 78 -13.91 1.59 -55.84
CA CYS H 78 -12.89 2.25 -56.67
C CYS H 78 -11.92 1.23 -57.28
N PRO H 79 -11.92 1.10 -58.63
CA PRO H 79 -10.93 0.25 -59.29
C PRO H 79 -9.51 0.85 -59.28
N GLY H 80 -9.36 2.11 -58.89
CA GLY H 80 -8.04 2.75 -58.73
C GLY H 80 -7.22 2.04 -57.64
N HIS H 81 -7.60 2.17 -56.36
CA HIS H 81 -6.82 1.50 -55.29
C HIS H 81 -7.66 0.82 -54.23
N PHE H 82 -8.84 0.35 -54.63
CA PHE H 82 -9.65 -0.64 -53.96
C PHE H 82 -10.50 -0.09 -52.82
N SER H 83 -10.71 1.24 -52.85
CA SER H 83 -11.58 1.87 -51.85
C SER H 83 -13.04 1.38 -51.94
N VAL H 84 -13.74 1.34 -50.79
CA VAL H 84 -15.17 0.95 -50.65
C VAL H 84 -15.87 2.00 -49.79
N PHE H 85 -16.98 2.57 -50.30
CA PHE H 85 -17.78 3.62 -49.61
C PHE H 85 -19.20 3.12 -49.45
N ASP H 86 -19.80 3.42 -48.29
CA ASP H 86 -21.14 2.90 -47.88
C ASP H 86 -22.17 4.05 -47.91
N PRO H 87 -22.92 4.16 -48.99
CA PRO H 87 -23.96 5.19 -49.07
C PRO H 87 -25.19 4.99 -48.13
N GLU H 88 -25.29 3.82 -47.47
CA GLU H 88 -26.31 3.64 -46.45
C GLU H 88 -25.86 4.21 -45.10
N LYS H 89 -24.56 4.56 -45.02
CA LYS H 89 -24.01 5.21 -43.82
C LYS H 89 -23.27 6.49 -44.18
N GLY H 90 -23.94 7.36 -44.93
CA GLY H 90 -23.41 8.67 -45.22
C GLY H 90 -22.13 8.69 -46.08
N GLY H 91 -21.95 7.66 -46.90
CA GLY H 91 -20.74 7.49 -47.70
C GLY H 91 -19.47 7.13 -46.92
N GLN H 92 -19.64 6.53 -45.75
CA GLN H 92 -18.47 6.22 -44.91
C GLN H 92 -17.57 5.28 -45.74
N GLN H 93 -16.29 5.59 -45.74
CA GLN H 93 -15.27 4.76 -46.33
C GLN H 93 -15.10 3.55 -45.52
N VAL H 94 -15.65 2.48 -46.01
CA VAL H 94 -15.56 1.20 -45.32
C VAL H 94 -14.11 0.76 -45.20
N TRP H 95 -13.41 0.83 -46.35
CA TRP H 95 -11.97 0.60 -46.42
C TRP H 95 -11.41 1.48 -47.55
N GLY H 96 -10.34 2.22 -47.34
CA GLY H 96 -9.75 2.86 -48.49
C GLY H 96 -8.68 3.90 -48.28
N GLN H 97 -8.29 4.49 -49.40
CA GLN H 97 -7.13 5.39 -49.46
C GLN H 97 -7.45 6.86 -49.35
N ALA H 98 -8.73 7.20 -49.43
CA ALA H 98 -9.16 8.59 -49.32
C ALA H 98 -9.07 8.99 -47.84
N THR H 99 -8.85 10.29 -47.59
CA THR H 99 -8.98 10.86 -46.25
C THR H 99 -10.33 11.53 -46.03
N GLN H 100 -11.29 11.15 -46.86
CA GLN H 100 -12.62 11.74 -46.84
C GLN H 100 -13.63 10.63 -47.00
N ASN H 101 -14.69 10.73 -46.23
CA ASN H 101 -15.87 10.00 -46.59
C ASN H 101 -16.47 10.64 -47.85
N LEU H 102 -17.33 9.90 -48.55
CA LEU H 102 -17.72 10.27 -49.92
C LEU H 102 -18.56 11.57 -49.92
N PRO H 103 -18.16 12.59 -50.68
CA PRO H 103 -18.92 13.85 -50.63
C PRO H 103 -20.37 13.62 -50.96
N GLN H 104 -21.24 14.10 -50.08
CA GLN H 104 -22.65 13.81 -50.14
C GLN H 104 -23.41 15.11 -50.33
N TYR H 105 -24.49 15.04 -51.09
CA TYR H 105 -25.32 16.22 -51.41
C TYR H 105 -26.37 16.48 -50.32
N VAL H 106 -26.53 17.76 -49.98
CA VAL H 106 -27.70 18.22 -49.24
C VAL H 106 -28.88 18.30 -50.21
N LEU H 107 -29.87 17.43 -50.04
CA LEU H 107 -31.02 17.34 -50.90
C LEU H 107 -32.28 17.92 -50.25
N ARG H 108 -33.12 18.48 -51.11
CA ARG H 108 -34.45 18.99 -50.75
C ARG H 108 -35.45 18.45 -51.76
N VAL H 109 -36.55 17.87 -51.28
CA VAL H 109 -37.67 17.45 -52.14
C VAL H 109 -38.81 18.45 -52.07
N ALA H 110 -39.13 19.06 -53.22
CA ALA H 110 -40.18 20.09 -53.30
C ALA H 110 -41.55 19.41 -53.25
N ASP H 111 -42.57 20.23 -53.02
CA ASP H 111 -43.98 19.79 -53.05
C ASP H 111 -44.35 18.93 -54.26
N ASN H 112 -43.87 19.33 -55.44
CA ASN H 112 -44.11 18.55 -56.68
C ASN H 112 -43.22 17.28 -56.89
N GLY H 113 -42.45 16.84 -55.89
CA GLY H 113 -41.53 15.69 -56.04
C GLY H 113 -40.14 15.98 -56.62
N ASP H 114 -39.90 17.18 -57.14
CA ASP H 114 -38.57 17.54 -57.67
C ASP H 114 -37.48 17.55 -56.58
N ILE H 115 -36.33 16.97 -56.91
CA ILE H 115 -35.23 16.81 -55.97
C ILE H 115 -34.17 17.84 -56.26
N PHE H 116 -33.88 18.69 -55.27
CA PHE H 116 -32.91 19.74 -55.45
C PHE H 116 -31.64 19.45 -54.64
N ALA H 117 -30.47 19.76 -55.22
CA ALA H 117 -29.21 19.71 -54.52
C ALA H 117 -28.81 21.13 -54.16
N GLU H 118 -28.45 21.37 -52.90
CA GLU H 118 -28.17 22.72 -52.38
C GLU H 118 -26.87 22.82 -51.59
N GLY H 119 -26.00 21.82 -51.66
CA GLY H 119 -24.77 21.80 -50.88
C GLY H 119 -24.06 20.47 -51.00
N VAL H 120 -22.80 20.44 -50.58
CA VAL H 120 -22.00 19.23 -50.53
C VAL H 120 -21.22 19.30 -49.23
N ASP H 121 -21.05 18.16 -48.56
CA ASP H 121 -20.45 18.11 -47.21
C ASP H 121 -18.95 17.86 -47.13
N GLU H 122 -18.32 17.67 -48.29
CA GLU H 122 -16.88 17.46 -48.41
C GLU H 122 -16.33 18.10 -49.65
N LEU H 123 -15.00 18.23 -49.74
CA LEU H 123 -14.43 18.80 -50.94
C LEU H 123 -14.41 17.74 -52.00
N ILE H 124 -15.01 18.05 -53.15
CA ILE H 124 -15.14 17.17 -54.31
C ILE H 124 -13.75 17.01 -54.96
N TYR H 125 -13.40 15.84 -55.47
CA TYR H 125 -12.09 15.64 -56.09
C TYR H 125 -11.89 16.59 -57.26
N GLY H 126 -10.67 17.07 -57.39
CA GLY H 126 -10.21 17.79 -58.54
C GLY H 126 -10.54 19.28 -58.59
N ARG H 127 -11.12 19.80 -57.51
CA ARG H 127 -11.39 21.22 -57.43
C ARG H 127 -11.05 21.70 -56.03
N LEU H 128 -10.53 22.92 -55.94
CA LEU H 128 -10.14 23.49 -54.69
C LEU H 128 -11.24 24.28 -54.04
N SER H 129 -12.37 24.31 -54.73
CA SER H 129 -13.56 24.94 -54.22
C SER H 129 -14.70 24.24 -54.94
N ASN H 130 -15.73 23.85 -54.20
CA ASN H 130 -16.76 23.00 -54.76
C ASN H 130 -17.57 23.69 -55.85
N VAL H 131 -17.65 25.03 -55.75
CA VAL H 131 -18.27 25.87 -56.76
C VAL H 131 -17.12 26.55 -57.46
N LEU H 132 -16.87 26.16 -58.70
CA LEU H 132 -15.82 26.77 -59.48
C LEU H 132 -16.43 27.94 -60.26
#